data_9EXN
#
_entry.id   9EXN
#
_cell.length_a   1.00
_cell.length_b   1.00
_cell.length_c   1.00
_cell.angle_alpha   90.00
_cell.angle_beta   90.00
_cell.angle_gamma   90.00
#
_symmetry.space_group_name_H-M   'P 1'
#
loop_
_entity.id
_entity.type
_entity.pdbx_description
1 polymer 'DNA-directed RNA polymerase 147 kDa polypeptide'
2 polymer 'DNA-directed RNA polymerase 133 kDa polypeptide'
3 polymer 'DNA-directed RNA polymerase 35 kDa subunit'
4 polymer 'DNA-directed RNA polymerase 22 kDa subunit'
5 polymer 'DNA-directed RNA polymerase 19 kDa subunit'
6 polymer 'DNA-directed RNA polymerase 18 kDa subunit'
7 polymer 'DNA-directed RNA polymerase 7 kDa subunit'
8 polymer 'DNA-directed RNA polymerase 30 kDa polypeptide'
9 non-polymer 'MAGNESIUM ION'
10 non-polymer 'ZINC ION'
11 water water
#
loop_
_entity_poly.entity_id
_entity_poly.type
_entity_poly.pdbx_seq_one_letter_code
_entity_poly.pdbx_strand_id
1 'polypeptide(L)'
;MAVISKVTYSLYDQKEINATDIIISHVKNDDDIGTVKDGRLGAMDGALCKTCGKTELECFGHWGKVSIYKTHIVKPEFIS
EIIRLLNHICIHCGLLRSREPYSDDINLKELSGHALRRLKDKILSKKKSCWNSECMQPYQKITFSKKKVCFVNKLDDINV
PNSLIYQKLISIHEKFWPLLEIHQYPANLFYTDYFPIPPLIIRPAISFWIDSIPKETNELTYLLGMIVKNCNLNADEQVI
QKAVIEYDDIKIISNNTTSINLSYITSGKNNMIRSYIVARRKDQTARSVIGPSTSITVNEVGMPAYIRNTLTEKIFVNAF
TVDKVKQLLASNQVKFYFNKRLNQLTRIRQGKFIKNKIHLLPGDWVEVAVQEYTSIIFGRQPSLHRYNVIASSIRATEGD
TIKISPGIANSQNADFDGDEEWMILEQNPKAVIEQSILMYPTTLLKHDIHGAPVYGSIQDEIVAAYSLFRIQDLCLDEVL
NILGKYGREFDPKGKCKFSGKDIYTYLIGEKINYPGLLKDGEIIANDVDSNFVVAMRHLSLAGLLSDHKSNVEGINFIIK
SSYVFKRYLSIYGFGVTFKDLRPNSTFTNKLEAINVEKIELIKEAYAKYLNDVRDGKIVPLSKALEADYVESMLSNLTNL
NIREIEEHMRQTLIDDPDNNLLKMAKAGYKVNPTELMYILGTYGQQRIDGEPAETRVLGRVLPYYLPDSKDPEGRGYILN
SLTKGLTGSQYYFSMLVARSQSTDIVCETSRTGTLARKIIKKMEDMVVDGYGQVVIGNTLIKYAANYTKILGSVCKPVDL
IYPDESMTWYLEISALWNKIKQGFVYSQKQKLAKKTLAPFNFLVFVKPTTEDNAIKVKDLYDMIHNVIDDVREKYFFTVS
NIDFMEYIFLTHLNPSRIRITKETAITIFEKFYEKLNYTLGGGTPIGIISAQVLSEKFTQQALSSFHTTEKSGAVKQKLG
FNEFNNLTNLSKNKTEIITLVSDDISKLQSVKINFEFVCLGELNPNITLRKETDKYVVDIIVNRLYIKRAEITELVVEYM
IERFISFSVIVKEWGMETFIEDEDNIRFTVYLNFVEPEELNLSKFMMVLPGAANKGKISKFKIPISDYTGYDDFNQTKKL
NKMTVELMNLKELGSFDLENVNVYPGVWNTYDIFGIEAAREYLCEAMLNTYGEGFDYLYQPCDLLASLLCASYEPESVNK
FKFGAASTLKRATFGDNKALLNAALHKKSEPINDNSSCHFFSKVPNIGTGYYKYFIDLGLLMRMERKLSDKISSQKIKEM
EETEDF
;
A
2 'polypeptide(L)'
;MKKNTNSEMDQRLGYKFLVPDPKAGVFYRPLHFQYVSYSNFILHRLHEILTVKRPLLSFKNNTERIMIEISNVKVTPPDY
SPIIASIKGKSYDALATFTVNIFKEVMTKEGISITKISSYEGKDSHLIKIPLLIGYGNKNPLDTAKYLVPNVIGGVFINK
QSVEKVGINLVEKITTWPKFRVVKPNSFTFSFSSVSPPNVLPTRYRHYKISLDISQLEALNISSTKTFITVNIVLLSQYL
SRVSLEFIRRSLSYDMPPEVVYLVNAIIDSAKRITESITDFNIDTYINDLVEAEHIKQKSQLTINEFKYEMLHNFLPHMN
YTPDQLKGFYMISLLRKFLYCIFHTSRYPDRDSMVCHRILTYGKYFETLAHDELENYIGNIRNDIMNNHKNRGTYAVNIH
VLTTPGLNHAFSSLLSGKFKKSDGSYRTHPHYSWMQNISIPRSVGFYPDQVKISKMFSVRKYHPSQYLYFCSSDVPERGP
QVGLVSQLSVLSSITNILTSEYLDLEKKICEYIRSYYKDDISYFETGFPITIENALVASLNPNMICDFVTDFRRRKRMGF
FGNLEVGITLVRDHMNEIRINIGAGRLVRPFLVVDNGELMMDVCPELESRLDDMTFSDIQKEFPHVIEMVDIEQFTFSNV
CESVQKFRMMSKDERKQYDLCDFPAEFRDGYVASSLVGINHNSGPRAILGCAQAKQAISCLSSDIRNKIDNGIHLMYPER
PIVISKALETSKIAANCFGQHVTIALMSYKGINQEDGIIIKKQFIQRGGLDIVTAKKHQVEIPLENFNNKERDRSNAYSK
LESNGLVRLNAFLESGDAMARNISSRTLEDDFARDNQISFDVSEKYTDMYKSRVERVQVELTDKVKVRVLTMKERRPILG
DKFTTRTSQKGTVAYVADETELPYDENGITPDVIINSTSIFSRKTISMLIEVILTAAYSAKPYNNKGENRPVCFPSSNET
SIDTYMQFAKQCYEHSNPKLSDEELSDKIFCEKILYDPETDKPYASKVFFGPIYYLRLRHLTQDKATVRCRGKKTKLIRQ
ANEGRKRGGGIKFGEMERDCLIAHGAANTITEVLKDSEEDYQDVYVCENCGDIAAQIKGINTCLRCSKLNLSPLLTKIDT
THVSKVFLTQMNARGVKVKLDFERRPPSFYKPLDKVDLKPSFLV
;
B
3 'polypeptide(L)'
;MQHPREENSIVVELEPSLATFIKQGFNNLVKWPLLNIGIVLSNTSTAVNEEWLTAVEHIPTMKIFYKHIHKILTREMGFL
VYLKRSQSERDNYITLYDFDYYIIDKDTNSVTMVDKPTELKETLLHVFQEYRLKSSQTIELIAFSSGTVINEDIVSKLTF
LDVEVFNREYNNVKTIIDPDFVFRSPFIVISPMGKLTFFVEVYSWFDFKSCFKDIIDFLEGALIANIHNHMIKVGNCDET
VSSYNPESGMLFVNDLMTMNIVNFFGCNSRLESYHRFDMTKVDVELFIKALSDACKKILSASNRL
;
C
4 'polypeptide(L)'
;(ACE)MNQYNVKYLAKILCLKTEIARDPYAVINRNVLLRYTTDIEYNDLVTLITVRHKIDSMKTVFQVFNESSINYTPVD
DDYGEPIIITSYLQKGHNKFPVNFLYIDVVISDLFPSFVRLDTTETNIVNSVLQTGDGKKTLRLPKMLETEIVVKILYRP
NIPLKIVRFFRNNMVTGVEIADRSVISVAD
;
E
5 'polypeptide(L)'
;MADTDDIIDYESDDLTEYEDDEEEEEDGESLETSDIDPKSSYKIVESASTHIEDAHSNLKHIGNHISALKRRYTRRISLF
EIAGIIAESYNLLQRGRLPLVSEFSDETMKQNMLHVIIQEIEEGSCPIVIEKNGELLSVNDFDKDGLKFHLDYIIKIWKL
QKRY
;
F
6 'polypeptide(L)'
;MSSFVTNGYLSVTLEPHELTLDIKTNIRNAVYKTYLHREISGKMAKKIEIREDVELPLGEIVNNSVVINVPCVITYAYYH
VGDIVRGTLNIEDESNVTIQCGDLICKLSRDSGTVSFSDSKYCFFRNGNAYDNGSEVTAVLMEAQQGIESSFVFLANIVD
S
;
G
7 'polypeptide(L)' MVFQLVCSTCGKDISHERYKLIIRKKSLKDVLVSVKNECCRLKLSTQIEPQRNLTVQPLLDIN J
8 'polypeptide(L)'
;MENVYISSYSSNEQTSMAVAATDIRELLSQYVDDANLEDLIEWAMEKSSKYYIKNIGNTKSNIEETKFESKNNIGIEYSK
DSRNKLSYRNKPSIATNLEYKTLCDMIKGTSGTEKEFLRYLLFGIKCIKKGVEYNIDKIKDVSYNDYFNVLDEKYNTPCP
NCKSRNTTPMMIQTRAADEPPLVRHACRDCKQHFKPPKFRAFRNLNVTTQSIHENKEITEILPDNNP(SEP)PPE(SEP)
PEPA(SEP)PIDDGLIRATFDRNDEPPEDDE
;
S
#
# COMPACT_ATOMS: atom_id res chain seq x y z
N ALA A 2 -24.09 20.17 31.75
CA ALA A 2 -24.02 18.78 31.30
C ALA A 2 -23.30 18.67 29.96
N VAL A 3 -22.90 19.81 29.40
CA VAL A 3 -22.22 19.87 28.12
C VAL A 3 -20.80 20.34 28.36
N ILE A 4 -19.83 19.51 28.02
CA ILE A 4 -18.43 19.89 28.15
C ILE A 4 -18.10 20.93 27.09
N SER A 5 -17.55 22.06 27.52
CA SER A 5 -17.33 23.19 26.62
C SER A 5 -15.91 23.75 26.64
N LYS A 6 -15.07 23.36 27.58
CA LYS A 6 -13.74 23.95 27.68
C LYS A 6 -12.83 23.01 28.46
N VAL A 7 -11.54 23.03 28.11
CA VAL A 7 -10.55 22.18 28.74
C VAL A 7 -9.32 23.02 29.05
N THR A 8 -8.78 22.86 30.25
CA THR A 8 -7.63 23.63 30.72
C THR A 8 -6.55 22.67 31.21
N TYR A 9 -5.31 22.97 30.84
CA TYR A 9 -4.16 22.17 31.24
C TYR A 9 -3.26 22.96 32.17
N SER A 10 -2.63 22.29 33.11
CA SER A 10 -1.73 22.93 34.07
C SER A 10 -0.95 21.84 34.80
N LEU A 11 -0.16 22.24 35.78
CA LEU A 11 0.63 21.35 36.60
C LEU A 11 0.08 21.30 38.03
N TYR A 12 0.22 20.14 38.67
CA TYR A 12 -0.26 19.98 40.03
C TYR A 12 0.60 20.77 41.01
N ASP A 13 -0.04 21.32 42.04
CA ASP A 13 0.68 21.89 43.16
C ASP A 13 1.13 20.80 44.13
N GLN A 14 2.13 21.13 44.94
CA GLN A 14 2.64 20.15 45.89
C GLN A 14 1.58 19.80 46.93
N LYS A 15 0.80 20.79 47.37
CA LYS A 15 -0.22 20.51 48.37
C LYS A 15 -1.29 19.57 47.82
N GLU A 16 -1.63 19.71 46.54
CA GLU A 16 -2.60 18.80 45.94
C GLU A 16 -2.08 17.37 45.94
N ILE A 17 -0.79 17.19 45.68
CA ILE A 17 -0.20 15.85 45.72
C ILE A 17 -0.32 15.27 47.12
N ASN A 18 -0.16 16.08 48.15
CA ASN A 18 -0.17 15.60 49.53
C ASN A 18 -1.58 15.27 50.02
N ALA A 19 -2.62 15.76 49.36
CA ALA A 19 -3.97 15.63 49.87
C ALA A 19 -4.51 14.21 49.70
N THR A 20 -3.98 13.27 50.46
CA THR A 20 -4.45 11.89 50.41
C THR A 20 -4.06 11.19 51.71
N ASP A 21 -4.95 10.33 52.20
CA ASP A 21 -4.72 9.57 53.42
C ASP A 21 -4.13 8.19 53.17
N ILE A 22 -3.83 7.85 51.92
CA ILE A 22 -3.29 6.55 51.56
C ILE A 22 -1.79 6.70 51.38
N ILE A 23 -1.02 6.19 52.33
CA ILE A 23 0.43 6.30 52.35
C ILE A 23 1.02 4.94 52.04
N ILE A 24 1.97 4.90 51.11
CA ILE A 24 2.62 3.67 50.68
C ILE A 24 4.05 3.69 51.20
N SER A 25 4.43 2.64 51.92
CA SER A 25 5.73 2.64 52.61
C SER A 25 6.58 1.40 52.32
N HIS A 26 5.98 0.24 52.18
CA HIS A 26 6.72 -1.02 52.09
C HIS A 26 6.73 -1.54 50.67
N VAL A 27 7.84 -2.22 50.32
CA VAL A 27 7.90 -2.96 49.06
C VAL A 27 7.28 -4.35 49.17
N LYS A 28 7.01 -4.81 50.38
CA LYS A 28 6.37 -6.10 50.58
C LYS A 28 5.68 -6.09 51.93
N ASN A 29 4.62 -6.88 52.05
CA ASN A 29 3.87 -6.98 53.29
C ASN A 29 3.02 -8.23 53.24
N ASP A 30 2.42 -8.57 54.38
CA ASP A 30 1.66 -9.81 54.49
C ASP A 30 0.48 -9.81 53.52
N ASP A 31 -0.25 -8.70 53.46
CA ASP A 31 -1.45 -8.59 52.62
C ASP A 31 -1.37 -7.39 51.71
N ASP A 32 -0.17 -7.06 51.24
CA ASP A 32 0.08 -5.90 50.38
C ASP A 32 -0.34 -4.59 51.03
N ILE A 33 -0.60 -4.59 52.33
CA ILE A 33 -0.99 -3.35 53.01
C ILE A 33 0.20 -2.41 53.06
N GLY A 34 -0.01 -1.17 52.65
CA GLY A 34 1.06 -0.20 52.59
C GLY A 34 1.99 -0.37 51.41
N THR A 35 1.68 -1.28 50.49
CA THR A 35 2.48 -1.52 49.31
C THR A 35 1.84 -0.85 48.10
N VAL A 36 2.58 -0.87 46.99
CA VAL A 36 2.15 -0.22 45.76
C VAL A 36 0.99 -0.97 45.14
N LYS A 37 0.63 -2.12 45.72
CA LYS A 37 -0.43 -2.98 45.20
C LYS A 37 -1.58 -3.12 46.18
N ASP A 38 -1.68 -2.25 47.18
CA ASP A 38 -2.69 -2.43 48.21
C ASP A 38 -4.08 -2.09 47.67
N GLY A 39 -5.09 -2.71 48.28
CA GLY A 39 -6.45 -2.64 47.78
C GLY A 39 -7.17 -1.33 48.02
N ARG A 40 -6.62 -0.43 48.83
CA ARG A 40 -7.24 0.87 49.01
C ARG A 40 -7.19 1.71 47.74
N LEU A 41 -6.26 1.42 46.84
CA LEU A 41 -6.12 2.19 45.61
C LEU A 41 -7.12 1.78 44.54
N GLY A 42 -7.81 0.68 44.70
CA GLY A 42 -8.81 0.27 43.73
C GLY A 42 -9.05 -1.23 43.79
N ALA A 43 -10.11 -1.64 43.11
CA ALA A 43 -10.46 -3.05 43.04
C ALA A 43 -9.56 -3.77 42.04
N MET A 44 -9.51 -5.09 42.18
CA MET A 44 -8.70 -5.94 41.30
C MET A 44 -9.45 -7.25 41.08
N ASP A 45 -8.75 -8.22 40.50
CA ASP A 45 -9.33 -9.52 40.18
C ASP A 45 -9.97 -10.15 41.40
N GLY A 46 -11.29 -10.30 41.38
CA GLY A 46 -12.00 -10.96 42.47
C GLY A 46 -11.76 -10.33 43.83
N ALA A 47 -11.78 -9.00 43.89
CA ALA A 47 -11.56 -8.30 45.15
C ALA A 47 -12.21 -6.94 45.07
N LEU A 48 -13.05 -6.62 46.05
CA LEU A 48 -13.68 -5.31 46.09
C LEU A 48 -12.69 -4.24 46.53
N CYS A 49 -12.99 -3.00 46.17
CA CYS A 49 -12.13 -1.88 46.55
C CYS A 49 -12.29 -1.60 48.03
N LYS A 50 -11.17 -1.53 48.75
CA LYS A 50 -11.21 -1.26 50.18
C LYS A 50 -11.60 0.16 50.51
N THR A 51 -11.65 1.06 49.51
CA THR A 51 -12.02 2.44 49.75
C THR A 51 -13.51 2.66 49.56
N CYS A 52 -14.03 2.34 48.38
CA CYS A 52 -15.44 2.55 48.07
C CYS A 52 -16.26 1.26 48.12
N GLY A 53 -15.62 0.09 48.23
CA GLY A 53 -16.35 -1.16 48.34
C GLY A 53 -17.16 -1.52 47.12
N LYS A 54 -16.57 -1.39 45.93
CA LYS A 54 -17.23 -1.74 44.68
C LYS A 54 -16.33 -2.61 43.84
N THR A 55 -16.92 -3.29 42.86
CA THR A 55 -16.19 -4.19 41.99
C THR A 55 -15.39 -3.41 40.96
N GLU A 56 -14.68 -4.15 40.09
CA GLU A 56 -13.84 -3.50 39.10
C GLU A 56 -14.67 -2.68 38.12
N LEU A 57 -15.84 -3.17 37.73
CA LEU A 57 -16.64 -2.50 36.72
C LEU A 57 -17.18 -1.16 37.17
N GLU A 58 -17.10 -0.84 38.46
CA GLU A 58 -17.67 0.39 38.99
C GLU A 58 -16.70 1.25 39.78
N CYS A 59 -15.43 0.84 39.89
CA CYS A 59 -14.42 1.60 40.62
C CYS A 59 -13.36 2.09 39.65
N PHE A 60 -13.10 3.39 39.67
CA PHE A 60 -12.11 4.01 38.79
C PHE A 60 -10.81 4.34 39.50
N GLY A 61 -10.63 3.87 40.73
CA GLY A 61 -9.35 3.98 41.40
C GLY A 61 -9.22 5.22 42.27
N HIS A 62 -8.16 5.23 43.07
CA HIS A 62 -7.90 6.30 44.03
C HIS A 62 -6.40 6.47 44.15
N TRP A 63 -5.98 7.65 44.61
CA TRP A 63 -4.57 8.05 44.59
C TRP A 63 -3.90 7.82 45.94
N GLY A 64 -2.57 7.64 45.88
CA GLY A 64 -1.77 7.51 47.08
C GLY A 64 -0.52 8.34 46.99
N LYS A 65 0.34 8.22 48.00
CA LYS A 65 1.60 8.96 48.01
C LYS A 65 2.67 8.16 48.74
N VAL A 66 3.92 8.40 48.38
CA VAL A 66 5.07 7.85 49.09
C VAL A 66 5.91 9.03 49.58
N SER A 67 6.65 8.79 50.66
CA SER A 67 7.45 9.82 51.28
C SER A 67 8.87 9.82 50.70
N ILE A 68 9.37 11.02 50.43
CA ILE A 68 10.76 11.23 50.04
C ILE A 68 11.39 12.15 51.08
N TYR A 69 12.53 11.73 51.60
CA TYR A 69 13.15 12.40 52.75
C TYR A 69 14.09 13.48 52.28
N LYS A 70 13.59 14.72 52.22
CA LYS A 70 14.39 15.90 51.93
C LYS A 70 15.11 15.81 50.58
N THR A 71 14.62 14.99 49.66
CA THR A 71 15.21 14.83 48.35
C THR A 71 14.33 15.54 47.33
N HIS A 72 14.82 16.65 46.81
CA HIS A 72 14.11 17.34 45.73
C HIS A 72 14.24 16.53 44.44
N ILE A 73 13.11 16.35 43.76
CA ILE A 73 13.05 15.52 42.56
C ILE A 73 12.56 16.38 41.40
N VAL A 74 13.22 16.26 40.26
CA VAL A 74 12.87 17.00 39.06
C VAL A 74 11.85 16.20 38.26
N LYS A 75 10.90 16.90 37.65
CA LYS A 75 9.95 16.25 36.77
C LYS A 75 10.62 15.98 35.43
N PRO A 76 10.75 14.71 35.00
CA PRO A 76 11.58 14.43 33.81
C PRO A 76 11.18 15.24 32.58
N GLU A 77 9.88 15.27 32.25
CA GLU A 77 9.45 15.88 31.00
C GLU A 77 9.94 17.32 30.87
N PHE A 78 10.06 18.03 32.00
CA PHE A 78 10.39 19.44 31.99
C PHE A 78 11.84 19.71 32.35
N ILE A 79 12.70 18.68 32.29
CA ILE A 79 14.12 18.90 32.58
C ILE A 79 14.67 20.01 31.70
N SER A 80 14.42 19.93 30.40
CA SER A 80 14.91 20.95 29.49
C SER A 80 14.41 22.33 29.90
N GLU A 81 13.16 22.40 30.37
CA GLU A 81 12.63 23.70 30.79
C GLU A 81 13.51 24.32 31.86
N ILE A 82 13.97 23.51 32.82
CA ILE A 82 14.86 24.02 33.86
C ILE A 82 16.09 24.66 33.24
N ILE A 83 16.65 24.00 32.23
CA ILE A 83 17.83 24.56 31.57
C ILE A 83 17.52 25.93 31.00
N ARG A 84 16.32 26.10 30.44
CA ARG A 84 15.96 27.39 29.87
C ARG A 84 15.89 28.47 30.94
N LEU A 85 15.58 28.09 32.18
CA LEU A 85 15.45 29.06 33.25
C LEU A 85 16.77 29.39 33.94
N LEU A 86 17.83 28.64 33.68
CA LEU A 86 19.14 28.89 34.27
C LEU A 86 20.02 29.77 33.41
N ASN A 87 19.53 30.23 32.26
CA ASN A 87 20.28 31.13 31.39
C ASN A 87 19.73 32.55 31.43
N HIS A 88 18.94 32.87 32.46
CA HIS A 88 18.39 34.21 32.63
C HIS A 88 18.66 34.80 34.00
N ILE A 89 19.35 34.09 34.89
CA ILE A 89 19.66 34.57 36.22
C ILE A 89 21.10 34.22 36.56
N CYS A 90 21.65 34.94 37.54
CA CYS A 90 22.96 34.61 38.08
C CYS A 90 22.79 33.51 39.12
N ILE A 91 23.50 32.40 38.92
CA ILE A 91 23.33 31.25 39.80
C ILE A 91 23.73 31.60 41.22
N HIS A 92 24.86 32.28 41.38
CA HIS A 92 25.42 32.49 42.71
C HIS A 92 24.53 33.40 43.56
N CYS A 93 24.15 34.56 43.02
CA CYS A 93 23.31 35.49 43.77
C CYS A 93 21.83 35.37 43.44
N GLY A 94 21.46 34.58 42.43
CA GLY A 94 20.06 34.34 42.16
C GLY A 94 19.31 35.50 41.52
N LEU A 95 20.02 36.53 41.07
CA LEU A 95 19.40 37.68 40.43
C LEU A 95 19.45 37.54 38.91
N LEU A 96 18.56 38.28 38.25
CA LEU A 96 18.55 38.27 36.80
C LEU A 96 19.91 38.71 36.26
N ARG A 97 20.15 38.41 34.98
CA ARG A 97 21.41 38.75 34.34
C ARG A 97 21.43 40.18 33.80
N SER A 98 20.57 41.05 34.32
CA SER A 98 20.57 42.46 33.93
C SER A 98 20.20 43.28 35.16
N ARG A 99 20.04 44.60 34.95
CA ARG A 99 19.61 45.50 36.00
C ARG A 99 18.41 46.35 35.63
N GLU A 100 18.04 46.41 34.34
CA GLU A 100 16.90 47.24 33.95
C GLU A 100 15.61 46.84 34.67
N PRO A 101 15.28 45.55 34.81
CA PRO A 101 14.03 45.21 35.51
C PRO A 101 13.97 45.74 36.93
N TYR A 102 15.11 45.85 37.61
CA TYR A 102 15.14 46.33 38.98
C TYR A 102 15.14 47.85 39.01
N SER A 103 14.18 48.47 38.34
CA SER A 103 14.07 49.93 38.30
C SER A 103 12.62 50.33 38.52
N ASP A 104 12.39 51.26 39.45
CA ASP A 104 11.05 51.74 39.72
C ASP A 104 10.55 52.72 38.68
N ASP A 105 11.44 53.26 37.84
CA ASP A 105 11.03 54.22 36.82
C ASP A 105 10.18 53.57 35.74
N ILE A 106 10.18 52.24 35.64
CA ILE A 106 9.45 51.52 34.61
C ILE A 106 8.46 50.57 35.29
N ASN A 107 7.19 50.66 34.88
CA ASN A 107 6.14 49.76 35.36
C ASN A 107 5.75 48.85 34.22
N LEU A 108 5.85 47.55 34.44
CA LEU A 108 5.63 46.56 33.40
C LEU A 108 4.16 46.26 33.15
N LYS A 109 3.26 46.68 34.04
CA LYS A 109 1.85 46.36 33.87
C LYS A 109 1.29 46.98 32.60
N GLU A 110 1.61 48.24 32.34
CA GLU A 110 1.10 48.94 31.16
C GLU A 110 2.05 48.84 29.98
N LEU A 111 2.48 47.62 29.67
CA LEU A 111 3.32 47.37 28.51
C LEU A 111 3.44 45.88 28.29
N SER A 112 3.43 45.46 27.03
CA SER A 112 3.50 44.05 26.70
C SER A 112 3.92 43.90 25.25
N GLY A 113 4.35 42.70 24.90
CA GLY A 113 4.71 42.40 23.52
C GLY A 113 6.11 42.85 23.16
N HIS A 114 6.19 43.93 22.38
CA HIS A 114 7.49 44.39 21.90
C HIS A 114 8.41 44.78 23.05
N ALA A 115 7.88 45.50 24.04
CA ALA A 115 8.72 45.92 25.16
C ALA A 115 9.26 44.72 25.93
N LEU A 116 8.38 43.79 26.30
CA LEU A 116 8.82 42.63 27.06
C LEU A 116 9.80 41.79 26.26
N ARG A 117 9.52 41.60 24.96
CA ARG A 117 10.41 40.79 24.13
C ARG A 117 11.78 41.43 24.00
N ARG A 118 11.83 42.75 23.79
CA ARG A 118 13.12 43.43 23.70
C ARG A 118 13.88 43.34 25.01
N LEU A 119 13.18 43.52 26.14
CA LEU A 119 13.85 43.43 27.42
C LEU A 119 14.39 42.01 27.66
N LYS A 120 13.62 40.99 27.29
CA LYS A 120 14.08 39.61 27.42
C LYS A 120 15.30 39.37 26.54
N ASP A 121 15.28 39.90 25.32
CA ASP A 121 16.43 39.74 24.43
C ASP A 121 17.67 40.39 25.04
N LYS A 122 17.53 41.59 25.59
CA LYS A 122 18.66 42.25 26.24
C LYS A 122 19.17 41.42 27.42
N ILE A 123 18.25 40.92 28.25
CA ILE A 123 18.64 40.15 29.43
C ILE A 123 19.41 38.90 29.00
N LEU A 124 18.91 38.20 27.99
CA LEU A 124 19.58 36.99 27.53
C LEU A 124 20.94 37.31 26.91
N SER A 125 21.04 38.45 26.20
CA SER A 125 22.26 38.81 25.51
C SER A 125 23.30 39.46 26.42
N LYS A 126 22.95 39.81 27.66
CA LYS A 126 23.94 40.36 28.59
C LYS A 126 25.13 39.41 28.70
N LYS A 127 24.89 38.21 29.24
CA LYS A 127 25.87 37.13 29.25
C LYS A 127 27.28 37.62 29.57
N LYS A 128 27.41 38.18 30.78
CA LYS A 128 28.71 38.65 31.26
C LYS A 128 28.75 38.48 32.77
N SER A 129 29.98 38.47 33.31
CA SER A 129 30.16 38.32 34.75
C SER A 129 29.18 39.21 35.51
N CYS A 130 28.67 38.68 36.62
CA CYS A 130 27.56 39.31 37.33
C CYS A 130 27.81 40.80 37.51
N TRP A 131 26.87 41.61 37.00
CA TRP A 131 27.00 43.05 37.09
C TRP A 131 27.00 43.51 38.55
N ASN A 132 26.14 42.92 39.37
CA ASN A 132 26.04 43.35 40.76
C ASN A 132 27.26 42.92 41.56
N SER A 133 27.51 43.63 42.66
CA SER A 133 28.66 43.40 43.51
C SER A 133 28.36 42.47 44.68
N GLU A 134 27.12 41.97 44.80
CA GLU A 134 26.79 41.09 45.91
C GLU A 134 27.64 39.83 45.88
N CYS A 135 27.81 39.24 44.70
CA CYS A 135 28.68 38.09 44.51
C CYS A 135 29.80 38.34 43.52
N MET A 136 29.53 39.06 42.43
CA MET A 136 30.54 39.39 41.43
C MET A 136 31.23 38.12 40.94
N GLN A 137 30.44 37.24 40.33
CA GLN A 137 30.91 35.94 39.88
C GLN A 137 30.59 35.74 38.41
N PRO A 138 31.38 34.93 37.71
CA PRO A 138 31.07 34.65 36.31
C PRO A 138 29.84 33.77 36.17
N TYR A 139 29.19 33.89 35.01
CA TYR A 139 28.01 33.09 34.71
C TYR A 139 28.43 31.74 34.16
N GLN A 140 27.82 30.67 34.67
CA GLN A 140 28.15 29.31 34.28
C GLN A 140 27.19 28.84 33.19
N LYS A 141 27.28 27.55 32.84
CA LYS A 141 26.44 26.95 31.81
C LYS A 141 26.15 25.52 32.25
N ILE A 142 24.99 25.31 32.86
CA ILE A 142 24.61 24.01 33.43
C ILE A 142 23.78 23.24 32.41
N THR A 143 23.98 21.92 32.38
CA THR A 143 23.22 21.06 31.48
C THR A 143 23.04 19.70 32.15
N PHE A 144 22.04 18.96 31.69
CA PHE A 144 21.82 17.61 32.20
C PHE A 144 22.80 16.65 31.54
N SER A 145 23.45 15.83 32.36
CA SER A 145 24.52 14.97 31.85
C SER A 145 24.00 13.97 30.82
N LYS A 146 22.84 13.39 31.08
CA LYS A 146 22.18 12.36 30.28
C LYS A 146 22.84 10.99 30.47
N LYS A 147 23.98 10.91 31.17
CA LYS A 147 24.58 9.65 31.56
C LYS A 147 24.54 9.46 33.07
N LYS A 148 25.03 10.44 33.82
CA LYS A 148 24.70 10.55 35.24
C LYS A 148 23.40 11.33 35.37
N VAL A 149 22.54 10.87 36.27
CA VAL A 149 21.22 11.50 36.44
C VAL A 149 21.43 12.67 37.40
N CYS A 150 21.91 13.78 36.84
CA CYS A 150 22.16 14.99 37.60
C CYS A 150 22.63 16.08 36.64
N PHE A 151 22.52 17.32 37.08
CA PHE A 151 22.97 18.46 36.31
C PHE A 151 24.43 18.74 36.60
N VAL A 152 25.19 19.06 35.55
CA VAL A 152 26.62 19.32 35.66
C VAL A 152 26.94 20.59 34.90
N ASN A 153 28.03 21.25 35.31
CA ASN A 153 28.48 22.48 34.68
C ASN A 153 29.47 22.14 33.56
N LYS A 154 29.27 22.76 32.39
CA LYS A 154 30.13 22.46 31.25
C LYS A 154 31.58 22.84 31.53
N LEU A 155 31.80 24.02 32.12
CA LEU A 155 33.16 24.49 32.35
C LEU A 155 33.91 23.52 33.27
N ASP A 156 33.31 23.17 34.39
CA ASP A 156 33.89 22.26 35.36
C ASP A 156 32.91 21.11 35.59
N ASP A 157 33.41 19.87 35.50
CA ASP A 157 32.54 18.72 35.68
C ASP A 157 32.17 18.58 37.14
N ILE A 158 31.32 19.48 37.64
CA ILE A 158 30.90 19.51 39.03
C ILE A 158 29.40 19.32 39.08
N ASN A 159 28.96 18.34 39.85
CA ASN A 159 27.53 18.09 40.02
C ASN A 159 26.88 19.24 40.77
N VAL A 160 25.75 19.71 40.27
CA VAL A 160 24.97 20.76 40.92
C VAL A 160 23.75 20.10 41.56
N PRO A 161 23.64 20.09 42.89
CA PRO A 161 22.48 19.42 43.51
C PRO A 161 21.18 20.12 43.16
N ASN A 162 20.11 19.32 43.08
CA ASN A 162 18.80 19.87 42.72
C ASN A 162 18.32 20.88 43.75
N SER A 163 18.78 20.76 45.00
CA SER A 163 18.34 21.70 46.02
C SER A 163 18.78 23.11 45.70
N LEU A 164 20.01 23.28 45.24
CA LEU A 164 20.50 24.61 44.89
C LEU A 164 19.68 25.21 43.76
N ILE A 165 19.43 24.42 42.72
CA ILE A 165 18.64 24.91 41.59
C ILE A 165 17.25 25.30 42.05
N TYR A 166 16.64 24.45 42.89
CA TYR A 166 15.31 24.74 43.39
C TYR A 166 15.28 26.06 44.16
N GLN A 167 16.25 26.25 45.07
CA GLN A 167 16.29 27.46 45.86
C GLN A 167 16.48 28.69 44.97
N LYS A 168 17.38 28.60 44.00
CA LYS A 168 17.61 29.74 43.11
C LYS A 168 16.37 30.06 42.28
N LEU A 169 15.68 29.02 41.78
CA LEU A 169 14.54 29.25 40.91
C LEU A 169 13.36 29.83 41.67
N ILE A 170 13.06 29.30 42.86
CA ILE A 170 11.89 29.78 43.59
C ILE A 170 12.02 31.22 44.04
N SER A 171 13.22 31.82 43.92
CA SER A 171 13.44 33.18 44.40
C SER A 171 12.96 34.24 43.42
N ILE A 172 12.64 33.88 42.18
CA ILE A 172 12.22 34.86 41.19
C ILE A 172 10.85 35.40 41.58
N HIS A 173 10.71 36.73 41.54
CA HIS A 173 9.45 37.35 41.91
C HIS A 173 8.42 37.20 40.79
N GLU A 174 7.15 37.32 41.17
CA GLU A 174 6.07 37.11 40.22
C GLU A 174 6.10 38.13 39.09
N LYS A 175 6.38 39.40 39.41
CA LYS A 175 6.22 40.47 38.43
C LYS A 175 7.16 40.31 37.24
N PHE A 176 8.20 39.48 37.35
CA PHE A 176 9.15 39.27 36.27
C PHE A 176 8.90 37.97 35.52
N TRP A 177 7.82 37.25 35.84
CA TRP A 177 7.50 36.03 35.11
C TRP A 177 7.25 36.27 33.64
N PRO A 178 6.48 37.28 33.23
CA PRO A 178 6.25 37.48 31.78
C PRO A 178 7.54 37.60 30.99
N LEU A 179 8.57 38.23 31.57
CA LEU A 179 9.83 38.35 30.86
C LEU A 179 10.44 36.99 30.58
N LEU A 180 10.37 36.07 31.56
CA LEU A 180 10.95 34.75 31.41
C LEU A 180 9.96 33.72 30.87
N GLU A 181 8.72 34.13 30.56
CA GLU A 181 7.71 33.23 30.01
C GLU A 181 7.40 32.11 31.01
N ILE A 182 7.02 32.51 32.21
CA ILE A 182 6.62 31.61 33.28
C ILE A 182 5.17 31.90 33.61
N HIS A 183 4.42 30.86 33.94
CA HIS A 183 2.96 30.99 34.06
C HIS A 183 2.41 30.60 35.42
N GLN A 184 2.92 29.55 36.07
CA GLN A 184 2.30 29.07 37.30
C GLN A 184 3.21 29.23 38.53
N TYR A 185 4.34 28.52 38.56
CA TYR A 185 5.28 28.54 39.65
C TYR A 185 6.50 27.71 39.25
N PRO A 186 7.72 28.16 39.49
CA PRO A 186 8.86 27.25 39.33
C PRO A 186 8.78 26.06 40.26
N ALA A 187 8.25 26.24 41.47
CA ALA A 187 8.16 25.14 42.42
C ALA A 187 7.30 24.00 41.90
N ASN A 188 6.42 24.25 40.94
CA ASN A 188 5.60 23.20 40.36
C ASN A 188 6.40 22.23 39.50
N LEU A 189 7.67 22.53 39.23
CA LEU A 189 8.51 21.67 38.42
C LEU A 189 9.22 20.59 39.23
N PHE A 190 9.01 20.54 40.55
CA PHE A 190 9.70 19.59 41.42
C PHE A 190 8.73 18.90 42.36
N TYR A 191 9.13 17.73 42.83
CA TYR A 191 8.52 17.08 43.99
C TYR A 191 9.45 17.24 45.18
N THR A 192 8.90 17.62 46.32
CA THR A 192 9.71 17.88 47.51
C THR A 192 9.42 16.91 48.65
N ASP A 193 8.18 16.83 49.12
CA ASP A 193 7.87 16.05 50.32
C ASP A 193 7.25 14.70 50.03
N TYR A 194 6.56 14.56 48.91
CA TYR A 194 5.88 13.30 48.59
C TYR A 194 5.88 13.10 47.08
N PHE A 195 5.69 11.86 46.68
CA PHE A 195 5.60 11.48 45.29
C PHE A 195 4.29 10.73 45.05
N PRO A 196 3.52 11.07 44.01
CA PRO A 196 2.21 10.45 43.83
C PRO A 196 2.29 8.99 43.42
N ILE A 197 1.24 8.24 43.77
CA ILE A 197 1.11 6.84 43.42
C ILE A 197 -0.22 6.68 42.71
N PRO A 198 -0.25 6.31 41.43
CA PRO A 198 -1.50 6.37 40.66
C PRO A 198 -2.42 5.22 40.99
N PRO A 199 -3.70 5.32 40.64
CA PRO A 199 -4.64 4.23 40.94
C PRO A 199 -4.30 2.95 40.18
N LEU A 200 -5.09 1.90 40.42
CA LEU A 200 -4.89 0.62 39.76
C LEU A 200 -5.60 0.53 38.42
N ILE A 201 -6.39 1.53 38.05
CA ILE A 201 -7.16 1.44 36.81
C ILE A 201 -6.23 1.41 35.61
N ILE A 202 -5.10 2.12 35.67
CA ILE A 202 -4.19 2.22 34.53
C ILE A 202 -3.18 1.08 34.48
N ARG A 203 -3.25 0.12 35.40
CA ARG A 203 -2.24 -0.94 35.50
C ARG A 203 -2.86 -2.19 36.10
N PRO A 204 -3.80 -2.80 35.40
CA PRO A 204 -4.36 -4.08 35.86
C PRO A 204 -3.38 -5.22 35.64
N ALA A 205 -3.63 -6.32 36.35
CA ALA A 205 -2.77 -7.48 36.22
C ALA A 205 -2.76 -8.01 34.80
N ILE A 206 -1.58 -8.33 34.29
CA ILE A 206 -1.43 -8.81 32.93
C ILE A 206 -1.77 -10.30 32.89
N SER A 207 -2.68 -10.67 32.00
CA SER A 207 -3.08 -12.06 31.80
C SER A 207 -2.57 -12.55 30.45
N PHE A 208 -2.83 -13.82 30.16
CA PHE A 208 -2.43 -14.44 28.91
C PHE A 208 -3.62 -15.22 28.33
N TRP A 209 -3.46 -15.65 27.08
CA TRP A 209 -4.51 -16.40 26.41
C TRP A 209 -4.76 -17.75 27.06
N ILE A 210 -3.87 -18.22 27.93
CA ILE A 210 -4.03 -19.46 28.67
C ILE A 210 -4.40 -19.12 30.10
N ASP A 211 -5.53 -19.67 30.56
CA ASP A 211 -5.99 -19.38 31.92
C ASP A 211 -5.08 -19.99 32.97
N SER A 212 -4.48 -21.15 32.68
CA SER A 212 -3.62 -21.80 33.66
C SER A 212 -2.40 -20.95 33.99
N ILE A 213 -1.83 -20.29 32.98
CA ILE A 213 -0.59 -19.53 33.21
C ILE A 213 -0.86 -18.45 34.25
N PRO A 214 -0.09 -18.37 35.33
CA PRO A 214 -0.30 -17.29 36.30
C PRO A 214 -0.12 -15.92 35.66
N LYS A 215 -0.91 -14.97 36.13
CA LYS A 215 -0.82 -13.60 35.62
C LYS A 215 0.51 -12.98 36.01
N GLU A 216 1.13 -12.27 35.06
CA GLU A 216 2.41 -11.63 35.30
C GLU A 216 2.20 -10.20 35.78
N THR A 217 3.16 -9.72 36.57
CA THR A 217 3.08 -8.37 37.11
C THR A 217 3.14 -7.34 35.98
N ASN A 218 2.37 -6.26 36.13
CA ASN A 218 2.40 -5.18 35.18
C ASN A 218 3.71 -4.41 35.29
N GLU A 219 4.20 -3.92 34.14
CA GLU A 219 5.47 -3.20 34.13
C GLU A 219 5.39 -1.93 34.96
N LEU A 220 4.29 -1.19 34.87
CA LEU A 220 4.16 0.04 35.64
C LEU A 220 4.22 -0.25 37.13
N THR A 221 3.53 -1.30 37.58
CA THR A 221 3.58 -1.66 38.99
C THR A 221 5.00 -2.03 39.42
N TYR A 222 5.72 -2.76 38.56
CA TYR A 222 7.09 -3.12 38.89
C TYR A 222 7.96 -1.88 39.03
N LEU A 223 7.81 -0.92 38.12
CA LEU A 223 8.60 0.30 38.22
C LEU A 223 8.24 1.10 39.46
N LEU A 224 6.96 1.16 39.81
CA LEU A 224 6.56 1.86 41.03
C LEU A 224 7.16 1.19 42.26
N GLY A 225 7.14 -0.15 42.31
CA GLY A 225 7.80 -0.85 43.40
C GLY A 225 9.28 -0.57 43.47
N MET A 226 9.93 -0.49 42.31
CA MET A 226 11.35 -0.16 42.28
C MET A 226 11.60 1.24 42.83
N ILE A 227 10.71 2.19 42.51
CA ILE A 227 10.83 3.53 43.08
C ILE A 227 10.71 3.46 44.60
N VAL A 228 9.70 2.74 45.08
CA VAL A 228 9.47 2.65 46.52
C VAL A 228 10.65 1.99 47.21
N LYS A 229 11.36 1.12 46.52
CA LYS A 229 12.49 0.42 47.13
C LYS A 229 13.57 1.40 47.57
N ASN A 230 13.82 2.43 46.77
CA ASN A 230 14.89 3.38 47.04
C ASN A 230 14.41 4.62 47.80
N CYS A 231 13.15 4.64 48.25
CA CYS A 231 12.63 5.79 48.99
C CYS A 231 12.87 5.66 50.48
N ASN A 232 12.36 4.59 51.09
CA ASN A 232 12.55 4.40 52.52
C ASN A 232 14.02 4.19 52.88
N LEU A 233 14.85 3.78 51.92
CA LEU A 233 16.26 3.54 52.18
C LEU A 233 17.00 4.80 52.59
N ASN A 234 16.43 5.98 52.34
CA ASN A 234 17.06 7.25 52.68
C ASN A 234 18.41 7.37 51.97
N ALA A 235 18.36 7.23 50.64
CA ALA A 235 19.53 7.24 49.80
C ALA A 235 19.73 8.62 49.17
N ASP A 236 20.68 8.71 48.25
CA ASP A 236 20.98 9.97 47.58
C ASP A 236 19.91 10.29 46.53
N GLU A 237 20.04 11.47 45.94
CA GLU A 237 19.07 11.91 44.94
C GLU A 237 19.25 11.21 43.61
N GLN A 238 20.47 10.78 43.28
CA GLN A 238 20.71 10.18 41.98
C GLN A 238 19.93 8.88 41.81
N VAL A 239 19.91 8.04 42.84
CA VAL A 239 19.23 6.74 42.72
C VAL A 239 17.74 6.95 42.48
N ILE A 240 17.11 7.80 43.30
CA ILE A 240 15.68 8.04 43.17
C ILE A 240 15.38 8.74 41.85
N GLN A 241 16.23 9.67 41.44
CA GLN A 241 16.03 10.37 40.18
C GLN A 241 16.08 9.40 39.00
N LYS A 242 17.05 8.48 39.01
CA LYS A 242 17.13 7.50 37.93
C LYS A 242 15.92 6.57 37.93
N ALA A 243 15.47 6.16 39.13
CA ALA A 243 14.29 5.32 39.20
C ALA A 243 13.08 6.04 38.62
N VAL A 244 12.90 7.31 38.98
CA VAL A 244 11.76 8.08 38.48
C VAL A 244 11.87 8.24 36.96
N ILE A 245 13.06 8.53 36.45
CA ILE A 245 13.22 8.73 35.02
C ILE A 245 12.88 7.47 34.26
N GLU A 246 13.38 6.32 34.73
CA GLU A 246 13.07 5.07 34.03
C GLU A 246 11.61 4.67 34.22
N TYR A 247 10.94 5.17 35.25
CA TYR A 247 9.51 4.93 35.40
C TYR A 247 8.69 5.82 34.46
N ASP A 248 9.15 7.03 34.19
CA ASP A 248 8.38 7.98 33.39
C ASP A 248 8.76 7.90 31.91
N ASP A 249 10.01 8.19 31.57
CA ASP A 249 10.46 8.21 30.18
C ASP A 249 11.93 7.82 30.16
N ILE A 250 12.21 6.55 29.89
CA ILE A 250 13.59 6.07 29.92
C ILE A 250 14.42 6.67 28.81
N LYS A 251 13.79 7.15 27.74
CA LYS A 251 14.54 7.71 26.62
C LYS A 251 15.24 9.02 26.98
N ILE A 252 14.94 9.60 28.14
CA ILE A 252 15.60 10.84 28.53
C ILE A 252 17.11 10.63 28.65
N ILE A 253 17.52 9.48 29.16
CA ILE A 253 18.93 9.18 29.37
C ILE A 253 19.42 8.11 28.39
N SER A 254 18.65 7.06 28.17
CA SER A 254 19.06 5.94 27.34
C SER A 254 18.65 6.19 25.89
N ASN A 255 18.74 5.14 25.06
CA ASN A 255 18.34 5.23 23.67
C ASN A 255 17.58 3.99 23.20
N ASN A 256 17.02 3.21 24.12
CA ASN A 256 16.22 2.05 23.77
C ASN A 256 14.75 2.44 23.77
N THR A 257 14.03 2.00 22.73
CA THR A 257 12.63 2.35 22.52
C THR A 257 11.75 1.11 22.58
N THR A 258 12.01 0.23 23.55
CA THR A 258 11.21 -0.96 23.74
C THR A 258 10.64 -1.10 25.15
N SER A 259 11.21 -0.44 26.14
CA SER A 259 10.71 -0.54 27.50
C SER A 259 9.37 0.17 27.64
N ILE A 260 8.54 -0.34 28.55
CA ILE A 260 7.21 0.20 28.80
C ILE A 260 7.30 1.17 29.97
N ASN A 261 6.78 2.37 29.78
CA ASN A 261 6.73 3.38 30.83
C ASN A 261 5.50 4.24 30.59
N LEU A 262 5.42 5.39 31.28
CA LEU A 262 4.24 6.24 31.16
C LEU A 262 4.09 6.80 29.75
N SER A 263 5.21 7.20 29.13
CA SER A 263 5.13 7.84 27.82
C SER A 263 4.72 6.89 26.72
N TYR A 264 4.64 5.58 27.01
CA TYR A 264 4.35 4.61 25.96
C TYR A 264 3.05 4.93 25.23
N ILE A 265 2.09 5.55 25.91
CA ILE A 265 0.80 5.83 25.30
C ILE A 265 0.94 6.78 24.11
N THR A 266 1.96 7.64 24.12
CA THR A 266 2.18 8.61 23.05
C THR A 266 3.55 8.43 22.42
N SER A 267 3.94 7.19 22.16
CA SER A 267 5.28 6.92 21.66
C SER A 267 5.43 7.31 20.18
N GLY A 268 4.67 6.67 19.30
CA GLY A 268 4.79 6.88 17.87
C GLY A 268 3.48 6.70 17.17
N LYS A 269 3.51 5.99 16.03
CA LYS A 269 2.30 5.78 15.25
C LYS A 269 1.27 4.98 16.03
N ASN A 270 1.69 4.18 17.01
CA ASN A 270 0.77 3.39 17.83
C ASN A 270 0.36 4.14 19.08
N ASN A 271 -0.11 5.38 18.92
CA ASN A 271 -0.66 6.12 20.03
C ASN A 271 -1.92 5.44 20.55
N MET A 272 -2.32 5.82 21.75
CA MET A 272 -3.62 5.38 22.25
C MET A 272 -4.76 6.13 21.57
N ILE A 273 -4.52 7.37 21.15
CA ILE A 273 -5.59 8.15 20.52
C ILE A 273 -5.94 7.58 19.15
N ARG A 274 -4.93 7.34 18.31
CA ARG A 274 -5.20 6.95 16.93
C ARG A 274 -5.35 5.46 16.75
N SER A 275 -5.28 4.67 17.82
CA SER A 275 -5.59 3.25 17.74
C SER A 275 -6.87 2.87 18.47
N TYR A 276 -7.34 3.68 19.42
CA TYR A 276 -8.52 3.30 20.19
C TYR A 276 -9.55 4.41 20.38
N ILE A 277 -9.29 5.65 19.97
CA ILE A 277 -10.23 6.75 20.20
C ILE A 277 -10.86 7.21 18.88
N VAL A 278 -10.06 7.40 17.84
CA VAL A 278 -10.60 7.67 16.51
C VAL A 278 -10.72 6.39 15.69
N ALA A 279 -10.61 5.23 16.32
CA ALA A 279 -10.77 3.94 15.67
C ALA A 279 -10.96 2.90 16.76
N ARG A 280 -11.65 1.80 16.43
CA ARG A 280 -11.88 0.75 17.42
C ARG A 280 -12.55 -0.44 16.74
N ARG A 281 -12.52 -1.57 17.44
CA ARG A 281 -13.22 -2.78 17.01
C ARG A 281 -14.64 -2.75 17.56
N LYS A 282 -15.55 -3.42 16.85
CA LYS A 282 -16.97 -3.29 17.10
C LYS A 282 -17.63 -4.66 17.18
N ASP A 283 -18.84 -4.68 17.74
CA ASP A 283 -19.53 -5.93 18.03
C ASP A 283 -20.24 -6.50 16.80
N GLN A 284 -21.22 -5.78 16.27
CA GLN A 284 -22.08 -6.32 15.20
C GLN A 284 -21.41 -6.07 13.85
N THR A 285 -20.45 -6.92 13.51
CA THR A 285 -19.64 -6.75 12.31
C THR A 285 -19.42 -8.08 11.62
N ALA A 286 -19.02 -8.02 10.35
CA ALA A 286 -18.73 -9.22 9.58
C ALA A 286 -17.81 -8.88 8.42
N ARG A 287 -17.22 -9.91 7.82
CA ARG A 287 -16.35 -9.74 6.65
C ARG A 287 -16.37 -11.02 5.83
N SER A 288 -16.32 -10.88 4.50
CA SER A 288 -16.36 -12.08 3.65
C SER A 288 -15.95 -11.75 2.22
N VAL A 289 -15.67 -12.81 1.46
CA VAL A 289 -15.37 -12.71 0.03
C VAL A 289 -16.62 -12.26 -0.73
N ILE A 290 -16.41 -11.51 -1.81
CA ILE A 290 -17.52 -10.94 -2.58
C ILE A 290 -17.68 -11.68 -3.90
N GLY A 291 -18.86 -11.57 -4.48
CA GLY A 291 -19.17 -12.08 -5.79
C GLY A 291 -20.26 -11.27 -6.46
N PRO A 292 -20.44 -11.45 -7.77
CA PRO A 292 -21.44 -10.67 -8.49
C PRO A 292 -22.84 -11.26 -8.37
N SER A 293 -23.82 -10.43 -8.70
CA SER A 293 -25.22 -10.87 -8.71
C SER A 293 -26.01 -9.99 -9.67
N THR A 294 -26.78 -10.61 -10.56
CA THR A 294 -27.65 -9.88 -11.47
C THR A 294 -29.04 -9.66 -10.91
N SER A 295 -29.37 -10.24 -9.76
CA SER A 295 -30.66 -10.04 -9.12
C SER A 295 -30.65 -8.91 -8.09
N ILE A 296 -29.51 -8.26 -7.89
CA ILE A 296 -29.35 -7.20 -6.90
C ILE A 296 -29.09 -5.91 -7.65
N THR A 297 -29.83 -4.85 -7.30
CA THR A 297 -29.62 -3.55 -7.92
C THR A 297 -28.54 -2.78 -7.17
N VAL A 298 -28.18 -1.61 -7.69
CA VAL A 298 -27.15 -0.79 -7.05
C VAL A 298 -27.58 -0.29 -5.68
N ASN A 299 -28.88 -0.33 -5.36
CA ASN A 299 -29.36 0.12 -4.07
C ASN A 299 -29.34 -0.96 -3.00
N GLU A 300 -28.89 -2.18 -3.32
CA GLU A 300 -29.07 -3.33 -2.46
C GLU A 300 -27.74 -4.05 -2.25
N VAL A 301 -27.73 -4.98 -1.30
CA VAL A 301 -26.58 -5.84 -1.04
C VAL A 301 -27.08 -7.18 -0.53
N GLY A 302 -26.46 -8.26 -0.99
CA GLY A 302 -26.86 -9.61 -0.63
C GLY A 302 -26.07 -10.13 0.54
N MET A 303 -26.79 -10.63 1.56
CA MET A 303 -26.19 -11.09 2.81
C MET A 303 -26.29 -12.60 2.93
N PRO A 304 -25.21 -13.32 3.20
CA PRO A 304 -25.30 -14.78 3.32
C PRO A 304 -26.03 -15.21 4.59
N ALA A 305 -26.44 -16.47 4.58
CA ALA A 305 -27.23 -17.01 5.70
C ALA A 305 -26.43 -17.01 7.00
N TYR A 306 -25.16 -17.41 6.95
CA TYR A 306 -24.39 -17.52 8.19
C TYR A 306 -24.24 -16.18 8.88
N ILE A 307 -24.38 -15.07 8.17
CA ILE A 307 -24.39 -13.76 8.78
C ILE A 307 -25.78 -13.36 9.25
N ARG A 308 -26.81 -13.68 8.47
CA ARG A 308 -28.18 -13.35 8.89
C ARG A 308 -28.55 -14.08 10.17
N ASN A 309 -27.96 -15.23 10.43
CA ASN A 309 -28.30 -16.04 11.60
C ASN A 309 -27.52 -15.66 12.85
N THR A 310 -26.64 -14.66 12.77
CA THR A 310 -25.89 -14.20 13.93
C THR A 310 -26.18 -12.75 14.28
N LEU A 311 -26.16 -11.85 13.30
CA LEU A 311 -26.43 -10.45 13.57
C LEU A 311 -27.89 -10.26 14.00
N THR A 312 -28.12 -9.25 14.84
CA THR A 312 -29.43 -8.99 15.40
C THR A 312 -29.78 -7.51 15.27
N GLU A 313 -31.07 -7.23 15.12
CA GLU A 313 -31.59 -5.89 15.02
C GLU A 313 -32.51 -5.60 16.20
N LYS A 314 -32.69 -4.30 16.47
CA LYS A 314 -33.35 -3.80 17.66
C LYS A 314 -34.75 -3.30 17.35
N ILE A 315 -35.69 -3.67 18.21
CA ILE A 315 -37.06 -3.14 18.20
C ILE A 315 -37.27 -2.45 19.54
N PHE A 316 -37.57 -1.15 19.50
CA PHE A 316 -37.84 -0.38 20.71
C PHE A 316 -39.27 -0.58 21.16
N VAL A 317 -39.48 -0.62 22.47
CA VAL A 317 -40.80 -0.81 23.05
C VAL A 317 -41.48 0.55 23.18
N ASN A 318 -42.64 0.68 22.54
CA ASN A 318 -43.45 1.88 22.68
C ASN A 318 -44.89 1.50 22.31
N ALA A 319 -45.77 2.50 22.32
CA ALA A 319 -47.19 2.22 22.10
C ALA A 319 -47.43 1.60 20.72
N PHE A 320 -46.61 1.93 19.73
CA PHE A 320 -46.83 1.43 18.38
C PHE A 320 -46.43 -0.04 18.23
N THR A 321 -45.48 -0.52 19.02
CA THR A 321 -44.86 -1.82 18.78
C THR A 321 -45.06 -2.84 19.88
N VAL A 322 -45.80 -2.52 20.94
CA VAL A 322 -45.84 -3.41 22.10
C VAL A 322 -46.45 -4.76 21.74
N ASP A 323 -47.53 -4.75 20.98
CA ASP A 323 -48.19 -6.02 20.62
C ASP A 323 -47.26 -6.91 19.79
N LYS A 324 -46.54 -6.31 18.84
CA LYS A 324 -45.61 -7.08 18.04
C LYS A 324 -44.51 -7.70 18.90
N VAL A 325 -44.02 -6.94 19.87
CA VAL A 325 -42.98 -7.46 20.77
C VAL A 325 -43.52 -8.63 21.58
N LYS A 326 -44.75 -8.51 22.08
CA LYS A 326 -45.34 -9.61 22.84
C LYS A 326 -45.49 -10.85 21.97
N GLN A 327 -45.94 -10.67 20.72
CA GLN A 327 -46.04 -11.81 19.82
C GLN A 327 -44.69 -12.45 19.58
N LEU A 328 -43.65 -11.64 19.34
CA LEU A 328 -42.32 -12.19 19.09
C LEU A 328 -41.82 -12.96 20.31
N LEU A 329 -42.06 -12.44 21.51
CA LEU A 329 -41.69 -13.19 22.71
C LEU A 329 -42.44 -14.51 22.78
N ALA A 330 -43.72 -14.50 22.42
CA ALA A 330 -44.50 -15.73 22.46
C ALA A 330 -43.99 -16.75 21.44
N SER A 331 -43.44 -16.29 20.32
CA SER A 331 -43.00 -17.18 19.25
C SER A 331 -41.56 -17.66 19.41
N ASN A 332 -40.90 -17.33 20.51
CA ASN A 332 -39.51 -17.74 20.75
C ASN A 332 -38.58 -17.17 19.69
N GLN A 333 -38.83 -15.95 19.25
CA GLN A 333 -38.00 -15.28 18.25
C GLN A 333 -37.09 -14.21 18.84
N VAL A 334 -37.26 -13.85 20.10
CA VAL A 334 -36.45 -12.78 20.70
C VAL A 334 -35.14 -13.38 21.21
N LYS A 335 -34.04 -12.73 20.85
CA LYS A 335 -32.71 -13.18 21.26
C LYS A 335 -32.15 -12.40 22.43
N PHE A 336 -32.39 -11.09 22.53
CA PHE A 336 -31.93 -10.34 23.69
C PHE A 336 -33.03 -9.40 24.16
N TYR A 337 -32.96 -9.03 25.45
CA TYR A 337 -33.84 -8.04 26.04
C TYR A 337 -33.01 -7.05 26.85
N PHE A 338 -33.38 -5.77 26.80
CA PHE A 338 -32.65 -4.74 27.54
C PHE A 338 -33.61 -3.97 28.42
N ASN A 339 -33.33 -3.95 29.72
CA ASN A 339 -34.06 -3.15 30.69
C ASN A 339 -33.33 -1.82 30.84
N LYS A 340 -33.91 -0.76 30.28
CA LYS A 340 -33.23 0.54 30.23
C LYS A 340 -33.20 1.21 31.59
N ARG A 341 -34.21 0.98 32.43
CA ARG A 341 -34.26 1.64 33.73
C ARG A 341 -33.22 1.07 34.69
N LEU A 342 -32.85 -0.20 34.53
CA LEU A 342 -31.78 -0.80 35.31
C LEU A 342 -30.48 -0.93 34.53
N ASN A 343 -30.47 -0.55 33.25
CA ASN A 343 -29.29 -0.72 32.40
C ASN A 343 -28.80 -2.16 32.43
N GLN A 344 -29.71 -3.10 32.19
CA GLN A 344 -29.42 -4.51 32.32
C GLN A 344 -29.73 -5.24 31.02
N LEU A 345 -28.79 -6.06 30.55
CA LEU A 345 -28.97 -6.85 29.34
C LEU A 345 -29.16 -8.31 29.71
N THR A 346 -30.15 -8.95 29.10
CA THR A 346 -30.45 -10.35 29.34
C THR A 346 -30.48 -11.11 28.01
N ARG A 347 -29.84 -12.27 28.01
CA ARG A 347 -29.81 -13.15 26.85
C ARG A 347 -30.83 -14.25 27.03
N ILE A 348 -31.72 -14.41 26.06
CA ILE A 348 -32.81 -15.38 26.13
C ILE A 348 -32.28 -16.67 25.50
N ARG A 349 -31.69 -17.53 26.33
CA ARG A 349 -31.26 -18.83 25.85
C ARG A 349 -32.48 -19.69 25.55
N GLN A 350 -32.39 -20.48 24.49
CA GLN A 350 -33.49 -21.38 24.14
C GLN A 350 -33.55 -22.52 25.14
N GLY A 351 -34.73 -22.76 25.70
CA GLY A 351 -34.90 -23.77 26.71
C GLY A 351 -34.58 -23.33 28.12
N LYS A 352 -34.07 -22.11 28.29
CA LYS A 352 -33.74 -21.60 29.62
C LYS A 352 -33.75 -20.08 29.57
N PHE A 353 -34.64 -19.46 30.33
CA PHE A 353 -34.66 -18.00 30.47
C PHE A 353 -35.67 -17.65 31.55
N ILE A 354 -35.77 -16.35 31.84
CA ILE A 354 -36.55 -15.83 32.96
C ILE A 354 -37.74 -15.07 32.41
N LYS A 355 -38.93 -15.41 32.90
CA LYS A 355 -40.16 -14.78 32.43
C LYS A 355 -40.53 -13.55 33.25
N ASN A 356 -40.56 -13.69 34.58
CA ASN A 356 -40.95 -12.58 35.43
C ASN A 356 -40.00 -11.39 35.27
N LYS A 357 -38.75 -11.65 34.90
CA LYS A 357 -37.77 -10.59 34.73
C LYS A 357 -38.07 -9.71 33.52
N ILE A 358 -39.00 -10.11 32.66
CA ILE A 358 -39.31 -9.37 31.44
C ILE A 358 -40.62 -8.64 31.67
N HIS A 359 -40.52 -7.39 32.08
CA HIS A 359 -41.66 -6.48 32.18
C HIS A 359 -41.38 -5.31 31.23
N LEU A 360 -42.03 -5.32 30.07
CA LEU A 360 -41.73 -4.36 29.02
C LEU A 360 -42.30 -3.00 29.36
N LEU A 361 -41.45 -1.98 29.33
CA LEU A 361 -41.84 -0.59 29.56
C LEU A 361 -41.26 0.28 28.45
N PRO A 362 -41.89 1.40 28.14
CA PRO A 362 -41.38 2.27 27.08
C PRO A 362 -39.93 2.68 27.36
N GLY A 363 -39.12 2.64 26.32
CA GLY A 363 -37.70 2.90 26.41
C GLY A 363 -36.83 1.66 26.42
N ASP A 364 -37.41 0.50 26.70
CA ASP A 364 -36.68 -0.75 26.59
C ASP A 364 -36.61 -1.17 25.12
N TRP A 365 -35.86 -2.24 24.85
CA TRP A 365 -35.84 -2.80 23.51
C TRP A 365 -35.54 -4.29 23.56
N VAL A 366 -35.88 -4.96 22.46
CA VAL A 366 -35.58 -6.37 22.26
C VAL A 366 -34.78 -6.50 20.98
N GLU A 367 -34.06 -7.62 20.87
CA GLU A 367 -33.21 -7.88 19.71
C GLU A 367 -33.56 -9.23 19.11
N VAL A 368 -33.84 -9.21 17.80
CA VAL A 368 -34.24 -10.38 17.01
C VAL A 368 -33.29 -10.54 15.83
N ALA A 369 -33.50 -11.56 15.01
CA ALA A 369 -32.64 -11.78 13.85
C ALA A 369 -32.86 -10.71 12.79
N VAL A 370 -31.78 -10.32 12.12
CA VAL A 370 -31.84 -9.20 11.17
C VAL A 370 -32.74 -9.56 9.99
N GLN A 371 -33.52 -8.58 9.53
CA GLN A 371 -34.56 -8.78 8.54
C GLN A 371 -34.20 -8.12 7.22
N GLU A 372 -34.87 -8.57 6.15
CA GLU A 372 -34.63 -8.00 4.83
C GLU A 372 -35.09 -6.56 4.75
N TYR A 373 -34.39 -5.78 3.92
CA TYR A 373 -34.60 -4.37 3.65
C TYR A 373 -34.17 -3.47 4.82
N THR A 374 -33.58 -4.03 5.87
CA THR A 374 -32.85 -3.23 6.84
C THR A 374 -31.58 -2.70 6.20
N SER A 375 -31.23 -1.46 6.52
CA SER A 375 -30.00 -0.86 5.99
C SER A 375 -28.79 -1.37 6.76
N ILE A 376 -27.68 -1.55 6.04
CA ILE A 376 -26.42 -1.94 6.66
C ILE A 376 -25.29 -1.19 5.97
N ILE A 377 -24.24 -0.87 6.74
CA ILE A 377 -23.09 -0.14 6.22
C ILE A 377 -22.03 -1.15 5.79
N PHE A 378 -21.48 -0.97 4.60
CA PHE A 378 -20.49 -1.91 4.11
C PHE A 378 -19.52 -1.21 3.17
N GLY A 379 -18.36 -1.85 2.97
CA GLY A 379 -17.35 -1.27 2.12
C GLY A 379 -16.18 -2.19 1.86
N ARG A 380 -15.27 -1.69 1.02
CA ARG A 380 -14.03 -2.36 0.63
C ARG A 380 -12.85 -1.45 0.96
N GLN A 381 -11.82 -2.02 1.60
CA GLN A 381 -10.63 -1.26 1.94
C GLN A 381 -9.58 -1.37 0.83
N PRO A 382 -8.71 -0.36 0.67
CA PRO A 382 -8.60 0.88 1.45
C PRO A 382 -9.68 1.89 1.11
N SER A 383 -10.10 2.71 2.08
CA SER A 383 -11.21 3.65 1.89
C SER A 383 -10.63 4.99 1.44
N LEU A 384 -10.36 5.09 0.14
CA LEU A 384 -9.71 6.29 -0.39
C LEU A 384 -10.66 7.46 -0.53
N HIS A 385 -11.93 7.23 -0.85
CA HIS A 385 -12.86 8.34 -1.01
C HIS A 385 -14.25 7.91 -0.53
N ARG A 386 -15.19 8.84 -0.64
CA ARG A 386 -16.50 8.74 -0.01
C ARG A 386 -17.24 7.46 -0.39
N TYR A 387 -17.06 7.00 -1.63
CA TYR A 387 -17.90 5.94 -2.17
C TYR A 387 -17.46 4.54 -1.74
N ASN A 388 -16.40 4.41 -0.96
CA ASN A 388 -15.98 3.11 -0.47
C ASN A 388 -16.77 2.63 0.74
N VAL A 389 -17.62 3.47 1.34
CA VAL A 389 -18.38 3.11 2.53
C VAL A 389 -19.80 3.61 2.33
N ILE A 390 -20.75 2.69 2.12
CA ILE A 390 -22.12 3.08 1.82
C ILE A 390 -23.11 2.21 2.59
N ALA A 391 -24.35 2.69 2.66
CA ALA A 391 -25.43 2.00 3.37
C ALA A 391 -26.48 1.53 2.38
N SER A 392 -26.78 0.23 2.41
CA SER A 392 -27.67 -0.37 1.41
C SER A 392 -28.66 -1.32 2.07
N SER A 393 -29.70 -1.66 1.32
CA SER A 393 -30.77 -2.54 1.79
C SER A 393 -30.36 -4.00 1.68
N ILE A 394 -30.70 -4.78 2.70
CA ILE A 394 -30.31 -6.18 2.78
C ILE A 394 -31.26 -7.04 1.94
N ARG A 395 -30.69 -7.96 1.17
CA ARG A 395 -31.45 -8.99 0.49
C ARG A 395 -30.82 -10.35 0.80
N ALA A 396 -31.67 -11.35 1.02
CA ALA A 396 -31.19 -12.69 1.34
C ALA A 396 -30.71 -13.39 0.07
N THR A 397 -29.52 -13.98 0.13
CA THR A 397 -28.93 -14.65 -1.02
C THR A 397 -28.30 -15.97 -0.58
N GLU A 398 -27.88 -16.76 -1.57
CA GLU A 398 -27.33 -18.09 -1.34
C GLU A 398 -25.81 -18.04 -1.25
N GLY A 399 -25.24 -19.11 -0.70
CA GLY A 399 -23.80 -19.22 -0.55
C GLY A 399 -23.28 -18.51 0.68
N ASP A 400 -21.96 -18.45 0.77
CA ASP A 400 -21.28 -17.81 1.89
C ASP A 400 -20.56 -16.52 1.50
N THR A 401 -20.84 -15.98 0.32
CA THR A 401 -20.21 -14.75 -0.15
C THR A 401 -21.19 -13.58 -0.06
N ILE A 402 -20.64 -12.39 0.08
CA ILE A 402 -21.42 -11.16 0.00
C ILE A 402 -21.55 -10.76 -1.46
N LYS A 403 -22.78 -10.50 -1.90
CA LYS A 403 -23.06 -10.25 -3.31
C LYS A 403 -23.33 -8.77 -3.54
N ILE A 404 -22.71 -8.21 -4.59
CA ILE A 404 -22.90 -6.83 -4.99
C ILE A 404 -23.28 -6.79 -6.46
N SER A 405 -23.92 -5.70 -6.84
CA SER A 405 -24.15 -5.46 -8.26
C SER A 405 -22.87 -5.00 -8.93
N PRO A 406 -22.55 -5.52 -10.13
CA PRO A 406 -21.38 -5.00 -10.85
C PRO A 406 -21.46 -3.51 -11.15
N GLY A 407 -22.64 -2.90 -11.00
CA GLY A 407 -22.79 -1.47 -11.25
C GLY A 407 -22.04 -0.58 -10.28
N ILE A 408 -21.65 -1.09 -9.12
CA ILE A 408 -20.90 -0.32 -8.14
C ILE A 408 -19.44 -0.70 -8.09
N ALA A 409 -18.99 -1.64 -8.92
CA ALA A 409 -17.64 -2.17 -8.79
C ALA A 409 -16.58 -1.10 -9.01
N ASN A 410 -16.76 -0.25 -10.03
CA ASN A 410 -15.75 0.76 -10.34
C ASN A 410 -15.61 1.77 -9.19
N SER A 411 -16.72 2.20 -8.60
CA SER A 411 -16.65 3.22 -7.57
C SER A 411 -15.87 2.73 -6.34
N GLN A 412 -15.83 1.42 -6.13
CA GLN A 412 -15.06 0.83 -5.04
C GLN A 412 -13.73 0.28 -5.50
N ASN A 413 -13.42 0.35 -6.79
CA ASN A 413 -12.20 -0.24 -7.35
C ASN A 413 -12.11 -1.73 -7.01
N ALA A 414 -13.21 -2.44 -7.22
CA ALA A 414 -13.35 -3.84 -6.81
C ALA A 414 -13.44 -4.75 -8.03
N ASP A 415 -12.97 -5.99 -7.84
CA ASP A 415 -13.17 -7.06 -8.83
C ASP A 415 -13.38 -8.36 -8.07
N PHE A 416 -13.52 -9.46 -8.81
CA PHE A 416 -13.95 -10.71 -8.20
C PHE A 416 -12.90 -11.81 -8.34
N ASP A 417 -11.63 -11.49 -8.06
CA ASP A 417 -10.56 -12.47 -8.03
C ASP A 417 -10.06 -12.76 -6.62
N GLY A 418 -10.91 -12.53 -5.61
CA GLY A 418 -10.55 -12.84 -4.24
C GLY A 418 -10.73 -11.70 -3.27
N ASP A 419 -11.33 -10.60 -3.73
CA ASP A 419 -11.54 -9.44 -2.87
C ASP A 419 -12.49 -9.77 -1.73
N GLU A 420 -12.35 -9.05 -0.62
CA GLU A 420 -13.22 -9.19 0.54
C GLU A 420 -13.80 -7.82 0.88
N GLU A 421 -14.95 -7.86 1.55
CA GLU A 421 -15.61 -6.64 2.01
C GLU A 421 -16.16 -6.85 3.41
N TRP A 422 -16.35 -5.72 4.12
CA TRP A 422 -16.73 -5.73 5.52
C TRP A 422 -18.06 -4.99 5.72
N MET A 423 -18.77 -5.39 6.78
CA MET A 423 -20.10 -4.90 7.11
C MET A 423 -20.19 -4.55 8.59
N ILE A 424 -20.96 -3.50 8.89
CA ILE A 424 -21.33 -3.13 10.26
C ILE A 424 -22.78 -2.69 10.31
N LEU A 425 -23.42 -2.96 11.44
CA LEU A 425 -24.84 -2.69 11.66
C LEU A 425 -24.97 -1.74 12.85
N GLU A 426 -25.54 -0.57 12.61
CA GLU A 426 -25.77 0.44 13.65
C GLU A 426 -27.26 0.78 13.68
N GLN A 427 -27.88 0.69 14.85
CA GLN A 427 -29.33 0.70 14.95
C GLN A 427 -29.89 1.84 15.81
N ASN A 428 -29.08 2.80 16.20
CA ASN A 428 -29.62 3.99 16.87
C ASN A 428 -30.56 4.71 15.90
N PRO A 429 -31.75 5.14 16.34
CA PRO A 429 -32.71 5.71 15.37
C PRO A 429 -32.19 6.89 14.57
N LYS A 430 -31.43 7.80 15.20
CA LYS A 430 -30.86 8.92 14.44
C LYS A 430 -29.93 8.39 13.35
N ALA A 431 -29.08 7.44 13.71
CA ALA A 431 -28.19 6.82 12.73
C ALA A 431 -29.00 6.14 11.63
N VAL A 432 -30.13 5.53 11.97
CA VAL A 432 -30.96 4.87 10.96
C VAL A 432 -31.47 5.87 9.94
N ILE A 433 -31.97 7.02 10.41
CA ILE A 433 -32.46 8.03 9.49
C ILE A 433 -31.33 8.55 8.60
N GLU A 434 -30.17 8.83 9.20
CA GLU A 434 -29.05 9.33 8.42
C GLU A 434 -28.61 8.32 7.36
N GLN A 435 -28.57 7.04 7.73
CA GLN A 435 -28.25 6.01 6.75
C GLN A 435 -29.27 5.96 5.63
N SER A 436 -30.55 6.08 5.98
CA SER A 436 -31.60 5.96 4.97
C SER A 436 -31.57 7.12 3.99
N ILE A 437 -31.09 8.29 4.38
CA ILE A 437 -31.11 9.44 3.47
C ILE A 437 -29.74 9.75 2.92
N LEU A 438 -28.76 10.02 3.79
CA LEU A 438 -27.50 10.59 3.33
C LEU A 438 -26.57 9.58 2.68
N MET A 439 -26.57 8.32 3.12
CA MET A 439 -25.63 7.33 2.64
C MET A 439 -26.24 6.38 1.60
N TYR A 440 -27.47 6.65 1.17
CA TYR A 440 -28.13 5.77 0.22
C TYR A 440 -27.55 5.96 -1.18
N PRO A 441 -27.30 4.89 -1.94
CA PRO A 441 -26.63 5.06 -3.24
C PRO A 441 -27.31 6.01 -4.19
N THR A 442 -28.65 6.04 -4.22
CA THR A 442 -29.33 6.97 -5.12
C THR A 442 -28.97 8.42 -4.81
N THR A 443 -28.72 8.74 -3.54
CA THR A 443 -28.33 10.10 -3.19
C THR A 443 -26.90 10.42 -3.62
N LEU A 444 -26.07 9.41 -3.86
CA LEU A 444 -24.66 9.60 -4.15
C LEU A 444 -24.34 9.55 -5.64
N LEU A 445 -25.36 9.65 -6.50
CA LEU A 445 -25.17 9.29 -7.91
C LEU A 445 -24.09 10.15 -8.57
N LYS A 446 -24.13 11.46 -8.39
CA LYS A 446 -23.27 12.37 -9.13
C LYS A 446 -22.03 12.72 -8.33
N HIS A 447 -20.87 12.63 -8.97
CA HIS A 447 -19.60 12.86 -8.29
C HIS A 447 -19.52 14.28 -7.75
N ASP A 448 -18.90 14.43 -6.59
CA ASP A 448 -18.90 15.70 -5.88
C ASP A 448 -18.19 16.80 -6.67
N ILE A 449 -17.10 16.47 -7.35
CA ILE A 449 -16.28 17.49 -7.99
C ILE A 449 -16.65 17.67 -9.45
N HIS A 450 -16.52 16.61 -10.26
CA HIS A 450 -16.75 16.77 -11.70
C HIS A 450 -18.15 16.41 -12.13
N GLY A 451 -18.97 15.83 -11.26
CA GLY A 451 -20.41 15.73 -11.50
C GLY A 451 -20.86 14.57 -12.37
N ALA A 452 -19.97 13.71 -12.83
CA ALA A 452 -20.40 12.59 -13.64
C ALA A 452 -20.90 11.45 -12.76
N PRO A 453 -21.80 10.60 -13.27
CA PRO A 453 -22.31 9.48 -12.46
C PRO A 453 -21.19 8.53 -12.06
N VAL A 454 -21.33 7.97 -10.85
CA VAL A 454 -20.33 7.05 -10.31
C VAL A 454 -20.73 5.59 -10.49
N TYR A 455 -21.88 5.31 -11.09
CA TYR A 455 -22.34 3.95 -11.34
C TYR A 455 -22.62 3.77 -12.83
N GLY A 456 -22.38 2.57 -13.34
CA GLY A 456 -22.59 2.34 -14.77
C GLY A 456 -22.24 0.91 -15.15
N SER A 457 -22.14 0.69 -16.46
CA SER A 457 -21.86 -0.61 -17.04
C SER A 457 -20.36 -0.87 -17.16
N ILE A 458 -19.99 -2.14 -17.38
CA ILE A 458 -18.59 -2.53 -17.45
C ILE A 458 -18.39 -3.63 -18.49
N GLN A 459 -17.16 -3.72 -19.00
CA GLN A 459 -16.63 -4.89 -19.70
C GLN A 459 -17.54 -5.25 -20.88
N ASP A 460 -18.01 -6.49 -20.99
CA ASP A 460 -18.69 -6.92 -22.22
C ASP A 460 -19.99 -6.18 -22.43
N GLU A 461 -20.62 -5.68 -21.36
CA GLU A 461 -21.80 -4.83 -21.53
C GLU A 461 -21.52 -3.72 -22.52
N ILE A 462 -20.35 -3.10 -22.43
CA ILE A 462 -20.01 -2.02 -23.35
C ILE A 462 -20.18 -2.49 -24.79
N VAL A 463 -19.59 -3.63 -25.12
CA VAL A 463 -19.71 -4.14 -26.48
C VAL A 463 -21.17 -4.36 -26.82
N ALA A 464 -21.93 -4.96 -25.90
CA ALA A 464 -23.34 -5.17 -26.14
C ALA A 464 -24.01 -3.87 -26.53
N ALA A 465 -23.77 -2.80 -25.75
CA ALA A 465 -24.37 -1.52 -26.07
C ALA A 465 -24.02 -1.13 -27.49
N TYR A 466 -22.74 -1.19 -27.83
CA TYR A 466 -22.30 -0.81 -29.17
C TYR A 466 -23.03 -1.61 -30.23
N SER A 467 -23.22 -2.91 -30.00
CA SER A 467 -23.88 -3.73 -31.00
C SER A 467 -25.37 -3.43 -31.06
N LEU A 468 -25.99 -3.16 -29.90
CA LEU A 468 -27.44 -2.99 -29.88
C LEU A 468 -27.86 -1.81 -30.73
N PHE A 469 -27.09 -0.73 -30.69
CA PHE A 469 -27.39 0.46 -31.46
C PHE A 469 -27.30 0.24 -32.97
N ARG A 470 -26.66 -0.86 -33.42
CA ARG A 470 -26.41 -1.05 -34.84
C ARG A 470 -27.31 -2.09 -35.50
N ILE A 471 -28.01 -2.92 -34.74
CA ILE A 471 -28.87 -3.94 -35.33
C ILE A 471 -30.06 -3.27 -36.02
N GLN A 472 -30.45 -3.83 -37.18
CA GLN A 472 -31.32 -3.09 -38.10
C GLN A 472 -32.69 -3.70 -38.32
N ASP A 473 -32.80 -4.96 -38.75
CA ASP A 473 -34.08 -5.49 -39.23
C ASP A 473 -34.66 -6.47 -38.22
N LEU A 474 -35.56 -5.98 -37.38
CA LEU A 474 -36.16 -6.76 -36.32
C LEU A 474 -37.67 -6.72 -36.43
N CYS A 475 -38.31 -7.86 -36.20
CA CYS A 475 -39.76 -7.89 -36.05
C CYS A 475 -40.14 -7.57 -34.62
N LEU A 476 -41.43 -7.42 -34.37
CA LEU A 476 -41.88 -7.03 -33.04
C LEU A 476 -41.51 -8.08 -32.00
N ASP A 477 -41.60 -9.36 -32.36
CA ASP A 477 -41.27 -10.41 -31.41
C ASP A 477 -39.81 -10.33 -30.96
N GLU A 478 -38.90 -10.05 -31.88
CA GLU A 478 -37.49 -9.94 -31.50
C GLU A 478 -37.24 -8.75 -30.61
N VAL A 479 -37.89 -7.61 -30.91
CA VAL A 479 -37.76 -6.44 -30.04
C VAL A 479 -38.24 -6.76 -28.64
N LEU A 480 -39.39 -7.43 -28.53
CA LEU A 480 -39.92 -7.73 -27.20
C LEU A 480 -39.08 -8.77 -26.48
N ASN A 481 -38.49 -9.72 -27.21
CA ASN A 481 -37.56 -10.64 -26.58
C ASN A 481 -36.36 -9.91 -26.00
N ILE A 482 -35.84 -8.92 -26.71
CA ILE A 482 -34.74 -8.12 -26.17
C ILE A 482 -35.20 -7.34 -24.94
N LEU A 483 -36.39 -6.74 -25.00
CA LEU A 483 -36.81 -5.84 -23.93
C LEU A 483 -37.19 -6.60 -22.65
N GLY A 484 -37.67 -7.83 -22.77
CA GLY A 484 -37.96 -8.61 -21.58
C GLY A 484 -39.07 -8.00 -20.74
N LYS A 485 -38.84 -7.90 -19.44
CA LYS A 485 -39.88 -7.43 -18.52
C LYS A 485 -40.17 -5.95 -18.65
N TYR A 486 -39.36 -5.19 -19.38
CA TYR A 486 -39.62 -3.78 -19.65
C TYR A 486 -40.39 -3.56 -20.95
N GLY A 487 -40.84 -4.62 -21.59
CA GLY A 487 -41.55 -4.51 -22.85
C GLY A 487 -43.05 -4.28 -22.74
N ARG A 488 -43.59 -4.17 -21.53
CA ARG A 488 -45.04 -4.04 -21.40
C ARG A 488 -45.53 -2.73 -22.01
N GLU A 489 -44.79 -1.64 -21.82
CA GLU A 489 -45.23 -0.32 -22.25
C GLU A 489 -44.72 0.06 -23.64
N PHE A 490 -44.01 -0.83 -24.33
CA PHE A 490 -43.51 -0.49 -25.66
C PHE A 490 -44.67 -0.25 -26.61
N ASP A 491 -44.53 0.77 -27.45
CA ASP A 491 -45.60 1.20 -28.36
C ASP A 491 -45.17 1.01 -29.79
N PRO A 492 -45.65 -0.05 -30.47
CA PRO A 492 -45.39 -0.19 -31.91
C PRO A 492 -46.36 0.67 -32.72
N LYS A 493 -46.00 1.94 -32.87
CA LYS A 493 -46.93 2.95 -33.37
C LYS A 493 -47.69 2.47 -34.60
N GLY A 494 -46.99 2.25 -35.70
CA GLY A 494 -47.62 1.65 -36.87
C GLY A 494 -46.65 0.78 -37.67
N LYS A 495 -45.46 0.57 -37.13
CA LYS A 495 -44.38 -0.06 -37.87
C LYS A 495 -44.46 -1.57 -37.80
N CYS A 496 -43.76 -2.22 -38.72
CA CYS A 496 -43.55 -3.66 -38.68
C CYS A 496 -42.09 -4.06 -38.60
N LYS A 497 -41.16 -3.17 -38.91
CA LYS A 497 -39.74 -3.40 -38.77
C LYS A 497 -39.14 -2.36 -37.83
N PHE A 498 -38.16 -2.76 -37.04
CA PHE A 498 -37.61 -1.92 -35.99
C PHE A 498 -36.09 -2.00 -36.01
N SER A 499 -35.46 -0.96 -35.47
CA SER A 499 -34.02 -0.82 -35.41
C SER A 499 -33.58 -0.67 -33.96
N GLY A 500 -32.26 -0.76 -33.74
CA GLY A 500 -31.74 -0.54 -32.40
C GLY A 500 -31.94 0.88 -31.93
N LYS A 501 -31.98 1.83 -32.86
CA LYS A 501 -32.25 3.22 -32.48
C LYS A 501 -33.63 3.34 -31.84
N ASP A 502 -34.61 2.59 -32.33
CA ASP A 502 -35.93 2.61 -31.72
C ASP A 502 -35.87 2.12 -30.28
N ILE A 503 -35.10 1.05 -30.02
CA ILE A 503 -34.96 0.55 -28.67
C ILE A 503 -34.32 1.60 -27.77
N TYR A 504 -33.27 2.27 -28.26
CA TYR A 504 -32.63 3.30 -27.44
C TYR A 504 -33.58 4.46 -27.18
N THR A 505 -34.35 4.87 -28.18
CA THR A 505 -35.32 5.95 -27.96
C THR A 505 -36.34 5.56 -26.91
N TYR A 506 -36.81 4.31 -26.95
CA TYR A 506 -37.75 3.86 -25.91
C TYR A 506 -37.10 3.87 -24.53
N LEU A 507 -35.85 3.42 -24.43
CA LEU A 507 -35.17 3.42 -23.13
C LEU A 507 -35.01 4.83 -22.59
N ILE A 508 -34.66 5.78 -23.45
CA ILE A 508 -34.61 7.20 -23.08
C ILE A 508 -36.03 7.74 -23.29
N GLY A 509 -36.86 7.63 -22.27
CA GLY A 509 -38.24 8.05 -22.41
C GLY A 509 -38.44 9.53 -22.15
N GLU A 510 -37.70 10.37 -22.85
CA GLU A 510 -37.74 11.81 -22.60
C GLU A 510 -37.28 12.53 -23.86
N LYS A 511 -37.96 13.63 -24.18
CA LYS A 511 -37.66 14.42 -25.38
C LYS A 511 -36.80 15.62 -24.97
N ILE A 512 -35.48 15.43 -24.96
CA ILE A 512 -34.55 16.46 -24.56
C ILE A 512 -33.46 16.59 -25.62
N ASN A 513 -32.80 17.74 -25.63
CA ASN A 513 -31.73 18.04 -26.57
C ASN A 513 -30.44 18.26 -25.82
N TYR A 514 -29.33 17.91 -26.47
CA TYR A 514 -28.01 18.22 -25.96
C TYR A 514 -27.03 18.21 -27.12
N PRO A 515 -26.28 19.29 -27.35
CA PRO A 515 -25.47 19.38 -28.57
C PRO A 515 -24.54 18.19 -28.70
N GLY A 516 -24.54 17.58 -29.88
CA GLY A 516 -23.89 16.28 -30.00
C GLY A 516 -24.89 15.15 -29.81
N LEU A 517 -25.02 14.69 -28.57
CA LEU A 517 -25.68 13.43 -28.29
C LEU A 517 -27.11 13.38 -28.83
N LEU A 518 -27.99 14.23 -28.30
CA LEU A 518 -29.43 14.01 -28.40
C LEU A 518 -30.13 15.11 -29.19
N LYS A 519 -31.22 14.74 -29.86
CA LYS A 519 -32.12 15.69 -30.48
C LYS A 519 -33.53 15.12 -30.39
N ASP A 520 -34.39 15.78 -29.62
CA ASP A 520 -35.77 15.32 -29.40
C ASP A 520 -35.80 13.91 -28.83
N GLY A 521 -34.84 13.61 -27.95
CA GLY A 521 -34.81 12.33 -27.27
C GLY A 521 -34.25 11.18 -28.08
N GLU A 522 -33.65 11.44 -29.23
CA GLU A 522 -33.07 10.39 -30.07
C GLU A 522 -31.58 10.65 -30.25
N ILE A 523 -30.80 9.57 -30.20
CA ILE A 523 -29.35 9.71 -30.34
C ILE A 523 -29.02 10.05 -31.78
N ILE A 524 -28.22 11.11 -31.96
CA ILE A 524 -27.80 11.55 -33.29
C ILE A 524 -26.30 11.37 -33.51
N ALA A 525 -25.59 10.77 -32.56
CA ALA A 525 -24.20 10.42 -32.79
C ALA A 525 -24.10 9.20 -33.70
N ASN A 526 -22.89 8.94 -34.19
CA ASN A 526 -22.71 7.84 -35.13
C ASN A 526 -22.78 6.49 -34.42
N ASP A 527 -22.25 6.40 -33.20
CA ASP A 527 -22.20 5.13 -32.49
C ASP A 527 -22.30 5.39 -30.99
N VAL A 528 -22.66 4.34 -30.26
CA VAL A 528 -22.64 4.33 -28.80
C VAL A 528 -21.38 3.63 -28.35
N ASP A 529 -20.61 4.27 -27.47
CA ASP A 529 -19.32 3.73 -27.04
C ASP A 529 -19.19 3.90 -25.53
N SER A 530 -17.98 3.67 -25.02
CA SER A 530 -17.76 3.63 -23.57
C SER A 530 -18.20 4.93 -22.90
N ASN A 531 -17.98 6.07 -23.56
CA ASN A 531 -18.26 7.35 -22.93
C ASN A 531 -19.75 7.57 -22.66
N PHE A 532 -20.62 6.74 -23.23
CA PHE A 532 -22.06 6.90 -23.02
C PHE A 532 -22.59 6.14 -21.82
N VAL A 533 -21.93 5.07 -21.38
CA VAL A 533 -22.55 4.13 -20.44
C VAL A 533 -21.65 3.78 -19.26
N VAL A 534 -20.38 4.15 -19.31
CA VAL A 534 -19.45 3.78 -18.25
C VAL A 534 -19.42 4.87 -17.20
N ALA A 535 -19.13 4.48 -15.96
CA ALA A 535 -19.09 5.42 -14.85
C ALA A 535 -17.91 6.38 -14.97
N MET A 536 -18.14 7.61 -14.52
CA MET A 536 -17.12 8.66 -14.49
C MET A 536 -16.79 9.20 -15.88
N ARG A 537 -17.74 9.17 -16.81
CA ARG A 537 -17.51 9.63 -18.17
C ARG A 537 -18.35 10.86 -18.46
N HIS A 538 -17.90 11.67 -19.41
CA HIS A 538 -18.42 13.02 -19.61
C HIS A 538 -19.60 13.08 -20.58
N LEU A 539 -20.01 11.96 -21.19
CA LEU A 539 -21.14 11.94 -22.10
C LEU A 539 -22.23 10.99 -21.63
N SER A 540 -22.31 10.75 -20.33
CA SER A 540 -23.25 9.76 -19.80
C SER A 540 -24.69 10.16 -20.08
N LEU A 541 -25.49 9.20 -20.55
CA LEU A 541 -26.92 9.46 -20.75
C LEU A 541 -27.65 9.57 -19.42
N ALA A 542 -27.30 8.72 -18.45
CA ALA A 542 -27.89 8.82 -17.12
C ALA A 542 -27.61 10.18 -16.50
N GLY A 543 -26.44 10.75 -16.77
CA GLY A 543 -26.15 12.08 -16.26
C GLY A 543 -27.08 13.14 -16.81
N LEU A 544 -27.35 13.09 -18.12
CA LEU A 544 -28.28 14.04 -18.71
C LEU A 544 -29.68 13.86 -18.15
N LEU A 545 -30.12 12.60 -17.99
CA LEU A 545 -31.45 12.37 -17.44
C LEU A 545 -31.55 12.89 -16.00
N SER A 546 -30.50 12.71 -15.21
CA SER A 546 -30.50 13.25 -13.85
C SER A 546 -30.53 14.78 -13.86
N ASP A 547 -29.74 15.40 -14.73
CA ASP A 547 -29.78 16.85 -14.83
C ASP A 547 -31.18 17.33 -15.19
N HIS A 548 -31.88 16.59 -16.04
CA HIS A 548 -33.21 17.01 -16.46
C HIS A 548 -34.21 16.96 -15.31
N LYS A 549 -34.28 15.83 -14.59
CA LYS A 549 -35.23 15.72 -13.50
C LYS A 549 -34.58 15.50 -12.14
N SER A 550 -33.88 14.39 -11.92
CA SER A 550 -33.46 14.03 -10.57
C SER A 550 -32.66 12.72 -10.62
N ASN A 551 -32.04 12.40 -9.48
CA ASN A 551 -31.20 11.19 -9.41
C ASN A 551 -32.04 9.92 -9.53
N VAL A 552 -33.32 9.96 -9.16
CA VAL A 552 -34.15 8.76 -9.27
C VAL A 552 -34.23 8.30 -10.72
N GLU A 553 -34.44 9.24 -11.65
CA GLU A 553 -34.52 8.90 -13.06
C GLU A 553 -33.19 8.33 -13.57
N GLY A 554 -32.07 8.91 -13.15
CA GLY A 554 -30.78 8.39 -13.58
C GLY A 554 -30.54 6.97 -13.09
N ILE A 555 -30.84 6.72 -11.82
CA ILE A 555 -30.65 5.37 -11.28
C ILE A 555 -31.55 4.37 -12.01
N ASN A 556 -32.80 4.78 -12.30
CA ASN A 556 -33.69 3.90 -13.03
C ASN A 556 -33.15 3.57 -14.40
N PHE A 557 -32.61 4.57 -15.11
CA PHE A 557 -32.05 4.30 -16.43
C PHE A 557 -30.88 3.35 -16.33
N ILE A 558 -30.01 3.53 -15.34
CA ILE A 558 -28.86 2.63 -15.20
C ILE A 558 -29.34 1.19 -15.02
N ILE A 559 -30.30 0.98 -14.12
CA ILE A 559 -30.80 -0.37 -13.87
C ILE A 559 -31.38 -0.98 -15.15
N LYS A 560 -32.26 -0.23 -15.81
CA LYS A 560 -32.96 -0.77 -16.97
C LYS A 560 -32.01 -1.07 -18.13
N SER A 561 -31.10 -0.14 -18.42
CA SER A 561 -30.18 -0.34 -19.54
C SER A 561 -29.25 -1.51 -19.27
N SER A 562 -28.78 -1.65 -18.03
CA SER A 562 -27.94 -2.81 -17.72
C SER A 562 -28.71 -4.11 -17.97
N TYR A 563 -29.97 -4.15 -17.54
CA TYR A 563 -30.78 -5.35 -17.76
C TYR A 563 -30.89 -5.69 -19.24
N VAL A 564 -31.17 -4.69 -20.08
CA VAL A 564 -31.37 -4.99 -21.50
C VAL A 564 -30.05 -5.36 -22.17
N PHE A 565 -28.95 -4.73 -21.78
CA PHE A 565 -27.66 -5.12 -22.35
C PHE A 565 -27.35 -6.58 -22.04
N LYS A 566 -27.61 -7.01 -20.81
CA LYS A 566 -27.34 -8.41 -20.48
C LYS A 566 -28.31 -9.35 -21.21
N ARG A 567 -29.54 -8.93 -21.46
CA ARG A 567 -30.42 -9.75 -22.28
C ARG A 567 -29.90 -9.89 -23.70
N TYR A 568 -29.35 -8.80 -24.25
CA TYR A 568 -28.74 -8.90 -25.57
C TYR A 568 -27.59 -9.91 -25.58
N LEU A 569 -26.75 -9.88 -24.54
CA LEU A 569 -25.69 -10.87 -24.44
C LEU A 569 -26.26 -12.28 -24.37
N SER A 570 -27.36 -12.46 -23.62
CA SER A 570 -27.97 -13.78 -23.52
C SER A 570 -28.47 -14.28 -24.86
N ILE A 571 -29.04 -13.39 -25.67
CA ILE A 571 -29.67 -13.82 -26.91
C ILE A 571 -28.62 -14.07 -28.00
N TYR A 572 -27.69 -13.13 -28.19
CA TYR A 572 -26.79 -13.19 -29.33
C TYR A 572 -25.39 -13.68 -28.99
N GLY A 573 -24.92 -13.47 -27.76
CA GLY A 573 -23.61 -13.96 -27.37
C GLY A 573 -22.48 -13.03 -27.78
N PHE A 574 -21.29 -13.33 -27.26
CA PHE A 574 -20.08 -12.61 -27.63
C PHE A 574 -18.86 -13.38 -27.19
N GLY A 575 -17.86 -13.46 -28.06
CA GLY A 575 -16.61 -14.11 -27.73
C GLY A 575 -15.54 -13.92 -28.78
N VAL A 576 -14.30 -13.68 -28.36
CA VAL A 576 -13.16 -13.49 -29.25
C VAL A 576 -12.43 -14.82 -29.38
N THR A 577 -11.98 -15.12 -30.60
CA THR A 577 -11.27 -16.37 -30.89
C THR A 577 -9.86 -16.07 -31.38
N PHE A 578 -9.06 -17.12 -31.49
CA PHE A 578 -7.70 -16.97 -32.00
C PHE A 578 -7.69 -16.58 -33.47
N LYS A 579 -8.68 -17.05 -34.24
CA LYS A 579 -8.73 -16.69 -35.66
C LYS A 579 -8.99 -15.21 -35.86
N ASP A 580 -9.66 -14.55 -34.91
CA ASP A 580 -9.85 -13.10 -35.01
C ASP A 580 -8.53 -12.36 -34.97
N LEU A 581 -7.53 -12.92 -34.27
CA LEU A 581 -6.25 -12.26 -34.10
C LEU A 581 -5.26 -12.60 -35.22
N ARG A 582 -5.20 -13.87 -35.63
CA ARG A 582 -4.19 -14.32 -36.59
C ARG A 582 -4.79 -15.41 -37.46
N PRO A 583 -5.58 -15.04 -38.47
CA PRO A 583 -6.16 -16.07 -39.36
C PRO A 583 -5.12 -16.89 -40.08
N ASN A 584 -4.02 -16.26 -40.48
CA ASN A 584 -2.93 -16.93 -41.19
C ASN A 584 -1.65 -16.14 -40.90
N SER A 585 -0.56 -16.51 -41.57
CA SER A 585 0.75 -15.95 -41.25
C SER A 585 1.21 -14.89 -42.23
N THR A 586 0.33 -14.38 -43.10
CA THR A 586 0.76 -13.45 -44.13
C THR A 586 1.23 -12.13 -43.53
N PHE A 587 0.36 -11.45 -42.78
CA PHE A 587 0.67 -10.12 -42.29
C PHE A 587 1.87 -10.13 -41.34
N THR A 588 1.90 -11.10 -40.41
CA THR A 588 3.00 -11.15 -39.46
C THR A 588 4.33 -11.42 -40.18
N ASN A 589 4.33 -12.30 -41.17
CA ASN A 589 5.55 -12.54 -41.94
C ASN A 589 6.01 -11.26 -42.64
N LYS A 590 5.08 -10.53 -43.25
CA LYS A 590 5.45 -9.29 -43.94
C LYS A 590 6.09 -8.30 -42.97
N LEU A 591 5.45 -8.09 -41.82
CA LEU A 591 5.97 -7.10 -40.89
C LEU A 591 7.32 -7.53 -40.30
N GLU A 592 7.48 -8.83 -40.05
CA GLU A 592 8.76 -9.34 -39.58
C GLU A 592 9.87 -9.08 -40.59
N ALA A 593 9.59 -9.31 -41.88
CA ALA A 593 10.59 -9.03 -42.90
C ALA A 593 10.95 -7.54 -42.94
N ILE A 594 9.94 -6.68 -42.82
CA ILE A 594 10.20 -5.25 -42.81
C ILE A 594 11.15 -4.88 -41.68
N ASN A 595 10.86 -5.39 -40.46
CA ASN A 595 11.71 -5.07 -39.32
C ASN A 595 13.13 -5.57 -39.54
N VAL A 596 13.28 -6.78 -40.05
CA VAL A 596 14.61 -7.35 -40.26
C VAL A 596 15.41 -6.48 -41.22
N GLU A 597 14.77 -5.99 -42.28
CA GLU A 597 15.48 -5.13 -43.23
C GLU A 597 15.88 -3.80 -42.58
N LYS A 598 14.93 -3.15 -41.91
CA LYS A 598 15.18 -1.80 -41.43
C LYS A 598 16.24 -1.76 -40.34
N ILE A 599 16.24 -2.75 -39.44
CA ILE A 599 17.23 -2.72 -38.36
C ILE A 599 18.64 -2.82 -38.95
N GLU A 600 18.83 -3.67 -39.96
CA GLU A 600 20.12 -3.78 -40.60
C GLU A 600 20.53 -2.49 -41.30
N LEU A 601 19.56 -1.81 -41.92
CA LEU A 601 19.86 -0.51 -42.52
C LEU A 601 20.39 0.46 -41.46
N ILE A 602 19.73 0.50 -40.31
CA ILE A 602 20.16 1.42 -39.25
C ILE A 602 21.56 1.08 -38.78
N LYS A 603 21.84 -0.21 -38.59
CA LYS A 603 23.17 -0.61 -38.15
C LYS A 603 24.24 -0.21 -39.17
N GLU A 604 23.95 -0.37 -40.46
CA GLU A 604 24.91 0.01 -41.48
C GLU A 604 25.19 1.51 -41.44
N ALA A 605 24.14 2.33 -41.29
CA ALA A 605 24.36 3.77 -41.22
C ALA A 605 25.23 4.14 -40.02
N TYR A 606 24.94 3.55 -38.87
CA TYR A 606 25.73 3.85 -37.68
C TYR A 606 27.18 3.43 -37.87
N ALA A 607 27.40 2.27 -38.48
CA ALA A 607 28.76 1.80 -38.73
C ALA A 607 29.50 2.75 -39.67
N LYS A 608 28.81 3.26 -40.68
CA LYS A 608 29.45 4.22 -41.58
C LYS A 608 29.91 5.46 -40.83
N TYR A 609 29.04 6.00 -39.96
CA TYR A 609 29.44 7.16 -39.18
C TYR A 609 30.64 6.85 -38.30
N LEU A 610 30.61 5.70 -37.61
CA LEU A 610 31.70 5.35 -36.72
C LEU A 610 33.01 5.19 -37.49
N ASN A 611 32.96 4.57 -38.67
CA ASN A 611 34.16 4.40 -39.47
C ASN A 611 34.71 5.74 -39.91
N ASP A 612 33.84 6.67 -40.31
CA ASP A 612 34.33 7.99 -40.71
C ASP A 612 34.99 8.69 -39.54
N VAL A 613 34.42 8.60 -38.34
CA VAL A 613 35.04 9.24 -37.18
C VAL A 613 36.38 8.58 -36.87
N ARG A 614 36.44 7.25 -36.96
CA ARG A 614 37.67 6.53 -36.63
C ARG A 614 38.84 6.99 -37.49
N ASP A 615 38.56 7.50 -38.67
CA ASP A 615 39.56 8.15 -39.50
C ASP A 615 39.46 9.66 -39.34
N GLY A 616 40.33 10.38 -40.02
CA GLY A 616 40.33 11.82 -39.93
C GLY A 616 39.47 12.49 -40.99
N LYS A 617 38.16 12.23 -40.95
CA LYS A 617 37.25 12.81 -41.92
C LYS A 617 36.18 13.70 -41.31
N ILE A 618 35.84 13.51 -40.03
CA ILE A 618 34.87 14.36 -39.36
C ILE A 618 35.20 14.36 -37.87
N VAL A 619 34.87 15.47 -37.21
CA VAL A 619 35.04 15.56 -35.76
C VAL A 619 33.89 14.79 -35.11
N PRO A 620 34.14 14.02 -34.06
CA PRO A 620 33.05 13.25 -33.44
C PRO A 620 32.01 14.14 -32.79
N LEU A 621 30.81 13.59 -32.65
CA LEU A 621 29.74 14.23 -31.90
C LEU A 621 29.95 14.03 -30.40
N SER A 622 29.17 14.77 -29.61
CA SER A 622 29.08 14.48 -28.20
C SER A 622 28.33 13.18 -27.98
N LYS A 623 28.50 12.61 -26.78
CA LYS A 623 27.78 11.38 -26.45
C LYS A 623 26.27 11.59 -26.50
N ALA A 624 25.80 12.72 -25.94
CA ALA A 624 24.37 12.98 -25.91
C ALA A 624 23.77 13.09 -27.31
N LEU A 625 24.44 13.83 -28.20
CA LEU A 625 23.92 14.01 -29.55
C LEU A 625 23.91 12.68 -30.32
N GLU A 626 24.97 11.89 -30.16
CA GLU A 626 25.01 10.57 -30.81
C GLU A 626 23.86 9.70 -30.33
N ALA A 627 23.62 9.68 -29.02
CA ALA A 627 22.50 8.93 -28.49
C ALA A 627 21.18 9.44 -29.06
N ASP A 628 21.04 10.76 -29.18
CA ASP A 628 19.80 11.32 -29.73
C ASP A 628 19.58 10.88 -31.17
N TYR A 629 20.63 10.89 -31.99
CA TYR A 629 20.47 10.47 -33.37
C TYR A 629 20.04 9.01 -33.47
N VAL A 630 20.71 8.13 -32.72
CA VAL A 630 20.35 6.72 -32.75
C VAL A 630 18.91 6.53 -32.28
N GLU A 631 18.52 7.24 -31.21
CA GLU A 631 17.17 7.13 -30.71
C GLU A 631 16.16 7.60 -31.75
N SER A 632 16.48 8.65 -32.50
CA SER A 632 15.57 9.12 -33.54
C SER A 632 15.34 8.05 -34.60
N MET A 633 16.41 7.39 -35.04
CA MET A 633 16.24 6.33 -36.03
C MET A 633 15.34 5.21 -35.50
N LEU A 634 15.58 4.78 -34.25
CA LEU A 634 14.79 3.70 -33.69
C LEU A 634 13.32 4.10 -33.52
N SER A 635 13.08 5.34 -33.10
CA SER A 635 11.70 5.82 -32.97
C SER A 635 11.00 5.85 -34.32
N ASN A 636 11.71 6.24 -35.38
CA ASN A 636 11.12 6.19 -36.70
C ASN A 636 10.68 4.78 -37.05
N LEU A 637 11.52 3.78 -36.73
CA LEU A 637 11.13 2.40 -37.01
C LEU A 637 9.85 2.02 -36.26
N THR A 638 9.77 2.39 -34.98
CA THR A 638 8.58 2.06 -34.20
C THR A 638 7.34 2.72 -34.80
N ASN A 639 7.45 3.98 -35.23
CA ASN A 639 6.30 4.65 -35.84
C ASN A 639 5.89 3.98 -37.14
N LEU A 640 6.85 3.48 -37.91
CA LEU A 640 6.51 2.72 -39.10
C LEU A 640 5.68 1.49 -38.74
N ASN A 641 6.07 0.79 -37.67
CA ASN A 641 5.27 -0.35 -37.23
C ASN A 641 3.85 0.07 -36.88
N ILE A 642 3.70 1.20 -36.16
CA ILE A 642 2.37 1.66 -35.77
C ILE A 642 1.51 1.92 -37.01
N ARG A 643 2.07 2.58 -38.02
CA ARG A 643 1.31 2.87 -39.22
C ARG A 643 0.89 1.59 -39.93
N GLU A 644 1.78 0.60 -40.00
CA GLU A 644 1.41 -0.67 -40.60
C GLU A 644 0.25 -1.31 -39.86
N ILE A 645 0.26 -1.29 -38.53
CA ILE A 645 -0.82 -1.92 -37.78
C ILE A 645 -2.14 -1.19 -38.05
N GLU A 646 -2.11 0.14 -38.12
CA GLU A 646 -3.34 0.88 -38.39
C GLU A 646 -3.91 0.54 -39.76
N GLU A 647 -3.04 0.47 -40.77
CA GLU A 647 -3.51 0.09 -42.10
C GLU A 647 -4.11 -1.31 -42.09
N HIS A 648 -3.48 -2.24 -41.36
CA HIS A 648 -4.00 -3.60 -41.27
C HIS A 648 -5.37 -3.61 -40.63
N MET A 649 -5.57 -2.83 -39.56
CA MET A 649 -6.88 -2.77 -38.92
C MET A 649 -7.94 -2.27 -39.90
N ARG A 650 -7.63 -1.22 -40.64
CA ARG A 650 -8.61 -0.69 -41.58
C ARG A 650 -8.97 -1.74 -42.65
N GLN A 651 -7.95 -2.38 -43.22
CA GLN A 651 -8.19 -3.37 -44.26
C GLN A 651 -9.01 -4.54 -43.73
N THR A 652 -8.68 -5.03 -42.53
CA THR A 652 -9.42 -6.13 -41.96
C THR A 652 -10.88 -5.75 -41.71
N LEU A 653 -11.11 -4.52 -41.25
CA LEU A 653 -12.49 -4.07 -41.07
C LEU A 653 -13.24 -4.09 -42.39
N ILE A 654 -12.57 -3.69 -43.48
CA ILE A 654 -13.22 -3.76 -44.79
C ILE A 654 -13.55 -5.20 -45.15
N ASP A 655 -12.59 -6.11 -44.99
CA ASP A 655 -12.78 -7.47 -45.46
C ASP A 655 -13.68 -8.30 -44.55
N ASP A 656 -13.58 -8.10 -43.24
CA ASP A 656 -14.31 -8.91 -42.26
C ASP A 656 -15.03 -7.99 -41.29
N PRO A 657 -16.17 -7.43 -41.70
CA PRO A 657 -16.81 -6.39 -40.88
C PRO A 657 -17.25 -6.84 -39.50
N ASP A 658 -17.38 -8.15 -39.26
CA ASP A 658 -17.88 -8.66 -37.98
C ASP A 658 -16.77 -9.19 -37.08
N ASN A 659 -15.55 -8.69 -37.21
CA ASN A 659 -14.45 -9.12 -36.36
C ASN A 659 -14.68 -8.64 -34.93
N ASN A 660 -14.66 -9.56 -33.98
CA ASN A 660 -15.01 -9.22 -32.59
C ASN A 660 -13.91 -8.41 -31.92
N LEU A 661 -12.65 -8.71 -32.21
CA LEU A 661 -11.56 -7.93 -31.66
C LEU A 661 -11.65 -6.47 -32.11
N LEU A 662 -11.94 -6.26 -33.39
CA LEU A 662 -12.12 -4.89 -33.86
C LEU A 662 -13.40 -4.28 -33.30
N LYS A 663 -14.39 -5.09 -32.95
CA LYS A 663 -15.55 -4.55 -32.24
C LYS A 663 -15.12 -4.00 -30.88
N MET A 664 -14.29 -4.72 -30.15
CA MET A 664 -13.77 -4.20 -28.89
C MET A 664 -13.04 -2.88 -29.13
N ALA A 665 -12.23 -2.82 -30.19
CA ALA A 665 -11.52 -1.58 -30.47
C ALA A 665 -12.50 -0.43 -30.74
N LYS A 666 -13.51 -0.67 -31.57
CA LYS A 666 -14.45 0.39 -31.94
C LYS A 666 -15.28 0.86 -30.75
N ALA A 667 -15.76 -0.06 -29.93
CA ALA A 667 -16.57 0.32 -28.78
C ALA A 667 -15.76 1.09 -27.73
N GLY A 668 -14.44 0.99 -27.78
CA GLY A 668 -13.59 1.73 -26.86
C GLY A 668 -13.31 0.98 -25.57
N TYR A 669 -12.87 -0.27 -25.68
CA TYR A 669 -12.56 -1.08 -24.50
C TYR A 669 -11.28 -1.86 -24.75
N LYS A 670 -10.16 -1.34 -24.24
CA LYS A 670 -8.90 -2.03 -23.98
C LYS A 670 -8.07 -2.31 -25.24
N VAL A 671 -8.58 -2.12 -26.45
CA VAL A 671 -7.87 -2.50 -27.67
C VAL A 671 -7.56 -1.24 -28.47
N ASN A 672 -6.31 -1.10 -28.88
CA ASN A 672 -5.88 0.06 -29.66
C ASN A 672 -4.64 -0.35 -30.44
N PRO A 673 -4.18 0.50 -31.37
CA PRO A 673 -3.04 0.11 -32.22
C PRO A 673 -1.77 -0.22 -31.47
N THR A 674 -1.50 0.41 -30.33
CA THR A 674 -0.25 0.12 -29.61
C THR A 674 -0.22 -1.30 -29.06
N GLU A 675 -1.33 -1.73 -28.44
CA GLU A 675 -1.40 -3.09 -27.90
C GLU A 675 -1.29 -4.12 -29.02
N LEU A 676 -1.98 -3.88 -30.13
CA LEU A 676 -1.86 -4.79 -31.27
C LEU A 676 -0.46 -4.78 -31.83
N MET A 677 0.24 -3.65 -31.79
CA MET A 677 1.64 -3.64 -32.21
C MET A 677 2.47 -4.55 -31.32
N TYR A 678 2.26 -4.48 -30.01
CA TYR A 678 2.98 -5.38 -29.12
C TYR A 678 2.71 -6.83 -29.46
N ILE A 679 1.45 -7.17 -29.76
CA ILE A 679 1.12 -8.57 -30.03
C ILE A 679 1.68 -9.03 -31.37
N LEU A 680 1.51 -8.22 -32.42
CA LEU A 680 1.80 -8.65 -33.78
C LEU A 680 3.01 -7.97 -34.41
N GLY A 681 3.49 -6.87 -33.85
CA GLY A 681 4.50 -6.05 -34.48
C GLY A 681 5.88 -6.16 -33.86
N THR A 682 6.17 -5.22 -32.95
CA THR A 682 7.47 -5.17 -32.29
C THR A 682 7.26 -4.62 -30.88
N TYR A 683 8.22 -4.91 -30.01
CA TYR A 683 8.15 -4.41 -28.63
C TYR A 683 8.78 -3.03 -28.49
N GLY A 684 9.86 -2.75 -29.19
CA GLY A 684 10.47 -1.44 -29.14
C GLY A 684 11.48 -1.29 -28.01
N GLN A 685 11.77 -0.03 -27.68
CA GLN A 685 12.82 0.29 -26.73
C GLN A 685 12.33 0.15 -25.30
N GLN A 686 13.13 -0.49 -24.46
CA GLN A 686 12.86 -0.61 -23.03
C GLN A 686 13.68 0.44 -22.29
N ARG A 687 13.04 1.16 -21.37
CA ARG A 687 13.69 2.28 -20.70
C ARG A 687 13.57 2.15 -19.18
N ILE A 688 14.62 2.59 -18.49
CA ILE A 688 14.63 2.72 -17.04
C ILE A 688 14.98 4.16 -16.72
N ASP A 689 14.12 4.84 -15.98
CA ASP A 689 14.30 6.25 -15.65
C ASP A 689 14.48 7.09 -16.92
N GLY A 690 13.75 6.73 -17.97
CA GLY A 690 13.76 7.48 -19.20
C GLY A 690 14.93 7.20 -20.13
N GLU A 691 15.80 6.27 -19.80
CA GLU A 691 16.97 5.98 -20.61
C GLU A 691 17.14 4.48 -20.74
N PRO A 692 17.88 4.02 -21.75
CA PRO A 692 18.22 2.60 -21.83
C PRO A 692 19.19 2.19 -20.73
N ALA A 693 19.29 0.88 -20.52
CA ALA A 693 20.11 0.34 -19.44
C ALA A 693 21.56 0.74 -19.59
N GLU A 694 22.23 0.96 -18.46
CA GLU A 694 23.61 1.42 -18.44
C GLU A 694 24.60 0.26 -18.50
N THR A 695 25.77 0.53 -19.06
CA THR A 695 26.85 -0.44 -19.14
C THR A 695 27.57 -0.55 -17.80
N ARG A 696 28.18 -1.72 -17.54
CA ARG A 696 28.65 -1.98 -16.18
C ARG A 696 30.07 -2.54 -15.98
N VAL A 697 30.62 -3.34 -16.89
CA VAL A 697 31.92 -3.94 -16.60
C VAL A 697 32.92 -3.68 -17.72
N LEU A 698 32.64 -4.18 -18.91
CA LEU A 698 33.50 -3.98 -20.07
C LEU A 698 32.83 -3.06 -21.08
N GLY A 699 32.09 -2.08 -20.58
CA GLY A 699 31.31 -1.21 -21.44
C GLY A 699 30.13 -1.88 -22.08
N ARG A 700 29.55 -2.89 -21.43
CA ARG A 700 28.43 -3.64 -21.97
C ARG A 700 27.48 -3.98 -20.83
N VAL A 701 26.33 -4.55 -21.20
CA VAL A 701 25.33 -4.97 -20.22
C VAL A 701 25.41 -6.47 -19.96
N LEU A 702 25.46 -7.28 -21.01
CA LEU A 702 25.54 -8.73 -20.90
C LEU A 702 26.73 -9.22 -21.72
N PRO A 703 27.33 -10.35 -21.33
CA PRO A 703 28.45 -10.88 -22.12
C PRO A 703 28.05 -11.50 -23.44
N TYR A 704 26.78 -11.42 -23.85
CA TYR A 704 26.40 -11.82 -25.19
C TYR A 704 26.87 -10.83 -26.25
N TYR A 705 27.37 -9.67 -25.85
CA TYR A 705 27.86 -8.65 -26.76
C TYR A 705 29.32 -8.34 -26.46
N LEU A 706 30.04 -7.91 -27.49
CA LEU A 706 31.46 -7.66 -27.34
C LEU A 706 31.71 -6.42 -26.48
N PRO A 707 32.91 -6.30 -25.91
CA PRO A 707 33.21 -5.12 -25.10
C PRO A 707 33.04 -3.84 -25.91
N ASP A 708 32.48 -2.82 -25.26
CA ASP A 708 32.24 -1.52 -25.90
C ASP A 708 31.35 -1.66 -27.13
N SER A 709 30.38 -2.56 -27.07
CA SER A 709 29.50 -2.80 -28.19
C SER A 709 28.60 -1.60 -28.45
N LYS A 710 28.35 -1.32 -29.73
CA LYS A 710 27.45 -0.25 -30.14
C LYS A 710 26.15 -0.78 -30.72
N ASP A 711 25.86 -2.05 -30.53
CA ASP A 711 24.63 -2.64 -31.07
C ASP A 711 23.42 -2.17 -30.26
N PRO A 712 22.43 -1.52 -30.88
CA PRO A 712 21.27 -1.08 -30.10
C PRO A 712 20.50 -2.21 -29.44
N GLU A 713 20.43 -3.39 -30.08
CA GLU A 713 19.76 -4.51 -29.46
C GLU A 713 20.43 -4.92 -28.16
N GLY A 714 21.72 -4.63 -28.00
CA GLY A 714 22.42 -4.91 -26.77
C GLY A 714 22.13 -3.95 -25.66
N ARG A 715 21.27 -2.96 -25.89
CA ARG A 715 20.91 -2.01 -24.84
C ARG A 715 19.40 -1.84 -24.71
N GLY A 716 18.62 -2.83 -25.14
CA GLY A 716 17.23 -2.91 -24.80
C GLY A 716 16.22 -2.60 -25.88
N TYR A 717 16.62 -2.54 -27.14
CA TYR A 717 15.67 -2.40 -28.24
C TYR A 717 15.27 -3.81 -28.68
N ILE A 718 14.00 -4.15 -28.47
CA ILE A 718 13.50 -5.50 -28.72
C ILE A 718 12.80 -5.53 -30.08
N LEU A 719 13.23 -6.45 -30.93
CA LEU A 719 12.73 -6.54 -32.29
C LEU A 719 11.52 -7.46 -32.43
N ASN A 720 11.41 -8.48 -31.58
CA ASN A 720 10.38 -9.49 -31.72
C ASN A 720 9.04 -9.01 -31.16
N SER A 721 7.99 -9.75 -31.53
CA SER A 721 6.64 -9.55 -31.02
C SER A 721 6.24 -10.73 -30.14
N LEU A 722 5.07 -10.63 -29.52
CA LEU A 722 4.63 -11.68 -28.62
C LEU A 722 4.23 -12.95 -29.37
N THR A 723 3.66 -12.82 -30.56
CA THR A 723 3.33 -14.01 -31.34
C THR A 723 4.59 -14.74 -31.77
N LYS A 724 5.63 -13.99 -32.16
CA LYS A 724 6.92 -14.60 -32.48
C LYS A 724 7.56 -15.23 -31.24
N GLY A 725 7.51 -14.54 -30.11
CA GLY A 725 8.18 -14.99 -28.91
C GLY A 725 9.53 -14.33 -28.70
N LEU A 726 9.74 -13.72 -27.54
CA LEU A 726 10.99 -13.05 -27.24
C LEU A 726 12.12 -14.06 -27.03
N THR A 727 13.34 -13.64 -27.36
CA THR A 727 14.53 -14.42 -27.04
C THR A 727 14.93 -14.19 -25.59
N GLY A 728 15.95 -14.91 -25.13
CA GLY A 728 16.36 -14.80 -23.74
C GLY A 728 16.86 -13.41 -23.39
N SER A 729 17.74 -12.86 -24.23
CA SER A 729 18.29 -11.54 -23.93
C SER A 729 17.22 -10.46 -23.98
N GLN A 730 16.30 -10.55 -24.95
CA GLN A 730 15.18 -9.61 -24.96
C GLN A 730 14.32 -9.76 -23.71
N TYR A 731 14.09 -11.01 -23.30
CA TYR A 731 13.32 -11.26 -22.08
C TYR A 731 13.99 -10.62 -20.87
N TYR A 732 15.32 -10.56 -20.84
CA TYR A 732 15.99 -9.89 -19.73
C TYR A 732 15.51 -8.44 -19.59
N PHE A 733 15.54 -7.68 -20.69
CA PHE A 733 15.17 -6.27 -20.61
C PHE A 733 13.68 -6.11 -20.28
N SER A 734 12.84 -6.96 -20.87
CA SER A 734 11.41 -6.92 -20.53
C SER A 734 11.20 -7.10 -19.04
N MET A 735 11.86 -8.11 -18.45
CA MET A 735 11.66 -8.36 -17.02
C MET A 735 12.31 -7.28 -16.16
N LEU A 736 13.39 -6.67 -16.64
CA LEU A 736 13.95 -5.52 -15.96
C LEU A 736 12.87 -4.44 -15.75
N VAL A 737 12.18 -4.09 -16.84
CA VAL A 737 11.13 -3.09 -16.74
C VAL A 737 10.03 -3.55 -15.77
N ALA A 738 9.58 -4.80 -15.92
CA ALA A 738 8.47 -5.28 -15.10
C ALA A 738 8.80 -5.24 -13.61
N ARG A 739 9.98 -5.75 -13.24
CA ARG A 739 10.35 -5.83 -11.83
C ARG A 739 10.57 -4.44 -11.25
N SER A 740 11.17 -3.52 -12.02
CA SER A 740 11.29 -2.16 -11.53
C SER A 740 9.93 -1.55 -11.23
N GLN A 741 8.96 -1.80 -12.12
CA GLN A 741 7.61 -1.27 -11.87
C GLN A 741 7.04 -1.82 -10.57
N SER A 742 7.16 -3.12 -10.33
CA SER A 742 6.59 -3.67 -9.10
C SER A 742 7.23 -3.06 -7.84
N THR A 743 8.56 -2.96 -7.83
CA THR A 743 9.23 -2.38 -6.67
C THR A 743 8.80 -0.94 -6.43
N ASP A 744 8.74 -0.13 -7.50
CA ASP A 744 8.30 1.24 -7.34
C ASP A 744 6.87 1.30 -6.81
N ILE A 745 6.03 0.35 -7.22
CA ILE A 745 4.65 0.33 -6.73
C ILE A 745 4.65 0.18 -5.22
N VAL A 746 5.45 -0.74 -4.69
CA VAL A 746 5.48 -0.92 -3.24
C VAL A 746 5.91 0.37 -2.54
N CYS A 747 7.00 0.99 -3.02
CA CYS A 747 7.50 2.19 -2.35
C CYS A 747 6.46 3.32 -2.38
N GLU A 748 5.84 3.54 -3.54
CA GLU A 748 4.86 4.61 -3.66
C GLU A 748 3.64 4.35 -2.79
N THR A 749 3.21 3.08 -2.69
CA THR A 749 2.14 2.74 -1.77
C THR A 749 2.50 3.21 -0.37
N SER A 750 3.76 3.03 0.03
CA SER A 750 4.14 3.50 1.36
C SER A 750 4.00 5.01 1.50
N ARG A 751 4.54 5.77 0.55
CA ARG A 751 4.64 7.23 0.75
C ARG A 751 3.31 7.97 0.60
N THR A 752 2.49 7.55 -0.36
CA THR A 752 1.27 8.29 -0.66
C THR A 752 0.33 8.32 0.54
N GLY A 753 0.28 7.23 1.31
CA GLY A 753 -0.62 7.20 2.46
C GLY A 753 -0.27 8.24 3.51
N THR A 754 1.03 8.39 3.81
CA THR A 754 1.46 9.40 4.77
C THR A 754 1.04 10.79 4.29
N LEU A 755 1.32 11.11 3.03
CA LEU A 755 0.93 12.44 2.55
C LEU A 755 -0.59 12.64 2.63
N ALA A 756 -1.35 11.62 2.23
CA ALA A 756 -2.80 11.73 2.23
C ALA A 756 -3.34 11.99 3.63
N ARG A 757 -2.82 11.27 4.63
CA ARG A 757 -3.28 11.49 5.99
C ARG A 757 -3.00 12.92 6.43
N LYS A 758 -1.81 13.43 6.13
CA LYS A 758 -1.51 14.80 6.55
C LYS A 758 -2.48 15.80 5.92
N ILE A 759 -2.74 15.66 4.62
CA ILE A 759 -3.64 16.62 3.96
C ILE A 759 -5.05 16.52 4.53
N ILE A 760 -5.54 15.30 4.75
CA ILE A 760 -6.88 15.13 5.29
C ILE A 760 -7.00 15.78 6.66
N LYS A 761 -6.01 15.57 7.52
CA LYS A 761 -6.05 16.19 8.84
C LYS A 761 -6.05 17.70 8.74
N LYS A 762 -5.26 18.26 7.81
CA LYS A 762 -5.19 19.72 7.68
C LYS A 762 -6.52 20.31 7.21
N MET A 763 -7.18 19.68 6.24
CA MET A 763 -8.37 20.28 5.64
C MET A 763 -9.68 19.85 6.29
N GLU A 764 -9.62 19.05 7.35
CA GLU A 764 -10.80 18.36 7.86
C GLU A 764 -11.88 19.33 8.36
N ASP A 765 -11.49 20.48 8.91
CA ASP A 765 -12.42 21.37 9.60
C ASP A 765 -12.94 22.51 8.74
N MET A 766 -12.66 22.50 7.43
CA MET A 766 -13.13 23.55 6.53
C MET A 766 -14.50 23.17 5.99
N VAL A 767 -15.50 24.03 6.24
CA VAL A 767 -16.90 23.74 5.90
C VAL A 767 -17.53 24.96 5.23
N VAL A 768 -18.72 24.74 4.70
CA VAL A 768 -19.57 25.81 4.20
C VAL A 768 -20.48 26.27 5.33
N ASP A 769 -20.52 27.57 5.57
CA ASP A 769 -21.30 28.10 6.69
C ASP A 769 -22.75 28.31 6.25
N GLY A 770 -23.53 29.01 7.06
CA GLY A 770 -24.94 29.23 6.81
C GLY A 770 -25.26 30.29 5.79
N TYR A 771 -24.24 30.97 5.24
CA TYR A 771 -24.45 31.98 4.21
C TYR A 771 -23.79 31.62 2.89
N GLY A 772 -23.39 30.38 2.70
CA GLY A 772 -22.76 29.97 1.45
C GLY A 772 -21.30 30.34 1.31
N GLN A 773 -20.63 30.66 2.41
CA GLN A 773 -19.22 31.00 2.40
C GLN A 773 -18.38 29.83 2.91
N VAL A 774 -17.11 29.82 2.53
CA VAL A 774 -16.18 28.79 2.97
C VAL A 774 -15.32 29.37 4.09
N VAL A 775 -15.37 28.73 5.26
CA VAL A 775 -14.69 29.20 6.45
C VAL A 775 -14.04 28.01 7.15
N ILE A 776 -12.93 28.28 7.85
CA ILE A 776 -12.31 27.33 8.75
C ILE A 776 -12.05 28.03 10.07
N GLY A 777 -12.49 27.42 11.17
CA GLY A 777 -12.43 28.07 12.45
C GLY A 777 -13.21 29.37 12.44
N ASN A 778 -12.50 30.49 12.56
CA ASN A 778 -13.13 31.80 12.55
C ASN A 778 -12.63 32.66 11.39
N THR A 779 -11.98 32.06 10.40
CA THR A 779 -11.41 32.77 9.27
C THR A 779 -12.25 32.54 8.02
N LEU A 780 -12.48 33.60 7.26
CA LEU A 780 -13.18 33.51 5.99
C LEU A 780 -12.19 33.09 4.90
N ILE A 781 -12.42 31.92 4.32
CA ILE A 781 -11.54 31.44 3.25
C ILE A 781 -12.05 31.89 1.88
N LYS A 782 -13.36 31.89 1.66
CA LYS A 782 -13.88 32.28 0.35
C LYS A 782 -15.30 32.78 0.46
N TYR A 783 -15.62 33.81 -0.32
CA TYR A 783 -16.94 34.43 -0.28
C TYR A 783 -18.02 33.51 -0.82
N ALA A 784 -17.77 32.84 -1.94
CA ALA A 784 -18.76 32.00 -2.61
C ALA A 784 -18.20 30.58 -2.75
N ALA A 785 -18.96 29.60 -2.26
CA ALA A 785 -18.39 28.28 -2.00
C ALA A 785 -17.78 27.65 -3.25
N ASN A 786 -18.53 27.56 -4.33
CA ASN A 786 -18.03 26.96 -5.56
C ASN A 786 -18.01 28.00 -6.69
N TYR A 787 -17.80 29.26 -6.33
CA TYR A 787 -17.92 30.40 -7.25
C TYR A 787 -19.38 30.70 -7.56
N THR A 788 -20.30 29.84 -7.10
CA THR A 788 -21.70 29.93 -7.50
C THR A 788 -22.67 29.80 -6.33
N LYS A 789 -22.23 29.37 -5.15
CA LYS A 789 -23.13 29.07 -4.04
C LYS A 789 -24.18 28.03 -4.44
N ILE A 790 -23.75 27.07 -5.27
CA ILE A 790 -24.58 25.95 -5.70
C ILE A 790 -23.79 24.68 -5.47
N LEU A 791 -24.49 23.57 -5.27
CA LEU A 791 -23.84 22.30 -4.99
C LEU A 791 -22.87 21.95 -6.11
N GLY A 792 -21.69 21.45 -5.72
CA GLY A 792 -20.62 21.25 -6.68
C GLY A 792 -20.98 20.28 -7.79
N SER A 793 -21.74 19.24 -7.46
CA SER A 793 -22.11 18.24 -8.46
C SER A 793 -23.19 18.74 -9.42
N VAL A 794 -23.77 19.91 -9.18
CA VAL A 794 -24.83 20.41 -10.04
C VAL A 794 -24.30 21.35 -11.12
N CYS A 795 -23.18 22.02 -10.88
CA CYS A 795 -22.61 22.94 -11.86
C CYS A 795 -22.08 22.17 -13.08
N LYS A 796 -22.02 22.86 -14.22
CA LYS A 796 -21.70 22.17 -15.46
C LYS A 796 -20.69 22.96 -16.31
N PRO A 797 -19.54 22.39 -16.66
CA PRO A 797 -18.66 23.09 -17.61
C PRO A 797 -19.31 23.21 -18.98
N VAL A 798 -19.02 24.31 -19.65
CA VAL A 798 -19.66 24.65 -20.92
C VAL A 798 -18.67 25.40 -21.79
N ASP A 799 -18.94 25.46 -23.09
CA ASP A 799 -18.04 26.10 -24.03
C ASP A 799 -17.93 27.59 -23.75
N LEU A 800 -16.73 28.14 -23.96
CA LEU A 800 -16.48 29.56 -23.87
C LEU A 800 -16.47 30.14 -25.28
N ILE A 801 -17.48 30.93 -25.59
CA ILE A 801 -17.69 31.45 -26.95
C ILE A 801 -17.12 32.87 -26.99
N TYR A 802 -16.06 33.06 -27.77
CA TYR A 802 -15.39 34.35 -27.81
C TYR A 802 -16.25 35.38 -28.55
N PRO A 803 -16.03 36.67 -28.27
CA PRO A 803 -16.83 37.69 -28.93
C PRO A 803 -16.70 37.62 -30.45
N ASP A 804 -17.81 37.89 -31.14
CA ASP A 804 -17.85 37.88 -32.59
C ASP A 804 -18.85 38.94 -33.05
N GLU A 805 -18.50 39.63 -34.13
CA GLU A 805 -19.33 40.74 -34.61
C GLU A 805 -20.67 40.29 -35.17
N SER A 806 -20.86 39.00 -35.43
CA SER A 806 -22.14 38.50 -35.92
C SER A 806 -23.16 38.30 -34.81
N MET A 807 -22.77 38.42 -33.54
CA MET A 807 -23.68 38.20 -32.44
C MET A 807 -24.60 39.39 -32.25
N THR A 808 -25.72 39.15 -31.55
CA THR A 808 -26.77 40.15 -31.45
C THR A 808 -26.35 41.33 -30.58
N TRP A 809 -26.01 41.06 -29.32
CA TRP A 809 -25.65 42.12 -28.39
C TRP A 809 -24.13 42.23 -28.31
N TYR A 810 -23.53 42.63 -29.43
CA TYR A 810 -22.08 42.58 -29.54
C TYR A 810 -21.40 43.52 -28.55
N LEU A 811 -21.91 44.73 -28.40
CA LEU A 811 -21.25 45.71 -27.53
C LEU A 811 -21.24 45.24 -26.07
N GLU A 812 -22.39 44.80 -25.56
CA GLU A 812 -22.47 44.38 -24.17
C GLU A 812 -21.58 43.17 -23.92
N ILE A 813 -21.58 42.22 -24.86
CA ILE A 813 -20.77 41.02 -24.71
C ILE A 813 -19.29 41.36 -24.72
N SER A 814 -18.88 42.25 -25.62
CA SER A 814 -17.48 42.65 -25.66
C SER A 814 -17.08 43.38 -24.38
N ALA A 815 -17.98 44.20 -23.82
CA ALA A 815 -17.66 44.88 -22.57
C ALA A 815 -17.47 43.88 -21.43
N LEU A 816 -18.36 42.89 -21.32
CA LEU A 816 -18.20 41.88 -20.29
C LEU A 816 -16.89 41.12 -20.47
N TRP A 817 -16.57 40.76 -21.72
CA TRP A 817 -15.32 40.05 -21.97
C TRP A 817 -14.13 40.89 -21.54
N ASN A 818 -14.13 42.18 -21.88
CA ASN A 818 -13.02 43.03 -21.47
C ASN A 818 -12.93 43.12 -19.96
N LYS A 819 -14.06 42.99 -19.26
CA LYS A 819 -14.02 43.05 -17.80
C LYS A 819 -13.42 41.77 -17.21
N ILE A 820 -13.68 40.61 -17.81
CA ILE A 820 -13.32 39.34 -17.15
C ILE A 820 -12.16 38.61 -17.81
N LYS A 821 -11.57 39.14 -18.89
CA LYS A 821 -10.64 38.34 -19.68
C LYS A 821 -9.31 38.04 -19.00
N GLN A 822 -8.98 38.71 -17.89
CA GLN A 822 -7.62 38.62 -17.37
C GLN A 822 -7.21 37.18 -17.06
N GLY A 823 -8.13 36.38 -16.53
CA GLY A 823 -7.81 35.03 -16.11
C GLY A 823 -7.86 33.97 -17.17
N PHE A 824 -8.33 34.28 -18.38
CA PHE A 824 -8.50 33.27 -19.42
C PHE A 824 -7.25 33.05 -20.25
N VAL A 825 -6.20 33.83 -20.03
CA VAL A 825 -4.87 33.57 -20.60
C VAL A 825 -3.96 33.21 -19.42
N TYR A 826 -3.37 32.03 -19.45
CA TYR A 826 -2.65 31.52 -18.30
C TYR A 826 -1.48 30.66 -18.77
N SER A 827 -0.71 30.16 -17.80
CA SER A 827 0.43 29.28 -18.04
C SER A 827 1.51 29.99 -18.85
N GLN A 828 1.96 31.12 -18.33
CA GLN A 828 3.00 31.93 -18.97
C GLN A 828 2.59 32.33 -20.38
N LYS A 829 1.29 32.58 -20.57
CA LYS A 829 0.72 33.15 -21.79
C LYS A 829 0.69 32.18 -22.95
N GLN A 830 0.80 30.87 -22.72
CA GLN A 830 0.78 29.90 -23.81
C GLN A 830 -0.46 29.01 -23.79
N LYS A 831 -1.50 29.39 -23.06
CA LYS A 831 -2.75 28.66 -23.05
C LYS A 831 -3.92 29.63 -23.03
N LEU A 832 -4.97 29.29 -23.78
CA LEU A 832 -6.20 30.05 -23.81
C LEU A 832 -7.34 29.13 -23.38
N ALA A 833 -8.17 29.61 -22.45
CA ALA A 833 -9.23 28.79 -21.89
C ALA A 833 -10.29 28.49 -22.95
N LYS A 834 -10.81 27.26 -22.91
CA LYS A 834 -11.88 26.83 -23.81
C LYS A 834 -13.20 26.61 -23.12
N LYS A 835 -13.23 26.57 -21.79
CA LYS A 835 -14.43 26.24 -21.02
C LYS A 835 -14.63 27.24 -19.90
N THR A 836 -15.90 27.44 -19.54
CA THR A 836 -16.29 28.14 -18.33
C THR A 836 -17.27 27.27 -17.57
N LEU A 837 -17.82 27.80 -16.48
CA LEU A 837 -18.68 27.04 -15.58
C LEU A 837 -20.08 27.66 -15.57
N ALA A 838 -21.06 26.92 -16.09
CA ALA A 838 -22.45 27.34 -15.97
C ALA A 838 -23.05 26.82 -14.67
N PRO A 839 -24.02 27.55 -14.11
CA PRO A 839 -24.55 27.14 -12.80
C PRO A 839 -25.20 25.78 -12.77
N PHE A 840 -25.99 25.37 -13.78
CA PHE A 840 -26.70 24.10 -13.63
C PHE A 840 -26.95 23.26 -14.87
N ASN A 841 -26.25 23.44 -15.99
CA ASN A 841 -26.54 22.69 -17.22
C ASN A 841 -27.97 22.96 -17.70
N PHE A 842 -28.17 24.22 -18.10
CA PHE A 842 -29.45 24.64 -18.68
C PHE A 842 -29.67 24.10 -20.08
N LEU A 843 -28.67 23.46 -20.69
CA LEU A 843 -28.78 23.08 -22.09
C LEU A 843 -29.85 22.03 -22.33
N VAL A 844 -30.11 21.14 -21.36
CA VAL A 844 -31.13 20.12 -21.54
C VAL A 844 -32.54 20.69 -21.56
N PHE A 845 -32.71 21.96 -21.21
CA PHE A 845 -34.02 22.60 -21.23
C PHE A 845 -34.24 23.49 -22.44
N VAL A 846 -33.29 23.54 -23.37
CA VAL A 846 -33.36 24.43 -24.52
C VAL A 846 -34.04 23.72 -25.68
N LYS A 847 -34.94 24.43 -26.37
CA LYS A 847 -35.66 23.89 -27.52
C LYS A 847 -35.83 25.01 -28.55
N PRO A 848 -35.42 24.81 -29.79
CA PRO A 848 -35.57 25.87 -30.80
C PRO A 848 -37.01 26.05 -31.23
N THR A 849 -37.28 27.22 -31.82
CA THR A 849 -38.60 27.57 -32.33
C THR A 849 -38.44 28.42 -33.59
N THR A 850 -39.54 28.58 -34.32
CA THR A 850 -39.49 29.07 -35.70
C THR A 850 -39.72 30.58 -35.83
N GLU A 851 -38.99 31.38 -35.05
CA GLU A 851 -38.78 32.79 -35.38
C GLU A 851 -40.04 33.66 -35.32
N ASP A 852 -41.21 33.05 -35.13
CA ASP A 852 -42.45 33.80 -35.00
C ASP A 852 -43.24 33.45 -33.76
N ASN A 853 -42.97 32.31 -33.14
CA ASN A 853 -43.45 31.99 -31.81
C ASN A 853 -42.42 32.33 -30.73
N ALA A 854 -41.32 32.98 -31.12
CA ALA A 854 -40.19 33.21 -30.24
C ALA A 854 -40.37 34.50 -29.43
N ILE A 855 -39.64 34.56 -28.31
CA ILE A 855 -39.63 35.76 -27.49
C ILE A 855 -38.81 36.84 -28.20
N LYS A 856 -39.24 38.09 -28.05
CA LYS A 856 -38.56 39.20 -28.71
C LYS A 856 -37.17 39.42 -28.11
N VAL A 857 -36.29 40.00 -28.91
CA VAL A 857 -34.90 40.17 -28.51
C VAL A 857 -34.80 41.07 -27.28
N LYS A 858 -35.51 42.20 -27.31
CA LYS A 858 -35.43 43.15 -26.20
C LYS A 858 -35.93 42.52 -24.90
N ASP A 859 -37.04 41.79 -24.96
CA ASP A 859 -37.58 41.17 -23.76
C ASP A 859 -36.61 40.14 -23.19
N LEU A 860 -36.00 39.33 -24.05
CA LEU A 860 -35.03 38.34 -23.57
C LEU A 860 -33.83 39.02 -22.92
N TYR A 861 -33.32 40.08 -23.54
CA TYR A 861 -32.19 40.79 -22.95
C TYR A 861 -32.56 41.35 -21.58
N ASP A 862 -33.73 41.97 -21.47
CA ASP A 862 -34.16 42.52 -20.19
C ASP A 862 -34.29 41.43 -19.14
N MET A 863 -34.86 40.28 -19.52
CA MET A 863 -35.02 39.19 -18.56
C MET A 863 -33.65 38.75 -18.03
N ILE A 864 -32.69 38.52 -18.93
CA ILE A 864 -31.37 38.06 -18.48
C ILE A 864 -30.73 39.09 -17.57
N HIS A 865 -30.74 40.36 -17.99
CA HIS A 865 -30.07 41.40 -17.24
C HIS A 865 -30.68 41.58 -15.85
N ASN A 866 -32.01 41.63 -15.78
CA ASN A 866 -32.68 41.83 -14.49
C ASN A 866 -32.48 40.64 -13.57
N VAL A 867 -32.52 39.42 -14.11
CA VAL A 867 -32.28 38.25 -13.28
C VAL A 867 -30.88 38.31 -12.68
N ILE A 868 -29.88 38.66 -13.50
CA ILE A 868 -28.52 38.69 -13.00
C ILE A 868 -28.37 39.76 -11.92
N ASP A 869 -28.95 40.94 -12.12
CA ASP A 869 -28.87 41.98 -11.09
C ASP A 869 -29.53 41.53 -9.79
N ASP A 870 -30.72 40.94 -9.88
CA ASP A 870 -31.43 40.49 -8.69
C ASP A 870 -30.61 39.45 -7.93
N VAL A 871 -30.05 38.48 -8.64
CA VAL A 871 -29.26 37.44 -7.97
C VAL A 871 -27.98 38.05 -7.39
N ARG A 872 -27.41 39.03 -8.08
CA ARG A 872 -26.19 39.66 -7.60
C ARG A 872 -26.42 40.32 -6.24
N GLU A 873 -27.57 40.97 -6.07
CA GLU A 873 -27.79 41.62 -4.76
C GLU A 873 -28.28 40.62 -3.71
N LYS A 874 -29.23 39.74 -4.05
CA LYS A 874 -29.92 38.99 -3.03
C LYS A 874 -29.19 37.74 -2.55
N TYR A 875 -28.30 37.17 -3.36
CA TYR A 875 -27.62 35.94 -2.99
C TYR A 875 -26.12 36.09 -2.80
N PHE A 876 -25.50 37.09 -3.43
CA PHE A 876 -24.08 37.33 -3.27
C PHE A 876 -23.78 38.62 -2.50
N PHE A 877 -24.82 39.32 -2.04
CA PHE A 877 -24.69 40.45 -1.11
C PHE A 877 -23.80 41.56 -1.69
N THR A 878 -23.78 41.68 -3.02
CA THR A 878 -23.11 42.76 -3.75
C THR A 878 -21.59 42.69 -3.68
N VAL A 879 -21.02 41.60 -3.20
CA VAL A 879 -19.58 41.50 -3.00
C VAL A 879 -18.91 40.71 -4.12
N SER A 880 -19.49 39.57 -4.51
CA SER A 880 -18.86 38.71 -5.48
C SER A 880 -19.14 39.18 -6.90
N ASN A 881 -18.29 38.75 -7.84
CA ASN A 881 -18.41 39.08 -9.25
C ASN A 881 -18.93 37.86 -9.99
N ILE A 882 -20.10 38.00 -10.62
CA ILE A 882 -20.72 36.90 -11.35
C ILE A 882 -20.95 37.27 -12.80
N ASP A 883 -20.06 38.08 -13.37
CA ASP A 883 -20.18 38.46 -14.77
C ASP A 883 -20.13 37.23 -15.69
N PHE A 884 -19.45 36.16 -15.26
CA PHE A 884 -19.33 34.99 -16.12
C PHE A 884 -20.68 34.33 -16.37
N MET A 885 -21.58 34.33 -15.37
CA MET A 885 -22.92 33.78 -15.58
C MET A 885 -23.67 34.57 -16.65
N GLU A 886 -23.63 35.90 -16.57
CA GLU A 886 -24.30 36.72 -17.56
C GLU A 886 -23.69 36.51 -18.95
N TYR A 887 -22.38 36.39 -19.02
CA TYR A 887 -21.73 36.12 -20.30
C TYR A 887 -22.21 34.80 -20.89
N ILE A 888 -22.27 33.76 -20.06
CA ILE A 888 -22.71 32.45 -20.54
C ILE A 888 -24.14 32.53 -21.08
N PHE A 889 -25.03 33.19 -20.33
CA PHE A 889 -26.41 33.28 -20.78
C PHE A 889 -26.54 34.11 -22.05
N LEU A 890 -25.80 35.21 -22.16
CA LEU A 890 -25.90 36.05 -23.34
C LEU A 890 -25.34 35.37 -24.59
N THR A 891 -24.31 34.53 -24.43
CA THR A 891 -23.74 33.89 -25.61
C THR A 891 -24.49 32.62 -26.01
N HIS A 892 -24.86 31.76 -25.05
CA HIS A 892 -25.48 30.49 -25.41
C HIS A 892 -26.94 30.63 -25.82
N LEU A 893 -27.61 31.71 -25.46
CA LEU A 893 -28.99 31.96 -25.86
C LEU A 893 -29.09 33.13 -26.84
N ASN A 894 -28.02 33.38 -27.58
CA ASN A 894 -27.98 34.54 -28.47
C ASN A 894 -28.95 34.35 -29.64
N PRO A 895 -29.84 35.29 -29.90
CA PRO A 895 -30.83 35.08 -30.98
C PRO A 895 -30.20 34.85 -32.34
N SER A 896 -29.02 35.39 -32.62
CA SER A 896 -28.34 35.06 -33.86
C SER A 896 -27.92 33.61 -33.93
N ARG A 897 -27.99 32.90 -32.80
CA ARG A 897 -27.59 31.50 -32.69
C ARG A 897 -28.77 30.55 -32.56
N ILE A 898 -29.84 30.98 -31.90
CA ILE A 898 -31.02 30.14 -31.69
C ILE A 898 -32.17 31.02 -31.22
N ARG A 899 -33.40 30.65 -31.56
CA ARG A 899 -34.60 31.34 -31.08
C ARG A 899 -35.40 30.39 -30.19
N ILE A 900 -35.97 30.94 -29.13
CA ILE A 900 -36.72 30.16 -28.15
C ILE A 900 -38.01 30.89 -27.81
N THR A 901 -38.94 30.15 -27.22
CA THR A 901 -40.20 30.72 -26.78
C THR A 901 -40.06 31.33 -25.38
N LYS A 902 -41.09 32.09 -24.98
CA LYS A 902 -41.11 32.68 -23.65
C LYS A 902 -41.15 31.62 -22.56
N GLU A 903 -41.93 30.55 -22.79
CA GLU A 903 -42.04 29.50 -21.79
C GLU A 903 -40.70 28.84 -21.51
N THR A 904 -39.90 28.64 -22.56
CA THR A 904 -38.58 28.03 -22.37
C THR A 904 -37.70 28.89 -21.48
N ALA A 905 -37.67 30.20 -21.73
CA ALA A 905 -36.86 31.10 -20.91
C ALA A 905 -37.33 31.11 -19.46
N ILE A 906 -38.64 31.15 -19.26
CA ILE A 906 -39.17 31.14 -17.90
C ILE A 906 -38.76 29.85 -17.19
N THR A 907 -38.85 28.72 -17.88
CA THR A 907 -38.44 27.45 -17.27
C THR A 907 -36.97 27.48 -16.89
N ILE A 908 -36.12 28.00 -17.78
CA ILE A 908 -34.69 28.03 -17.49
C ILE A 908 -34.41 28.83 -16.23
N PHE A 909 -35.02 30.02 -16.11
CA PHE A 909 -34.67 30.85 -14.96
C PHE A 909 -35.35 30.39 -13.67
N GLU A 910 -36.52 29.76 -13.76
CA GLU A 910 -37.09 29.13 -12.58
C GLU A 910 -36.19 28.01 -12.07
N LYS A 911 -35.61 27.22 -12.97
CA LYS A 911 -34.65 26.21 -12.55
C LYS A 911 -33.42 26.86 -11.91
N PHE A 912 -32.95 27.96 -12.49
CA PHE A 912 -31.82 28.68 -11.89
C PHE A 912 -32.10 29.03 -10.43
N TYR A 913 -33.29 29.60 -10.16
CA TYR A 913 -33.61 29.98 -8.80
C TYR A 913 -33.77 28.76 -7.89
N GLU A 914 -34.32 27.66 -8.42
CA GLU A 914 -34.43 26.46 -7.59
C GLU A 914 -33.05 25.97 -7.17
N LYS A 915 -32.08 25.98 -8.09
CA LYS A 915 -30.74 25.55 -7.74
C LYS A 915 -30.12 26.49 -6.72
N LEU A 916 -30.35 27.80 -6.86
CA LEU A 916 -29.82 28.74 -5.87
C LEU A 916 -30.46 28.55 -4.50
N ASN A 917 -31.71 28.09 -4.45
CA ASN A 917 -32.43 28.03 -3.19
C ASN A 917 -32.27 26.71 -2.43
N TYR A 918 -32.14 25.57 -3.12
CA TYR A 918 -32.34 24.29 -2.45
C TYR A 918 -31.10 23.42 -2.30
N THR A 919 -30.02 23.65 -3.04
CA THR A 919 -29.01 22.60 -3.19
C THR A 919 -27.88 22.66 -2.16
N LEU A 920 -27.29 23.83 -1.92
CA LEU A 920 -26.11 23.93 -1.07
C LEU A 920 -26.51 24.39 0.33
N GLY A 921 -26.19 23.57 1.33
CA GLY A 921 -26.61 23.84 2.69
C GLY A 921 -25.42 23.98 3.64
N GLY A 922 -25.62 24.75 4.71
CA GLY A 922 -24.56 24.93 5.69
C GLY A 922 -24.19 23.61 6.35
N GLY A 923 -22.90 23.45 6.61
CA GLY A 923 -22.37 22.22 7.17
C GLY A 923 -21.79 21.27 6.15
N THR A 924 -21.78 21.64 4.87
CA THR A 924 -21.19 20.78 3.85
C THR A 924 -19.69 20.63 4.11
N PRO A 925 -19.17 19.40 4.22
CA PRO A 925 -17.74 19.21 4.52
C PRO A 925 -16.86 19.31 3.28
N ILE A 926 -16.76 20.52 2.73
CA ILE A 926 -16.10 20.71 1.44
C ILE A 926 -14.60 20.40 1.54
N GLY A 927 -13.98 20.75 2.66
CA GLY A 927 -12.55 20.56 2.78
C GLY A 927 -12.13 19.10 2.73
N ILE A 928 -12.81 18.24 3.49
CA ILE A 928 -12.42 16.84 3.52
C ILE A 928 -12.72 16.17 2.19
N ILE A 929 -13.81 16.57 1.52
CA ILE A 929 -14.11 16.02 0.20
C ILE A 929 -13.00 16.38 -0.78
N SER A 930 -12.56 17.64 -0.78
CA SER A 930 -11.47 18.04 -1.66
C SER A 930 -10.20 17.27 -1.35
N ALA A 931 -9.88 17.11 -0.07
CA ALA A 931 -8.67 16.38 0.30
C ALA A 931 -8.73 14.94 -0.20
N GLN A 932 -9.89 14.28 -0.01
CA GLN A 932 -10.01 12.90 -0.44
C GLN A 932 -9.89 12.78 -1.96
N VAL A 933 -10.49 13.71 -2.70
CA VAL A 933 -10.40 13.65 -4.16
C VAL A 933 -8.95 13.77 -4.61
N LEU A 934 -8.23 14.77 -4.09
CA LEU A 934 -6.83 14.95 -4.49
C LEU A 934 -5.99 13.74 -4.14
N SER A 935 -6.17 13.22 -2.92
CA SER A 935 -5.36 12.09 -2.47
C SER A 935 -5.64 10.84 -3.27
N GLU A 936 -6.92 10.54 -3.50
CA GLU A 936 -7.26 9.37 -4.31
C GLU A 936 -6.66 9.48 -5.69
N LYS A 937 -6.72 10.68 -6.29
CA LYS A 937 -6.17 10.82 -7.64
C LYS A 937 -4.67 10.56 -7.66
N PHE A 938 -3.90 11.20 -6.78
CA PHE A 938 -2.46 11.01 -6.91
C PHE A 938 -2.05 9.61 -6.47
N THR A 939 -2.80 8.98 -5.57
CA THR A 939 -2.51 7.59 -5.22
C THR A 939 -2.72 6.67 -6.41
N GLN A 940 -3.86 6.79 -7.08
CA GLN A 940 -4.13 5.90 -8.21
C GLN A 940 -3.16 6.15 -9.36
N GLN A 941 -2.79 7.41 -9.59
CA GLN A 941 -1.79 7.68 -10.63
C GLN A 941 -0.44 7.07 -10.25
N ALA A 942 -0.06 7.14 -8.98
CA ALA A 942 1.19 6.53 -8.57
C ALA A 942 1.18 5.02 -8.75
N LEU A 943 0.10 4.35 -8.36
CA LEU A 943 0.09 2.90 -8.36
C LEU A 943 -0.12 2.27 -9.72
N SER A 944 -0.44 3.06 -10.76
CA SER A 944 -0.62 2.53 -12.10
C SER A 944 0.51 2.94 -13.04
N SER A 945 1.58 3.54 -12.53
CA SER A 945 2.70 3.98 -13.36
C SER A 945 2.23 4.89 -14.49
N PHE A 946 1.30 5.80 -14.16
CA PHE A 946 0.73 6.68 -15.17
C PHE A 946 1.77 7.62 -15.75
N HIS A 947 2.63 8.18 -14.92
CA HIS A 947 3.64 9.13 -15.36
C HIS A 947 4.94 8.41 -15.72
N THR A 948 5.51 8.78 -16.87
CA THR A 948 6.73 8.17 -17.36
C THR A 948 7.86 9.21 -17.34
N THR A 949 8.98 8.82 -16.74
CA THR A 949 10.12 9.73 -16.66
C THR A 949 10.67 10.01 -18.06
N GLU A 950 11.22 11.21 -18.24
CA GLU A 950 11.78 11.63 -19.51
C GLU A 950 13.11 12.32 -19.26
N LYS A 951 13.98 12.26 -20.27
CA LYS A 951 15.26 12.95 -20.24
C LYS A 951 15.14 14.27 -20.99
N SER A 952 15.75 15.32 -20.43
CA SER A 952 15.72 16.64 -21.04
C SER A 952 17.07 17.31 -20.88
N GLY A 953 17.36 18.25 -21.77
CA GLY A 953 18.60 19.01 -21.71
C GLY A 953 18.50 20.31 -20.97
N ALA A 954 17.29 20.75 -20.65
CA ALA A 954 17.06 22.00 -19.95
C ALA A 954 16.31 21.75 -18.65
N VAL A 955 16.35 22.73 -17.76
CA VAL A 955 15.67 22.62 -16.48
C VAL A 955 14.17 22.55 -16.71
N LYS A 956 13.53 21.57 -16.07
CA LYS A 956 12.09 21.39 -16.19
C LYS A 956 11.51 21.06 -14.82
N GLN A 957 10.20 21.25 -14.70
CA GLN A 957 9.46 20.86 -13.50
C GLN A 957 8.81 19.51 -13.75
N LYS A 958 9.03 18.58 -12.81
CA LYS A 958 8.59 17.21 -12.99
C LYS A 958 7.12 17.06 -12.64
N LEU A 959 6.56 15.92 -13.03
CA LEU A 959 5.17 15.58 -12.74
C LEU A 959 5.13 14.46 -11.71
N GLY A 960 3.94 14.20 -11.20
CA GLY A 960 3.71 13.07 -10.32
C GLY A 960 3.75 13.42 -8.85
N PHE A 961 3.77 12.36 -8.04
CA PHE A 961 3.60 12.51 -6.60
C PHE A 961 4.77 13.26 -5.96
N ASN A 962 5.99 13.01 -6.42
CA ASN A 962 7.16 13.59 -5.76
C ASN A 962 7.12 15.12 -5.80
N GLU A 963 6.76 15.69 -6.95
CA GLU A 963 6.69 17.14 -7.07
C GLU A 963 5.57 17.72 -6.21
N PHE A 964 4.43 17.04 -6.14
CA PHE A 964 3.35 17.51 -5.28
C PHE A 964 3.78 17.52 -3.82
N ASN A 965 4.49 16.47 -3.40
CA ASN A 965 5.00 16.42 -2.04
C ASN A 965 5.97 17.56 -1.78
N ASN A 966 6.86 17.83 -2.72
CA ASN A 966 7.79 18.95 -2.56
C ASN A 966 7.04 20.26 -2.42
N LEU A 967 6.01 20.47 -3.24
CA LEU A 967 5.25 21.72 -3.16
C LEU A 967 4.57 21.87 -1.81
N THR A 968 3.98 20.79 -1.29
CA THR A 968 3.29 20.90 -0.01
C THR A 968 4.27 21.06 1.15
N ASN A 969 5.48 20.52 1.03
CA ASN A 969 6.45 20.64 2.11
C ASN A 969 6.87 22.09 2.34
N LEU A 970 7.08 22.84 1.26
CA LEU A 970 7.49 24.25 1.34
C LEU A 970 8.81 24.41 2.09
N SER A 971 9.81 23.62 1.68
CA SER A 971 11.13 23.71 2.30
C SER A 971 11.86 24.96 1.84
N LYS A 972 12.64 25.54 2.75
CA LYS A 972 13.45 26.72 2.44
C LYS A 972 14.88 26.31 2.11
N ASN A 973 15.65 27.29 1.65
CA ASN A 973 17.08 27.12 1.39
C ASN A 973 17.33 26.02 0.38
N LYS A 974 16.61 26.08 -0.74
CA LYS A 974 16.84 25.22 -1.88
C LYS A 974 16.77 26.06 -3.15
N THR A 975 17.45 25.60 -4.19
CA THR A 975 17.42 26.31 -5.46
C THR A 975 16.03 26.24 -6.07
N GLU A 976 15.67 27.30 -6.78
CA GLU A 976 14.39 27.41 -7.47
C GLU A 976 14.61 27.62 -8.95
N ILE A 977 13.64 27.16 -9.74
CA ILE A 977 13.67 27.30 -11.18
C ILE A 977 13.06 28.65 -11.56
N ILE A 978 13.86 29.51 -12.17
CA ILE A 978 13.44 30.85 -12.59
C ILE A 978 13.33 30.84 -14.10
N THR A 979 12.19 31.30 -14.62
CA THR A 979 11.94 31.37 -16.05
C THR A 979 11.97 32.83 -16.50
N LEU A 980 12.68 33.10 -17.58
CA LEU A 980 12.75 34.42 -18.18
C LEU A 980 12.15 34.37 -19.57
N VAL A 981 11.24 35.32 -19.86
CA VAL A 981 10.55 35.39 -21.14
C VAL A 981 10.68 36.81 -21.66
N SER A 982 10.95 36.94 -22.96
CA SER A 982 11.11 38.26 -23.56
C SER A 982 10.73 38.19 -25.03
N ASP A 983 10.75 39.34 -25.69
CA ASP A 983 10.63 39.41 -27.14
C ASP A 983 11.89 39.94 -27.80
N ASP A 984 12.88 40.36 -27.03
CA ASP A 984 14.19 40.76 -27.54
C ASP A 984 15.21 39.75 -27.03
N ILE A 985 15.90 39.08 -27.96
CA ILE A 985 16.71 37.93 -27.59
C ILE A 985 18.09 38.31 -27.06
N SER A 986 18.55 39.54 -27.31
CA SER A 986 19.87 39.94 -26.80
C SER A 986 19.90 39.94 -25.28
N LYS A 987 18.82 40.39 -24.65
CA LYS A 987 18.77 40.43 -23.19
C LYS A 987 18.92 39.04 -22.61
N LEU A 988 18.28 38.04 -23.22
CA LEU A 988 18.43 36.67 -22.75
C LEU A 988 19.83 36.13 -23.07
N GLN A 989 20.38 36.51 -24.21
CA GLN A 989 21.69 35.98 -24.61
C GLN A 989 22.78 36.42 -23.64
N SER A 990 22.69 37.64 -23.14
CA SER A 990 23.67 38.10 -22.15
C SER A 990 23.66 37.21 -20.91
N VAL A 991 22.47 36.96 -20.37
CA VAL A 991 22.36 36.11 -19.18
C VAL A 991 22.87 34.71 -19.49
N LYS A 992 22.52 34.18 -20.68
CA LYS A 992 22.95 32.84 -21.04
C LYS A 992 24.47 32.75 -21.07
N ILE A 993 25.12 33.69 -21.75
CA ILE A 993 26.58 33.62 -21.87
C ILE A 993 27.22 33.74 -20.50
N ASN A 994 26.66 34.55 -19.61
CA ASN A 994 27.29 34.73 -18.31
C ASN A 994 26.93 33.67 -17.28
N PHE A 995 25.92 32.83 -17.52
CA PHE A 995 25.50 31.85 -16.53
C PHE A 995 25.68 30.39 -16.93
N GLU A 996 25.71 30.08 -18.22
CA GLU A 996 25.85 28.70 -18.64
C GLU A 996 27.25 28.17 -18.35
N PHE A 997 27.32 26.98 -17.76
CA PHE A 997 28.59 26.43 -17.30
C PHE A 997 29.35 25.77 -18.44
N VAL A 998 30.64 26.09 -18.55
CA VAL A 998 31.54 25.47 -19.51
C VAL A 998 32.89 25.30 -18.86
N CYS A 999 33.57 24.20 -19.15
CA CYS A 999 34.92 23.95 -18.67
C CYS A 999 35.79 23.50 -19.83
N LEU A 1000 37.10 23.71 -19.68
CA LEU A 1000 38.03 23.38 -20.76
C LEU A 1000 37.91 21.91 -21.16
N GLY A 1001 37.75 21.01 -20.18
CA GLY A 1001 37.69 19.60 -20.49
C GLY A 1001 36.58 19.24 -21.44
N GLU A 1002 35.44 19.95 -21.37
CA GLU A 1002 34.34 19.68 -22.28
C GLU A 1002 34.69 19.89 -23.73
N LEU A 1003 35.71 20.69 -24.02
CA LEU A 1003 36.05 21.04 -25.39
C LEU A 1003 36.99 20.04 -26.04
N ASN A 1004 37.30 18.93 -25.36
CA ASN A 1004 38.19 17.90 -25.89
C ASN A 1004 39.52 18.49 -26.35
N PRO A 1005 40.24 19.16 -25.45
CA PRO A 1005 41.54 19.73 -25.85
C PRO A 1005 42.61 18.66 -26.05
N ASN A 1006 43.82 19.10 -26.35
CA ASN A 1006 44.95 18.22 -26.66
C ASN A 1006 46.17 18.64 -25.84
N ILE A 1007 45.97 18.74 -24.52
CA ILE A 1007 46.98 19.34 -23.65
C ILE A 1007 48.26 18.50 -23.69
N THR A 1008 49.39 19.18 -23.88
CA THR A 1008 50.70 18.55 -23.79
C THR A 1008 51.63 19.47 -23.01
N LEU A 1009 52.65 18.87 -22.39
CA LEU A 1009 53.58 19.61 -21.54
C LEU A 1009 55.02 19.21 -21.87
N ARG A 1010 55.92 20.17 -21.73
CA ARG A 1010 57.35 19.90 -21.85
C ARG A 1010 58.10 20.88 -20.96
N LYS A 1011 59.36 20.55 -20.69
CA LYS A 1011 60.21 21.35 -19.83
C LYS A 1011 61.36 21.91 -20.63
N GLU A 1012 61.63 23.21 -20.46
CA GLU A 1012 62.80 23.84 -21.03
C GLU A 1012 63.54 24.56 -19.92
N THR A 1013 64.79 24.94 -20.19
CA THR A 1013 65.59 25.60 -19.16
C THR A 1013 64.86 26.82 -18.62
N ASP A 1014 64.48 26.76 -17.34
CA ASP A 1014 63.84 27.85 -16.60
C ASP A 1014 62.35 27.99 -16.87
N LYS A 1015 61.72 27.07 -17.60
CA LYS A 1015 60.30 27.20 -17.87
C LYS A 1015 59.67 25.84 -18.10
N TYR A 1016 58.35 25.79 -17.93
CA TYR A 1016 57.53 24.69 -18.40
C TYR A 1016 56.57 25.24 -19.44
N VAL A 1017 56.48 24.57 -20.59
CA VAL A 1017 55.64 25.00 -21.69
C VAL A 1017 54.47 24.03 -21.80
N VAL A 1018 53.25 24.57 -21.77
CA VAL A 1018 52.02 23.78 -21.88
C VAL A 1018 51.28 24.27 -23.12
N ASP A 1019 50.97 23.35 -24.02
CA ASP A 1019 50.23 23.65 -25.24
C ASP A 1019 48.83 23.05 -25.15
N ILE A 1020 47.82 23.86 -25.47
CA ILE A 1020 46.43 23.46 -25.42
C ILE A 1020 45.84 23.73 -26.80
N ILE A 1021 45.55 22.67 -27.54
CA ILE A 1021 45.06 22.78 -28.90
C ILE A 1021 43.57 22.45 -28.91
N VAL A 1022 42.77 23.34 -29.48
CA VAL A 1022 41.31 23.22 -29.48
C VAL A 1022 40.82 23.35 -30.91
N ASN A 1023 39.86 22.49 -31.28
CA ASN A 1023 39.22 22.58 -32.58
C ASN A 1023 38.08 23.58 -32.52
N ARG A 1024 37.98 24.41 -33.57
CA ARG A 1024 37.00 25.51 -33.55
C ARG A 1024 35.58 25.01 -33.48
N LEU A 1025 35.29 23.83 -34.05
CA LEU A 1025 33.91 23.37 -34.08
C LEU A 1025 33.38 23.11 -32.67
N TYR A 1026 34.22 22.60 -31.78
CA TYR A 1026 33.79 22.42 -30.40
C TYR A 1026 33.48 23.75 -29.74
N ILE A 1027 34.28 24.78 -30.05
CA ILE A 1027 33.99 26.12 -29.53
C ILE A 1027 32.65 26.60 -30.04
N LYS A 1028 32.38 26.39 -31.33
CA LYS A 1028 31.12 26.85 -31.90
C LYS A 1028 29.93 26.12 -31.29
N ARG A 1029 30.05 24.81 -31.09
CA ARG A 1029 28.95 24.05 -30.50
C ARG A 1029 28.64 24.51 -29.09
N ALA A 1030 29.67 24.81 -28.31
CA ALA A 1030 29.46 25.34 -26.97
C ALA A 1030 28.86 26.74 -26.98
N GLU A 1031 28.81 27.39 -28.14
CA GLU A 1031 28.19 28.71 -28.28
C GLU A 1031 28.97 29.78 -27.52
N ILE A 1032 30.29 29.75 -27.66
CA ILE A 1032 31.18 30.75 -27.10
C ILE A 1032 32.18 31.17 -28.18
N THR A 1033 33.12 32.01 -27.81
CA THR A 1033 34.16 32.51 -28.70
C THR A 1033 35.52 32.04 -28.23
N GLU A 1034 36.52 32.15 -29.11
CA GLU A 1034 37.88 31.76 -28.74
C GLU A 1034 38.37 32.61 -27.57
N LEU A 1035 38.00 33.89 -27.55
CA LEU A 1035 38.45 34.75 -26.47
C LEU A 1035 37.81 34.36 -25.14
N VAL A 1036 36.63 33.72 -25.17
CA VAL A 1036 36.06 33.20 -23.94
C VAL A 1036 36.94 32.08 -23.38
N VAL A 1037 37.42 31.19 -24.24
CA VAL A 1037 38.33 30.13 -23.80
C VAL A 1037 39.61 30.72 -23.24
N GLU A 1038 40.18 31.69 -23.95
CA GLU A 1038 41.38 32.35 -23.47
C GLU A 1038 41.15 32.98 -22.10
N TYR A 1039 40.01 33.63 -21.92
CA TYR A 1039 39.71 34.25 -20.63
C TYR A 1039 39.57 33.21 -19.53
N MET A 1040 38.91 32.09 -19.81
CA MET A 1040 38.79 31.03 -18.81
C MET A 1040 40.18 30.60 -18.34
N ILE A 1041 41.06 30.28 -19.29
CA ILE A 1041 42.39 29.80 -18.94
C ILE A 1041 43.15 30.86 -18.14
N GLU A 1042 43.11 32.10 -18.63
CA GLU A 1042 43.87 33.16 -17.99
C GLU A 1042 43.36 33.43 -16.57
N ARG A 1043 42.05 33.44 -16.38
CA ARG A 1043 41.50 33.67 -15.06
C ARG A 1043 41.89 32.56 -14.11
N PHE A 1044 41.91 31.31 -14.58
CA PHE A 1044 42.35 30.24 -13.69
C PHE A 1044 43.81 30.41 -13.31
N ILE A 1045 44.67 30.68 -14.28
CA ILE A 1045 46.11 30.72 -14.00
C ILE A 1045 46.45 31.92 -13.12
N SER A 1046 45.77 33.05 -13.32
CA SER A 1046 46.16 34.29 -12.64
C SER A 1046 45.99 34.19 -11.13
N PHE A 1047 44.92 33.54 -10.66
CA PHE A 1047 44.61 33.49 -9.24
C PHE A 1047 45.05 32.20 -8.57
N SER A 1048 45.80 31.36 -9.26
CA SER A 1048 46.23 30.09 -8.69
C SER A 1048 47.23 30.32 -7.57
N VAL A 1049 47.12 29.53 -6.51
CA VAL A 1049 48.03 29.63 -5.37
C VAL A 1049 49.26 28.73 -5.51
N ILE A 1050 49.34 27.93 -6.57
CA ILE A 1050 50.47 27.05 -6.78
C ILE A 1050 51.32 27.46 -7.97
N VAL A 1051 51.00 28.58 -8.61
CA VAL A 1051 51.77 29.10 -9.74
C VAL A 1051 52.57 30.30 -9.24
N LYS A 1052 53.85 30.34 -9.60
CA LYS A 1052 54.73 31.44 -9.21
C LYS A 1052 54.87 32.48 -10.32
N GLU A 1053 55.27 32.06 -11.52
CA GLU A 1053 55.44 32.97 -12.64
C GLU A 1053 54.77 32.38 -13.88
N TRP A 1054 54.16 33.23 -14.70
CA TRP A 1054 53.40 32.73 -15.83
C TRP A 1054 53.37 33.74 -16.97
N GLY A 1055 53.09 33.22 -18.16
CA GLY A 1055 52.84 34.03 -19.34
C GLY A 1055 52.02 33.24 -20.33
N MET A 1056 51.30 33.96 -21.20
CA MET A 1056 50.38 33.32 -22.13
C MET A 1056 50.52 33.90 -23.53
N GLU A 1057 50.23 33.07 -24.52
CA GLU A 1057 50.14 33.53 -25.91
C GLU A 1057 49.20 32.62 -26.67
N THR A 1058 48.71 33.12 -27.81
CA THR A 1058 47.75 32.40 -28.62
C THR A 1058 48.21 32.38 -30.08
N PHE A 1059 48.01 31.24 -30.74
CA PHE A 1059 48.43 31.03 -32.12
C PHE A 1059 47.30 30.38 -32.89
N ILE A 1060 47.24 30.68 -34.18
CA ILE A 1060 46.29 30.07 -35.11
C ILE A 1060 47.04 28.96 -35.83
N GLU A 1061 46.82 27.72 -35.42
CA GLU A 1061 47.51 26.59 -36.03
C GLU A 1061 47.14 26.46 -37.50
N ASP A 1062 45.86 26.56 -37.81
CA ASP A 1062 45.36 26.43 -39.18
C ASP A 1062 43.92 26.95 -39.17
N GLU A 1063 43.20 26.69 -40.27
CA GLU A 1063 41.85 27.23 -40.40
C GLU A 1063 40.90 26.69 -39.34
N ASP A 1064 41.26 25.59 -38.65
CA ASP A 1064 40.32 24.93 -37.76
C ASP A 1064 40.97 24.47 -36.47
N ASN A 1065 41.98 25.18 -35.98
CA ASN A 1065 42.61 24.84 -34.71
C ASN A 1065 43.21 26.08 -34.10
N ILE A 1066 43.15 26.16 -32.76
CA ILE A 1066 43.72 27.27 -32.01
C ILE A 1066 44.63 26.68 -30.93
N ARG A 1067 45.82 27.25 -30.79
CA ARG A 1067 46.78 26.77 -29.80
C ARG A 1067 47.00 27.85 -28.76
N PHE A 1068 46.69 27.55 -27.50
CA PHE A 1068 47.00 28.41 -26.38
C PHE A 1068 48.25 27.88 -25.70
N THR A 1069 49.29 28.71 -25.62
CA THR A 1069 50.55 28.33 -25.03
C THR A 1069 50.74 29.06 -23.71
N VAL A 1070 51.13 28.32 -22.67
CA VAL A 1070 51.36 28.86 -21.34
C VAL A 1070 52.78 28.53 -20.92
N TYR A 1071 53.51 29.53 -20.44
CA TYR A 1071 54.82 29.35 -19.85
C TYR A 1071 54.70 29.52 -18.35
N LEU A 1072 55.26 28.57 -17.60
CA LEU A 1072 55.00 28.46 -16.17
C LEU A 1072 56.28 28.20 -15.39
N ASN A 1073 56.25 28.65 -14.13
CA ASN A 1073 57.19 28.21 -13.09
C ASN A 1073 56.41 28.14 -11.79
N PHE A 1074 56.44 26.98 -11.14
CA PHE A 1074 55.64 26.70 -9.96
C PHE A 1074 56.38 27.05 -8.68
N VAL A 1075 55.64 27.10 -7.58
CA VAL A 1075 56.24 27.30 -6.27
C VAL A 1075 56.75 25.97 -5.74
N GLU A 1076 57.62 26.05 -4.72
CA GLU A 1076 58.16 24.83 -4.13
C GLU A 1076 57.12 24.15 -3.25
N PRO A 1077 57.03 22.80 -3.27
CA PRO A 1077 57.84 21.86 -4.06
C PRO A 1077 57.44 21.87 -5.53
N GLU A 1078 58.38 21.57 -6.44
CA GLU A 1078 58.15 21.82 -7.85
C GLU A 1078 57.32 20.72 -8.50
N GLU A 1079 57.83 19.49 -8.52
CA GLU A 1079 57.20 18.44 -9.31
C GLU A 1079 55.84 18.04 -8.74
N LEU A 1080 55.69 18.09 -7.41
CA LEU A 1080 54.39 17.80 -6.81
C LEU A 1080 53.34 18.79 -7.29
N ASN A 1081 53.66 20.08 -7.25
CA ASN A 1081 52.72 21.09 -7.73
C ASN A 1081 52.51 20.97 -9.23
N LEU A 1082 53.54 20.57 -9.98
CA LEU A 1082 53.36 20.34 -11.41
C LEU A 1082 52.30 19.27 -11.65
N SER A 1083 52.40 18.16 -10.94
CA SER A 1083 51.42 17.09 -11.10
C SER A 1083 50.03 17.55 -10.69
N LYS A 1084 49.92 18.26 -9.57
CA LYS A 1084 48.61 18.76 -9.14
C LYS A 1084 48.00 19.69 -10.20
N PHE A 1085 48.82 20.57 -10.77
CA PHE A 1085 48.33 21.50 -11.78
C PHE A 1085 47.83 20.75 -13.00
N MET A 1086 48.63 19.80 -13.50
CA MET A 1086 48.20 19.04 -14.67
C MET A 1086 46.96 18.22 -14.37
N MET A 1087 46.76 17.84 -13.12
CA MET A 1087 45.59 17.06 -12.75
C MET A 1087 44.33 17.92 -12.72
N VAL A 1088 44.42 19.15 -12.21
CA VAL A 1088 43.23 19.97 -12.02
C VAL A 1088 42.95 20.92 -13.18
N LEU A 1089 43.88 21.09 -14.13
CA LEU A 1089 43.67 22.08 -15.18
C LEU A 1089 42.39 21.87 -15.97
N PRO A 1090 42.06 20.68 -16.48
CA PRO A 1090 40.90 20.56 -17.36
C PRO A 1090 39.58 21.00 -16.75
N GLY A 1091 39.41 20.86 -15.43
CA GLY A 1091 38.15 21.18 -14.81
C GLY A 1091 38.12 22.52 -14.12
N ALA A 1092 39.29 23.02 -13.69
CA ALA A 1092 39.33 24.26 -12.94
C ALA A 1092 39.18 25.49 -13.84
N ALA A 1093 39.58 25.40 -15.11
CA ALA A 1093 39.45 26.51 -16.05
C ALA A 1093 38.04 26.50 -16.61
N ASN A 1094 37.15 27.28 -16.01
CA ASN A 1094 35.74 27.24 -16.36
C ASN A 1094 35.10 28.60 -16.16
N LYS A 1095 33.84 28.71 -16.58
CA LYS A 1095 33.05 29.91 -16.36
C LYS A 1095 31.59 29.50 -16.18
N GLY A 1096 30.82 30.38 -15.53
CA GLY A 1096 29.40 30.15 -15.32
C GLY A 1096 29.11 29.55 -13.97
N LYS A 1097 27.84 29.18 -13.80
CA LYS A 1097 27.34 28.59 -12.56
C LYS A 1097 27.29 27.08 -12.70
N ILE A 1098 27.95 26.37 -11.77
CA ILE A 1098 28.01 24.92 -11.87
C ILE A 1098 26.60 24.34 -11.79
N SER A 1099 26.27 23.48 -12.73
CA SER A 1099 24.97 22.83 -12.78
C SER A 1099 25.02 21.74 -13.83
N LYS A 1100 24.08 20.80 -13.73
CA LYS A 1100 24.00 19.69 -14.67
C LYS A 1100 23.16 19.99 -15.90
N PHE A 1101 22.58 21.18 -15.99
CA PHE A 1101 21.72 21.56 -17.10
C PHE A 1101 22.37 22.66 -17.92
N LYS A 1102 22.17 22.62 -19.23
CA LYS A 1102 22.53 23.73 -20.09
C LYS A 1102 21.40 24.76 -20.10
N ILE A 1103 21.56 25.83 -20.85
CA ILE A 1103 20.56 26.89 -20.89
C ILE A 1103 20.23 27.20 -22.34
N PRO A 1104 19.52 26.32 -23.04
CA PRO A 1104 19.05 26.66 -24.39
C PRO A 1104 17.98 27.73 -24.36
N ILE A 1105 17.90 28.49 -25.45
CA ILE A 1105 16.90 29.54 -25.62
C ILE A 1105 15.88 29.03 -26.64
N SER A 1106 14.61 29.00 -26.25
CA SER A 1106 13.55 28.46 -27.10
C SER A 1106 12.60 29.57 -27.51
N ASP A 1107 11.75 29.25 -28.49
CA ASP A 1107 10.72 30.16 -28.97
C ASP A 1107 9.36 29.49 -28.87
N TYR A 1108 8.33 30.29 -28.59
CA TYR A 1108 6.96 29.80 -28.64
C TYR A 1108 6.04 30.96 -28.96
N THR A 1109 4.76 30.65 -29.11
CA THR A 1109 3.74 31.63 -29.46
C THR A 1109 2.85 31.87 -28.24
N GLY A 1110 2.79 33.13 -27.80
CA GLY A 1110 2.00 33.50 -26.65
C GLY A 1110 0.80 34.34 -27.00
N TYR A 1111 -0.21 34.32 -26.15
CA TYR A 1111 -1.45 35.05 -26.37
C TYR A 1111 -1.42 36.37 -25.63
N ASP A 1112 -1.88 37.43 -26.30
CA ASP A 1112 -2.28 38.66 -25.63
C ASP A 1112 -3.77 38.73 -25.38
N ASP A 1113 -4.56 38.13 -26.26
CA ASP A 1113 -6.01 38.03 -26.11
C ASP A 1113 -6.46 36.83 -26.96
N PHE A 1114 -7.76 36.66 -27.11
CA PHE A 1114 -8.25 35.53 -27.90
C PHE A 1114 -7.95 35.70 -29.38
N ASN A 1115 -7.64 36.93 -29.83
CA ASN A 1115 -7.37 37.19 -31.24
C ASN A 1115 -6.06 37.96 -31.45
N GLN A 1116 -5.14 37.89 -30.50
CA GLN A 1116 -3.83 38.53 -30.62
C GLN A 1116 -2.76 37.57 -30.18
N THR A 1117 -1.72 37.43 -30.99
CA THR A 1117 -0.65 36.47 -30.75
C THR A 1117 0.70 37.12 -30.98
N LYS A 1118 1.72 36.58 -30.32
CA LYS A 1118 3.06 37.14 -30.39
C LYS A 1118 4.07 36.01 -30.29
N LYS A 1119 5.29 36.27 -30.76
CA LYS A 1119 6.36 35.29 -30.68
C LYS A 1119 7.31 35.68 -29.56
N LEU A 1120 7.58 34.75 -28.66
CA LEU A 1120 8.35 35.03 -27.45
C LEU A 1120 9.50 34.05 -27.32
N ASN A 1121 10.62 34.55 -26.79
CA ASN A 1121 11.79 33.75 -26.46
C ASN A 1121 11.81 33.46 -24.96
N LYS A 1122 12.31 32.28 -24.60
CA LYS A 1122 12.21 31.75 -23.26
C LYS A 1122 13.50 31.05 -22.86
N MET A 1123 13.87 31.18 -21.59
CA MET A 1123 14.97 30.42 -21.02
C MET A 1123 14.70 30.16 -19.54
N THR A 1124 15.43 29.21 -18.98
CA THR A 1124 15.24 28.79 -17.59
C THR A 1124 16.60 28.62 -16.92
N VAL A 1125 16.65 28.89 -15.61
CA VAL A 1125 17.91 28.77 -14.86
C VAL A 1125 17.58 28.51 -13.40
N GLU A 1126 18.46 27.77 -12.72
CA GLU A 1126 18.30 27.46 -11.31
C GLU A 1126 19.11 28.43 -10.47
N LEU A 1127 18.48 29.02 -9.46
CA LEU A 1127 19.16 30.01 -8.62
C LEU A 1127 18.61 29.93 -7.21
N MET A 1128 19.45 30.32 -6.24
CA MET A 1128 18.98 30.45 -4.86
C MET A 1128 18.13 31.70 -4.69
N ASN A 1129 18.55 32.82 -5.28
CA ASN A 1129 17.76 34.04 -5.26
C ASN A 1129 18.16 34.86 -6.49
N LEU A 1130 17.58 36.04 -6.60
CA LEU A 1130 17.69 36.86 -7.82
C LEU A 1130 18.76 37.94 -7.71
N LYS A 1131 19.62 37.88 -6.70
CA LYS A 1131 20.60 38.95 -6.51
C LYS A 1131 21.53 39.06 -7.71
N GLU A 1132 22.00 37.93 -8.23
CA GLU A 1132 22.96 37.96 -9.33
C GLU A 1132 22.40 38.67 -10.56
N LEU A 1133 21.09 38.64 -10.75
CA LEU A 1133 20.48 39.29 -11.91
C LEU A 1133 20.46 40.80 -11.81
N GLY A 1134 20.85 41.36 -10.65
CA GLY A 1134 20.63 42.77 -10.39
C GLY A 1134 21.40 43.71 -11.29
N SER A 1135 22.29 43.22 -12.14
CA SER A 1135 23.13 44.07 -12.98
C SER A 1135 23.15 43.57 -14.42
N PHE A 1136 21.98 43.27 -14.98
CA PHE A 1136 21.92 42.68 -16.31
C PHE A 1136 20.90 43.32 -17.26
N ASP A 1137 20.29 44.44 -16.89
CA ASP A 1137 19.42 45.18 -17.80
C ASP A 1137 18.27 44.29 -18.30
N LEU A 1138 17.44 43.88 -17.35
CA LEU A 1138 16.29 43.04 -17.65
C LEU A 1138 15.00 43.87 -17.75
N GLU A 1139 15.02 44.86 -18.64
CA GLU A 1139 13.86 45.72 -18.83
C GLU A 1139 12.85 45.06 -19.76
N ASN A 1140 11.58 45.09 -19.37
CA ASN A 1140 10.49 44.48 -20.13
C ASN A 1140 10.63 42.96 -20.22
N VAL A 1141 11.38 42.34 -19.32
CA VAL A 1141 11.56 40.90 -19.29
C VAL A 1141 10.63 40.33 -18.23
N ASN A 1142 9.79 39.40 -18.62
CA ASN A 1142 8.85 38.75 -17.71
C ASN A 1142 9.55 37.62 -16.96
N VAL A 1143 9.49 37.66 -15.63
CA VAL A 1143 10.25 36.75 -14.78
C VAL A 1143 9.28 35.96 -13.92
N TYR A 1144 9.42 34.63 -13.93
CA TYR A 1144 8.61 33.73 -13.11
C TYR A 1144 9.52 33.00 -12.13
N PRO A 1145 9.57 33.40 -10.86
CA PRO A 1145 10.39 32.70 -9.87
C PRO A 1145 9.66 31.59 -9.13
N GLY A 1146 10.33 30.99 -8.14
CA GLY A 1146 9.72 29.99 -7.29
C GLY A 1146 8.90 30.61 -6.16
N VAL A 1147 8.45 29.75 -5.25
CA VAL A 1147 7.43 30.14 -4.28
C VAL A 1147 7.99 31.15 -3.28
N TRP A 1148 9.18 30.90 -2.74
CA TRP A 1148 9.68 31.79 -1.71
C TRP A 1148 10.16 33.12 -2.28
N ASN A 1149 10.78 33.10 -3.47
CA ASN A 1149 11.17 34.35 -4.10
C ASN A 1149 9.95 35.18 -4.49
N THR A 1150 8.92 34.55 -5.05
CA THR A 1150 7.72 35.29 -5.39
C THR A 1150 7.02 35.82 -4.16
N TYR A 1151 7.04 35.08 -3.05
CA TYR A 1151 6.51 35.62 -1.80
C TYR A 1151 7.31 36.84 -1.35
N ASP A 1152 8.64 36.75 -1.40
CA ASP A 1152 9.48 37.84 -0.89
C ASP A 1152 9.31 39.11 -1.73
N ILE A 1153 9.14 38.97 -3.04
CA ILE A 1153 9.06 40.14 -3.90
C ILE A 1153 7.62 40.64 -4.04
N PHE A 1154 6.68 39.75 -4.35
CA PHE A 1154 5.34 40.18 -4.78
C PHE A 1154 4.29 40.15 -3.68
N GLY A 1155 4.38 39.24 -2.71
CA GLY A 1155 3.48 39.20 -1.59
C GLY A 1155 2.84 37.84 -1.42
N ILE A 1156 1.83 37.79 -0.55
CA ILE A 1156 1.22 36.51 -0.18
C ILE A 1156 0.21 36.05 -1.22
N GLU A 1157 -0.53 36.98 -1.82
CA GLU A 1157 -1.49 36.60 -2.86
C GLU A 1157 -0.80 35.98 -4.06
N ALA A 1158 0.34 36.54 -4.48
CA ALA A 1158 1.09 35.97 -5.59
C ALA A 1158 1.58 34.57 -5.25
N ALA A 1159 2.04 34.37 -4.00
CA ALA A 1159 2.46 33.04 -3.58
C ALA A 1159 1.30 32.05 -3.67
N ARG A 1160 0.11 32.47 -3.22
CA ARG A 1160 -1.05 31.60 -3.28
C ARG A 1160 -1.36 31.20 -4.72
N GLU A 1161 -1.33 32.18 -5.64
CA GLU A 1161 -1.59 31.87 -7.04
C GLU A 1161 -0.57 30.89 -7.60
N TYR A 1162 0.71 31.13 -7.31
CA TYR A 1162 1.75 30.24 -7.79
C TYR A 1162 1.52 28.82 -7.30
N LEU A 1163 1.23 28.67 -6.01
CA LEU A 1163 1.03 27.34 -5.45
C LEU A 1163 -0.14 26.63 -6.12
N CYS A 1164 -1.26 27.34 -6.29
CA CYS A 1164 -2.42 26.72 -6.92
C CYS A 1164 -2.06 26.19 -8.30
N GLU A 1165 -1.42 27.03 -9.12
CA GLU A 1165 -1.11 26.63 -10.49
C GLU A 1165 -0.14 25.45 -10.53
N ALA A 1166 0.92 25.50 -9.74
CA ALA A 1166 1.90 24.42 -9.76
C ALA A 1166 1.30 23.10 -9.30
N MET A 1167 0.51 23.14 -8.22
CA MET A 1167 -0.14 21.92 -7.76
C MET A 1167 -1.02 21.33 -8.84
N LEU A 1168 -1.80 22.17 -9.54
CA LEU A 1168 -2.61 21.63 -10.62
C LEU A 1168 -1.74 21.01 -11.70
N ASN A 1169 -0.65 21.68 -12.06
CA ASN A 1169 0.20 21.18 -13.15
C ASN A 1169 0.78 19.81 -12.85
N THR A 1170 1.03 19.50 -11.57
CA THR A 1170 1.65 18.20 -11.28
C THR A 1170 0.83 17.01 -11.78
N TYR A 1171 -0.47 17.18 -12.01
CA TYR A 1171 -1.32 16.03 -12.31
C TYR A 1171 -1.27 15.59 -13.77
N GLY A 1172 -0.96 16.49 -14.69
CA GLY A 1172 -0.94 16.13 -16.10
C GLY A 1172 -1.83 17.01 -16.94
N GLU A 1173 -2.31 16.49 -18.08
CA GLU A 1173 -2.96 17.34 -19.08
C GLU A 1173 -4.46 17.46 -18.88
N GLY A 1174 -5.18 16.33 -18.93
CA GLY A 1174 -6.63 16.40 -18.94
C GLY A 1174 -7.30 16.30 -17.59
N PHE A 1175 -6.94 17.17 -16.65
CA PHE A 1175 -7.47 17.12 -15.29
C PHE A 1175 -7.82 18.52 -14.80
N ASP A 1176 -8.48 19.31 -15.65
CA ASP A 1176 -8.81 20.69 -15.27
C ASP A 1176 -9.82 20.74 -14.14
N TYR A 1177 -10.67 19.72 -13.99
CA TYR A 1177 -11.69 19.76 -12.95
C TYR A 1177 -11.08 19.79 -11.56
N LEU A 1178 -9.81 19.44 -11.41
CA LEU A 1178 -9.13 19.51 -10.13
C LEU A 1178 -8.72 20.92 -9.75
N TYR A 1179 -9.04 21.91 -10.58
CA TYR A 1179 -8.67 23.28 -10.25
C TYR A 1179 -9.32 23.75 -8.95
N GLN A 1180 -10.61 23.47 -8.78
CA GLN A 1180 -11.30 23.94 -7.57
C GLN A 1180 -10.70 23.37 -6.29
N PRO A 1181 -10.46 22.06 -6.16
CA PRO A 1181 -9.82 21.56 -4.94
C PRO A 1181 -8.44 22.17 -4.68
N CYS A 1182 -7.57 22.20 -5.69
CA CYS A 1182 -6.26 22.81 -5.51
C CYS A 1182 -6.39 24.23 -4.99
N ASP A 1183 -7.29 25.01 -5.61
CA ASP A 1183 -7.52 26.38 -5.19
C ASP A 1183 -7.81 26.46 -3.70
N LEU A 1184 -8.57 25.50 -3.16
CA LEU A 1184 -8.85 25.52 -1.74
C LEU A 1184 -7.60 25.21 -0.94
N LEU A 1185 -6.87 24.15 -1.32
CA LEU A 1185 -5.69 23.77 -0.54
C LEU A 1185 -4.70 24.92 -0.48
N ALA A 1186 -4.38 25.53 -1.62
CA ALA A 1186 -3.51 26.69 -1.63
C ALA A 1186 -4.03 27.77 -0.70
N SER A 1187 -5.33 28.07 -0.77
CA SER A 1187 -5.88 29.11 0.08
C SER A 1187 -5.68 28.80 1.55
N LEU A 1188 -5.69 27.51 1.92
CA LEU A 1188 -5.45 27.15 3.31
C LEU A 1188 -3.99 27.35 3.67
N LEU A 1189 -3.07 27.00 2.76
CA LEU A 1189 -1.65 27.14 3.08
C LEU A 1189 -1.23 28.59 3.21
N CYS A 1190 -1.95 29.51 2.58
CA CYS A 1190 -1.62 30.94 2.63
C CYS A 1190 -2.68 31.74 3.39
N ALA A 1191 -3.31 31.11 4.38
CA ALA A 1191 -4.36 31.80 5.14
C ALA A 1191 -3.78 32.89 6.04
N SER A 1192 -2.57 32.71 6.52
CA SER A 1192 -1.92 33.70 7.36
C SER A 1192 -1.16 34.69 6.47
N TYR A 1193 -0.31 35.52 7.08
CA TYR A 1193 0.46 36.49 6.30
C TYR A 1193 1.70 35.87 5.65
N GLU A 1194 2.00 34.61 5.95
CA GLU A 1194 3.15 33.91 5.39
C GLU A 1194 2.73 32.49 5.04
N PRO A 1195 3.33 31.89 4.01
CA PRO A 1195 3.01 30.49 3.68
C PRO A 1195 3.41 29.54 4.81
N GLU A 1196 2.63 28.49 4.97
CA GLU A 1196 2.83 27.52 6.04
C GLU A 1196 2.75 26.10 5.48
N SER A 1197 3.68 25.25 5.91
CA SER A 1197 3.77 23.89 5.41
C SER A 1197 2.63 23.03 5.95
N VAL A 1198 2.40 21.89 5.30
CA VAL A 1198 1.39 20.95 5.78
C VAL A 1198 1.88 20.08 6.92
N ASN A 1199 3.17 20.14 7.25
CA ASN A 1199 3.74 19.30 8.31
C ASN A 1199 3.63 19.92 9.69
N LYS A 1200 3.24 21.19 9.81
CA LYS A 1200 3.33 21.90 11.07
C LYS A 1200 2.09 22.73 11.28
N PHE A 1201 1.84 23.08 12.54
CA PHE A 1201 0.79 24.01 12.95
C PHE A 1201 1.50 25.21 13.59
N LYS A 1202 1.80 26.21 12.76
CA LYS A 1202 2.57 27.37 13.21
C LYS A 1202 1.70 28.61 13.41
N PHE A 1203 0.87 28.96 12.44
CA PHE A 1203 0.05 30.16 12.52
C PHE A 1203 -1.39 29.88 12.93
N GLY A 1204 -1.95 28.75 12.50
CA GLY A 1204 -3.30 28.41 12.92
C GLY A 1204 -3.36 28.11 14.41
N ALA A 1205 -4.51 28.46 15.01
CA ALA A 1205 -4.72 28.24 16.44
C ALA A 1205 -5.31 26.86 16.68
N ALA A 1206 -4.58 25.84 16.24
CA ALA A 1206 -5.04 24.47 16.42
C ALA A 1206 -5.01 24.08 17.89
N SER A 1207 -6.04 23.37 18.33
CA SER A 1207 -6.16 23.00 19.73
C SER A 1207 -5.13 21.93 20.08
N THR A 1208 -4.94 21.73 21.38
CA THR A 1208 -3.96 20.76 21.85
C THR A 1208 -4.32 19.35 21.42
N LEU A 1209 -5.59 18.97 21.55
CA LEU A 1209 -5.98 17.63 21.16
C LEU A 1209 -5.88 17.41 19.65
N LYS A 1210 -6.15 18.45 18.86
CA LYS A 1210 -5.95 18.34 17.42
C LYS A 1210 -4.49 18.07 17.09
N ARG A 1211 -3.58 18.80 17.73
CA ARG A 1211 -2.15 18.56 17.51
C ARG A 1211 -1.75 17.16 17.94
N ALA A 1212 -2.25 16.73 19.11
CA ALA A 1212 -1.91 15.39 19.61
C ALA A 1212 -2.39 14.31 18.66
N THR A 1213 -3.61 14.45 18.14
CA THR A 1213 -4.12 13.50 17.15
C THR A 1213 -3.27 13.53 15.89
N PHE A 1214 -2.85 14.72 15.46
CA PHE A 1214 -1.98 14.85 14.30
C PHE A 1214 -0.67 14.10 14.49
N GLY A 1215 -0.18 14.00 15.73
CA GLY A 1215 1.03 13.26 16.02
C GLY A 1215 2.17 14.07 16.61
N ASP A 1216 1.84 15.07 17.42
CA ASP A 1216 2.88 15.93 17.99
C ASP A 1216 3.68 15.21 19.07
N ASN A 1217 2.99 14.51 19.97
CA ASN A 1217 3.60 13.72 21.04
C ASN A 1217 4.17 14.58 22.17
N LYS A 1218 4.16 15.90 22.02
CA LYS A 1218 4.58 16.80 23.10
C LYS A 1218 3.56 17.92 23.32
N ALA A 1219 2.43 17.90 22.62
CA ALA A 1219 1.48 19.01 22.71
C ALA A 1219 0.93 19.15 24.12
N LEU A 1220 0.58 18.04 24.76
CA LEU A 1220 -0.03 18.12 26.09
C LEU A 1220 0.94 18.70 27.11
N LEU A 1221 2.21 18.31 27.05
CA LEU A 1221 3.19 18.81 28.00
C LEU A 1221 3.38 20.31 27.86
N ASN A 1222 3.51 20.79 26.62
CA ASN A 1222 3.66 22.23 26.40
C ASN A 1222 2.40 22.99 26.81
N ALA A 1223 1.23 22.43 26.53
CA ALA A 1223 -0.01 23.08 26.94
C ALA A 1223 -0.09 23.20 28.45
N ALA A 1224 0.30 22.14 29.17
CA ALA A 1224 0.35 22.21 30.63
C ALA A 1224 1.35 23.26 31.09
N LEU A 1225 2.50 23.33 30.42
CA LEU A 1225 3.52 24.29 30.81
C LEU A 1225 3.01 25.72 30.66
N HIS A 1226 2.28 26.00 29.58
CA HIS A 1226 1.79 27.35 29.31
C HIS A 1226 0.39 27.60 29.86
N LYS A 1227 -0.23 26.62 30.51
CA LYS A 1227 -1.54 26.80 31.14
C LYS A 1227 -2.59 27.21 30.11
N LYS A 1228 -2.69 26.43 29.05
CA LYS A 1228 -3.60 26.76 27.95
C LYS A 1228 -5.04 26.33 28.28
N SER A 1229 -5.99 27.19 27.96
CA SER A 1229 -7.41 26.91 28.09
C SER A 1229 -8.06 27.04 26.72
N GLU A 1230 -8.78 26.00 26.31
CA GLU A 1230 -9.24 25.89 24.93
C GLU A 1230 -10.69 25.43 24.87
N PRO A 1231 -11.42 25.82 23.83
CA PRO A 1231 -12.76 25.27 23.60
C PRO A 1231 -12.68 23.93 22.88
N ILE A 1232 -13.84 23.31 22.71
CA ILE A 1232 -13.95 21.96 22.14
C ILE A 1232 -14.83 22.08 20.90
N ASN A 1233 -14.19 22.30 19.74
CA ASN A 1233 -14.91 22.51 18.49
C ASN A 1233 -14.41 21.61 17.36
N ASP A 1234 -13.14 21.26 17.39
CA ASP A 1234 -12.54 20.44 16.33
C ASP A 1234 -13.16 19.05 16.31
N ASN A 1235 -13.02 18.38 15.16
CA ASN A 1235 -13.49 17.00 15.05
C ASN A 1235 -12.75 16.09 16.01
N SER A 1236 -11.42 16.25 16.12
CA SER A 1236 -10.64 15.40 17.01
C SER A 1236 -11.08 15.58 18.47
N SER A 1237 -11.25 16.83 18.89
CA SER A 1237 -11.67 17.09 20.27
C SER A 1237 -13.05 16.52 20.53
N CYS A 1238 -13.96 16.65 19.57
CA CYS A 1238 -15.30 16.09 19.73
C CYS A 1238 -15.24 14.57 19.85
N HIS A 1239 -14.41 13.92 19.04
CA HIS A 1239 -14.26 12.47 19.15
C HIS A 1239 -13.71 12.07 20.51
N PHE A 1240 -12.77 12.84 21.05
CA PHE A 1240 -12.17 12.48 22.33
C PHE A 1240 -13.21 12.43 23.43
N PHE A 1241 -14.14 13.39 23.45
CA PHE A 1241 -15.14 13.50 24.51
C PHE A 1241 -16.51 12.96 24.11
N SER A 1242 -16.62 12.24 22.99
CA SER A 1242 -17.87 11.61 22.57
C SER A 1242 -18.97 12.65 22.32
N LYS A 1243 -18.61 13.72 21.64
CA LYS A 1243 -19.56 14.75 21.23
C LYS A 1243 -19.81 14.65 19.73
N VAL A 1244 -20.94 15.21 19.30
CA VAL A 1244 -21.33 15.20 17.89
C VAL A 1244 -20.52 16.24 17.14
N PRO A 1245 -19.79 15.87 16.09
CA PRO A 1245 -18.99 16.87 15.36
C PRO A 1245 -19.86 17.93 14.70
N ASN A 1246 -19.29 19.11 14.51
CA ASN A 1246 -19.98 20.23 13.87
C ASN A 1246 -19.92 20.11 12.35
N ILE A 1247 -20.46 19.00 11.85
CA ILE A 1247 -20.42 18.64 10.44
C ILE A 1247 -21.78 18.13 10.03
N GLY A 1248 -22.23 18.52 8.84
CA GLY A 1248 -23.47 17.98 8.31
C GLY A 1248 -24.63 18.24 9.26
N THR A 1249 -25.36 17.17 9.59
CA THR A 1249 -26.49 17.30 10.50
C THR A 1249 -26.06 17.87 11.85
N GLY A 1250 -24.81 17.65 12.24
CA GLY A 1250 -24.30 18.17 13.49
C GLY A 1250 -23.91 19.63 13.47
N TYR A 1251 -24.06 20.29 12.32
CA TYR A 1251 -23.73 21.71 12.23
C TYR A 1251 -24.74 22.60 12.94
N TYR A 1252 -25.91 22.08 13.30
CA TYR A 1252 -26.97 22.83 13.96
C TYR A 1252 -27.22 22.28 15.35
N LYS A 1253 -27.95 23.06 16.15
CA LYS A 1253 -28.33 22.70 17.50
C LYS A 1253 -29.83 22.55 17.59
N TYR A 1254 -30.30 21.51 18.28
CA TYR A 1254 -31.70 21.10 18.25
C TYR A 1254 -32.34 21.27 19.63
N PHE A 1255 -33.56 21.81 19.64
CA PHE A 1255 -34.35 22.01 20.84
C PHE A 1255 -35.73 21.40 20.63
N ILE A 1256 -36.46 21.21 21.73
CA ILE A 1256 -37.84 20.74 21.69
C ILE A 1256 -38.73 21.76 22.38
N ASP A 1257 -39.81 22.15 21.71
CA ASP A 1257 -40.75 23.14 22.23
C ASP A 1257 -41.92 22.39 22.86
N LEU A 1258 -42.01 22.45 24.19
CA LEU A 1258 -43.03 21.74 24.94
C LEU A 1258 -44.33 22.52 25.07
N GLY A 1259 -44.44 23.67 24.41
CA GLY A 1259 -45.61 24.50 24.59
C GLY A 1259 -46.91 23.79 24.24
N LEU A 1260 -46.94 23.12 23.08
CA LEU A 1260 -48.18 22.50 22.64
C LEU A 1260 -48.54 21.29 23.49
N LEU A 1261 -47.54 20.54 23.97
CA LEU A 1261 -47.83 19.40 24.83
C LEU A 1261 -48.49 19.84 26.13
N MET A 1262 -48.02 20.93 26.71
CA MET A 1262 -48.54 21.39 27.99
C MET A 1262 -49.87 22.12 27.85
N ARG A 1263 -50.32 22.41 26.64
CA ARG A 1263 -51.63 23.00 26.40
C ARG A 1263 -52.70 21.95 26.14
N MET A 1264 -52.36 20.66 26.24
CA MET A 1264 -53.32 19.58 26.10
C MET A 1264 -53.67 19.02 27.47
N GLU A 1265 -54.96 18.77 27.69
CA GLU A 1265 -55.47 18.32 28.97
C GLU A 1265 -56.17 16.97 28.81
N ARG A 1266 -55.91 16.06 29.74
CA ARG A 1266 -56.47 14.72 29.68
C ARG A 1266 -57.98 14.75 29.87
N GLU B 8 19.53 -29.59 -32.87
CA GLU B 8 18.81 -30.03 -31.68
C GLU B 8 19.73 -30.83 -30.77
N MET B 9 21.01 -30.90 -31.14
CA MET B 9 21.98 -31.60 -30.30
C MET B 9 22.19 -30.86 -28.99
N ASP B 10 22.17 -29.53 -29.02
CA ASP B 10 22.35 -28.77 -27.79
C ASP B 10 21.23 -29.06 -26.79
N GLN B 11 20.00 -29.19 -27.28
CA GLN B 11 18.89 -29.52 -26.40
C GLN B 11 19.08 -30.90 -25.78
N ARG B 12 19.55 -31.88 -26.55
CA ARG B 12 19.77 -33.21 -26.00
C ARG B 12 20.88 -33.21 -24.95
N LEU B 13 21.96 -32.47 -25.21
CA LEU B 13 23.02 -32.36 -24.21
C LEU B 13 22.51 -31.69 -22.95
N GLY B 14 21.66 -30.67 -23.09
CA GLY B 14 21.06 -30.07 -21.92
C GLY B 14 20.21 -31.05 -21.15
N TYR B 15 19.38 -31.83 -21.85
CA TYR B 15 18.58 -32.85 -21.19
C TYR B 15 19.45 -33.82 -20.42
N LYS B 16 20.64 -34.12 -20.94
CA LYS B 16 21.49 -35.10 -20.29
C LYS B 16 21.90 -34.69 -18.89
N PHE B 17 21.99 -33.38 -18.63
CA PHE B 17 22.35 -32.90 -17.30
C PHE B 17 21.20 -33.04 -16.30
N LEU B 18 19.96 -32.97 -16.77
CA LEU B 18 18.81 -32.97 -15.87
C LEU B 18 18.49 -34.35 -15.32
N VAL B 19 18.79 -35.42 -16.07
CA VAL B 19 18.45 -36.78 -15.65
C VAL B 19 19.49 -37.27 -14.65
N PRO B 20 19.21 -38.34 -13.90
CA PRO B 20 20.18 -38.84 -12.92
C PRO B 20 21.41 -39.41 -13.59
N ASP B 21 22.51 -39.42 -12.83
CA ASP B 21 23.82 -39.91 -13.29
C ASP B 21 24.35 -40.89 -12.25
N PRO B 22 23.94 -42.15 -12.30
CA PRO B 22 24.35 -43.10 -11.25
C PRO B 22 25.86 -43.27 -11.14
N LYS B 23 26.59 -43.19 -12.25
CA LYS B 23 28.03 -43.41 -12.20
C LYS B 23 28.73 -42.38 -11.32
N ALA B 24 28.19 -41.17 -11.23
CA ALA B 24 28.74 -40.12 -10.40
C ALA B 24 28.03 -40.00 -9.05
N GLY B 25 27.12 -40.91 -8.74
CA GLY B 25 26.41 -40.86 -7.49
C GLY B 25 25.26 -39.89 -7.44
N VAL B 26 24.83 -39.35 -8.57
CA VAL B 26 23.73 -38.39 -8.61
C VAL B 26 22.44 -39.17 -8.86
N PHE B 27 21.61 -39.29 -7.82
CA PHE B 27 20.33 -39.96 -7.95
C PHE B 27 19.16 -39.01 -8.15
N TYR B 28 19.31 -37.74 -7.79
CA TYR B 28 18.24 -36.75 -7.96
C TYR B 28 18.91 -35.40 -8.11
N ARG B 29 19.04 -34.93 -9.35
CA ARG B 29 19.81 -33.72 -9.62
C ARG B 29 19.29 -32.51 -8.85
N PRO B 30 17.99 -32.22 -8.80
CA PRO B 30 17.55 -30.91 -8.26
C PRO B 30 18.07 -30.59 -6.87
N LEU B 31 18.20 -31.58 -5.98
CA LEU B 31 18.66 -31.33 -4.63
C LEU B 31 20.06 -31.87 -4.36
N HIS B 32 20.74 -32.41 -5.38
CA HIS B 32 21.99 -33.11 -5.13
C HIS B 32 22.98 -32.24 -4.35
N PHE B 33 23.23 -31.02 -4.82
CA PHE B 33 24.25 -30.19 -4.19
C PHE B 33 23.95 -29.95 -2.71
N GLN B 34 22.68 -29.97 -2.32
CA GLN B 34 22.37 -29.82 -0.89
C GLN B 34 22.78 -31.06 -0.12
N TYR B 35 22.40 -32.25 -0.62
CA TYR B 35 22.76 -33.49 0.07
C TYR B 35 24.24 -33.50 0.40
N VAL B 36 25.07 -33.36 -0.63
CA VAL B 36 26.52 -33.38 -0.44
C VAL B 36 26.92 -32.33 0.60
N SER B 37 26.35 -31.13 0.52
CA SER B 37 26.72 -30.08 1.45
C SER B 37 26.59 -30.55 2.88
N TYR B 38 25.50 -31.26 3.20
CA TYR B 38 25.35 -31.75 4.56
C TYR B 38 26.27 -32.94 4.82
N SER B 39 26.39 -33.84 3.84
CA SER B 39 27.22 -35.02 4.04
C SER B 39 28.66 -34.62 4.33
N ASN B 40 29.16 -33.57 3.68
CA ASN B 40 30.52 -33.12 3.94
C ASN B 40 30.69 -32.64 5.38
N PHE B 41 29.66 -32.05 5.97
CA PHE B 41 29.79 -31.58 7.35
C PHE B 41 29.75 -32.73 8.35
N ILE B 42 28.71 -33.57 8.27
CA ILE B 42 28.50 -34.58 9.32
C ILE B 42 29.62 -35.61 9.31
N LEU B 43 30.12 -35.96 8.13
CA LEU B 43 31.09 -37.04 8.02
C LEU B 43 32.54 -36.58 8.18
N HIS B 44 32.89 -35.38 7.73
CA HIS B 44 34.29 -34.96 7.67
C HIS B 44 34.60 -33.71 8.49
N ARG B 45 33.87 -32.61 8.27
CA ARG B 45 34.29 -31.35 8.86
C ARG B 45 34.09 -31.31 10.37
N LEU B 46 33.05 -31.98 10.88
CA LEU B 46 32.82 -32.01 12.32
C LEU B 46 34.01 -32.63 13.04
N HIS B 47 34.53 -33.74 12.52
CA HIS B 47 35.67 -34.39 13.15
C HIS B 47 36.88 -33.45 13.18
N GLU B 48 37.16 -32.76 12.08
CA GLU B 48 38.29 -31.86 12.04
C GLU B 48 38.13 -30.72 13.03
N ILE B 49 36.92 -30.16 13.14
CA ILE B 49 36.70 -29.07 14.07
C ILE B 49 36.88 -29.53 15.51
N LEU B 50 36.32 -30.69 15.86
CA LEU B 50 36.35 -31.11 17.26
C LEU B 50 37.70 -31.65 17.69
N THR B 51 38.40 -32.36 16.83
CA THR B 51 39.67 -32.99 17.19
C THR B 51 40.73 -31.92 17.34
N VAL B 52 40.96 -31.45 18.57
CA VAL B 52 41.87 -30.36 18.83
C VAL B 52 42.85 -30.76 19.94
N LYS B 53 44.02 -30.12 19.92
CA LYS B 53 45.04 -30.32 20.95
C LYS B 53 45.80 -28.99 21.07
N ARG B 54 45.36 -28.16 22.02
CA ARG B 54 45.83 -26.79 22.08
C ARG B 54 46.30 -26.41 23.47
N PRO B 55 47.32 -25.54 23.56
CA PRO B 55 47.65 -24.93 24.85
C PRO B 55 46.56 -23.98 25.30
N LEU B 56 46.45 -23.82 26.60
CA LEU B 56 45.48 -22.91 27.21
C LEU B 56 46.14 -21.84 28.05
N LEU B 57 47.23 -22.16 28.75
CA LEU B 57 48.00 -21.19 29.51
C LEU B 57 49.45 -21.63 29.51
N SER B 58 50.35 -20.65 29.65
CA SER B 58 51.79 -20.90 29.66
C SER B 58 52.42 -20.18 30.83
N PHE B 59 53.49 -20.77 31.36
CA PHE B 59 54.17 -20.22 32.53
C PHE B 59 55.67 -20.36 32.35
N LYS B 60 56.41 -19.79 33.29
CA LYS B 60 57.88 -19.75 33.21
C LYS B 60 58.28 -19.15 31.88
N ASN B 61 58.95 -19.92 31.02
CA ASN B 61 59.30 -19.47 29.67
C ASN B 61 59.17 -20.67 28.74
N ASN B 62 57.98 -20.84 28.18
CA ASN B 62 57.72 -21.89 27.20
C ASN B 62 58.14 -23.26 27.72
N THR B 63 58.01 -23.47 29.03
CA THR B 63 58.36 -24.76 29.63
C THR B 63 57.35 -25.20 30.67
N GLU B 64 56.19 -24.53 30.78
CA GLU B 64 55.19 -24.86 31.79
C GLU B 64 53.85 -24.39 31.24
N ARG B 65 53.05 -25.32 30.70
CA ARG B 65 51.83 -24.91 30.04
C ARG B 65 50.75 -25.98 30.20
N ILE B 66 49.51 -25.52 30.35
CA ILE B 66 48.34 -26.39 30.41
C ILE B 66 47.88 -26.67 28.99
N MET B 67 47.42 -27.90 28.73
CA MET B 67 47.01 -28.33 27.41
C MET B 67 45.65 -28.99 27.51
N ILE B 68 44.80 -28.72 26.53
CA ILE B 68 43.47 -29.34 26.41
C ILE B 68 43.43 -30.12 25.11
N GLU B 69 42.98 -31.36 25.20
CA GLU B 69 42.87 -32.24 24.04
C GLU B 69 41.47 -32.84 23.99
N ILE B 70 40.98 -33.03 22.78
CA ILE B 70 39.69 -33.67 22.54
C ILE B 70 39.88 -34.74 21.47
N SER B 71 39.32 -35.93 21.71
CA SER B 71 39.51 -37.04 20.78
C SER B 71 38.35 -38.01 20.91
N ASN B 72 38.43 -39.10 20.15
CA ASN B 72 37.41 -40.15 20.17
C ASN B 72 36.03 -39.58 19.87
N VAL B 73 35.89 -39.00 18.68
CA VAL B 73 34.62 -38.42 18.23
C VAL B 73 33.83 -39.50 17.51
N LYS B 74 32.60 -39.75 17.97
CA LYS B 74 31.74 -40.75 17.36
C LYS B 74 30.34 -40.18 17.19
N VAL B 75 29.73 -40.46 16.03
CA VAL B 75 28.40 -39.98 15.70
C VAL B 75 27.56 -41.17 15.26
N THR B 76 26.35 -41.27 15.80
CA THR B 76 25.46 -42.39 15.52
C THR B 76 24.05 -41.89 15.19
N PRO B 77 23.31 -42.62 14.36
CA PRO B 77 21.96 -42.18 13.98
C PRO B 77 20.91 -42.75 14.93
N PRO B 78 19.67 -42.29 14.82
CA PRO B 78 18.61 -42.84 15.67
C PRO B 78 18.24 -44.26 15.28
N ASP B 79 17.37 -44.87 16.07
CA ASP B 79 16.93 -46.24 15.86
C ASP B 79 15.53 -46.34 15.28
N TYR B 80 14.92 -45.22 14.90
CA TYR B 80 13.57 -45.21 14.36
C TYR B 80 13.51 -44.33 13.12
N SER B 81 12.56 -44.65 12.24
CA SER B 81 12.40 -43.95 10.98
C SER B 81 11.72 -42.60 11.19
N PRO B 82 11.88 -41.67 10.24
CA PRO B 82 11.25 -40.35 10.40
C PRO B 82 9.74 -40.41 10.51
N ILE B 83 9.07 -41.37 9.88
CA ILE B 83 7.63 -41.48 10.04
C ILE B 83 7.26 -41.85 11.47
N ILE B 84 8.03 -42.75 12.08
CA ILE B 84 7.82 -43.07 13.49
C ILE B 84 8.05 -41.83 14.35
N ALA B 85 9.08 -41.05 14.02
CA ALA B 85 9.33 -39.83 14.76
C ALA B 85 8.15 -38.88 14.68
N SER B 86 7.56 -38.76 13.50
CA SER B 86 6.40 -37.88 13.34
C SER B 86 5.21 -38.40 14.15
N ILE B 87 4.93 -39.70 14.07
CA ILE B 87 3.74 -40.22 14.74
C ILE B 87 3.91 -40.12 16.26
N LYS B 88 5.05 -40.56 16.79
CA LYS B 88 5.25 -40.59 18.23
C LYS B 88 5.50 -39.20 18.82
N GLY B 89 5.85 -38.22 18.00
CA GLY B 89 6.15 -36.90 18.49
C GLY B 89 7.58 -36.70 18.95
N LYS B 90 8.49 -37.58 18.56
CA LYS B 90 9.89 -37.47 18.95
C LYS B 90 10.59 -36.46 18.05
N SER B 91 11.93 -36.44 18.12
CA SER B 91 12.76 -35.65 17.21
C SER B 91 13.72 -36.58 16.49
N TYR B 92 14.36 -36.05 15.45
CA TYR B 92 15.24 -36.83 14.58
C TYR B 92 16.64 -36.22 14.67
N ASP B 93 17.44 -36.68 15.63
CA ASP B 93 18.76 -36.15 15.88
C ASP B 93 19.79 -37.28 15.93
N ALA B 94 20.97 -37.02 15.39
CA ALA B 94 22.11 -37.90 15.59
C ALA B 94 22.80 -37.54 16.91
N LEU B 95 23.47 -38.54 17.49
CA LEU B 95 24.13 -38.39 18.78
C LEU B 95 25.64 -38.43 18.58
N ALA B 96 26.35 -37.44 19.12
CA ALA B 96 27.79 -37.34 19.02
C ALA B 96 28.41 -37.28 20.41
N THR B 97 29.49 -38.04 20.58
CA THR B 97 30.21 -38.15 21.84
C THR B 97 31.71 -38.02 21.60
N PHE B 98 32.41 -37.55 22.63
CA PHE B 98 33.85 -37.32 22.55
C PHE B 98 34.45 -37.35 23.95
N THR B 99 35.78 -37.41 24.01
CA THR B 99 36.53 -37.46 25.26
C THR B 99 37.45 -36.25 25.37
N VAL B 100 37.51 -35.69 26.56
CA VAL B 100 38.24 -34.45 26.84
C VAL B 100 39.31 -34.73 27.89
N ASN B 101 40.50 -34.17 27.69
CA ASN B 101 41.61 -34.31 28.62
C ASN B 101 42.21 -32.93 28.89
N ILE B 102 42.45 -32.62 30.16
CA ILE B 102 43.16 -31.42 30.58
C ILE B 102 44.39 -31.87 31.35
N PHE B 103 45.57 -31.46 30.89
CA PHE B 103 46.79 -31.92 31.53
C PHE B 103 47.88 -30.86 31.40
N LYS B 104 48.73 -30.78 32.41
CA LYS B 104 49.84 -29.84 32.41
C LYS B 104 51.09 -30.51 31.86
N GLU B 105 51.89 -29.73 31.13
CA GLU B 105 53.12 -30.22 30.51
C GLU B 105 54.27 -29.30 30.90
N VAL B 106 55.36 -29.91 31.34
CA VAL B 106 56.58 -29.21 31.72
C VAL B 106 57.69 -29.67 30.79
N MET B 107 58.32 -28.73 30.09
CA MET B 107 59.38 -29.05 29.16
C MET B 107 60.65 -29.36 29.93
N THR B 108 61.20 -30.55 29.74
CA THR B 108 62.41 -30.99 30.42
C THR B 108 63.45 -31.41 29.39
N LYS B 109 64.72 -31.22 29.75
CA LYS B 109 65.80 -31.64 28.87
C LYS B 109 65.74 -33.13 28.57
N GLU B 110 65.18 -33.93 29.48
CA GLU B 110 65.07 -35.36 29.26
C GLU B 110 64.02 -35.71 28.22
N GLY B 111 63.19 -34.76 27.79
CA GLY B 111 62.14 -35.02 26.84
C GLY B 111 60.86 -34.30 27.16
N ILE B 112 59.77 -35.03 27.33
CA ILE B 112 58.45 -34.47 27.60
C ILE B 112 57.94 -35.07 28.90
N SER B 113 57.47 -34.20 29.79
CA SER B 113 56.86 -34.61 31.05
C SER B 113 55.36 -34.32 30.99
N ILE B 114 54.55 -35.30 31.35
CA ILE B 114 53.10 -35.21 31.27
C ILE B 114 52.52 -35.51 32.64
N THR B 115 51.64 -34.64 33.11
CA THR B 115 50.95 -34.81 34.40
C THR B 115 49.47 -34.53 34.19
N LYS B 116 48.64 -35.56 34.30
CA LYS B 116 47.21 -35.39 34.09
C LYS B 116 46.61 -34.52 35.18
N ILE B 117 45.54 -33.81 34.83
CA ILE B 117 44.76 -33.01 35.77
C ILE B 117 43.32 -33.44 35.80
N SER B 118 42.70 -33.61 34.63
CA SER B 118 41.30 -33.98 34.56
C SER B 118 41.02 -34.69 33.24
N SER B 119 39.98 -35.52 33.25
CA SER B 119 39.54 -36.22 32.05
C SER B 119 38.05 -36.49 32.16
N TYR B 120 37.34 -36.34 31.04
CA TYR B 120 35.90 -36.54 31.00
C TYR B 120 35.55 -37.29 29.72
N GLU B 121 34.47 -38.07 29.79
CA GLU B 121 34.01 -38.85 28.64
C GLU B 121 32.50 -38.75 28.53
N GLY B 122 32.01 -38.94 27.31
CA GLY B 122 30.58 -38.95 27.06
C GLY B 122 30.15 -40.23 26.36
N LYS B 123 30.72 -41.36 26.76
CA LYS B 123 30.45 -42.61 26.06
C LYS B 123 28.96 -42.94 26.08
N ASP B 124 28.30 -42.73 27.21
CA ASP B 124 26.86 -42.98 27.35
C ASP B 124 26.22 -41.71 27.90
N SER B 125 25.92 -40.78 27.00
CA SER B 125 25.25 -39.54 27.37
C SER B 125 24.90 -38.75 26.12
N HIS B 126 23.85 -37.94 26.19
CA HIS B 126 23.46 -37.08 25.07
C HIS B 126 24.40 -35.87 25.01
N LEU B 127 25.69 -36.17 24.83
CA LEU B 127 26.69 -35.12 24.92
C LEU B 127 26.48 -34.07 23.83
N ILE B 128 26.22 -34.50 22.60
CA ILE B 128 25.85 -33.58 21.53
C ILE B 128 24.70 -34.19 20.74
N LYS B 129 23.66 -33.41 20.50
CA LYS B 129 22.54 -33.81 19.65
C LYS B 129 22.52 -32.90 18.42
N ILE B 130 22.67 -33.49 17.25
CA ILE B 130 22.81 -32.76 15.99
C ILE B 130 21.61 -33.09 15.10
N PRO B 131 20.79 -32.13 14.72
CA PRO B 131 19.67 -32.45 13.81
C PRO B 131 20.18 -33.08 12.52
N LEU B 132 19.43 -34.07 12.04
CA LEU B 132 19.84 -34.90 10.92
C LEU B 132 18.94 -34.66 9.73
N LEU B 133 19.55 -34.62 8.54
CA LEU B 133 18.83 -34.31 7.30
C LEU B 133 18.20 -35.57 6.72
N ILE B 134 16.90 -35.50 6.43
CA ILE B 134 16.17 -36.71 6.02
C ILE B 134 16.69 -37.22 4.68
N GLY B 135 16.77 -36.36 3.69
CA GLY B 135 17.37 -36.73 2.42
C GLY B 135 16.45 -37.50 1.49
N TYR B 136 17.05 -37.97 0.40
CA TYR B 136 16.29 -38.59 -0.68
C TYR B 136 15.83 -39.99 -0.29
N GLY B 137 14.53 -40.25 -0.44
CA GLY B 137 13.98 -41.54 -0.08
C GLY B 137 13.91 -41.79 1.40
N ASN B 138 13.80 -40.73 2.21
CA ASN B 138 13.81 -40.85 3.67
C ASN B 138 15.05 -41.62 4.13
N LYS B 139 16.20 -41.24 3.60
CA LYS B 139 17.46 -41.92 3.85
C LYS B 139 18.52 -40.89 4.25
N ASN B 140 19.17 -41.11 5.40
CA ASN B 140 20.14 -40.17 5.93
C ASN B 140 21.57 -40.66 5.65
N PRO B 141 22.55 -39.75 5.65
CA PRO B 141 23.92 -40.15 5.30
C PRO B 141 24.56 -41.12 6.28
N LEU B 142 24.10 -41.18 7.53
CA LEU B 142 24.69 -42.10 8.49
C LEU B 142 24.24 -43.54 8.24
N ASP B 143 22.96 -43.75 7.93
CA ASP B 143 22.43 -45.09 7.70
C ASP B 143 22.61 -45.49 6.25
N THR B 144 23.40 -46.54 6.02
CA THR B 144 23.58 -47.09 4.68
C THR B 144 22.66 -48.29 4.47
N ALA B 145 21.36 -48.03 4.54
CA ALA B 145 20.36 -49.05 4.32
C ALA B 145 20.21 -49.29 2.82
N LYS B 146 19.21 -50.08 2.43
CA LYS B 146 18.99 -50.39 1.02
C LYS B 146 17.51 -50.34 0.66
N TYR B 147 16.75 -49.47 1.31
CA TYR B 147 15.33 -49.29 0.99
C TYR B 147 15.02 -47.82 0.83
N LEU B 148 14.35 -47.47 -0.25
CA LEU B 148 13.97 -46.09 -0.55
C LEU B 148 12.45 -45.99 -0.58
N VAL B 149 11.92 -45.02 0.16
CA VAL B 149 10.48 -44.74 0.12
C VAL B 149 10.20 -43.98 -1.18
N PRO B 150 9.36 -44.50 -2.07
CA PRO B 150 9.16 -43.83 -3.36
C PRO B 150 8.42 -42.51 -3.22
N ASN B 151 8.73 -41.60 -4.15
CA ASN B 151 8.11 -40.28 -4.23
C ASN B 151 8.45 -39.40 -3.03
N VAL B 152 9.59 -39.61 -2.40
CA VAL B 152 10.07 -38.78 -1.31
C VAL B 152 11.43 -38.25 -1.68
N ILE B 153 11.60 -36.93 -1.59
CA ILE B 153 12.87 -36.30 -1.93
C ILE B 153 13.56 -35.68 -0.71
N GLY B 154 12.85 -35.43 0.38
CA GLY B 154 13.47 -34.98 1.61
C GLY B 154 13.88 -33.52 1.62
N GLY B 155 15.04 -33.22 2.21
CA GLY B 155 15.49 -31.85 2.34
C GLY B 155 14.92 -31.12 3.54
N VAL B 156 14.49 -31.83 4.58
CA VAL B 156 13.87 -31.22 5.75
C VAL B 156 14.48 -31.78 7.03
N PHE B 157 14.22 -31.07 8.13
CA PHE B 157 14.59 -31.50 9.47
C PHE B 157 13.34 -31.61 10.33
N ILE B 158 13.43 -32.41 11.39
CA ILE B 158 12.36 -32.54 12.39
C ILE B 158 12.94 -32.08 13.73
N ASN B 159 12.30 -31.09 14.35
CA ASN B 159 12.85 -30.47 15.54
C ASN B 159 12.31 -31.16 16.79
N LYS B 160 12.56 -30.55 17.96
CA LYS B 160 12.19 -31.18 19.23
C LYS B 160 10.70 -31.42 19.32
N GLN B 161 9.90 -30.44 18.92
CA GLN B 161 8.44 -30.53 19.02
C GLN B 161 7.80 -31.25 17.85
N SER B 162 8.60 -31.93 17.03
CA SER B 162 8.08 -32.75 15.93
C SER B 162 7.54 -31.88 14.79
N VAL B 163 8.19 -30.75 14.54
CA VAL B 163 7.79 -29.81 13.50
C VAL B 163 8.85 -29.84 12.40
N GLU B 164 8.42 -29.97 11.16
CA GLU B 164 9.33 -30.00 10.03
C GLU B 164 9.87 -28.62 9.71
N LYS B 165 11.16 -28.54 9.44
CA LYS B 165 11.85 -27.28 9.17
C LYS B 165 12.56 -27.37 7.82
N VAL B 166 12.62 -26.23 7.12
CA VAL B 166 13.25 -26.16 5.81
C VAL B 166 13.88 -24.78 5.67
N GLY B 167 14.99 -24.71 4.93
CA GLY B 167 15.79 -23.50 4.87
C GLY B 167 16.17 -23.11 3.45
N ILE B 168 16.78 -21.92 3.35
CA ILE B 168 17.25 -21.37 2.08
C ILE B 168 18.75 -21.19 2.14
N ASN B 169 19.34 -20.70 1.05
CA ASN B 169 20.74 -20.34 1.00
C ASN B 169 20.91 -18.84 1.26
N LEU B 170 22.11 -18.46 1.66
CA LEU B 170 22.37 -17.09 2.09
C LEU B 170 23.70 -16.59 1.53
N VAL B 171 23.73 -15.33 1.12
CA VAL B 171 24.94 -14.72 0.57
C VAL B 171 25.87 -14.33 1.72
N GLU B 172 27.14 -14.69 1.58
CA GLU B 172 28.13 -14.37 2.62
C GLU B 172 28.35 -12.88 2.72
N LYS B 173 28.76 -12.44 3.92
CA LYS B 173 29.04 -11.02 4.15
C LYS B 173 30.38 -10.59 3.58
N ILE B 174 31.36 -11.47 3.57
CA ILE B 174 32.70 -11.13 3.09
C ILE B 174 32.73 -11.22 1.58
N THR B 175 33.26 -10.19 0.93
CA THR B 175 33.34 -10.11 -0.52
C THR B 175 34.72 -10.53 -1.01
N THR B 176 34.78 -10.91 -2.28
CA THR B 176 36.02 -11.34 -2.92
C THR B 176 36.73 -10.20 -3.67
N TRP B 177 36.09 -9.05 -3.81
CA TRP B 177 36.68 -7.86 -4.41
C TRP B 177 36.62 -6.71 -3.42
N PRO B 178 37.60 -5.80 -3.42
CA PRO B 178 37.52 -4.64 -2.54
C PRO B 178 36.33 -3.76 -2.86
N LYS B 179 35.83 -3.07 -1.83
CA LYS B 179 34.70 -2.16 -1.97
C LYS B 179 35.20 -0.72 -2.12
N PHE B 180 34.64 -0.01 -3.10
CA PHE B 180 34.98 1.38 -3.35
C PHE B 180 33.86 2.29 -2.87
N ARG B 181 34.23 3.43 -2.30
CA ARG B 181 33.24 4.36 -1.76
C ARG B 181 33.76 5.78 -1.84
N VAL B 182 32.87 6.71 -2.19
CA VAL B 182 33.21 8.13 -2.25
C VAL B 182 32.82 8.73 -0.91
N VAL B 183 33.80 8.87 -0.01
CA VAL B 183 33.52 9.43 1.31
C VAL B 183 33.01 10.86 1.17
N LYS B 184 33.68 11.66 0.36
CA LYS B 184 33.20 13.01 0.09
C LYS B 184 33.90 13.52 -1.16
N PRO B 185 33.56 14.71 -1.67
CA PRO B 185 34.21 15.17 -2.91
C PRO B 185 35.73 15.11 -2.84
N ASN B 186 36.33 14.38 -3.78
CA ASN B 186 37.78 14.21 -3.85
C ASN B 186 38.33 13.53 -2.58
N SER B 187 37.59 12.55 -2.07
CA SER B 187 38.03 11.81 -0.88
C SER B 187 37.38 10.43 -0.93
N PHE B 188 38.20 9.39 -1.12
CA PHE B 188 37.75 8.04 -1.44
C PHE B 188 38.41 7.02 -0.52
N THR B 189 37.78 5.84 -0.45
CA THR B 189 38.26 4.74 0.39
C THR B 189 38.10 3.41 -0.35
N PHE B 190 38.88 2.42 0.10
CA PHE B 190 38.99 1.12 -0.58
C PHE B 190 39.24 0.07 0.51
N SER B 191 38.23 -0.72 0.84
CA SER B 191 38.29 -1.62 1.99
C SER B 191 38.20 -3.08 1.55
N PHE B 192 39.01 -3.94 2.17
CA PHE B 192 39.05 -5.35 1.81
C PHE B 192 39.30 -6.19 3.06
N SER B 193 39.28 -7.52 2.87
CA SER B 193 39.40 -8.47 3.97
C SER B 193 40.32 -9.61 3.58
N SER B 194 40.89 -10.25 4.61
CA SER B 194 41.75 -11.42 4.44
C SER B 194 41.37 -12.47 5.47
N VAL B 195 41.34 -13.73 5.04
CA VAL B 195 40.90 -14.84 5.86
C VAL B 195 41.83 -16.03 5.63
N SER B 196 42.01 -16.83 6.69
CA SER B 196 42.91 -17.97 6.64
C SER B 196 42.35 -19.06 5.72
N PRO B 197 43.21 -19.93 5.19
CA PRO B 197 42.72 -21.05 4.39
C PRO B 197 41.93 -22.02 5.23
N PRO B 198 41.23 -22.97 4.60
CA PRO B 198 40.35 -23.86 5.37
C PRO B 198 41.07 -24.71 6.42
N ASN B 199 42.32 -25.11 6.16
CA ASN B 199 43.02 -26.06 7.01
C ASN B 199 43.73 -25.40 8.19
N VAL B 200 43.35 -24.18 8.56
CA VAL B 200 43.95 -23.46 9.67
C VAL B 200 42.87 -23.25 10.71
N LEU B 201 43.02 -23.89 11.86
CA LEU B 201 42.07 -23.81 12.95
C LEU B 201 42.74 -23.19 14.18
N PRO B 202 42.15 -22.18 14.82
CA PRO B 202 40.92 -21.45 14.44
C PRO B 202 41.16 -20.46 13.31
N THR B 203 40.09 -19.99 12.66
CA THR B 203 40.22 -19.09 11.52
C THR B 203 40.56 -17.68 11.98
N ARG B 204 41.43 -17.01 11.24
CA ARG B 204 41.83 -15.64 11.51
C ARG B 204 41.27 -14.71 10.44
N TYR B 205 40.83 -13.53 10.87
CA TYR B 205 40.24 -12.53 10.00
C TYR B 205 40.96 -11.20 10.17
N ARG B 206 41.11 -10.47 9.06
CA ARG B 206 41.65 -9.11 9.11
C ARG B 206 40.90 -8.24 8.12
N HIS B 207 40.56 -7.03 8.54
CA HIS B 207 39.87 -6.06 7.70
C HIS B 207 40.71 -4.81 7.57
N TYR B 208 40.98 -4.38 6.34
CA TYR B 208 41.84 -3.25 6.07
C TYR B 208 41.11 -2.20 5.24
N LYS B 209 41.52 -0.94 5.41
CA LYS B 209 40.94 0.17 4.67
C LYS B 209 42.06 1.07 4.16
N ILE B 210 41.97 1.48 2.89
CA ILE B 210 42.91 2.40 2.27
C ILE B 210 42.18 3.70 2.02
N SER B 211 42.76 4.81 2.47
CA SER B 211 42.15 6.12 2.36
C SER B 211 43.02 7.02 1.49
N LEU B 212 42.37 7.72 0.54
CA LEU B 212 43.03 8.63 -0.37
C LEU B 212 42.24 9.92 -0.46
N ASP B 213 42.90 11.05 -0.23
CA ASP B 213 42.28 12.36 -0.32
C ASP B 213 43.15 13.24 -1.20
N ILE B 214 42.54 13.85 -2.22
CA ILE B 214 43.32 14.63 -3.18
C ILE B 214 44.02 15.79 -2.48
N SER B 215 43.36 16.38 -1.47
CA SER B 215 43.95 17.50 -0.76
C SER B 215 45.18 17.08 0.04
N GLN B 216 45.24 15.83 0.49
CA GLN B 216 46.31 15.34 1.37
C GLN B 216 46.85 14.04 0.79
N LEU B 217 47.79 14.15 -0.16
CA LEU B 217 48.35 12.97 -0.79
C LEU B 217 49.46 12.31 0.02
N GLU B 218 49.94 12.96 1.07
CA GLU B 218 50.90 12.33 1.97
C GLU B 218 50.24 11.34 2.91
N ALA B 219 48.94 11.43 3.10
CA ALA B 219 48.19 10.58 4.02
C ALA B 219 47.42 9.49 3.28
N LEU B 220 48.00 8.93 2.22
CA LEU B 220 47.41 7.81 1.51
C LEU B 220 47.64 6.56 2.36
N ASN B 221 46.71 6.28 3.28
CA ASN B 221 47.02 5.44 4.43
C ASN B 221 46.22 4.15 4.41
N ILE B 222 46.89 3.05 4.78
CA ILE B 222 46.24 1.76 5.05
C ILE B 222 46.13 1.60 6.56
N SER B 223 44.93 1.24 7.03
CA SER B 223 44.69 1.16 8.46
C SER B 223 43.70 0.05 8.76
N SER B 224 43.57 -0.25 10.04
CA SER B 224 42.62 -1.24 10.54
C SER B 224 42.19 -0.80 11.94
N THR B 225 41.59 -1.70 12.70
CA THR B 225 41.14 -1.41 14.07
C THR B 225 41.94 -2.26 15.05
N LYS B 226 42.87 -1.62 15.75
CA LYS B 226 43.58 -2.23 16.88
C LYS B 226 44.28 -3.52 16.50
N THR B 227 44.66 -3.68 15.23
CA THR B 227 45.41 -4.85 14.80
C THR B 227 46.60 -4.50 13.91
N PHE B 228 46.69 -3.28 13.39
CA PHE B 228 47.78 -2.92 12.51
C PHE B 228 48.04 -1.43 12.62
N ILE B 229 49.25 -1.03 12.21
CA ILE B 229 49.63 0.38 12.25
C ILE B 229 48.98 1.14 11.11
N THR B 230 48.93 2.46 11.25
CA THR B 230 48.48 3.36 10.19
C THR B 230 49.71 3.89 9.48
N VAL B 231 49.96 3.42 8.26
CA VAL B 231 51.19 3.70 7.53
C VAL B 231 50.87 4.02 6.08
N ASN B 232 51.77 4.78 5.46
CA ASN B 232 51.68 5.07 4.03
C ASN B 232 51.88 3.80 3.23
N ILE B 233 50.97 3.53 2.29
CA ILE B 233 50.95 2.23 1.63
C ILE B 233 52.17 2.07 0.72
N VAL B 234 52.62 3.15 0.09
CA VAL B 234 53.81 3.06 -0.76
C VAL B 234 55.04 2.70 0.05
N LEU B 235 55.22 3.34 1.20
CA LEU B 235 56.36 3.03 2.05
C LEU B 235 56.26 1.62 2.62
N LEU B 236 55.04 1.17 2.95
CA LEU B 236 54.88 -0.21 3.40
C LEU B 236 55.26 -1.19 2.30
N SER B 237 54.89 -0.89 1.05
CA SER B 237 55.27 -1.74 -0.06
C SER B 237 56.79 -1.76 -0.23
N GLN B 238 57.44 -0.61 -0.06
CA GLN B 238 58.90 -0.59 -0.09
C GLN B 238 59.48 -1.48 1.00
N TYR B 239 58.94 -1.38 2.21
CA TYR B 239 59.45 -2.19 3.31
C TYR B 239 59.29 -3.69 3.02
N LEU B 240 58.13 -4.09 2.50
CA LEU B 240 57.86 -5.50 2.29
C LEU B 240 58.64 -6.06 1.11
N SER B 241 58.79 -5.29 0.04
CA SER B 241 59.37 -5.79 -1.19
C SER B 241 60.79 -5.33 -1.45
N ARG B 242 61.27 -4.31 -0.75
CA ARG B 242 62.65 -3.84 -0.88
C ARG B 242 62.94 -3.37 -2.30
N VAL B 243 62.14 -2.42 -2.76
CA VAL B 243 62.24 -1.91 -4.12
C VAL B 243 62.13 -0.39 -4.06
N SER B 244 62.65 0.26 -5.11
CA SER B 244 62.76 1.72 -5.12
C SER B 244 61.43 2.36 -5.51
N LEU B 245 61.32 3.66 -5.21
CA LEU B 245 60.11 4.39 -5.57
C LEU B 245 59.94 4.51 -7.08
N GLU B 246 61.05 4.61 -7.82
CA GLU B 246 60.93 4.69 -9.27
C GLU B 246 60.40 3.39 -9.85
N PHE B 247 60.75 2.25 -9.24
CA PHE B 247 60.16 0.98 -9.65
C PHE B 247 58.64 1.02 -9.53
N ILE B 248 58.14 1.52 -8.41
CA ILE B 248 56.69 1.57 -8.21
C ILE B 248 56.06 2.57 -9.17
N ARG B 249 56.71 3.70 -9.41
CA ARG B 249 56.18 4.65 -10.39
C ARG B 249 56.03 3.99 -11.76
N ARG B 250 57.08 3.29 -12.21
CA ARG B 250 57.00 2.64 -13.50
C ARG B 250 55.92 1.56 -13.52
N SER B 251 55.78 0.81 -12.42
CA SER B 251 54.81 -0.27 -12.38
C SER B 251 53.39 0.26 -12.47
N LEU B 252 53.07 1.29 -11.67
CA LEU B 252 51.70 1.76 -11.60
C LEU B 252 51.23 2.48 -12.86
N SER B 253 52.12 2.79 -13.79
CA SER B 253 51.76 3.57 -14.96
C SER B 253 52.18 2.87 -16.25
N TYR B 254 52.33 1.55 -16.22
CA TYR B 254 52.83 0.84 -17.39
C TYR B 254 51.81 0.83 -18.52
N ASP B 255 50.56 0.51 -18.22
CA ASP B 255 49.51 0.37 -19.23
C ASP B 255 48.26 1.11 -18.79
N MET B 256 48.43 2.35 -18.33
CA MET B 256 47.33 3.14 -17.81
C MET B 256 47.02 4.32 -18.74
N PRO B 257 45.77 4.78 -18.76
CA PRO B 257 45.45 5.98 -19.52
C PRO B 257 46.15 7.19 -18.94
N PRO B 258 46.43 8.21 -19.75
CA PRO B 258 47.28 9.32 -19.28
C PRO B 258 46.70 10.09 -18.11
N GLU B 259 45.38 10.09 -17.90
CA GLU B 259 44.84 10.87 -16.79
C GLU B 259 45.11 10.23 -15.44
N VAL B 260 45.36 8.92 -15.39
CA VAL B 260 45.70 8.27 -14.12
C VAL B 260 47.17 8.48 -13.77
N VAL B 261 48.02 8.66 -14.78
CA VAL B 261 49.45 8.80 -14.53
C VAL B 261 49.75 10.05 -13.73
N TYR B 262 48.96 11.11 -13.91
CA TYR B 262 49.18 12.33 -13.14
C TYR B 262 48.99 12.09 -11.65
N LEU B 263 47.92 11.37 -11.29
CA LEU B 263 47.70 11.04 -9.89
C LEU B 263 48.80 10.12 -9.38
N VAL B 264 49.25 9.18 -10.21
CA VAL B 264 50.37 8.31 -9.82
C VAL B 264 51.59 9.15 -9.47
N ASN B 265 51.93 10.10 -10.35
CA ASN B 265 53.11 10.94 -10.11
C ASN B 265 52.95 11.74 -8.84
N ALA B 266 51.76 12.32 -8.61
CA ALA B 266 51.56 13.10 -7.40
C ALA B 266 51.76 12.25 -6.16
N ILE B 267 51.23 11.03 -6.16
CA ILE B 267 51.35 10.16 -4.99
C ILE B 267 52.82 9.81 -4.75
N ILE B 268 53.53 9.45 -5.81
CA ILE B 268 54.94 9.06 -5.63
C ILE B 268 55.75 10.23 -5.11
N ASP B 269 55.49 11.44 -5.62
CA ASP B 269 56.24 12.60 -5.16
C ASP B 269 55.92 12.93 -3.71
N SER B 270 54.66 12.76 -3.29
CA SER B 270 54.34 12.96 -1.88
C SER B 270 55.10 11.98 -1.01
N ALA B 271 55.17 10.71 -1.43
CA ALA B 271 55.93 9.72 -0.66
C ALA B 271 57.40 10.11 -0.57
N LYS B 272 57.98 10.56 -1.69
CA LYS B 272 59.37 10.96 -1.68
C LYS B 272 59.60 12.15 -0.75
N ARG B 273 58.64 13.08 -0.72
CA ARG B 273 58.76 14.22 0.19
C ARG B 273 58.74 13.76 1.63
N ILE B 274 57.86 12.83 1.98
CA ILE B 274 57.87 12.28 3.34
C ILE B 274 59.23 11.67 3.64
N THR B 275 59.78 10.92 2.69
CA THR B 275 61.07 10.28 2.92
C THR B 275 62.16 11.32 3.17
N GLU B 276 62.16 12.41 2.41
CA GLU B 276 63.21 13.41 2.54
C GLU B 276 63.01 14.34 3.73
N SER B 277 61.81 14.37 4.31
CA SER B 277 61.58 15.24 5.46
C SER B 277 62.28 14.77 6.72
N ILE B 278 62.82 13.56 6.74
CA ILE B 278 63.47 13.00 7.91
C ILE B 278 64.97 12.89 7.65
N THR B 279 65.76 13.09 8.69
CA THR B 279 67.21 13.08 8.56
C THR B 279 67.72 11.65 8.54
N ASP B 280 68.49 11.32 7.49
CA ASP B 280 69.05 9.98 7.32
C ASP B 280 67.96 8.92 7.40
N PHE B 281 67.03 8.99 6.45
CA PHE B 281 65.86 8.13 6.46
C PHE B 281 66.26 6.66 6.32
N ASN B 282 65.56 5.81 7.06
CA ASN B 282 65.74 4.37 6.98
C ASN B 282 64.38 3.70 7.12
N ILE B 283 64.01 2.88 6.14
CA ILE B 283 62.65 2.32 6.10
C ILE B 283 62.40 1.43 7.32
N ASP B 284 63.38 0.59 7.67
CA ASP B 284 63.20 -0.28 8.82
C ASP B 284 62.99 0.53 10.10
N THR B 285 63.77 1.59 10.28
CA THR B 285 63.60 2.43 11.45
C THR B 285 62.24 3.10 11.46
N TYR B 286 61.78 3.55 10.29
CA TYR B 286 60.46 4.17 10.19
C TYR B 286 59.37 3.22 10.65
N ILE B 287 59.39 1.99 10.12
CA ILE B 287 58.38 1.01 10.51
C ILE B 287 58.48 0.67 11.99
N ASN B 288 59.71 0.49 12.49
CA ASN B 288 59.88 0.13 13.90
C ASN B 288 59.38 1.24 14.81
N ASP B 289 59.64 2.50 14.46
CA ASP B 289 59.14 3.61 15.26
C ASP B 289 57.62 3.63 15.28
N LEU B 290 57.00 3.39 14.12
CA LEU B 290 55.54 3.33 14.09
C LEU B 290 55.03 2.20 14.99
N VAL B 291 55.68 1.04 14.93
CA VAL B 291 55.23 -0.11 15.73
C VAL B 291 55.36 0.21 17.21
N GLU B 292 56.48 0.81 17.63
CA GLU B 292 56.67 1.12 19.04
C GLU B 292 55.69 2.19 19.52
N ALA B 293 55.41 3.19 18.67
CA ALA B 293 54.42 4.17 19.05
C ALA B 293 53.06 3.53 19.25
N GLU B 294 52.69 2.59 18.37
CA GLU B 294 51.44 1.87 18.57
C GLU B 294 51.47 1.05 19.85
N HIS B 295 52.60 0.40 20.14
CA HIS B 295 52.72 -0.41 21.33
C HIS B 295 52.49 0.43 22.59
N ILE B 296 53.13 1.60 22.67
CA ILE B 296 52.97 2.44 23.84
C ILE B 296 51.55 3.02 23.88
N LYS B 297 50.99 3.37 22.72
CA LYS B 297 49.64 3.91 22.70
C LYS B 297 48.65 2.92 23.30
N GLN B 298 48.77 1.65 22.94
CA GLN B 298 48.00 0.60 23.59
C GLN B 298 48.68 0.22 24.91
N LYS B 299 47.91 -0.46 25.77
CA LYS B 299 48.40 -0.91 27.06
C LYS B 299 48.86 -2.37 27.00
N SER B 300 49.36 -2.80 25.86
CA SER B 300 49.80 -4.19 25.72
C SER B 300 50.88 -4.52 26.73
N GLN B 301 50.75 -5.70 27.35
CA GLN B 301 51.71 -6.17 28.33
C GLN B 301 52.80 -7.04 27.73
N LEU B 302 52.77 -7.28 26.42
CA LEU B 302 53.78 -8.11 25.79
C LEU B 302 55.08 -7.34 25.64
N THR B 303 56.16 -8.08 25.40
CA THR B 303 57.43 -7.45 25.05
C THR B 303 57.34 -6.86 23.64
N ILE B 304 58.20 -5.88 23.38
CA ILE B 304 58.18 -5.21 22.08
C ILE B 304 58.39 -6.23 20.96
N ASN B 305 59.30 -7.18 21.17
CA ASN B 305 59.55 -8.18 20.14
C ASN B 305 58.31 -9.02 19.87
N GLU B 306 57.60 -9.44 20.92
CA GLU B 306 56.38 -10.21 20.72
C GLU B 306 55.34 -9.40 19.98
N PHE B 307 55.16 -8.13 20.37
CA PHE B 307 54.17 -7.28 19.71
C PHE B 307 54.50 -7.13 18.23
N LYS B 308 55.76 -6.86 17.91
CA LYS B 308 56.15 -6.67 16.52
C LYS B 308 55.96 -7.95 15.72
N TYR B 309 56.37 -9.09 16.29
CA TYR B 309 56.22 -10.35 15.56
C TYR B 309 54.75 -10.67 15.32
N GLU B 310 53.91 -10.46 16.33
CA GLU B 310 52.48 -10.70 16.16
C GLU B 310 51.89 -9.81 15.08
N MET B 311 52.29 -8.52 15.07
CA MET B 311 51.72 -7.60 14.10
C MET B 311 52.17 -7.94 12.69
N LEU B 312 53.47 -8.15 12.48
CA LEU B 312 54.00 -8.29 11.14
C LEU B 312 53.98 -9.71 10.60
N HIS B 313 53.61 -10.70 11.41
CA HIS B 313 53.49 -12.06 10.92
C HIS B 313 52.07 -12.42 10.51
N ASN B 314 51.07 -11.84 11.17
CA ASN B 314 49.66 -12.05 10.84
C ASN B 314 49.11 -10.92 9.99
N PHE B 315 49.95 -10.31 9.16
CA PHE B 315 49.51 -9.16 8.36
C PHE B 315 48.40 -9.56 7.39
N LEU B 316 48.63 -10.60 6.59
CA LEU B 316 47.66 -11.08 5.61
C LEU B 316 47.38 -12.55 5.86
N PRO B 317 46.34 -12.89 6.61
CA PRO B 317 46.07 -14.31 6.90
C PRO B 317 45.96 -15.17 5.67
N HIS B 318 45.35 -14.67 4.59
CA HIS B 318 45.15 -15.49 3.41
C HIS B 318 46.44 -15.76 2.66
N MET B 319 47.53 -15.09 3.02
CA MET B 319 48.82 -15.29 2.38
C MET B 319 49.90 -15.66 3.41
N ASN B 320 49.50 -16.35 4.47
CA ASN B 320 50.46 -16.75 5.50
C ASN B 320 51.45 -17.77 4.94
N TYR B 321 52.69 -17.68 5.42
CA TYR B 321 53.76 -18.58 5.00
C TYR B 321 54.21 -18.30 3.57
N THR B 322 54.24 -17.02 3.18
CA THR B 322 54.81 -16.62 1.92
C THR B 322 55.81 -15.49 2.15
N PRO B 323 56.82 -15.36 1.29
CA PRO B 323 57.79 -14.27 1.45
C PRO B 323 57.10 -12.91 1.44
N ASP B 324 57.85 -11.90 1.88
CA ASP B 324 57.29 -10.55 2.01
C ASP B 324 57.15 -9.85 0.66
N GLN B 325 58.02 -10.14 -0.30
CA GLN B 325 57.97 -9.40 -1.56
C GLN B 325 56.66 -9.64 -2.28
N LEU B 326 56.12 -10.86 -2.18
CA LEU B 326 54.82 -11.13 -2.79
C LEU B 326 53.72 -10.31 -2.11
N LYS B 327 53.80 -10.14 -0.79
CA LYS B 327 52.84 -9.29 -0.11
C LYS B 327 52.94 -7.85 -0.59
N GLY B 328 54.16 -7.35 -0.77
CA GLY B 328 54.31 -6.00 -1.29
C GLY B 328 53.72 -5.84 -2.67
N PHE B 329 53.99 -6.79 -3.56
CA PHE B 329 53.42 -6.71 -4.91
C PHE B 329 51.90 -6.82 -4.87
N TYR B 330 51.35 -7.59 -3.93
CA TYR B 330 49.91 -7.64 -3.77
C TYR B 330 49.35 -6.28 -3.38
N MET B 331 50.04 -5.58 -2.47
CA MET B 331 49.62 -4.23 -2.12
C MET B 331 49.67 -3.31 -3.35
N ILE B 332 50.70 -3.45 -4.18
CA ILE B 332 50.82 -2.60 -5.35
C ILE B 332 49.65 -2.83 -6.32
N SER B 333 49.29 -4.10 -6.54
CA SER B 333 48.17 -4.40 -7.43
C SER B 333 46.86 -3.84 -6.88
N LEU B 334 46.67 -3.94 -5.56
CA LEU B 334 45.47 -3.34 -4.97
C LEU B 334 45.42 -1.83 -5.21
N LEU B 335 46.57 -1.15 -5.05
CA LEU B 335 46.60 0.28 -5.30
C LEU B 335 46.28 0.59 -6.76
N ARG B 336 46.81 -0.21 -7.68
CA ARG B 336 46.52 -0.01 -9.10
C ARG B 336 45.02 -0.05 -9.36
N LYS B 337 44.35 -1.09 -8.83
CA LYS B 337 42.91 -1.19 -9.03
C LYS B 337 42.18 -0.02 -8.39
N PHE B 338 42.66 0.44 -7.23
CA PHE B 338 42.04 1.58 -6.57
C PHE B 338 42.05 2.81 -7.47
N LEU B 339 43.22 3.12 -8.04
CA LEU B 339 43.31 4.31 -8.89
C LEU B 339 42.42 4.17 -10.12
N TYR B 340 42.46 3.01 -10.77
CA TYR B 340 41.62 2.83 -11.95
C TYR B 340 40.15 3.02 -11.61
N CYS B 341 39.69 2.43 -10.50
CA CYS B 341 38.31 2.61 -10.11
C CYS B 341 38.01 4.07 -9.79
N ILE B 342 39.00 4.82 -9.30
CA ILE B 342 38.78 6.25 -9.09
C ILE B 342 38.41 6.93 -10.40
N PHE B 343 39.12 6.59 -11.47
CA PHE B 343 38.88 7.32 -12.72
C PHE B 343 37.82 6.70 -13.62
N HIS B 344 37.51 5.40 -13.49
CA HIS B 344 36.46 4.76 -14.29
C HIS B 344 35.61 3.87 -13.38
N THR B 345 34.63 4.47 -12.71
CA THR B 345 33.92 3.75 -11.65
C THR B 345 32.97 2.72 -12.23
N SER B 346 32.25 3.07 -13.31
CA SER B 346 31.24 2.18 -13.83
C SER B 346 31.83 0.91 -14.44
N ARG B 347 33.13 0.87 -14.70
CA ARG B 347 33.76 -0.30 -15.29
C ARG B 347 34.36 -1.25 -14.25
N TYR B 348 34.20 -0.95 -12.96
CA TYR B 348 34.69 -1.77 -11.86
C TYR B 348 33.53 -2.50 -11.19
N PRO B 349 33.70 -3.76 -10.80
CA PRO B 349 32.57 -4.52 -10.24
C PRO B 349 31.90 -3.82 -9.07
N ASP B 350 30.59 -3.69 -9.17
CA ASP B 350 29.77 -3.01 -8.18
C ASP B 350 29.61 -3.88 -6.93
N ARG B 351 29.25 -3.23 -5.82
CA ARG B 351 29.10 -3.96 -4.56
C ARG B 351 27.89 -4.89 -4.56
N ASP B 352 26.91 -4.63 -5.42
CA ASP B 352 25.74 -5.51 -5.54
C ASP B 352 25.90 -6.58 -6.60
N SER B 353 27.04 -6.64 -7.29
CA SER B 353 27.25 -7.63 -8.33
C SER B 353 27.45 -9.01 -7.71
N MET B 354 26.94 -10.03 -8.39
CA MET B 354 27.19 -11.41 -7.97
C MET B 354 28.62 -11.86 -8.22
N VAL B 355 29.40 -11.06 -8.93
CA VAL B 355 30.79 -11.42 -9.21
C VAL B 355 31.61 -11.47 -7.93
N CYS B 356 31.21 -10.72 -6.91
CA CYS B 356 32.04 -10.55 -5.72
C CYS B 356 31.39 -11.15 -4.47
N HIS B 357 30.58 -12.18 -4.62
CA HIS B 357 29.93 -12.82 -3.49
C HIS B 357 29.97 -14.33 -3.64
N ARG B 358 29.88 -15.01 -2.49
CA ARG B 358 29.73 -16.45 -2.44
C ARG B 358 28.56 -16.78 -1.53
N ILE B 359 28.09 -18.03 -1.59
CA ILE B 359 26.80 -18.42 -1.03
C ILE B 359 26.99 -19.55 -0.05
N LEU B 360 26.24 -19.50 1.05
CA LEU B 360 26.29 -20.52 2.10
C LEU B 360 25.17 -21.53 1.89
N THR B 361 25.51 -22.82 1.99
CA THR B 361 24.57 -23.91 1.84
C THR B 361 24.23 -24.49 3.22
N TYR B 362 23.51 -25.61 3.23
CA TYR B 362 23.03 -26.20 4.49
C TYR B 362 24.18 -26.47 5.45
N GLY B 363 25.22 -27.16 4.99
CA GLY B 363 26.27 -27.59 5.89
C GLY B 363 27.10 -26.46 6.48
N LYS B 364 27.17 -25.33 5.77
CA LYS B 364 27.99 -24.23 6.25
C LYS B 364 27.44 -23.59 7.51
N TYR B 365 26.11 -23.53 7.64
CA TYR B 365 25.53 -23.04 8.90
C TYR B 365 26.04 -23.85 10.08
N PHE B 366 25.95 -25.18 9.96
CA PHE B 366 26.40 -26.06 11.04
C PHE B 366 27.89 -25.89 11.28
N GLU B 367 28.69 -25.78 10.22
CA GLU B 367 30.12 -25.61 10.39
C GLU B 367 30.45 -24.34 11.18
N THR B 368 29.83 -23.22 10.82
CA THR B 368 30.11 -21.98 11.52
C THR B 368 29.67 -22.04 12.97
N LEU B 369 28.49 -22.62 13.25
CA LEU B 369 28.04 -22.71 14.63
C LEU B 369 28.97 -23.59 15.45
N ALA B 370 29.42 -24.70 14.88
CA ALA B 370 30.37 -25.55 15.60
C ALA B 370 31.65 -24.79 15.93
N HIS B 371 32.18 -24.05 14.96
CA HIS B 371 33.38 -23.26 15.20
C HIS B 371 33.18 -22.31 16.38
N ASP B 372 32.11 -21.51 16.32
CA ASP B 372 31.89 -20.51 17.35
C ASP B 372 31.70 -21.14 18.72
N GLU B 373 30.91 -22.22 18.80
CA GLU B 373 30.66 -22.84 20.09
C GLU B 373 31.92 -23.47 20.67
N LEU B 374 32.74 -24.10 19.83
CA LEU B 374 33.99 -24.66 20.34
C LEU B 374 34.88 -23.56 20.91
N GLU B 375 34.96 -22.42 20.21
CA GLU B 375 35.79 -21.33 20.73
C GLU B 375 35.27 -20.82 22.06
N ASN B 376 33.95 -20.65 22.18
CA ASN B 376 33.39 -20.19 23.45
C ASN B 376 33.67 -21.20 24.56
N TYR B 377 33.57 -22.49 24.25
CA TYR B 377 33.85 -23.53 25.22
C TYR B 377 35.27 -23.42 25.75
N ILE B 378 36.24 -23.34 24.85
CA ILE B 378 37.64 -23.27 25.29
C ILE B 378 37.88 -21.99 26.08
N GLY B 379 37.27 -20.88 25.66
CA GLY B 379 37.43 -19.64 26.39
C GLY B 379 36.91 -19.73 27.81
N ASN B 380 35.73 -20.33 27.99
CA ASN B 380 35.18 -20.49 29.33
C ASN B 380 36.07 -21.38 30.19
N ILE B 381 36.60 -22.46 29.61
CA ILE B 381 37.50 -23.31 30.38
C ILE B 381 38.73 -22.53 30.84
N ARG B 382 39.31 -21.73 29.93
CA ARG B 382 40.48 -20.94 30.31
C ARG B 382 40.15 -19.97 31.43
N ASN B 383 39.02 -19.28 31.33
CA ASN B 383 38.66 -18.32 32.37
C ASN B 383 38.45 -19.00 33.70
N ASP B 384 37.79 -20.16 33.71
CA ASP B 384 37.58 -20.87 34.96
C ASP B 384 38.90 -21.29 35.59
N ILE B 385 39.82 -21.81 34.77
CA ILE B 385 41.11 -22.24 35.31
C ILE B 385 41.87 -21.05 35.88
N MET B 386 41.86 -19.92 35.17
CA MET B 386 42.56 -18.74 35.67
C MET B 386 41.96 -18.26 36.99
N ASN B 387 40.63 -18.25 37.10
CA ASN B 387 40.01 -17.82 38.35
C ASN B 387 40.35 -18.77 39.49
N ASN B 388 40.33 -20.07 39.23
CA ASN B 388 40.67 -21.04 40.27
C ASN B 388 42.11 -20.87 40.73
N HIS B 389 43.03 -20.64 39.78
CA HIS B 389 44.41 -20.38 40.18
C HIS B 389 44.54 -19.10 40.99
N LYS B 390 43.80 -18.05 40.59
CA LYS B 390 43.88 -16.79 41.30
C LYS B 390 43.41 -16.94 42.75
N ASN B 391 42.27 -17.61 42.95
CA ASN B 391 41.73 -17.76 44.29
C ASN B 391 42.41 -18.90 45.03
N ARG B 392 42.25 -20.12 44.52
CA ARG B 392 42.83 -21.30 45.14
C ARG B 392 44.21 -21.56 44.54
N GLY B 393 44.76 -22.76 44.78
CA GLY B 393 46.01 -23.17 44.19
C GLY B 393 45.87 -24.53 43.50
N THR B 394 46.98 -24.96 42.91
CA THR B 394 47.14 -26.25 42.24
C THR B 394 46.54 -26.26 40.84
N TYR B 395 45.93 -25.17 40.39
CA TYR B 395 45.33 -25.10 39.05
C TYR B 395 44.26 -26.18 38.88
N ALA B 396 43.21 -26.08 39.70
CA ALA B 396 42.11 -27.02 39.65
C ALA B 396 41.07 -26.58 38.63
N VAL B 397 40.58 -27.53 37.84
CA VAL B 397 39.59 -27.27 36.81
C VAL B 397 38.21 -27.63 37.37
N ASN B 398 37.35 -26.63 37.49
CA ASN B 398 36.02 -26.87 38.03
C ASN B 398 35.21 -27.74 37.08
N ILE B 399 34.37 -28.59 37.65
CA ILE B 399 33.43 -29.38 36.86
C ILE B 399 32.17 -28.54 36.67
N HIS B 400 31.34 -28.96 35.71
CA HIS B 400 30.14 -28.27 35.24
C HIS B 400 30.49 -27.17 34.26
N VAL B 401 31.77 -26.95 33.97
CA VAL B 401 32.19 -26.08 32.88
C VAL B 401 32.78 -26.85 31.71
N LEU B 402 33.10 -28.14 31.89
CA LEU B 402 33.59 -28.98 30.80
C LEU B 402 32.61 -30.11 30.49
N THR B 403 31.32 -29.87 30.73
CA THR B 403 30.28 -30.83 30.36
C THR B 403 29.18 -30.20 29.51
N THR B 404 29.27 -28.91 29.19
CA THR B 404 28.25 -28.19 28.42
C THR B 404 28.93 -27.46 27.27
N PRO B 405 29.27 -28.17 26.19
CA PRO B 405 29.90 -27.50 25.05
C PRO B 405 29.04 -26.42 24.43
N GLY B 406 27.71 -26.45 24.64
CA GLY B 406 26.84 -25.42 24.14
C GLY B 406 26.38 -25.60 22.71
N LEU B 407 26.75 -26.70 22.05
CA LEU B 407 26.29 -26.94 20.69
C LEU B 407 24.79 -27.18 20.64
N ASN B 408 24.21 -27.74 21.71
CA ASN B 408 22.80 -28.12 21.68
C ASN B 408 21.91 -26.89 21.48
N HIS B 409 22.08 -25.88 22.33
CA HIS B 409 21.27 -24.68 22.19
C HIS B 409 21.58 -23.93 20.90
N ALA B 410 22.84 -23.95 20.47
CA ALA B 410 23.18 -23.33 19.20
C ALA B 410 22.38 -23.95 18.06
N PHE B 411 22.37 -25.27 17.97
CA PHE B 411 21.64 -25.94 16.90
C PHE B 411 20.14 -25.73 17.02
N SER B 412 19.60 -25.78 18.24
CA SER B 412 18.18 -25.56 18.42
C SER B 412 17.78 -24.16 17.97
N SER B 413 18.57 -23.15 18.35
CA SER B 413 18.30 -21.79 17.90
C SER B 413 18.42 -21.68 16.39
N LEU B 414 19.40 -22.36 15.80
CA LEU B 414 19.54 -22.37 14.35
C LEU B 414 18.25 -22.82 13.69
N LEU B 415 17.74 -23.98 14.11
CA LEU B 415 16.49 -24.45 13.54
C LEU B 415 15.33 -23.54 13.89
N SER B 416 15.43 -22.77 14.98
CA SER B 416 14.34 -21.88 15.35
C SER B 416 14.24 -20.66 14.45
N GLY B 417 15.27 -20.37 13.66
CA GLY B 417 15.20 -19.28 12.69
C GLY B 417 16.03 -18.07 13.04
N LYS B 418 17.11 -18.26 13.79
CA LYS B 418 18.03 -17.20 14.13
C LYS B 418 19.43 -17.61 13.71
N PHE B 419 20.13 -16.71 13.01
CA PHE B 419 21.49 -17.00 12.55
C PHE B 419 22.21 -15.65 12.43
N LYS B 420 23.02 -15.33 13.45
CA LYS B 420 23.81 -14.10 13.48
C LYS B 420 22.85 -12.93 13.32
N LYS B 421 23.03 -12.06 12.33
CA LYS B 421 22.15 -10.92 12.14
C LYS B 421 20.99 -11.22 11.19
N SER B 422 20.85 -12.46 10.74
CA SER B 422 19.75 -12.89 9.90
C SER B 422 18.74 -13.66 10.73
N ASP B 423 17.49 -13.67 10.26
CA ASP B 423 16.42 -14.40 10.92
C ASP B 423 15.53 -15.09 9.89
N GLY B 424 16.12 -15.68 8.86
CA GLY B 424 15.33 -16.32 7.83
C GLY B 424 15.96 -17.56 7.22
N SER B 425 17.08 -18.03 7.78
CA SER B 425 17.75 -19.20 7.20
C SER B 425 16.83 -20.42 7.22
N TYR B 426 16.13 -20.64 8.32
CA TYR B 426 15.25 -21.80 8.47
C TYR B 426 13.87 -21.35 8.92
N ARG B 427 12.86 -22.14 8.55
CA ARG B 427 11.49 -21.80 8.86
C ARG B 427 10.67 -23.08 8.93
N THR B 428 9.49 -22.98 9.54
CA THR B 428 8.57 -24.10 9.55
C THR B 428 8.05 -24.35 8.14
N HIS B 429 8.10 -25.59 7.70
CA HIS B 429 7.71 -25.92 6.34
C HIS B 429 6.22 -25.70 6.17
N PRO B 430 5.78 -24.80 5.29
CA PRO B 430 4.35 -24.73 4.96
C PRO B 430 4.03 -25.81 3.94
N HIS B 431 3.10 -26.69 4.28
CA HIS B 431 2.78 -27.82 3.40
C HIS B 431 1.70 -27.43 2.39
N TYR B 432 2.06 -26.48 1.53
CA TYR B 432 1.14 -26.03 0.47
C TYR B 432 1.17 -26.97 -0.72
N SER B 433 2.36 -27.33 -1.19
CA SER B 433 2.50 -28.10 -2.42
C SER B 433 3.70 -29.02 -2.32
N TRP B 434 3.70 -30.04 -3.17
CA TRP B 434 4.85 -30.94 -3.26
C TRP B 434 6.08 -30.19 -3.75
N MET B 435 5.92 -29.36 -4.79
CA MET B 435 7.07 -28.72 -5.41
C MET B 435 7.81 -27.80 -4.46
N GLN B 436 7.19 -27.40 -3.35
CA GLN B 436 7.90 -26.56 -2.39
C GLN B 436 9.16 -27.22 -1.89
N ASN B 437 9.16 -28.56 -1.77
CA ASN B 437 10.36 -29.23 -1.31
C ASN B 437 11.55 -29.01 -2.25
N ILE B 438 11.29 -28.60 -3.49
CA ILE B 438 12.34 -28.18 -4.40
C ILE B 438 12.53 -26.67 -4.34
N SER B 439 11.44 -25.92 -4.22
CA SER B 439 11.50 -24.49 -4.41
C SER B 439 12.30 -23.79 -3.32
N ILE B 440 12.09 -24.19 -2.06
CA ILE B 440 12.67 -23.45 -0.94
C ILE B 440 14.16 -23.74 -0.82
N PRO B 441 14.62 -24.99 -0.86
CA PRO B 441 16.07 -25.24 -0.74
C PRO B 441 16.89 -24.72 -1.90
N ARG B 442 16.28 -24.29 -3.00
CA ARG B 442 17.01 -23.71 -4.12
C ARG B 442 16.91 -22.19 -4.16
N SER B 443 16.37 -21.57 -3.10
CA SER B 443 16.31 -20.12 -3.01
C SER B 443 17.60 -19.55 -2.47
N VAL B 444 17.90 -18.31 -2.87
CA VAL B 444 19.06 -17.56 -2.38
C VAL B 444 18.57 -16.22 -1.86
N GLY B 445 18.93 -15.88 -0.63
CA GLY B 445 18.51 -14.65 0.02
C GLY B 445 19.68 -13.69 0.21
N PHE B 446 19.39 -12.41 0.04
CA PHE B 446 20.39 -11.34 0.13
C PHE B 446 20.09 -10.44 1.31
N TYR B 447 21.14 -9.97 1.97
CA TYR B 447 20.95 -9.06 3.08
C TYR B 447 20.47 -7.69 2.58
N PRO B 448 19.65 -6.99 3.37
CA PRO B 448 19.15 -5.67 2.97
C PRO B 448 20.22 -4.59 3.05
N VAL B 459 19.76 -2.59 -4.33
CA VAL B 459 19.88 -4.05 -4.23
C VAL B 459 18.59 -4.71 -4.72
N ARG B 460 17.49 -3.96 -4.71
CA ARG B 460 16.21 -4.47 -5.17
C ARG B 460 16.04 -4.40 -6.68
N LYS B 461 16.94 -3.71 -7.38
CA LYS B 461 16.89 -3.66 -8.83
C LYS B 461 17.44 -4.95 -9.42
N TYR B 462 17.04 -5.23 -10.66
CA TYR B 462 17.43 -6.47 -11.35
C TYR B 462 18.81 -6.25 -11.96
N HIS B 463 19.85 -6.63 -11.21
CA HIS B 463 21.22 -6.44 -11.67
C HIS B 463 21.53 -7.42 -12.81
N PRO B 464 22.29 -6.99 -13.83
CA PRO B 464 22.58 -7.89 -14.95
C PRO B 464 23.32 -9.15 -14.56
N SER B 465 24.13 -9.12 -13.49
CA SER B 465 24.91 -10.28 -13.11
C SER B 465 24.06 -11.42 -12.58
N GLN B 466 22.79 -11.19 -12.26
CA GLN B 466 21.89 -12.26 -11.85
C GLN B 466 21.35 -13.05 -13.03
N TYR B 467 21.49 -12.56 -14.25
CA TYR B 467 20.89 -13.22 -15.40
C TYR B 467 21.59 -14.54 -15.71
N LEU B 468 20.79 -15.50 -16.20
CA LEU B 468 21.25 -16.80 -16.71
C LEU B 468 21.66 -17.77 -15.61
N TYR B 469 21.84 -17.30 -14.39
CA TYR B 469 22.12 -18.18 -13.26
C TYR B 469 20.95 -18.25 -12.29
N PHE B 470 20.08 -17.25 -12.29
CA PHE B 470 18.85 -17.25 -11.53
C PHE B 470 17.67 -17.09 -12.48
N CYS B 471 16.51 -17.61 -12.06
CA CYS B 471 15.30 -17.48 -12.86
C CYS B 471 14.89 -16.01 -12.98
N SER B 472 14.53 -15.60 -14.19
CA SER B 472 14.22 -14.19 -14.43
C SER B 472 12.89 -13.79 -13.82
N SER B 473 11.94 -14.70 -13.70
CA SER B 473 10.57 -14.35 -13.36
C SER B 473 10.14 -14.75 -11.95
N ASP B 474 10.89 -15.60 -11.26
CA ASP B 474 10.47 -16.10 -9.95
C ASP B 474 11.06 -15.20 -8.86
N VAL B 475 10.29 -14.19 -8.47
CA VAL B 475 10.68 -13.32 -7.35
C VAL B 475 9.44 -12.89 -6.59
N PRO B 476 9.60 -12.54 -5.32
CA PRO B 476 8.44 -12.06 -4.55
C PRO B 476 7.80 -10.84 -5.19
N GLU B 477 6.48 -10.79 -5.17
CA GLU B 477 5.74 -9.74 -5.84
C GLU B 477 5.25 -8.64 -4.91
N ARG B 478 5.32 -8.84 -3.60
CA ARG B 478 4.90 -7.81 -2.66
C ARG B 478 5.45 -8.17 -1.28
N GLY B 479 5.36 -7.21 -0.37
CA GLY B 479 5.82 -7.40 0.98
C GLY B 479 7.19 -6.81 1.22
N PRO B 480 7.84 -7.20 2.32
CA PRO B 480 9.18 -6.66 2.61
C PRO B 480 10.30 -7.35 1.85
N GLN B 481 10.06 -8.52 1.28
CA GLN B 481 11.09 -9.30 0.59
C GLN B 481 11.16 -8.99 -0.89
N VAL B 482 10.45 -7.97 -1.36
CA VAL B 482 10.38 -7.71 -2.80
C VAL B 482 11.79 -7.47 -3.33
N GLY B 483 12.20 -8.30 -4.28
CA GLY B 483 13.51 -8.17 -4.88
C GLY B 483 14.67 -8.58 -4.01
N LEU B 484 14.45 -9.46 -3.04
CA LEU B 484 15.53 -9.92 -2.16
C LEU B 484 15.72 -11.44 -2.16
N VAL B 485 14.90 -12.19 -2.88
CA VAL B 485 15.00 -13.65 -2.93
C VAL B 485 15.02 -14.09 -4.39
N SER B 486 15.99 -14.91 -4.75
CA SER B 486 16.15 -15.39 -6.11
C SER B 486 16.11 -16.92 -6.14
N GLN B 487 15.90 -17.46 -7.34
CA GLN B 487 15.76 -18.90 -7.55
C GLN B 487 16.77 -19.35 -8.59
N LEU B 488 17.49 -20.43 -8.27
CA LEU B 488 18.48 -20.97 -9.19
C LEU B 488 17.82 -21.51 -10.46
N SER B 489 18.50 -21.33 -11.59
CA SER B 489 18.08 -21.95 -12.84
C SER B 489 18.31 -23.45 -12.78
N VAL B 490 17.59 -24.18 -13.65
CA VAL B 490 17.64 -25.64 -13.60
C VAL B 490 19.03 -26.18 -13.90
N LEU B 491 19.87 -25.42 -14.59
CA LEU B 491 21.21 -25.87 -14.94
C LEU B 491 22.30 -25.33 -14.00
N SER B 492 21.93 -24.55 -12.99
CA SER B 492 22.91 -23.96 -12.08
C SER B 492 23.14 -24.86 -10.86
N SER B 493 24.31 -24.70 -10.25
CA SER B 493 24.62 -25.42 -9.02
C SER B 493 25.59 -24.62 -8.18
N ILE B 494 25.75 -25.02 -6.92
CA ILE B 494 26.67 -24.39 -5.97
C ILE B 494 27.70 -25.42 -5.55
N THR B 495 28.97 -25.04 -5.59
CA THR B 495 30.07 -26.00 -5.45
C THR B 495 30.28 -26.44 -4.01
N ASN B 496 30.86 -27.64 -3.86
CA ASN B 496 31.30 -28.20 -2.59
C ASN B 496 32.73 -28.70 -2.76
N ILE B 497 33.47 -28.73 -1.66
CA ILE B 497 34.82 -29.28 -1.70
C ILE B 497 35.29 -29.55 -0.27
N LEU B 498 36.03 -30.63 -0.09
CA LEU B 498 36.61 -31.00 1.18
C LEU B 498 37.99 -30.41 1.35
N THR B 499 38.47 -30.37 2.60
CA THR B 499 39.75 -29.75 2.88
C THR B 499 40.90 -30.46 2.18
N SER B 500 40.91 -31.79 2.21
CA SER B 500 42.00 -32.53 1.56
C SER B 500 41.98 -32.30 0.06
N GLU B 501 40.80 -32.31 -0.55
CA GLU B 501 40.69 -32.01 -1.97
C GLU B 501 41.19 -30.61 -2.28
N TYR B 502 40.85 -29.64 -1.43
CA TYR B 502 41.32 -28.27 -1.59
C TYR B 502 42.85 -28.23 -1.61
N LEU B 503 43.49 -28.88 -0.63
CA LEU B 503 44.94 -28.85 -0.56
C LEU B 503 45.58 -29.51 -1.77
N ASP B 504 45.06 -30.68 -2.18
CA ASP B 504 45.64 -31.35 -3.33
C ASP B 504 45.50 -30.51 -4.60
N LEU B 505 44.34 -29.90 -4.79
CA LEU B 505 44.12 -29.08 -5.99
C LEU B 505 45.05 -27.87 -6.01
N GLU B 506 45.18 -27.19 -4.88
CA GLU B 506 46.08 -26.04 -4.84
C GLU B 506 47.52 -26.45 -5.12
N LYS B 507 47.96 -27.57 -4.55
CA LYS B 507 49.32 -28.03 -4.81
C LYS B 507 49.54 -28.33 -6.28
N LYS B 508 48.58 -29.01 -6.93
CA LYS B 508 48.74 -29.32 -8.34
C LYS B 508 48.80 -28.05 -9.19
N ILE B 509 47.96 -27.06 -8.88
CA ILE B 509 47.96 -25.83 -9.66
C ILE B 509 49.30 -25.12 -9.51
N CYS B 510 49.80 -25.01 -8.28
CA CYS B 510 51.08 -24.33 -8.07
C CYS B 510 52.20 -25.05 -8.79
N GLU B 511 52.22 -26.38 -8.74
CA GLU B 511 53.27 -27.13 -9.43
C GLU B 511 53.20 -26.91 -10.93
N TYR B 512 51.99 -26.90 -11.50
CA TYR B 512 51.86 -26.63 -12.92
C TYR B 512 52.43 -25.27 -13.28
N ILE B 513 52.07 -24.24 -12.51
CA ILE B 513 52.55 -22.89 -12.80
C ILE B 513 54.07 -22.85 -12.75
N ARG B 514 54.66 -23.41 -11.69
CA ARG B 514 56.10 -23.30 -11.51
C ARG B 514 56.88 -24.20 -12.46
N SER B 515 56.25 -25.23 -13.02
CA SER B 515 56.98 -26.12 -13.90
C SER B 515 56.92 -25.68 -15.36
N TYR B 516 55.73 -25.38 -15.87
CA TYR B 516 55.58 -25.13 -17.30
C TYR B 516 55.90 -23.70 -17.71
N TYR B 517 56.10 -22.79 -16.77
CA TYR B 517 56.38 -21.39 -17.07
C TYR B 517 57.53 -20.89 -16.19
N LYS B 518 58.62 -21.66 -16.17
CA LYS B 518 59.70 -21.39 -15.23
C LYS B 518 60.33 -20.02 -15.46
N ASP B 519 60.53 -19.64 -16.72
CA ASP B 519 61.34 -18.48 -17.04
C ASP B 519 60.56 -17.18 -17.15
N ASP B 520 59.24 -17.21 -17.02
CA ASP B 520 58.41 -16.04 -17.33
C ASP B 520 57.37 -15.80 -16.25
N ILE B 521 57.74 -15.97 -14.99
CA ILE B 521 56.79 -15.79 -13.89
C ILE B 521 57.39 -14.88 -12.82
N SER B 522 58.38 -14.08 -13.18
CA SER B 522 59.05 -13.19 -12.24
C SER B 522 59.22 -11.81 -12.83
N TYR B 523 58.16 -11.26 -13.42
CA TYR B 523 58.22 -9.93 -14.00
C TYR B 523 58.01 -8.86 -12.93
N PHE B 524 56.86 -8.87 -12.27
CA PHE B 524 56.62 -8.08 -11.07
C PHE B 524 56.54 -6.58 -11.32
N GLU B 525 56.90 -6.12 -12.51
CA GLU B 525 56.82 -4.71 -12.84
C GLU B 525 55.82 -4.41 -13.93
N THR B 526 55.79 -5.23 -14.99
CA THR B 526 54.87 -5.03 -16.09
C THR B 526 53.99 -6.24 -16.37
N GLY B 527 54.00 -7.25 -15.50
CA GLY B 527 53.31 -8.50 -15.75
C GLY B 527 51.93 -8.56 -15.14
N PHE B 528 51.23 -9.66 -15.44
CA PHE B 528 49.91 -9.94 -14.89
C PHE B 528 50.08 -10.79 -13.63
N PRO B 529 49.75 -10.28 -12.45
CA PRO B 529 49.81 -11.14 -11.26
C PRO B 529 48.82 -12.29 -11.34
N ILE B 530 49.24 -13.45 -10.84
CA ILE B 530 48.41 -14.65 -10.78
C ILE B 530 48.09 -14.92 -9.32
N THR B 531 46.81 -15.00 -8.99
CA THR B 531 46.38 -15.23 -7.63
C THR B 531 45.52 -16.50 -7.57
N ILE B 532 45.64 -17.22 -6.46
CA ILE B 532 44.81 -18.38 -6.16
C ILE B 532 44.09 -18.05 -4.86
N GLU B 533 42.77 -17.92 -4.92
CA GLU B 533 41.98 -17.49 -3.77
C GLU B 533 42.52 -16.17 -3.21
N ASN B 534 42.85 -15.25 -4.13
CA ASN B 534 43.36 -13.92 -3.84
C ASN B 534 44.79 -13.89 -3.31
N ALA B 535 45.49 -15.02 -3.33
CA ALA B 535 46.86 -15.09 -2.83
C ALA B 535 47.82 -15.04 -4.01
N LEU B 536 48.64 -14.00 -4.05
CA LEU B 536 49.56 -13.82 -5.18
C LEU B 536 50.67 -14.87 -5.13
N VAL B 537 50.89 -15.55 -6.25
CA VAL B 537 51.92 -16.58 -6.33
C VAL B 537 52.92 -16.35 -7.45
N ALA B 538 52.66 -15.47 -8.41
CA ALA B 538 53.59 -15.24 -9.50
C ALA B 538 53.10 -14.04 -10.30
N SER B 539 53.92 -13.64 -11.27
CA SER B 539 53.59 -12.52 -12.15
C SER B 539 54.05 -12.87 -13.56
N LEU B 540 53.08 -13.01 -14.48
CA LEU B 540 53.33 -13.57 -15.79
C LEU B 540 53.69 -12.49 -16.81
N ASN B 541 54.51 -12.88 -17.77
CA ASN B 541 54.89 -12.01 -18.88
C ASN B 541 53.64 -11.66 -19.69
N PRO B 542 53.37 -10.37 -19.94
CA PRO B 542 52.11 -10.02 -20.63
C PRO B 542 51.96 -10.71 -21.98
N ASN B 543 53.03 -10.80 -22.76
CA ASN B 543 52.91 -11.34 -24.11
C ASN B 543 52.39 -12.77 -24.12
N MET B 544 52.36 -13.45 -22.97
CA MET B 544 51.97 -14.84 -22.91
C MET B 544 50.66 -15.07 -22.15
N ILE B 545 49.88 -14.02 -21.91
CA ILE B 545 48.67 -14.22 -21.11
C ILE B 545 47.72 -15.19 -21.83
N CYS B 546 47.41 -14.92 -23.09
CA CYS B 546 46.39 -15.70 -23.78
C CYS B 546 46.73 -17.19 -23.75
N ASP B 547 47.93 -17.54 -24.20
CA ASP B 547 48.33 -18.94 -24.18
C ASP B 547 48.10 -19.53 -22.80
N PHE B 548 48.59 -18.86 -21.75
CA PHE B 548 48.49 -19.44 -20.43
C PHE B 548 47.05 -19.80 -20.11
N VAL B 549 46.10 -18.92 -20.43
CA VAL B 549 44.72 -19.20 -20.11
C VAL B 549 44.23 -20.39 -20.92
N THR B 550 44.47 -20.36 -22.23
CA THR B 550 43.94 -21.41 -23.10
C THR B 550 44.46 -22.77 -22.64
N ASP B 551 45.79 -22.90 -22.55
CA ASP B 551 46.36 -24.16 -22.09
C ASP B 551 45.81 -24.56 -20.74
N PHE B 552 45.55 -23.59 -19.86
CA PHE B 552 44.99 -23.94 -18.58
C PHE B 552 43.62 -24.58 -18.74
N ARG B 553 42.73 -23.92 -19.50
CA ARG B 553 41.36 -24.42 -19.61
C ARG B 553 41.35 -25.81 -20.21
N ARG B 554 42.16 -26.03 -21.26
CA ARG B 554 42.27 -27.36 -21.83
C ARG B 554 42.60 -28.38 -20.75
N ARG B 555 43.65 -28.12 -19.98
CA ARG B 555 44.03 -29.07 -18.94
C ARG B 555 42.94 -29.21 -17.90
N LYS B 556 42.16 -28.16 -17.66
CA LYS B 556 41.04 -28.26 -16.74
C LYS B 556 40.02 -29.27 -17.25
N ARG B 557 39.74 -29.26 -18.55
CA ARG B 557 38.68 -30.10 -19.08
C ARG B 557 39.08 -31.57 -19.17
N MET B 558 40.38 -31.86 -19.17
CA MET B 558 40.87 -33.23 -19.22
C MET B 558 40.99 -33.86 -17.84
N GLY B 559 40.66 -33.14 -16.77
CA GLY B 559 40.85 -33.65 -15.44
C GLY B 559 42.28 -33.64 -14.95
N PHE B 560 43.13 -32.80 -15.54
CA PHE B 560 44.54 -32.78 -15.17
C PHE B 560 44.73 -32.39 -13.71
N PHE B 561 43.92 -31.45 -13.21
CA PHE B 561 44.03 -30.98 -11.84
C PHE B 561 43.19 -31.78 -10.87
N GLY B 562 42.47 -32.80 -11.34
CA GLY B 562 41.64 -33.60 -10.45
C GLY B 562 40.34 -32.94 -10.04
N ASN B 563 39.90 -31.92 -10.77
CA ASN B 563 38.67 -31.21 -10.43
C ASN B 563 38.24 -30.42 -11.65
N LEU B 564 36.99 -30.60 -12.08
CA LEU B 564 36.51 -30.00 -13.31
C LEU B 564 35.82 -28.65 -13.11
N GLU B 565 35.73 -28.16 -11.88
CA GLU B 565 34.99 -26.94 -11.58
C GLU B 565 35.91 -25.77 -11.21
N VAL B 566 37.19 -25.85 -11.56
CA VAL B 566 38.11 -24.75 -11.26
C VAL B 566 37.78 -23.56 -12.14
N GLY B 567 37.72 -22.37 -11.55
CA GLY B 567 37.44 -21.16 -12.30
C GLY B 567 38.71 -20.36 -12.57
N ILE B 568 38.85 -19.89 -13.81
CA ILE B 568 39.96 -19.02 -14.19
C ILE B 568 39.40 -17.82 -14.94
N THR B 569 39.77 -16.63 -14.48
CA THR B 569 39.30 -15.37 -15.03
C THR B 569 40.48 -14.53 -15.50
N LEU B 570 40.34 -13.92 -16.67
CA LEU B 570 41.35 -13.04 -17.26
C LEU B 570 40.77 -11.63 -17.31
N VAL B 571 41.24 -10.74 -16.44
CA VAL B 571 40.78 -9.36 -16.37
C VAL B 571 41.78 -8.50 -17.12
N ARG B 572 41.32 -7.77 -18.13
CA ARG B 572 42.22 -7.09 -19.07
C ARG B 572 41.90 -5.63 -19.35
N ASP B 573 40.84 -5.07 -18.79
CA ASP B 573 40.42 -3.75 -19.24
C ASP B 573 41.58 -2.77 -19.11
N HIS B 574 41.97 -2.47 -17.88
CA HIS B 574 43.32 -1.99 -17.60
C HIS B 574 43.83 -2.53 -16.27
N MET B 575 43.07 -3.42 -15.62
CA MET B 575 43.43 -3.90 -14.30
C MET B 575 44.41 -5.06 -14.36
N ASN B 576 44.38 -5.85 -15.44
CA ASN B 576 45.47 -6.76 -15.81
C ASN B 576 45.76 -7.78 -14.70
N GLU B 577 44.81 -8.70 -14.52
CA GLU B 577 44.95 -9.72 -13.49
C GLU B 577 44.51 -11.08 -14.05
N ILE B 578 45.04 -12.14 -13.45
CA ILE B 578 44.60 -13.51 -13.70
C ILE B 578 44.18 -14.11 -12.36
N ARG B 579 42.91 -14.49 -12.24
CA ARG B 579 42.36 -14.96 -10.98
C ARG B 579 41.95 -16.42 -11.11
N ILE B 580 42.26 -17.21 -10.09
CA ILE B 580 41.92 -18.63 -10.05
C ILE B 580 41.15 -18.90 -8.77
N ASN B 581 40.00 -19.57 -8.90
CA ASN B 581 39.08 -19.81 -7.80
C ASN B 581 38.77 -21.29 -7.69
N ILE B 582 38.84 -21.82 -6.46
CA ILE B 582 38.61 -23.24 -6.20
C ILE B 582 37.67 -23.45 -5.02
N GLY B 583 37.39 -22.39 -4.27
CA GLY B 583 36.68 -22.53 -3.02
C GLY B 583 35.23 -22.91 -3.19
N ALA B 584 34.62 -23.34 -2.08
CA ALA B 584 33.23 -23.73 -2.05
C ALA B 584 32.32 -22.49 -2.04
N GLY B 585 31.08 -22.68 -2.49
CA GLY B 585 30.11 -21.61 -2.50
C GLY B 585 30.00 -20.84 -3.79
N ARG B 586 30.54 -21.35 -4.89
CA ARG B 586 30.52 -20.66 -6.18
C ARG B 586 29.43 -21.22 -7.08
N LEU B 587 28.78 -20.34 -7.84
CA LEU B 587 27.76 -20.74 -8.79
C LEU B 587 28.40 -21.21 -10.09
N VAL B 588 27.98 -22.38 -10.58
CA VAL B 588 28.56 -22.97 -11.77
C VAL B 588 27.47 -23.51 -12.69
N ARG B 589 27.73 -23.44 -13.99
CA ARG B 589 26.87 -23.95 -15.05
C ARG B 589 27.71 -24.60 -16.14
N PRO B 590 27.13 -25.52 -16.91
CA PRO B 590 27.82 -25.99 -18.12
C PRO B 590 27.60 -25.07 -19.32
N PHE B 591 28.62 -25.01 -20.17
CA PHE B 591 28.59 -24.23 -21.41
C PHE B 591 29.20 -25.07 -22.52
N LEU B 592 28.85 -24.74 -23.76
CA LEU B 592 29.49 -25.35 -24.93
C LEU B 592 30.79 -24.60 -25.25
N VAL B 593 31.81 -25.36 -25.62
CA VAL B 593 33.15 -24.82 -25.83
C VAL B 593 33.31 -24.34 -27.27
N VAL B 594 33.90 -23.16 -27.43
CA VAL B 594 34.33 -22.66 -28.74
C VAL B 594 35.85 -22.52 -28.69
N ASP B 595 36.54 -23.23 -29.58
CA ASP B 595 38.00 -23.28 -29.59
C ASP B 595 38.50 -22.82 -30.94
N ASN B 596 39.25 -21.71 -30.96
CA ASN B 596 39.83 -21.18 -32.19
C ASN B 596 38.77 -20.99 -33.27
N GLY B 597 37.66 -20.38 -32.88
CA GLY B 597 36.58 -20.13 -33.81
C GLY B 597 35.92 -21.38 -34.35
N GLU B 598 35.81 -22.41 -33.51
CA GLU B 598 35.28 -23.70 -33.94
C GLU B 598 34.45 -24.29 -32.81
N LEU B 599 33.18 -24.55 -33.08
CA LEU B 599 32.27 -25.12 -32.08
C LEU B 599 32.54 -26.61 -32.01
N MET B 600 33.07 -27.08 -30.87
CA MET B 600 33.51 -28.46 -30.78
C MET B 600 32.35 -29.44 -30.93
N MET B 601 31.16 -29.07 -30.48
CA MET B 601 30.00 -29.95 -30.62
C MET B 601 29.79 -30.34 -32.07
N ASP B 602 30.17 -29.48 -33.02
CA ASP B 602 29.94 -29.73 -34.43
C ASP B 602 31.07 -30.50 -35.11
N VAL B 603 32.12 -30.86 -34.38
CA VAL B 603 33.22 -31.61 -34.98
C VAL B 603 33.44 -32.92 -34.23
N CYS B 604 32.36 -33.48 -33.68
CA CYS B 604 32.41 -34.74 -32.93
C CYS B 604 31.32 -35.66 -33.45
N PRO B 605 31.54 -36.28 -34.61
CA PRO B 605 30.47 -37.11 -35.21
C PRO B 605 30.06 -38.31 -34.35
N GLU B 606 31.00 -38.92 -33.62
CA GLU B 606 30.65 -40.10 -32.84
C GLU B 606 29.66 -39.78 -31.73
N LEU B 607 29.70 -38.54 -31.22
CA LEU B 607 28.86 -38.18 -30.08
C LEU B 607 27.38 -38.34 -30.40
N GLU B 608 26.98 -37.93 -31.61
CA GLU B 608 25.57 -38.00 -31.95
C GLU B 608 25.06 -39.44 -31.89
N SER B 609 25.86 -40.40 -32.37
CA SER B 609 25.44 -41.78 -32.34
C SER B 609 25.53 -42.38 -30.94
N ARG B 610 26.50 -41.96 -30.12
CA ARG B 610 26.71 -42.60 -28.83
C ARG B 610 25.99 -41.90 -27.68
N LEU B 611 25.29 -40.80 -27.93
CA LEU B 611 24.75 -40.01 -26.82
C LEU B 611 23.75 -40.81 -25.99
N ASP B 612 22.88 -41.59 -26.63
CA ASP B 612 21.77 -42.19 -25.91
C ASP B 612 22.22 -43.13 -24.80
N ASP B 613 23.42 -43.70 -24.91
CA ASP B 613 23.89 -44.70 -23.96
C ASP B 613 24.85 -44.14 -22.92
N MET B 614 25.03 -42.82 -22.86
CA MET B 614 26.03 -42.21 -21.99
C MET B 614 25.35 -41.29 -20.98
N THR B 615 25.99 -41.16 -19.82
CA THR B 615 25.59 -40.19 -18.81
C THR B 615 26.43 -38.93 -18.97
N PHE B 616 26.13 -37.92 -18.16
CA PHE B 616 26.83 -36.64 -18.26
C PHE B 616 28.32 -36.79 -17.97
N SER B 617 28.65 -37.50 -16.89
CA SER B 617 30.06 -37.70 -16.55
C SER B 617 30.77 -38.53 -17.60
N ASP B 618 30.07 -39.47 -18.24
CA ASP B 618 30.66 -40.19 -19.36
C ASP B 618 31.01 -39.26 -20.49
N ILE B 619 30.14 -38.29 -20.80
CA ILE B 619 30.43 -37.33 -21.84
C ILE B 619 31.67 -36.51 -21.46
N GLN B 620 31.75 -36.08 -20.21
CA GLN B 620 32.91 -35.31 -19.78
C GLN B 620 34.19 -36.13 -19.90
N LYS B 621 34.13 -37.42 -19.56
CA LYS B 621 35.34 -38.24 -19.55
C LYS B 621 35.78 -38.61 -20.95
N GLU B 622 34.85 -38.99 -21.83
CA GLU B 622 35.22 -39.54 -23.12
C GLU B 622 35.30 -38.49 -24.23
N PHE B 623 34.55 -37.41 -24.11
CA PHE B 623 34.56 -36.33 -25.10
C PHE B 623 34.83 -35.02 -24.38
N PRO B 624 36.02 -34.84 -23.85
CA PRO B 624 36.37 -33.53 -23.28
C PRO B 624 36.47 -32.50 -24.38
N HIS B 625 36.35 -31.24 -23.99
CA HIS B 625 36.39 -30.08 -24.87
C HIS B 625 35.04 -29.85 -25.56
N VAL B 626 34.00 -30.61 -25.24
CA VAL B 626 32.67 -30.31 -25.75
C VAL B 626 31.90 -29.44 -24.77
N ILE B 627 32.03 -29.70 -23.48
CA ILE B 627 31.34 -28.95 -22.43
C ILE B 627 32.35 -28.54 -21.38
N GLU B 628 32.17 -27.33 -20.84
CA GLU B 628 33.01 -26.82 -19.76
C GLU B 628 32.15 -26.26 -18.64
N MET B 629 32.56 -26.50 -17.40
CA MET B 629 31.87 -25.96 -16.23
C MET B 629 32.47 -24.60 -15.89
N VAL B 630 31.62 -23.57 -15.85
CA VAL B 630 32.03 -22.19 -15.76
C VAL B 630 31.31 -21.54 -14.59
N ASP B 631 32.05 -20.77 -13.79
CA ASP B 631 31.46 -20.02 -12.69
C ASP B 631 31.18 -18.59 -13.13
N ILE B 632 30.46 -17.87 -12.27
CA ILE B 632 29.84 -16.62 -12.69
C ILE B 632 30.88 -15.55 -12.99
N GLU B 633 31.97 -15.50 -12.20
CA GLU B 633 33.01 -14.51 -12.46
C GLU B 633 33.68 -14.76 -13.80
N GLN B 634 33.98 -16.02 -14.12
CA GLN B 634 34.55 -16.31 -15.43
C GLN B 634 33.59 -15.96 -16.55
N PHE B 635 32.29 -16.21 -16.34
CA PHE B 635 31.29 -15.88 -17.34
C PHE B 635 31.24 -14.38 -17.60
N THR B 636 31.33 -13.57 -16.54
CA THR B 636 31.15 -12.13 -16.68
C THR B 636 32.25 -11.46 -17.51
N PHE B 637 33.42 -12.07 -17.62
CA PHE B 637 34.53 -11.47 -18.37
C PHE B 637 34.83 -12.19 -19.68
N SER B 638 33.93 -13.06 -20.14
CA SER B 638 34.13 -13.80 -21.39
C SER B 638 33.24 -13.24 -22.49
N ASN B 639 33.50 -13.69 -23.71
CA ASN B 639 32.64 -13.42 -24.86
C ASN B 639 31.86 -14.67 -25.19
N VAL B 640 30.54 -14.61 -25.08
CA VAL B 640 29.67 -15.79 -25.19
C VAL B 640 28.63 -15.54 -26.27
N CYS B 641 28.53 -16.46 -27.22
CA CYS B 641 27.48 -16.41 -28.23
C CYS B 641 26.18 -16.94 -27.63
N GLU B 642 25.07 -16.28 -27.96
CA GLU B 642 23.81 -16.58 -27.28
C GLU B 642 23.17 -17.89 -27.73
N SER B 643 23.39 -18.32 -28.96
CA SER B 643 22.78 -19.57 -29.42
C SER B 643 23.62 -20.21 -30.51
N VAL B 644 23.44 -21.52 -30.68
CA VAL B 644 24.14 -22.25 -31.72
C VAL B 644 23.71 -21.77 -33.11
N GLN B 645 22.41 -21.55 -33.29
CA GLN B 645 21.93 -21.06 -34.58
C GLN B 645 22.57 -19.72 -34.93
N LYS B 646 22.65 -18.81 -33.96
CA LYS B 646 23.28 -17.52 -34.21
C LYS B 646 24.77 -17.68 -34.49
N PHE B 647 25.42 -18.65 -33.83
CA PHE B 647 26.82 -18.90 -34.09
C PHE B 647 27.05 -19.36 -35.52
N ARG B 648 26.20 -20.24 -36.03
CA ARG B 648 26.41 -20.80 -37.35
C ARG B 648 26.24 -19.76 -38.46
N MET B 649 25.58 -18.64 -38.18
CA MET B 649 25.35 -17.60 -39.18
C MET B 649 26.49 -16.60 -39.29
N MET B 650 27.52 -16.71 -38.45
CA MET B 650 28.61 -15.76 -38.46
C MET B 650 29.76 -16.27 -39.33
N SER B 651 30.59 -15.33 -39.78
CA SER B 651 31.78 -15.68 -40.53
C SER B 651 32.88 -16.17 -39.59
N LYS B 652 33.88 -16.82 -40.17
CA LYS B 652 34.92 -17.44 -39.35
C LYS B 652 35.67 -16.40 -38.52
N ASP B 653 36.01 -15.26 -39.13
CA ASP B 653 36.69 -14.21 -38.38
C ASP B 653 35.85 -13.75 -37.19
N GLU B 654 34.55 -13.58 -37.40
CA GLU B 654 33.68 -13.24 -36.28
C GLU B 654 33.66 -14.35 -35.23
N ARG B 655 33.60 -15.60 -35.68
CA ARG B 655 33.56 -16.71 -34.74
C ARG B 655 34.80 -16.76 -33.86
N LYS B 656 35.93 -16.27 -34.38
CA LYS B 656 37.18 -16.37 -33.62
C LYS B 656 37.20 -15.51 -32.37
N GLN B 657 36.23 -14.62 -32.18
CA GLN B 657 36.22 -13.72 -31.03
C GLN B 657 35.54 -14.30 -29.79
N TYR B 658 34.95 -15.49 -29.89
CA TYR B 658 34.12 -16.02 -28.82
C TYR B 658 34.81 -17.18 -28.12
N ASP B 659 34.54 -17.30 -26.82
CA ASP B 659 35.10 -18.36 -25.98
C ASP B 659 34.11 -19.46 -25.66
N LEU B 660 32.81 -19.17 -25.68
CA LEU B 660 31.79 -20.12 -25.25
C LEU B 660 30.53 -19.89 -26.07
N CYS B 661 29.64 -20.88 -26.03
CA CYS B 661 28.30 -20.77 -26.61
C CYS B 661 27.30 -21.31 -25.60
N ASP B 662 26.12 -20.70 -25.56
CA ASP B 662 25.13 -20.96 -24.53
C ASP B 662 24.10 -21.99 -24.99
N PHE B 663 23.44 -22.60 -24.00
CA PHE B 663 22.35 -23.54 -24.24
C PHE B 663 21.03 -22.79 -24.48
N PRO B 664 20.01 -23.48 -25.01
CA PRO B 664 18.72 -22.82 -25.25
C PRO B 664 18.13 -22.14 -24.02
N ALA B 665 17.13 -21.28 -24.23
CA ALA B 665 16.64 -20.42 -23.16
C ALA B 665 15.81 -21.18 -22.13
N GLU B 666 15.23 -22.33 -22.47
CA GLU B 666 14.42 -23.06 -21.50
C GLU B 666 15.24 -23.48 -20.29
N PHE B 667 16.55 -23.60 -20.42
CA PHE B 667 17.40 -23.99 -19.31
C PHE B 667 17.76 -22.81 -18.42
N ARG B 668 17.26 -21.62 -18.71
CA ARG B 668 17.51 -20.44 -17.89
C ARG B 668 16.38 -20.15 -16.91
N ASP B 669 15.35 -20.98 -16.88
CA ASP B 669 14.25 -20.85 -15.93
C ASP B 669 14.46 -21.81 -14.77
N GLY B 670 13.82 -21.51 -13.65
CA GLY B 670 13.82 -22.39 -12.50
C GLY B 670 12.79 -23.49 -12.62
N TYR B 671 12.78 -24.38 -11.62
CA TYR B 671 11.85 -25.50 -11.66
C TYR B 671 10.41 -25.05 -11.47
N VAL B 672 10.17 -24.00 -10.68
CA VAL B 672 8.82 -23.50 -10.52
C VAL B 672 8.31 -22.91 -11.83
N ALA B 673 9.11 -22.05 -12.47
CA ALA B 673 8.71 -21.47 -13.74
C ALA B 673 8.59 -22.51 -14.84
N SER B 674 9.23 -23.67 -14.69
CA SER B 674 9.09 -24.73 -15.67
C SER B 674 7.72 -25.37 -15.65
N SER B 675 6.88 -25.05 -14.67
CA SER B 675 5.49 -25.48 -14.68
C SER B 675 4.63 -24.68 -15.64
N LEU B 676 5.08 -23.50 -16.03
CA LEU B 676 4.32 -22.64 -16.94
C LEU B 676 4.68 -22.96 -18.38
N VAL B 677 3.86 -22.48 -19.32
CA VAL B 677 4.03 -22.75 -20.74
C VAL B 677 4.15 -21.44 -21.49
N GLY B 678 5.19 -21.30 -22.31
CA GLY B 678 5.32 -20.19 -23.22
C GLY B 678 5.28 -18.83 -22.56
N ILE B 679 6.04 -18.64 -21.48
CA ILE B 679 6.02 -17.37 -20.78
C ILE B 679 6.55 -16.23 -21.64
N ASN B 680 7.38 -16.53 -22.64
CA ASN B 680 7.92 -15.49 -23.48
C ASN B 680 6.96 -15.03 -24.57
N HIS B 681 5.76 -15.61 -24.65
CA HIS B 681 4.69 -15.10 -25.50
C HIS B 681 3.71 -14.22 -24.76
N ASN B 682 3.93 -13.95 -23.48
CA ASN B 682 3.03 -13.14 -22.66
C ASN B 682 3.78 -11.95 -22.08
N SER B 683 3.02 -11.06 -21.45
CA SER B 683 3.63 -9.96 -20.69
C SER B 683 4.33 -10.49 -19.45
N GLY B 684 5.45 -9.85 -19.08
CA GLY B 684 6.26 -10.29 -17.96
C GLY B 684 5.57 -10.26 -16.62
N PRO B 685 4.81 -9.23 -16.30
CA PRO B 685 4.09 -9.23 -15.01
C PRO B 685 3.24 -10.48 -14.81
N ARG B 686 2.63 -10.97 -15.88
CA ARG B 686 1.87 -12.21 -15.78
C ARG B 686 2.77 -13.37 -15.40
N ALA B 687 4.01 -13.37 -15.90
CA ALA B 687 4.94 -14.44 -15.52
C ALA B 687 5.25 -14.38 -14.03
N ILE B 688 5.47 -13.18 -13.49
CA ILE B 688 5.72 -13.06 -12.05
C ILE B 688 4.53 -13.61 -11.26
N LEU B 689 3.31 -13.20 -11.64
CA LEU B 689 2.13 -13.67 -10.94
C LEU B 689 1.99 -15.19 -11.06
N GLY B 690 2.28 -15.75 -12.25
CA GLY B 690 2.13 -17.17 -12.44
C GLY B 690 3.10 -17.97 -11.58
N CYS B 691 4.34 -17.51 -11.48
CA CYS B 691 5.26 -18.16 -10.56
C CYS B 691 4.74 -18.11 -9.14
N ALA B 692 4.17 -16.96 -8.74
CA ALA B 692 3.65 -16.86 -7.38
C ALA B 692 2.53 -17.88 -7.13
N GLN B 693 1.59 -18.00 -8.06
CA GLN B 693 0.44 -18.87 -7.81
CA GLN B 693 0.43 -18.86 -7.83
C GLN B 693 0.70 -20.34 -8.13
N ALA B 694 1.78 -20.67 -8.82
CA ALA B 694 2.05 -22.08 -9.08
C ALA B 694 2.35 -22.83 -7.79
N LYS B 695 3.00 -22.18 -6.83
CA LYS B 695 3.33 -22.83 -5.57
C LYS B 695 2.13 -22.99 -4.64
N GLN B 696 0.99 -22.38 -4.96
CA GLN B 696 -0.21 -22.48 -4.15
C GLN B 696 -1.24 -23.45 -4.73
N ALA B 697 -0.90 -24.15 -5.80
CA ALA B 697 -1.82 -25.12 -6.39
C ALA B 697 -1.82 -26.42 -5.59
N ILE B 698 -2.99 -27.01 -5.43
CA ILE B 698 -3.16 -28.19 -4.61
C ILE B 698 -2.71 -29.42 -5.40
N SER B 699 -1.97 -30.31 -4.73
CA SER B 699 -1.31 -31.42 -5.39
C SER B 699 -1.43 -32.69 -4.54
N CYS B 700 -0.81 -33.76 -5.01
CA CYS B 700 -0.64 -34.98 -4.21
C CYS B 700 0.48 -34.73 -3.22
N LEU B 701 0.12 -34.14 -2.08
CA LEU B 701 1.11 -33.57 -1.17
C LEU B 701 2.03 -34.65 -0.59
N SER B 702 1.48 -35.79 -0.18
CA SER B 702 2.26 -36.73 0.62
C SER B 702 1.75 -38.15 0.44
N SER B 703 2.70 -39.10 0.42
CA SER B 703 2.34 -40.51 0.45
C SER B 703 1.84 -40.96 1.81
N ASP B 704 2.21 -40.26 2.88
CA ASP B 704 1.74 -40.56 4.23
C ASP B 704 0.53 -39.71 4.61
N ILE B 705 -0.49 -39.69 3.75
CA ILE B 705 -1.68 -38.88 4.04
C ILE B 705 -2.41 -39.42 5.26
N ARG B 706 -2.44 -40.74 5.43
CA ARG B 706 -3.15 -41.36 6.55
C ARG B 706 -2.27 -41.60 7.78
N ASN B 707 -0.98 -41.28 7.71
CA ASN B 707 -0.04 -41.56 8.80
C ASN B 707 0.44 -40.30 9.49
N LYS B 708 0.86 -39.29 8.72
CA LYS B 708 1.43 -38.07 9.27
C LYS B 708 0.36 -37.24 9.97
N ILE B 709 0.68 -36.73 11.15
CA ILE B 709 -0.23 -35.87 11.91
C ILE B 709 0.24 -34.44 11.68
N ASP B 710 -0.30 -33.80 10.64
CA ASP B 710 0.16 -32.49 10.21
C ASP B 710 -0.96 -31.81 9.42
N ASN B 711 -0.80 -30.50 9.23
CA ASN B 711 -1.69 -29.78 8.34
C ASN B 711 -1.35 -30.09 6.89
N GLY B 712 -2.35 -30.04 6.02
CA GLY B 712 -2.11 -30.26 4.60
C GLY B 712 -3.39 -30.18 3.80
N ILE B 713 -3.20 -30.10 2.48
CA ILE B 713 -4.32 -30.11 1.53
C ILE B 713 -3.94 -31.06 0.40
N HIS B 714 -4.85 -31.96 0.03
CA HIS B 714 -4.55 -33.06 -0.87
C HIS B 714 -5.56 -33.12 -2.01
N LEU B 715 -5.07 -33.36 -3.23
CA LEU B 715 -5.91 -33.50 -4.41
C LEU B 715 -6.43 -34.93 -4.51
N MET B 716 -7.70 -35.08 -4.92
CA MET B 716 -8.39 -36.35 -4.72
C MET B 716 -8.30 -37.32 -5.90
N TYR B 717 -8.53 -36.85 -7.13
CA TYR B 717 -8.49 -37.72 -8.31
C TYR B 717 -7.51 -37.10 -9.31
N PRO B 718 -6.21 -37.26 -9.06
CA PRO B 718 -5.21 -36.47 -9.78
C PRO B 718 -5.04 -36.93 -11.23
N GLU B 719 -4.53 -36.00 -12.05
CA GLU B 719 -4.18 -36.27 -13.43
C GLU B 719 -2.80 -35.70 -13.71
N ARG B 720 -2.06 -36.39 -14.56
CA ARG B 720 -0.72 -36.00 -14.97
C ARG B 720 -0.79 -35.08 -16.19
N PRO B 721 -0.15 -33.90 -16.18
CA PRO B 721 -0.18 -33.03 -17.34
C PRO B 721 0.57 -33.63 -18.53
N ILE B 722 0.13 -33.29 -19.73
CA ILE B 722 0.70 -33.87 -20.94
C ILE B 722 1.15 -32.81 -21.96
N VAL B 723 1.11 -31.54 -21.57
CA VAL B 723 1.72 -30.46 -22.34
C VAL B 723 2.73 -29.80 -21.41
N ILE B 724 3.99 -30.23 -21.49
CA ILE B 724 4.96 -30.03 -20.42
C ILE B 724 6.34 -29.75 -21.02
N SER B 725 7.29 -29.48 -20.13
CA SER B 725 8.71 -29.37 -20.46
C SER B 725 9.48 -30.52 -19.80
N LYS B 726 10.72 -30.70 -20.25
CA LYS B 726 11.53 -31.81 -19.76
C LYS B 726 11.84 -31.65 -18.27
N ALA B 727 12.12 -30.43 -17.83
CA ALA B 727 12.45 -30.21 -16.42
C ALA B 727 11.30 -30.61 -15.51
N LEU B 728 10.07 -30.36 -15.94
CA LEU B 728 8.91 -30.77 -15.15
C LEU B 728 8.85 -32.28 -15.01
N GLU B 729 9.41 -33.01 -15.96
CA GLU B 729 9.40 -34.47 -15.94
C GLU B 729 10.53 -35.04 -15.11
N THR B 730 11.74 -34.49 -15.23
CA THR B 730 12.87 -35.05 -14.47
C THR B 730 12.73 -34.76 -12.97
N SER B 731 12.17 -33.61 -12.62
CA SER B 731 12.03 -33.26 -11.21
C SER B 731 10.92 -34.03 -10.50
N LYS B 732 10.06 -34.72 -11.25
CA LYS B 732 8.92 -35.47 -10.73
C LYS B 732 7.78 -34.58 -10.26
N ILE B 733 7.80 -33.28 -10.59
CA ILE B 733 6.65 -32.44 -10.30
C ILE B 733 5.44 -32.91 -11.09
N ALA B 734 5.66 -33.32 -12.34
CA ALA B 734 4.55 -33.81 -13.16
C ALA B 734 3.96 -35.09 -12.60
N ALA B 735 4.81 -36.00 -12.12
CA ALA B 735 4.31 -37.29 -11.63
C ALA B 735 3.42 -37.13 -10.40
N ASN B 736 3.59 -36.05 -9.64
CA ASN B 736 2.81 -35.84 -8.43
C ASN B 736 1.59 -34.93 -8.65
N CYS B 737 1.43 -34.35 -9.83
CA CYS B 737 0.17 -33.76 -10.26
C CYS B 737 -0.18 -32.48 -9.52
N PHE B 738 -0.73 -31.49 -10.23
CA PHE B 738 -1.22 -30.27 -9.58
C PHE B 738 -2.48 -29.71 -10.26
N GLY B 739 -3.33 -30.55 -10.82
CA GLY B 739 -4.55 -30.07 -11.44
C GLY B 739 -5.29 -31.19 -12.14
N GLN B 740 -6.27 -30.78 -12.96
CA GLN B 740 -7.05 -31.74 -13.75
C GLN B 740 -7.38 -31.14 -15.11
N HIS B 741 -7.58 -31.99 -16.11
CA HIS B 741 -7.97 -31.53 -17.44
C HIS B 741 -9.47 -31.30 -17.48
N VAL B 742 -9.89 -30.07 -17.77
CA VAL B 742 -11.29 -29.70 -17.83
C VAL B 742 -11.58 -29.03 -19.17
N THR B 743 -12.85 -29.07 -19.57
CA THR B 743 -13.30 -28.47 -20.81
C THR B 743 -13.79 -27.05 -20.56
N ILE B 744 -13.26 -26.09 -21.30
CA ILE B 744 -13.57 -24.68 -21.11
C ILE B 744 -14.13 -24.11 -22.40
N ALA B 745 -14.89 -23.02 -22.24
CA ALA B 745 -15.35 -22.17 -23.33
C ALA B 745 -15.04 -20.72 -22.98
N LEU B 746 -14.66 -19.94 -23.99
CA LEU B 746 -14.32 -18.54 -23.83
C LEU B 746 -15.46 -17.69 -24.39
N MET B 747 -16.38 -17.27 -23.52
CA MET B 747 -17.57 -16.57 -23.96
C MET B 747 -18.19 -15.86 -22.76
N SER B 748 -19.16 -15.00 -23.05
CA SER B 748 -19.91 -14.31 -22.01
C SER B 748 -21.20 -15.07 -21.77
N TYR B 749 -21.49 -15.35 -20.50
CA TYR B 749 -22.65 -16.14 -20.09
C TYR B 749 -23.61 -15.19 -19.36
N LYS B 750 -24.55 -14.63 -20.11
CA LYS B 750 -25.63 -13.81 -19.57
C LYS B 750 -25.13 -12.60 -18.78
N GLY B 751 -23.90 -12.17 -19.01
CA GLY B 751 -23.36 -11.07 -18.25
C GLY B 751 -23.07 -11.37 -16.80
N ILE B 752 -22.91 -12.64 -16.45
CA ILE B 752 -22.67 -13.01 -15.06
C ILE B 752 -21.18 -13.12 -14.76
N ASN B 753 -20.39 -13.67 -15.69
CA ASN B 753 -18.97 -13.92 -15.44
C ASN B 753 -18.16 -12.69 -15.87
N GLN B 754 -18.19 -11.67 -15.00
CA GLN B 754 -17.49 -10.42 -15.24
C GLN B 754 -16.40 -10.23 -14.20
N GLU B 755 -15.37 -9.46 -14.57
CA GLU B 755 -14.29 -9.08 -13.66
C GLU B 755 -13.67 -10.30 -13.00
N ASP B 756 -13.37 -11.33 -13.80
CA ASP B 756 -12.67 -12.55 -13.41
C ASP B 756 -13.54 -13.59 -12.70
N GLY B 757 -14.85 -13.40 -12.63
CA GLY B 757 -15.71 -14.47 -12.15
C GLY B 757 -15.89 -15.55 -13.21
N ILE B 758 -16.14 -16.78 -12.74
CA ILE B 758 -16.27 -17.93 -13.64
C ILE B 758 -17.57 -18.67 -13.36
N ILE B 759 -18.00 -19.43 -14.36
CA ILE B 759 -19.14 -20.33 -14.25
C ILE B 759 -18.61 -21.75 -14.13
N ILE B 760 -19.20 -22.54 -13.25
CA ILE B 760 -18.81 -23.94 -13.07
C ILE B 760 -20.06 -24.80 -13.09
N LYS B 761 -19.91 -26.04 -13.57
CA LYS B 761 -21.03 -26.93 -13.80
C LYS B 761 -21.30 -27.80 -12.58
N LYS B 762 -22.58 -27.94 -12.24
CA LYS B 762 -22.98 -28.67 -11.03
C LYS B 762 -22.62 -30.15 -11.11
N GLN B 763 -22.92 -30.80 -12.23
CA GLN B 763 -22.65 -32.22 -12.34
C GLN B 763 -21.16 -32.53 -12.34
N PHE B 764 -20.34 -31.61 -12.86
CA PHE B 764 -18.89 -31.77 -12.76
C PHE B 764 -18.45 -31.80 -11.30
N ILE B 765 -19.01 -30.92 -10.48
CA ILE B 765 -18.70 -30.91 -9.05
C ILE B 765 -19.18 -32.19 -8.38
N GLN B 766 -20.40 -32.63 -8.71
CA GLN B 766 -20.97 -33.80 -8.05
C GLN B 766 -20.12 -35.04 -8.28
N ARG B 767 -19.54 -35.17 -9.46
CA ARG B 767 -18.81 -36.38 -9.82
C ARG B 767 -17.38 -36.39 -9.31
N GLY B 768 -16.93 -35.34 -8.64
CA GLY B 768 -15.61 -35.27 -8.08
C GLY B 768 -14.64 -34.32 -8.76
N GLY B 769 -15.12 -33.43 -9.62
CA GLY B 769 -14.25 -32.53 -10.35
C GLY B 769 -13.49 -31.56 -9.47
N LEU B 770 -12.16 -31.65 -9.49
CA LEU B 770 -11.28 -30.81 -8.69
C LEU B 770 -11.67 -30.83 -7.22
N ASP B 771 -11.96 -32.02 -6.72
CA ASP B 771 -12.24 -32.24 -5.30
C ASP B 771 -10.93 -32.33 -4.51
N ILE B 772 -10.96 -31.83 -3.28
CA ILE B 772 -9.78 -31.82 -2.40
C ILE B 772 -10.18 -32.28 -1.00
N VAL B 773 -9.17 -32.57 -0.19
CA VAL B 773 -9.35 -32.87 1.23
C VAL B 773 -8.40 -32.00 2.03
N THR B 774 -8.92 -31.30 3.04
CA THR B 774 -8.11 -30.52 3.96
C THR B 774 -7.94 -31.29 5.27
N ALA B 775 -6.70 -31.36 5.75
CA ALA B 775 -6.34 -32.08 6.95
C ALA B 775 -5.69 -31.13 7.95
N LYS B 776 -6.05 -31.28 9.21
CA LYS B 776 -5.62 -30.37 10.26
C LYS B 776 -5.18 -31.14 11.50
N LYS B 777 -4.25 -30.55 12.22
CA LYS B 777 -3.67 -31.11 13.45
C LYS B 777 -4.11 -30.30 14.66
N HIS B 778 -4.51 -31.00 15.71
CA HIS B 778 -4.91 -30.39 16.98
C HIS B 778 -4.11 -31.01 18.10
N GLN B 779 -3.70 -30.19 19.07
CA GLN B 779 -2.82 -30.65 20.14
C GLN B 779 -3.24 -30.00 21.45
N VAL B 780 -3.30 -30.79 22.52
CA VAL B 780 -3.63 -30.28 23.85
C VAL B 780 -2.77 -30.97 24.90
N GLU B 781 -2.51 -30.25 25.99
CA GLU B 781 -1.84 -30.76 27.17
C GLU B 781 -2.75 -30.57 28.37
N ILE B 782 -2.92 -31.62 29.17
CA ILE B 782 -3.89 -31.63 30.26
C ILE B 782 -3.24 -32.12 31.54
N PRO B 783 -3.47 -31.47 32.68
CA PRO B 783 -3.00 -32.05 33.95
C PRO B 783 -3.68 -33.37 34.24
N LEU B 784 -2.93 -34.29 34.85
CA LEU B 784 -3.43 -35.65 35.02
C LEU B 784 -4.69 -35.67 35.87
N GLU B 785 -4.75 -34.85 36.93
CA GLU B 785 -5.93 -34.82 37.78
C GLU B 785 -7.16 -34.39 36.99
N ASN B 786 -7.03 -33.37 36.15
CA ASN B 786 -8.16 -32.91 35.35
C ASN B 786 -8.62 -34.00 34.38
N PHE B 787 -7.66 -34.69 33.75
CA PHE B 787 -8.02 -35.73 32.80
C PHE B 787 -8.74 -36.89 33.48
N ASN B 788 -8.28 -37.29 34.66
CA ASN B 788 -8.90 -38.39 35.40
C ASN B 788 -10.08 -37.95 36.24
N ASN B 789 -10.37 -36.64 36.30
CA ASN B 789 -11.45 -36.15 37.13
C ASN B 789 -12.77 -36.80 36.73
N LYS B 790 -13.57 -37.17 37.73
CA LYS B 790 -14.83 -37.88 37.53
C LYS B 790 -15.98 -36.90 37.75
N GLU B 791 -16.33 -36.15 36.71
CA GLU B 791 -17.43 -35.22 36.76
C GLU B 791 -17.31 -34.26 37.94
N ARG B 794 -22.61 -34.71 32.71
CA ARG B 794 -22.09 -34.71 31.35
C ARG B 794 -22.38 -33.38 30.66
N SER B 795 -21.35 -32.56 30.52
CA SER B 795 -21.52 -31.27 29.86
C SER B 795 -21.88 -31.47 28.39
N ASN B 796 -22.59 -30.49 27.83
CA ASN B 796 -23.03 -30.58 26.45
C ASN B 796 -21.88 -30.59 25.46
N ALA B 797 -20.67 -30.23 25.90
CA ALA B 797 -19.50 -30.19 25.02
C ALA B 797 -18.76 -31.51 24.93
N TYR B 798 -19.23 -32.55 25.62
CA TYR B 798 -18.56 -33.85 25.67
C TYR B 798 -19.35 -34.93 24.93
N SER B 799 -20.18 -34.55 23.98
CA SER B 799 -21.05 -35.52 23.32
C SER B 799 -20.30 -36.44 22.38
N LYS B 800 -19.08 -36.08 21.98
CA LYS B 800 -18.29 -36.90 21.06
C LYS B 800 -17.22 -37.72 21.77
N LEU B 801 -17.22 -37.76 23.09
CA LEU B 801 -16.20 -38.45 23.86
C LEU B 801 -16.61 -39.88 24.17
N GLU B 802 -15.62 -40.76 24.30
CA GLU B 802 -15.84 -42.13 24.70
C GLU B 802 -15.73 -42.24 26.22
N SER B 803 -15.90 -43.45 26.74
CA SER B 803 -15.80 -43.67 28.18
C SER B 803 -14.39 -43.45 28.70
N ASN B 804 -13.38 -43.49 27.84
CA ASN B 804 -12.00 -43.28 28.25
C ASN B 804 -11.58 -41.81 28.20
N GLY B 805 -12.51 -40.90 27.90
CA GLY B 805 -12.22 -39.49 27.92
C GLY B 805 -11.61 -38.94 26.65
N LEU B 806 -11.59 -39.71 25.56
CA LEU B 806 -11.01 -39.29 24.30
C LEU B 806 -12.08 -39.32 23.21
N VAL B 807 -11.90 -38.44 22.22
CA VAL B 807 -12.87 -38.35 21.12
C VAL B 807 -12.90 -39.65 20.35
N ARG B 808 -14.07 -39.98 19.81
CA ARG B 808 -14.29 -41.22 19.09
C ARG B 808 -13.78 -41.12 17.66
N LEU B 809 -13.24 -42.24 17.15
CA LEU B 809 -12.77 -42.27 15.78
C LEU B 809 -13.94 -42.15 14.80
N ASN B 810 -13.70 -41.42 13.71
CA ASN B 810 -14.64 -41.22 12.61
C ASN B 810 -15.85 -40.37 12.99
N ALA B 811 -15.81 -39.69 14.13
CA ALA B 811 -16.86 -38.76 14.50
C ALA B 811 -16.57 -37.38 13.90
N PHE B 812 -17.63 -36.62 13.68
CA PHE B 812 -17.52 -35.27 13.14
C PHE B 812 -17.63 -34.25 14.27
N LEU B 813 -16.64 -33.38 14.39
CA LEU B 813 -16.60 -32.37 15.44
C LEU B 813 -17.25 -31.08 14.97
N GLU B 814 -17.93 -30.39 15.88
CA GLU B 814 -18.59 -29.12 15.62
C GLU B 814 -17.90 -28.00 16.38
N SER B 815 -18.44 -26.79 16.25
CA SER B 815 -17.78 -25.57 16.72
C SER B 815 -17.88 -25.37 18.22
N GLY B 816 -18.30 -26.36 19.00
CA GLY B 816 -18.32 -26.22 20.43
C GLY B 816 -17.86 -27.47 21.16
N ASP B 817 -17.31 -28.42 20.43
CA ASP B 817 -16.97 -29.72 20.98
C ASP B 817 -15.55 -29.73 21.52
N ALA B 818 -15.33 -30.57 22.53
CA ALA B 818 -14.01 -30.79 23.10
C ALA B 818 -13.45 -32.12 22.61
N MET B 819 -12.13 -32.19 22.54
CA MET B 819 -11.45 -33.39 22.07
C MET B 819 -11.05 -34.33 23.19
N ALA B 820 -10.94 -33.84 24.42
CA ALA B 820 -10.55 -34.66 25.56
C ALA B 820 -11.09 -34.06 26.84
N ARG B 821 -11.36 -34.91 27.82
CA ARG B 821 -11.93 -34.46 29.07
C ARG B 821 -10.92 -33.67 29.87
N ASN B 822 -11.31 -32.48 30.33
CA ASN B 822 -10.43 -31.61 31.10
C ASN B 822 -11.30 -30.81 32.07
N ILE B 823 -11.43 -31.31 33.30
CA ILE B 823 -12.28 -30.72 34.32
C ILE B 823 -11.40 -30.21 35.45
N SER B 824 -11.61 -28.96 35.84
CA SER B 824 -10.85 -28.34 36.92
C SER B 824 -11.67 -28.34 38.19
N SER B 825 -11.11 -28.91 39.25
CA SER B 825 -11.79 -28.99 40.54
C SER B 825 -11.06 -28.18 41.61
N SER B 839 -15.35 -28.80 39.34
CA SER B 839 -16.64 -29.02 38.71
C SER B 839 -16.88 -28.02 37.58
N PHE B 840 -15.80 -27.57 36.96
CA PHE B 840 -15.86 -26.64 35.84
C PHE B 840 -15.13 -27.23 34.65
N ASP B 841 -15.71 -27.07 33.47
CA ASP B 841 -15.09 -27.48 32.22
C ASP B 841 -14.17 -26.37 31.74
N VAL B 842 -12.90 -26.70 31.51
CA VAL B 842 -11.91 -25.70 31.11
C VAL B 842 -11.17 -26.18 29.86
N SER B 843 -11.80 -27.09 29.11
CA SER B 843 -11.16 -27.66 27.93
C SER B 843 -11.18 -26.68 26.77
N GLU B 844 -10.21 -26.82 25.87
CA GLU B 844 -10.22 -26.08 24.62
C GLU B 844 -11.32 -26.63 23.71
N LYS B 845 -11.74 -25.81 22.76
CA LYS B 845 -12.88 -26.13 21.91
C LYS B 845 -12.53 -26.01 20.44
N TYR B 846 -13.22 -26.81 19.63
CA TYR B 846 -13.13 -26.73 18.18
C TYR B 846 -13.86 -25.47 17.70
N THR B 847 -13.20 -24.69 16.84
CA THR B 847 -13.68 -23.36 16.48
C THR B 847 -13.62 -23.10 14.98
N ASP B 848 -14.09 -24.06 14.18
CA ASP B 848 -14.23 -23.86 12.74
C ASP B 848 -15.71 -23.88 12.35
N MET B 849 -16.05 -23.10 11.32
CA MET B 849 -17.44 -23.02 10.89
C MET B 849 -17.89 -24.24 10.09
N TYR B 850 -16.97 -25.13 9.72
CA TYR B 850 -17.30 -26.38 9.07
C TYR B 850 -16.85 -27.54 9.95
N LYS B 851 -17.54 -28.67 9.81
CA LYS B 851 -17.22 -29.86 10.59
C LYS B 851 -16.01 -30.59 9.99
N SER B 852 -15.45 -31.50 10.78
CA SER B 852 -14.32 -32.31 10.34
C SER B 852 -14.40 -33.68 11.00
N ARG B 853 -13.87 -34.67 10.30
CA ARG B 853 -13.90 -36.06 10.73
C ARG B 853 -12.60 -36.42 11.42
N VAL B 854 -12.69 -37.19 12.50
CA VAL B 854 -11.53 -37.59 13.28
C VAL B 854 -10.86 -38.77 12.58
N GLU B 855 -9.65 -38.56 12.09
CA GLU B 855 -8.90 -39.59 11.38
C GLU B 855 -7.92 -40.33 12.28
N ARG B 856 -7.23 -39.64 13.19
CA ARG B 856 -6.24 -40.33 14.01
C ARG B 856 -6.09 -39.64 15.36
N VAL B 857 -5.77 -40.44 16.38
CA VAL B 857 -5.60 -39.96 17.76
C VAL B 857 -4.35 -40.61 18.36
N GLN B 858 -3.49 -39.80 18.96
CA GLN B 858 -2.27 -40.28 19.61
C GLN B 858 -2.15 -39.63 20.98
N VAL B 859 -1.84 -40.44 22.00
CA VAL B 859 -1.85 -40.00 23.39
C VAL B 859 -0.56 -40.41 24.07
N GLU B 860 0.04 -39.49 24.82
CA GLU B 860 1.21 -39.77 25.64
C GLU B 860 0.89 -39.45 27.10
N LEU B 861 1.13 -40.41 27.98
CA LEU B 861 0.84 -40.29 29.41
C LEU B 861 2.14 -40.08 30.16
N THR B 862 2.21 -38.99 30.91
CA THR B 862 3.35 -38.66 31.78
C THR B 862 2.79 -37.87 32.95
N ASP B 863 3.65 -37.12 33.64
CA ASP B 863 3.16 -36.17 34.63
C ASP B 863 1.97 -35.39 34.10
N LYS B 864 1.95 -35.13 32.79
CA LYS B 864 0.81 -34.54 32.09
C LYS B 864 0.29 -35.54 31.06
N VAL B 865 -0.77 -35.15 30.36
CA VAL B 865 -1.34 -35.94 29.27
C VAL B 865 -1.27 -35.10 28.01
N LYS B 866 -0.64 -35.65 26.96
CA LYS B 866 -0.50 -34.95 25.69
C LYS B 866 -1.34 -35.68 24.65
N VAL B 867 -2.24 -34.95 23.99
CA VAL B 867 -3.17 -35.52 23.02
C VAL B 867 -2.98 -34.81 21.69
N ARG B 868 -2.81 -35.60 20.62
CA ARG B 868 -2.70 -35.11 19.25
C ARG B 868 -3.77 -35.78 18.40
N VAL B 869 -4.45 -34.98 17.58
CA VAL B 869 -5.57 -35.45 16.77
C VAL B 869 -5.41 -34.94 15.34
N LEU B 870 -5.64 -35.83 14.38
CA LEU B 870 -5.64 -35.50 12.96
C LEU B 870 -7.07 -35.62 12.44
N THR B 871 -7.58 -34.54 11.84
CA THR B 871 -8.92 -34.49 11.28
C THR B 871 -8.87 -34.14 9.79
N MET B 872 -9.91 -34.56 9.07
CA MET B 872 -10.00 -34.38 7.62
C MET B 872 -11.41 -33.96 7.21
N LYS B 873 -11.49 -33.20 6.12
CA LYS B 873 -12.77 -32.82 5.54
C LYS B 873 -12.63 -32.64 4.04
N GLU B 874 -13.55 -33.21 3.27
CA GLU B 874 -13.55 -33.00 1.82
C GLU B 874 -14.35 -31.75 1.48
N ARG B 875 -13.88 -31.02 0.48
CA ARG B 875 -14.39 -29.68 0.19
C ARG B 875 -14.62 -29.54 -1.32
N ARG B 876 -15.82 -29.90 -1.76
CA ARG B 876 -16.19 -29.68 -3.14
C ARG B 876 -16.30 -28.18 -3.41
N PRO B 877 -16.00 -27.73 -4.63
CA PRO B 877 -16.02 -26.29 -4.90
C PRO B 877 -17.38 -25.66 -4.62
N ILE B 878 -17.35 -24.44 -4.09
CA ILE B 878 -18.54 -23.66 -3.79
C ILE B 878 -18.29 -22.23 -4.25
N LEU B 879 -19.31 -21.38 -4.10
CA LEU B 879 -19.18 -19.98 -4.47
C LEU B 879 -18.03 -19.33 -3.70
N GLY B 880 -17.18 -18.61 -4.42
CA GLY B 880 -16.08 -17.89 -3.82
C GLY B 880 -14.74 -18.59 -3.86
N ASP B 881 -14.70 -19.88 -4.13
CA ASP B 881 -13.43 -20.60 -4.20
C ASP B 881 -12.63 -20.16 -5.43
N LYS B 882 -11.30 -20.29 -5.35
CA LYS B 882 -10.38 -19.66 -6.27
C LYS B 882 -9.68 -20.68 -7.15
N PHE B 883 -9.56 -20.36 -8.45
CA PHE B 883 -8.96 -21.22 -9.46
C PHE B 883 -8.04 -20.40 -10.35
N THR B 884 -7.23 -21.08 -11.17
CA THR B 884 -6.40 -20.38 -12.14
C THR B 884 -5.89 -21.35 -13.19
N THR B 885 -5.40 -20.78 -14.29
CA THR B 885 -4.70 -21.53 -15.34
C THR B 885 -3.20 -21.38 -15.17
N ARG B 886 -2.44 -22.00 -16.05
CA ARG B 886 -0.99 -21.90 -16.02
C ARG B 886 -0.46 -20.64 -16.69
N THR B 887 -1.34 -19.73 -17.13
CA THR B 887 -0.95 -18.44 -17.65
C THR B 887 -1.40 -17.30 -16.74
N SER B 888 -1.77 -17.62 -15.50
CA SER B 888 -2.09 -16.62 -14.48
C SER B 888 -3.45 -15.97 -14.67
N GLN B 889 -4.41 -16.68 -15.26
CA GLN B 889 -5.78 -16.19 -15.36
C GLN B 889 -6.57 -16.77 -14.18
N LYS B 890 -6.59 -16.03 -13.07
CA LYS B 890 -7.23 -16.49 -11.85
C LYS B 890 -8.61 -15.87 -11.69
N GLY B 891 -9.49 -16.60 -11.01
CA GLY B 891 -10.83 -16.12 -10.74
C GLY B 891 -11.49 -16.95 -9.67
N THR B 892 -12.63 -16.46 -9.19
CA THR B 892 -13.43 -17.15 -8.19
C THR B 892 -14.75 -17.60 -8.80
N VAL B 893 -15.37 -18.58 -8.16
CA VAL B 893 -16.64 -19.12 -8.64
C VAL B 893 -17.74 -18.09 -8.39
N ALA B 894 -18.39 -17.67 -9.47
CA ALA B 894 -19.47 -16.69 -9.39
C ALA B 894 -20.86 -17.30 -9.50
N TYR B 895 -20.97 -18.50 -10.06
CA TYR B 895 -22.28 -19.11 -10.27
C TYR B 895 -22.11 -20.60 -10.57
N VAL B 896 -22.93 -21.43 -9.93
CA VAL B 896 -22.95 -22.87 -10.19
C VAL B 896 -24.16 -23.16 -11.07
N ALA B 897 -23.91 -23.56 -12.31
CA ALA B 897 -24.95 -23.72 -13.30
C ALA B 897 -25.27 -25.19 -13.52
N ASP B 898 -26.56 -25.49 -13.67
CA ASP B 898 -26.97 -26.85 -13.95
C ASP B 898 -26.63 -27.21 -15.39
N GLU B 899 -26.42 -28.51 -15.62
CA GLU B 899 -26.05 -29.00 -16.94
C GLU B 899 -27.08 -28.59 -18.00
N THR B 900 -28.35 -28.50 -17.64
CA THR B 900 -29.40 -28.17 -18.60
C THR B 900 -29.47 -26.67 -18.91
N GLU B 901 -28.71 -25.83 -18.21
CA GLU B 901 -28.70 -24.40 -18.45
C GLU B 901 -27.50 -23.94 -19.25
N LEU B 902 -26.64 -24.84 -19.69
CA LEU B 902 -25.39 -24.46 -20.33
C LEU B 902 -25.46 -24.66 -21.84
N PRO B 903 -24.76 -23.85 -22.63
CA PRO B 903 -24.70 -24.10 -24.07
C PRO B 903 -23.96 -25.38 -24.39
N TYR B 904 -24.31 -25.99 -25.52
CA TYR B 904 -23.78 -27.29 -25.89
C TYR B 904 -23.43 -27.30 -27.37
N ASP B 905 -22.54 -28.23 -27.74
CA ASP B 905 -22.13 -28.40 -29.13
C ASP B 905 -22.89 -29.57 -29.76
N GLU B 906 -22.55 -29.88 -31.01
CA GLU B 906 -23.30 -30.87 -31.76
C GLU B 906 -23.14 -32.28 -31.22
N ASN B 907 -22.10 -32.54 -30.42
CA ASN B 907 -21.90 -33.85 -29.80
C ASN B 907 -22.51 -33.94 -28.41
N GLY B 908 -23.20 -32.90 -27.95
CA GLY B 908 -23.81 -32.93 -26.64
C GLY B 908 -22.90 -32.59 -25.48
N ILE B 909 -21.73 -32.00 -25.75
CA ILE B 909 -20.78 -31.66 -24.70
C ILE B 909 -21.05 -30.26 -24.19
N THR B 910 -21.11 -30.11 -22.88
CA THR B 910 -21.22 -28.80 -22.24
C THR B 910 -19.94 -28.49 -21.46
N PRO B 911 -19.51 -27.24 -21.41
CA PRO B 911 -18.25 -26.92 -20.73
C PRO B 911 -18.36 -27.09 -19.22
N ASP B 912 -17.24 -27.50 -18.62
CA ASP B 912 -17.14 -27.53 -17.16
C ASP B 912 -16.93 -26.15 -16.58
N VAL B 913 -16.22 -25.28 -17.28
CA VAL B 913 -15.88 -23.95 -16.81
C VAL B 913 -16.03 -22.97 -17.96
N ILE B 914 -16.58 -21.79 -17.68
CA ILE B 914 -16.70 -20.72 -18.66
C ILE B 914 -15.91 -19.52 -18.15
N ILE B 915 -15.03 -18.99 -18.99
CA ILE B 915 -14.17 -17.86 -18.68
C ILE B 915 -14.42 -16.78 -19.72
N ASN B 916 -14.53 -15.52 -19.27
CA ASN B 916 -14.76 -14.43 -20.19
C ASN B 916 -13.56 -14.26 -21.12
N SER B 917 -13.83 -14.09 -22.41
CA SER B 917 -12.75 -14.06 -23.41
C SER B 917 -11.97 -12.76 -23.41
N THR B 918 -12.60 -11.65 -23.04
CA THR B 918 -11.94 -10.35 -23.18
C THR B 918 -10.62 -10.32 -22.43
N SER B 919 -10.60 -10.86 -21.21
CA SER B 919 -9.40 -10.80 -20.39
C SER B 919 -8.22 -11.51 -21.04
N ILE B 920 -8.46 -12.45 -21.95
CA ILE B 920 -7.35 -13.13 -22.62
C ILE B 920 -6.58 -12.13 -23.47
N PHE B 921 -7.27 -11.20 -24.11
CA PHE B 921 -6.64 -10.32 -25.07
C PHE B 921 -6.26 -8.96 -24.49
N SER B 922 -6.93 -8.51 -23.42
CA SER B 922 -6.51 -7.27 -22.79
C SER B 922 -5.25 -7.47 -21.96
N ARG B 923 -5.03 -8.66 -21.42
CA ARG B 923 -3.82 -8.96 -20.66
C ARG B 923 -2.74 -9.63 -21.51
N LYS B 924 -3.04 -10.00 -22.75
CA LYS B 924 -2.04 -10.53 -23.68
C LYS B 924 -1.41 -11.82 -23.15
N THR B 925 -2.25 -12.79 -22.81
CA THR B 925 -1.79 -14.14 -22.47
C THR B 925 -2.03 -15.05 -23.68
N ILE B 926 -1.16 -14.91 -24.67
CA ILE B 926 -1.33 -15.62 -25.93
C ILE B 926 -1.14 -17.12 -25.76
N SER B 927 -0.24 -17.54 -24.87
CA SER B 927 0.10 -18.96 -24.78
C SER B 927 -1.05 -19.83 -24.28
N MET B 928 -2.07 -19.24 -23.67
CA MET B 928 -3.23 -20.04 -23.25
C MET B 928 -3.93 -20.66 -24.44
N LEU B 929 -4.11 -19.89 -25.52
CA LEU B 929 -4.75 -20.41 -26.73
C LEU B 929 -3.93 -21.55 -27.33
N ILE B 930 -2.61 -21.39 -27.38
CA ILE B 930 -1.75 -22.42 -27.94
C ILE B 930 -1.81 -23.68 -27.07
N GLU B 931 -1.87 -23.51 -25.75
CA GLU B 931 -1.98 -24.67 -24.86
C GLU B 931 -3.27 -25.44 -25.12
N VAL B 932 -4.38 -24.72 -25.29
CA VAL B 932 -5.64 -25.41 -25.57
C VAL B 932 -5.56 -26.16 -26.90
N ILE B 933 -4.98 -25.52 -27.92
CA ILE B 933 -4.87 -26.16 -29.23
C ILE B 933 -4.06 -27.45 -29.13
N LEU B 934 -2.93 -27.40 -28.42
CA LEU B 934 -2.08 -28.59 -28.31
C LEU B 934 -2.74 -29.67 -27.44
N THR B 935 -3.47 -29.29 -26.40
CA THR B 935 -4.17 -30.30 -25.60
C THR B 935 -5.22 -31.03 -26.43
N ALA B 936 -5.97 -30.30 -27.26
CA ALA B 936 -6.91 -30.95 -28.15
C ALA B 936 -6.22 -31.87 -29.14
N ALA B 937 -5.09 -31.41 -29.71
CA ALA B 937 -4.34 -32.25 -30.64
C ALA B 937 -3.90 -33.54 -29.97
N TYR B 938 -3.38 -33.45 -28.73
CA TYR B 938 -2.99 -34.65 -28.01
C TYR B 938 -4.18 -35.57 -27.80
N SER B 939 -5.32 -35.02 -27.42
CA SER B 939 -6.49 -35.86 -27.19
C SER B 939 -6.86 -36.62 -28.46
N ALA B 940 -6.72 -35.99 -29.63
CA ALA B 940 -7.04 -36.70 -30.86
C ALA B 940 -6.11 -37.88 -31.09
N LYS B 941 -4.81 -37.70 -30.85
CA LYS B 941 -3.81 -38.76 -31.07
C LYS B 941 -2.81 -38.75 -29.93
N PRO B 942 -3.08 -39.51 -28.87
CA PRO B 942 -2.22 -39.47 -27.68
C PRO B 942 -1.05 -40.45 -27.67
N TYR B 943 -0.76 -41.14 -28.78
CA TYR B 943 0.24 -42.18 -28.78
C TYR B 943 1.22 -42.00 -29.95
N ASN B 944 2.37 -42.65 -29.81
CA ASN B 944 3.43 -42.65 -30.81
C ASN B 944 3.09 -43.57 -31.97
N ASN B 945 3.98 -43.63 -32.95
CA ASN B 945 3.88 -44.64 -33.98
C ASN B 945 4.08 -46.05 -33.42
N LYS B 946 4.76 -46.16 -32.29
CA LYS B 946 4.92 -47.42 -31.59
C LYS B 946 3.78 -47.73 -30.63
N GLY B 947 2.80 -46.83 -30.50
CA GLY B 947 1.69 -47.04 -29.60
C GLY B 947 1.93 -46.61 -28.17
N GLU B 948 3.04 -45.93 -27.88
CA GLU B 948 3.35 -45.49 -26.53
C GLU B 948 2.76 -44.11 -26.27
N ASN B 949 2.38 -43.88 -25.01
CA ASN B 949 1.87 -42.58 -24.60
C ASN B 949 2.92 -41.50 -24.86
N ARG B 950 2.54 -40.48 -25.63
CA ARG B 950 3.49 -39.48 -26.12
C ARG B 950 3.08 -38.09 -25.66
N PRO B 951 3.75 -37.51 -24.65
CA PRO B 951 3.47 -36.13 -24.27
C PRO B 951 3.97 -35.14 -25.32
N VAL B 952 3.41 -33.93 -25.27
CA VAL B 952 3.76 -32.85 -26.18
C VAL B 952 4.66 -31.87 -25.46
N CYS B 953 5.76 -31.47 -26.10
CA CYS B 953 6.75 -30.59 -25.50
C CYS B 953 6.44 -29.14 -25.88
N PHE B 954 6.06 -28.34 -24.89
CA PHE B 954 5.81 -26.92 -25.05
C PHE B 954 6.49 -26.20 -23.90
N PRO B 955 7.80 -25.97 -23.98
CA PRO B 955 8.53 -25.45 -22.82
C PRO B 955 8.22 -23.99 -22.54
N SER B 956 8.41 -23.61 -21.28
CA SER B 956 8.55 -22.20 -20.96
C SER B 956 9.81 -21.67 -21.64
N SER B 957 9.72 -20.49 -22.25
CA SER B 957 10.73 -20.04 -23.20
C SER B 957 10.79 -20.99 -24.40
N ASN B 958 9.71 -20.92 -25.17
CA ASN B 958 9.35 -21.94 -26.17
C ASN B 958 10.37 -22.14 -27.29
N GLU B 959 10.55 -21.16 -28.16
CA GLU B 959 11.47 -21.17 -29.31
C GLU B 959 10.91 -21.92 -30.54
N THR B 960 9.75 -22.56 -30.47
CA THR B 960 9.16 -23.25 -31.61
C THR B 960 8.04 -22.41 -32.21
N SER B 961 7.98 -22.37 -33.54
CA SER B 961 7.04 -21.51 -34.24
C SER B 961 5.60 -21.99 -34.04
N ILE B 962 4.66 -21.04 -34.08
CA ILE B 962 3.25 -21.39 -33.98
C ILE B 962 2.81 -22.21 -35.19
N ASP B 963 3.37 -21.92 -36.37
CA ASP B 963 3.00 -22.67 -37.57
C ASP B 963 3.38 -24.14 -37.46
N THR B 964 4.53 -24.43 -36.86
CA THR B 964 4.93 -25.82 -36.67
C THR B 964 3.94 -26.56 -35.77
N TYR B 965 3.50 -25.91 -34.69
CA TYR B 965 2.51 -26.51 -33.81
C TYR B 965 1.19 -26.74 -34.56
N MET B 966 0.78 -25.78 -35.39
CA MET B 966 -0.43 -25.96 -36.17
C MET B 966 -0.31 -27.16 -37.11
N GLN B 967 0.85 -27.32 -37.74
CA GLN B 967 1.06 -28.47 -38.62
C GLN B 967 0.98 -29.78 -37.85
N PHE B 968 1.58 -29.82 -36.65
CA PHE B 968 1.48 -31.01 -35.83
C PHE B 968 0.03 -31.35 -35.49
N ALA B 969 -0.75 -30.33 -35.10
CA ALA B 969 -2.15 -30.57 -34.80
C ALA B 969 -2.91 -31.08 -36.02
N LYS B 970 -2.63 -30.50 -37.19
CA LYS B 970 -3.27 -30.94 -38.42
C LYS B 970 -2.97 -32.41 -38.67
N GLN B 971 -1.72 -32.83 -38.49
CA GLN B 971 -1.38 -34.23 -38.69
C GLN B 971 -2.14 -35.13 -37.72
N CYS B 972 -2.25 -34.71 -36.46
CA CYS B 972 -2.99 -35.51 -35.48
C CYS B 972 -4.43 -35.71 -35.93
N TYR B 973 -5.10 -34.63 -36.33
CA TYR B 973 -6.50 -34.75 -36.73
C TYR B 973 -6.65 -35.58 -37.99
N GLU B 974 -5.73 -35.41 -38.95
CA GLU B 974 -5.82 -36.20 -40.18
C GLU B 974 -5.63 -37.69 -39.90
N HIS B 975 -4.76 -38.03 -38.95
CA HIS B 975 -4.66 -39.42 -38.53
C HIS B 975 -5.96 -39.89 -37.91
N SER B 976 -6.60 -39.05 -37.09
CA SER B 976 -7.84 -39.45 -36.43
C SER B 976 -8.93 -39.78 -37.45
N ASN B 977 -9.35 -38.78 -38.22
CA ASN B 977 -10.44 -38.92 -39.19
C ASN B 977 -9.94 -38.58 -40.59
N PRO B 978 -9.60 -39.57 -41.41
CA PRO B 978 -9.02 -39.25 -42.73
C PRO B 978 -9.95 -38.49 -43.66
N LYS B 979 -11.26 -38.50 -43.42
CA LYS B 979 -12.23 -37.87 -44.32
C LYS B 979 -12.86 -36.67 -43.62
N LEU B 980 -12.21 -35.52 -43.73
CA LEU B 980 -12.71 -34.26 -43.19
C LEU B 980 -12.63 -33.20 -44.27
N SER B 981 -13.66 -32.36 -44.34
CA SER B 981 -13.62 -31.23 -45.27
C SER B 981 -12.64 -30.17 -44.77
N ASP B 982 -12.32 -29.24 -45.66
CA ASP B 982 -11.36 -28.19 -45.30
C ASP B 982 -11.88 -27.34 -44.15
N GLU B 983 -13.16 -26.97 -44.20
CA GLU B 983 -13.73 -26.15 -43.12
C GLU B 983 -13.70 -26.89 -41.80
N GLU B 984 -14.08 -28.16 -41.79
CA GLU B 984 -14.08 -28.93 -40.55
C GLU B 984 -12.67 -29.05 -39.99
N LEU B 985 -11.69 -29.31 -40.85
CA LEU B 985 -10.31 -29.43 -40.40
C LEU B 985 -9.81 -28.12 -39.82
N SER B 986 -10.14 -27.00 -40.47
CA SER B 986 -9.74 -25.71 -39.94
C SER B 986 -10.38 -25.45 -38.57
N ASP B 987 -11.67 -25.78 -38.43
CA ASP B 987 -12.32 -25.59 -37.15
C ASP B 987 -11.67 -26.43 -36.07
N LYS B 988 -11.31 -27.68 -36.38
CA LYS B 988 -10.65 -28.52 -35.39
C LYS B 988 -9.29 -27.98 -35.01
N ILE B 989 -8.53 -27.50 -35.99
CA ILE B 989 -7.20 -26.97 -35.69
C ILE B 989 -7.30 -25.74 -34.80
N PHE B 990 -8.24 -24.85 -35.08
CA PHE B 990 -8.37 -23.61 -34.34
C PHE B 990 -9.25 -23.74 -33.10
N CYS B 991 -9.83 -24.90 -32.84
CA CYS B 991 -10.68 -25.13 -31.67
C CYS B 991 -11.85 -24.16 -31.63
N GLU B 992 -12.61 -24.14 -32.73
CA GLU B 992 -13.81 -23.32 -32.86
C GLU B 992 -15.02 -24.20 -33.09
N LYS B 993 -16.14 -23.85 -32.48
CA LYS B 993 -17.36 -24.64 -32.58
C LYS B 993 -18.58 -23.74 -32.58
N ILE B 994 -19.66 -24.25 -33.17
CA ILE B 994 -20.98 -23.64 -33.04
C ILE B 994 -21.63 -24.20 -31.79
N LEU B 995 -22.16 -23.32 -30.95
CA LEU B 995 -22.86 -23.71 -29.73
C LEU B 995 -24.31 -23.29 -29.82
N TYR B 996 -25.16 -23.99 -29.07
CA TYR B 996 -26.60 -23.79 -29.11
C TYR B 996 -27.13 -23.34 -27.76
N ASP B 997 -28.07 -22.40 -27.80
CA ASP B 997 -28.74 -21.94 -26.59
C ASP B 997 -29.69 -23.03 -26.09
N PRO B 998 -29.55 -23.53 -24.87
CA PRO B 998 -30.41 -24.63 -24.43
C PRO B 998 -31.86 -24.22 -24.23
N GLU B 999 -32.15 -22.95 -24.01
CA GLU B 999 -33.53 -22.52 -23.79
C GLU B 999 -34.35 -22.60 -25.07
N THR B 1000 -33.78 -22.16 -26.19
CA THR B 1000 -34.49 -22.13 -27.46
C THR B 1000 -33.95 -23.11 -28.49
N ASP B 1001 -32.77 -23.70 -28.25
CA ASP B 1001 -32.15 -24.62 -29.20
C ASP B 1001 -31.92 -23.95 -30.56
N LYS B 1002 -31.19 -22.84 -30.54
CA LYS B 1002 -30.80 -22.15 -31.75
C LYS B 1002 -29.33 -21.73 -31.63
N PRO B 1003 -28.62 -21.63 -32.75
CA PRO B 1003 -27.19 -21.32 -32.68
C PRO B 1003 -26.94 -19.87 -32.26
N TYR B 1004 -25.78 -19.64 -31.68
CA TYR B 1004 -25.32 -18.28 -31.44
C TYR B 1004 -24.78 -17.69 -32.73
N ALA B 1005 -24.53 -16.38 -32.69
CA ALA B 1005 -24.16 -15.66 -33.91
C ALA B 1005 -22.87 -16.19 -34.52
N SER B 1006 -21.83 -16.37 -33.71
CA SER B 1006 -20.52 -16.73 -34.20
C SER B 1006 -19.94 -17.87 -33.38
N LYS B 1007 -18.89 -18.49 -33.92
CA LYS B 1007 -18.26 -19.65 -33.29
C LYS B 1007 -17.48 -19.24 -32.06
N VAL B 1008 -17.26 -20.20 -31.17
CA VAL B 1008 -16.70 -19.99 -29.84
C VAL B 1008 -15.44 -20.83 -29.67
N PHE B 1009 -14.43 -20.25 -29.04
CA PHE B 1009 -13.23 -20.99 -28.67
C PHE B 1009 -13.56 -21.96 -27.53
N PHE B 1010 -13.24 -23.24 -27.72
CA PHE B 1010 -13.83 -24.31 -26.92
C PHE B 1010 -12.88 -25.50 -26.92
N GLY B 1011 -12.44 -25.93 -25.74
CA GLY B 1011 -11.54 -27.07 -25.66
C GLY B 1011 -10.98 -27.39 -24.29
N PRO B 1012 -10.11 -28.39 -24.20
CA PRO B 1012 -9.60 -28.84 -22.90
C PRO B 1012 -8.33 -28.11 -22.47
N ILE B 1013 -8.13 -28.07 -21.15
CA ILE B 1013 -6.94 -27.41 -20.58
C ILE B 1013 -6.72 -27.93 -19.17
N TYR B 1014 -5.46 -27.89 -18.73
CA TYR B 1014 -5.08 -28.29 -17.38
C TYR B 1014 -5.36 -27.14 -16.42
N TYR B 1015 -6.26 -27.36 -15.47
CA TYR B 1015 -6.79 -26.34 -14.60
C TYR B 1015 -6.39 -26.63 -13.16
N LEU B 1016 -6.09 -25.55 -12.42
CA LEU B 1016 -5.52 -25.61 -11.09
C LEU B 1016 -6.48 -25.03 -10.06
N ARG B 1017 -6.53 -25.65 -8.88
CA ARG B 1017 -7.29 -25.12 -7.75
C ARG B 1017 -6.32 -24.58 -6.71
N LEU B 1018 -6.60 -23.37 -6.23
CA LEU B 1018 -5.73 -22.69 -5.27
C LEU B 1018 -6.26 -22.84 -3.85
N ARG B 1019 -5.38 -22.59 -2.88
CA ARG B 1019 -5.63 -22.90 -1.49
C ARG B 1019 -6.48 -21.85 -0.77
N HIS B 1020 -7.04 -20.87 -1.46
CA HIS B 1020 -7.85 -19.82 -0.83
C HIS B 1020 -9.32 -20.22 -0.90
N LEU B 1021 -9.89 -20.61 0.25
CA LEU B 1021 -11.24 -21.13 0.34
C LEU B 1021 -12.13 -20.15 1.10
N THR B 1022 -13.39 -20.06 0.67
CA THR B 1022 -14.30 -19.07 1.24
C THR B 1022 -14.50 -19.29 2.74
N GLN B 1023 -14.75 -20.54 3.14
CA GLN B 1023 -15.08 -20.81 4.53
C GLN B 1023 -13.88 -20.73 5.46
N ASP B 1024 -12.67 -20.56 4.94
CA ASP B 1024 -11.52 -20.27 5.76
C ASP B 1024 -11.34 -18.79 6.05
N LYS B 1025 -12.11 -17.92 5.40
CA LYS B 1025 -11.99 -16.48 5.57
C LYS B 1025 -13.22 -15.81 6.16
N ALA B 1026 -14.38 -16.46 6.12
CA ALA B 1026 -15.61 -15.84 6.60
C ALA B 1026 -15.56 -15.62 8.11
N THR B 1027 -16.10 -14.48 8.56
CA THR B 1027 -16.12 -14.13 9.97
C THR B 1027 -17.38 -13.36 10.29
N VAL B 1028 -17.84 -13.45 11.54
CA VAL B 1028 -18.98 -12.68 12.02
C VAL B 1028 -18.93 -12.64 13.54
N ARG B 1029 -19.37 -11.52 14.11
CA ARG B 1029 -19.44 -11.35 15.56
C ARG B 1029 -20.72 -10.62 15.92
N CYS B 1030 -21.45 -11.14 16.92
CA CYS B 1030 -22.56 -10.42 17.51
C CYS B 1030 -22.16 -9.77 18.83
N ARG B 1031 -21.76 -10.57 19.81
CA ARG B 1031 -21.22 -10.09 21.08
C ARG B 1031 -20.17 -11.08 21.55
N GLY B 1032 -19.29 -10.61 22.44
CA GLY B 1032 -18.21 -11.45 22.91
C GLY B 1032 -17.37 -10.83 24.00
N LYS B 1033 -16.11 -11.27 24.10
CA LYS B 1033 -15.22 -10.81 25.16
C LYS B 1033 -14.67 -9.43 24.86
N LYS B 1034 -14.14 -8.78 25.90
CA LYS B 1034 -13.53 -7.47 25.80
C LYS B 1034 -12.12 -7.52 26.34
N THR B 1035 -11.29 -6.57 25.89
CA THR B 1035 -9.98 -6.40 26.47
C THR B 1035 -10.08 -5.73 27.83
N LYS B 1036 -9.20 -6.11 28.76
CA LYS B 1036 -9.36 -5.68 30.14
C LYS B 1036 -9.02 -4.20 30.32
N LEU B 1037 -7.93 -3.74 29.72
CA LEU B 1037 -7.49 -2.37 29.98
C LEU B 1037 -8.48 -1.34 29.45
N ILE B 1038 -8.88 -1.49 28.18
CA ILE B 1038 -9.69 -0.46 27.52
C ILE B 1038 -11.15 -0.85 27.39
N ARG B 1039 -11.50 -2.11 27.63
CA ARG B 1039 -12.89 -2.58 27.57
C ARG B 1039 -13.48 -2.34 26.17
N GLN B 1040 -12.81 -2.92 25.18
CA GLN B 1040 -13.29 -2.92 23.81
C GLN B 1040 -13.20 -4.34 23.26
N ALA B 1041 -13.88 -4.57 22.15
CA ALA B 1041 -13.94 -5.91 21.57
C ALA B 1041 -12.54 -6.45 21.29
N ASN B 1042 -12.35 -7.74 21.57
CA ASN B 1042 -11.04 -8.36 21.42
C ASN B 1042 -10.75 -8.65 19.95
N GLU B 1043 -9.54 -9.14 19.69
CA GLU B 1043 -9.05 -9.37 18.34
C GLU B 1043 -8.77 -10.86 18.14
N GLY B 1044 -8.98 -11.32 16.91
CA GLY B 1044 -8.66 -12.69 16.56
C GLY B 1044 -9.83 -13.46 16.00
N ARG B 1045 -9.67 -13.99 14.79
CA ARG B 1045 -10.74 -14.74 14.15
C ARG B 1045 -11.07 -16.01 14.94
N LYS B 1046 -10.04 -16.69 15.44
CA LYS B 1046 -10.25 -17.92 16.21
C LYS B 1046 -10.78 -17.65 17.61
N ARG B 1047 -10.71 -16.41 18.08
CA ARG B 1047 -11.17 -16.05 19.42
C ARG B 1047 -12.45 -15.21 19.38
N GLY B 1048 -13.15 -15.20 18.24
CA GLY B 1048 -14.38 -14.45 18.11
C GLY B 1048 -14.22 -12.95 18.18
N GLY B 1049 -13.14 -12.41 17.61
CA GLY B 1049 -12.90 -10.99 17.65
C GLY B 1049 -13.76 -10.23 16.66
N GLY B 1050 -13.76 -8.91 16.81
CA GLY B 1050 -14.51 -8.03 15.95
C GLY B 1050 -13.65 -7.33 14.92
N ILE B 1051 -14.29 -6.86 13.85
CA ILE B 1051 -13.59 -6.14 12.80
C ILE B 1051 -13.28 -4.72 13.28
N LYS B 1052 -12.14 -4.20 12.85
CA LYS B 1052 -11.69 -2.88 13.24
C LYS B 1052 -12.26 -1.82 12.31
N PHE B 1053 -12.88 -0.79 12.90
CA PHE B 1053 -13.38 0.37 12.17
C PHE B 1053 -12.28 1.44 12.21
N GLY B 1054 -11.50 1.53 11.13
CA GLY B 1054 -10.34 2.40 11.10
C GLY B 1054 -10.69 3.86 10.90
N GLU B 1055 -9.64 4.70 10.88
CA GLU B 1055 -9.87 6.14 10.79
C GLU B 1055 -10.13 6.61 9.36
N MET B 1056 -9.78 5.82 8.34
CA MET B 1056 -10.15 6.17 6.98
C MET B 1056 -11.65 5.96 6.74
N GLU B 1057 -12.20 4.90 7.32
CA GLU B 1057 -13.65 4.73 7.31
C GLU B 1057 -14.33 5.89 8.04
N ARG B 1058 -13.73 6.34 9.14
CA ARG B 1058 -14.24 7.50 9.85
C ARG B 1058 -14.21 8.75 8.96
N ASP B 1059 -13.13 8.92 8.19
CA ASP B 1059 -13.06 10.02 7.24
C ASP B 1059 -14.24 9.96 6.26
N CYS B 1060 -14.52 8.76 5.73
CA CYS B 1060 -15.61 8.62 4.78
C CYS B 1060 -16.95 9.00 5.42
N LEU B 1061 -17.20 8.53 6.64
CA LEU B 1061 -18.46 8.88 7.30
C LEU B 1061 -18.58 10.38 7.50
N ILE B 1062 -17.49 11.04 7.86
CA ILE B 1062 -17.54 12.50 8.00
C ILE B 1062 -17.80 13.15 6.65
N ALA B 1063 -17.23 12.60 5.58
CA ALA B 1063 -17.45 13.16 4.25
C ALA B 1063 -18.92 13.05 3.84
N HIS B 1064 -19.62 12.01 4.31
CA HIS B 1064 -21.05 11.92 4.04
C HIS B 1064 -21.86 12.97 4.80
N GLY B 1065 -21.31 13.53 5.87
CA GLY B 1065 -22.07 14.44 6.71
C GLY B 1065 -22.97 13.78 7.73
N ALA B 1066 -22.69 12.52 8.07
CA ALA B 1066 -23.51 11.76 9.02
C ALA B 1066 -22.86 11.83 10.40
N ALA B 1067 -23.16 12.92 11.12
CA ALA B 1067 -22.49 13.18 12.39
C ALA B 1067 -22.96 12.24 13.49
N ASN B 1068 -24.27 12.02 13.59
CA ASN B 1068 -24.79 11.14 14.63
C ASN B 1068 -24.30 9.72 14.44
N THR B 1069 -24.21 9.26 13.19
CA THR B 1069 -23.76 7.90 12.93
C THR B 1069 -22.35 7.66 13.42
N ILE B 1070 -21.42 8.57 13.07
CA ILE B 1070 -20.04 8.38 13.51
C ILE B 1070 -19.94 8.52 15.02
N THR B 1071 -20.72 9.42 15.61
CA THR B 1071 -20.71 9.55 17.06
C THR B 1071 -21.11 8.24 17.72
N GLU B 1072 -22.17 7.60 17.23
CA GLU B 1072 -22.60 6.34 17.81
C GLU B 1072 -21.61 5.22 17.55
N VAL B 1073 -20.95 5.23 16.40
CA VAL B 1073 -19.96 4.18 16.11
C VAL B 1073 -18.78 4.28 17.07
N LEU B 1074 -18.29 5.49 17.33
CA LEU B 1074 -17.09 5.62 18.16
C LEU B 1074 -17.36 5.53 19.66
N LYS B 1075 -18.61 5.63 20.10
CA LYS B 1075 -18.90 5.59 21.53
C LYS B 1075 -18.89 4.17 22.06
N ASP B 1076 -18.88 4.05 23.39
CA ASP B 1076 -19.13 2.78 24.04
C ASP B 1076 -20.59 2.38 23.85
N SER B 1077 -20.85 1.08 23.97
CA SER B 1077 -22.19 0.57 23.75
C SER B 1077 -23.17 1.17 24.76
N GLU B 1078 -24.39 1.44 24.29
CA GLU B 1078 -25.41 2.03 25.14
C GLU B 1078 -25.79 1.10 26.30
N GLU B 1079 -25.56 -0.20 26.17
CA GLU B 1079 -25.88 -1.14 27.23
C GLU B 1079 -24.83 -1.16 28.33
N ASP B 1080 -23.69 -0.50 28.14
CA ASP B 1080 -22.62 -0.46 29.13
C ASP B 1080 -22.56 0.87 29.87
N TYR B 1081 -23.62 1.67 29.79
CA TYR B 1081 -23.62 2.96 30.47
C TYR B 1081 -23.66 2.79 31.98
N GLN B 1082 -23.08 3.77 32.69
CA GLN B 1082 -23.17 3.85 34.14
C GLN B 1082 -22.94 5.28 34.55
N ASP B 1083 -23.36 5.61 35.78
CA ASP B 1083 -23.25 6.97 36.29
C ASP B 1083 -21.84 7.21 36.80
N VAL B 1084 -21.17 8.22 36.26
CA VAL B 1084 -19.82 8.59 36.66
C VAL B 1084 -19.79 10.09 36.90
N TYR B 1085 -19.24 10.51 38.03
CA TYR B 1085 -19.18 11.90 38.43
C TYR B 1085 -17.74 12.40 38.42
N VAL B 1086 -17.56 13.65 38.00
CA VAL B 1086 -16.25 14.29 37.93
C VAL B 1086 -16.30 15.58 38.74
N CYS B 1087 -15.21 15.88 39.42
CA CYS B 1087 -15.10 17.10 40.22
C CYS B 1087 -14.71 18.27 39.32
N GLU B 1088 -15.53 19.33 39.33
CA GLU B 1088 -15.26 20.47 38.47
C GLU B 1088 -14.06 21.29 38.91
N ASN B 1089 -13.49 21.00 40.08
CA ASN B 1089 -12.38 21.78 40.60
C ASN B 1089 -11.03 21.21 40.16
N CYS B 1090 -10.80 19.91 40.36
CA CYS B 1090 -9.51 19.30 40.07
C CYS B 1090 -9.57 18.26 38.95
N GLY B 1091 -10.75 17.86 38.50
CA GLY B 1091 -10.87 16.94 37.39
C GLY B 1091 -10.83 15.47 37.74
N ASP B 1092 -10.67 15.11 39.00
CA ASP B 1092 -10.66 13.71 39.39
C ASP B 1092 -12.07 13.12 39.26
N ILE B 1093 -12.13 11.81 39.04
CA ILE B 1093 -13.38 11.08 39.08
C ILE B 1093 -13.79 10.91 40.54
N ALA B 1094 -14.99 11.35 40.88
CA ALA B 1094 -15.44 11.34 42.26
C ALA B 1094 -15.70 9.91 42.74
N ALA B 1095 -15.29 9.64 43.97
CA ALA B 1095 -15.58 8.36 44.60
C ALA B 1095 -16.99 8.37 45.19
N GLN B 1096 -17.49 7.17 45.52
CA GLN B 1096 -18.80 7.03 46.14
C GLN B 1096 -18.63 6.24 47.42
N ILE B 1097 -18.72 6.93 48.55
CA ILE B 1097 -18.54 6.33 49.87
C ILE B 1097 -19.88 6.34 50.58
N LYS B 1098 -20.36 5.15 50.97
CA LYS B 1098 -21.63 5.01 51.67
C LYS B 1098 -22.76 5.68 50.90
N GLY B 1099 -22.69 5.60 49.58
CA GLY B 1099 -23.73 6.16 48.74
C GLY B 1099 -23.66 7.65 48.53
N ILE B 1100 -22.60 8.31 49.00
CA ILE B 1100 -22.43 9.74 48.83
C ILE B 1100 -21.26 9.99 47.89
N ASN B 1101 -21.48 10.80 46.87
CA ASN B 1101 -20.41 11.18 45.95
C ASN B 1101 -19.50 12.20 46.61
N THR B 1102 -18.20 11.96 46.55
CA THR B 1102 -17.23 12.78 47.26
C THR B 1102 -15.93 12.81 46.47
N CYS B 1103 -15.28 13.98 46.48
CA CYS B 1103 -13.94 14.13 45.93
C CYS B 1103 -12.95 14.07 47.08
N LEU B 1104 -12.16 12.98 47.14
CA LEU B 1104 -11.27 12.78 48.28
C LEU B 1104 -10.22 13.90 48.34
N ARG B 1105 -9.62 14.23 47.20
CA ARG B 1105 -8.56 15.23 47.20
C ARG B 1105 -9.07 16.58 47.69
N CYS B 1106 -10.21 17.03 47.16
CA CYS B 1106 -10.73 18.33 47.55
C CYS B 1106 -11.32 18.32 48.95
N SER B 1107 -11.93 17.20 49.36
CA SER B 1107 -12.43 17.11 50.72
C SER B 1107 -11.30 17.21 51.73
N LYS B 1108 -10.16 16.57 51.44
CA LYS B 1108 -9.01 16.67 52.33
C LYS B 1108 -8.53 18.11 52.47
N LEU B 1109 -8.81 18.97 51.50
CA LEU B 1109 -8.43 20.37 51.55
C LEU B 1109 -9.56 21.27 52.05
N ASN B 1110 -10.65 20.69 52.54
CA ASN B 1110 -11.77 21.45 53.09
C ASN B 1110 -12.39 22.35 52.03
N LEU B 1111 -12.86 21.71 50.96
CA LEU B 1111 -13.54 22.40 49.87
C LEU B 1111 -14.82 21.65 49.53
N SER B 1112 -15.75 22.35 48.91
CA SER B 1112 -17.06 21.80 48.54
C SER B 1112 -17.32 22.10 47.06
N PRO B 1113 -16.62 21.41 46.17
CA PRO B 1113 -16.78 21.67 44.74
C PRO B 1113 -18.02 20.98 44.17
N LEU B 1114 -18.38 21.38 42.95
CA LEU B 1114 -19.48 20.76 42.24
C LEU B 1114 -19.04 19.45 41.59
N LEU B 1115 -19.91 18.46 41.68
CA LEU B 1115 -19.71 17.17 41.02
C LEU B 1115 -20.73 17.04 39.89
N THR B 1116 -20.25 16.69 38.69
CA THR B 1116 -21.10 16.67 37.51
C THR B 1116 -20.97 15.34 36.78
N LYS B 1117 -22.08 14.90 36.20
CA LYS B 1117 -22.10 13.64 35.46
C LYS B 1117 -21.52 13.81 34.06
N ILE B 1118 -20.76 12.81 33.63
CA ILE B 1118 -20.18 12.78 32.29
C ILE B 1118 -20.50 11.44 31.65
N ASP B 1119 -20.52 11.44 30.31
CA ASP B 1119 -20.81 10.25 29.51
C ASP B 1119 -19.71 10.14 28.46
N THR B 1120 -18.62 9.47 28.80
CA THR B 1120 -17.44 9.34 27.94
C THR B 1120 -17.02 7.88 27.88
N THR B 1121 -16.00 7.61 27.06
CA THR B 1121 -15.50 6.26 26.91
C THR B 1121 -14.55 5.91 28.05
N HIS B 1122 -14.39 4.60 28.28
CA HIS B 1122 -13.44 4.14 29.30
C HIS B 1122 -12.01 4.48 28.90
N VAL B 1123 -11.69 4.38 27.61
CA VAL B 1123 -10.33 4.65 27.15
C VAL B 1123 -9.96 6.12 27.39
N SER B 1124 -10.93 7.03 27.27
CA SER B 1124 -10.66 8.42 27.59
C SER B 1124 -10.25 8.59 29.04
N LYS B 1125 -10.96 7.91 29.95
CA LYS B 1125 -10.62 8.01 31.37
C LYS B 1125 -9.23 7.43 31.62
N VAL B 1126 -8.89 6.32 30.98
CA VAL B 1126 -7.56 5.75 31.16
C VAL B 1126 -6.49 6.72 30.66
N PHE B 1127 -6.70 7.30 29.49
CA PHE B 1127 -5.72 8.24 28.93
C PHE B 1127 -5.53 9.44 29.85
N LEU B 1128 -6.62 10.01 30.34
CA LEU B 1128 -6.51 11.17 31.23
C LEU B 1128 -5.82 10.81 32.53
N THR B 1129 -6.14 9.64 33.10
CA THR B 1129 -5.49 9.25 34.35
C THR B 1129 -4.00 9.05 34.14
N GLN B 1130 -3.60 8.47 33.01
CA GLN B 1130 -2.17 8.31 32.76
C GLN B 1130 -1.49 9.67 32.59
N MET B 1131 -2.16 10.61 31.92
CA MET B 1131 -1.60 11.96 31.81
C MET B 1131 -1.44 12.59 33.19
N ASN B 1132 -2.40 12.36 34.08
CA ASN B 1132 -2.26 12.83 35.45
C ASN B 1132 -1.04 12.19 36.12
N ALA B 1133 -0.86 10.89 35.91
CA ALA B 1133 0.30 10.20 36.47
C ALA B 1133 1.60 10.81 35.98
N ARG B 1134 1.61 11.35 34.76
CA ARG B 1134 2.80 12.04 34.27
C ARG B 1134 2.91 13.47 34.77
N GLY B 1135 1.95 13.95 35.57
CA GLY B 1135 2.03 15.26 36.19
C GLY B 1135 1.22 16.35 35.52
N VAL B 1136 0.41 16.03 34.51
CA VAL B 1136 -0.39 17.02 33.82
C VAL B 1136 -1.80 16.98 34.38
N LYS B 1137 -2.29 18.12 34.84
CA LYS B 1137 -3.63 18.27 35.40
C LYS B 1137 -4.57 18.74 34.31
N VAL B 1138 -5.70 18.04 34.15
CA VAL B 1138 -6.68 18.34 33.12
C VAL B 1138 -7.99 18.68 33.80
N LYS B 1139 -8.47 19.90 33.56
CA LYS B 1139 -9.70 20.40 34.19
C LYS B 1139 -10.74 20.69 33.11
N LEU B 1140 -11.97 20.26 33.37
CA LEU B 1140 -13.07 20.41 32.44
C LEU B 1140 -14.08 21.41 32.98
N ASP B 1141 -14.57 22.28 32.10
CA ASP B 1141 -15.67 23.18 32.39
C ASP B 1141 -16.92 22.73 31.66
N PHE B 1142 -18.05 23.33 32.01
CA PHE B 1142 -19.34 22.94 31.47
C PHE B 1142 -20.14 24.17 31.06
N GLU B 1143 -21.03 23.99 30.09
CA GLU B 1143 -21.77 25.09 29.51
C GLU B 1143 -23.08 25.27 30.25
N ARG B 1144 -23.37 26.50 30.64
CA ARG B 1144 -24.57 26.90 31.37
C ARG B 1144 -25.29 28.02 30.64
N ARG B 1145 -25.51 27.83 29.34
CA ARG B 1145 -26.12 28.88 28.52
C ARG B 1145 -27.46 29.28 29.11
N PRO B 1146 -27.79 30.58 29.13
CA PRO B 1146 -29.07 30.99 29.69
C PRO B 1146 -30.22 30.47 28.86
N PRO B 1147 -31.40 30.27 29.45
CA PRO B 1147 -32.52 29.67 28.71
C PRO B 1147 -32.94 30.54 27.53
N SER B 1148 -33.47 29.88 26.51
CA SER B 1148 -33.91 30.53 25.28
C SER B 1148 -35.39 30.25 25.04
N PHE B 1149 -36.04 31.17 24.34
CA PHE B 1149 -37.47 31.11 24.09
C PHE B 1149 -37.74 31.25 22.60
N TYR B 1150 -38.74 30.53 22.11
CA TYR B 1150 -39.11 30.59 20.71
C TYR B 1150 -40.04 31.78 20.45
N LYS B 1151 -39.83 32.45 19.32
CA LYS B 1151 -40.63 33.59 18.92
C LYS B 1151 -41.21 33.36 17.53
N PRO B 1152 -42.46 33.73 17.29
CA PRO B 1152 -43.00 33.64 15.92
C PRO B 1152 -42.22 34.53 14.96
N LEU B 1153 -42.09 34.05 13.72
CA LEU B 1153 -41.35 34.74 12.68
C LEU B 1153 -42.27 35.03 11.49
N ASP B 1154 -42.02 36.15 10.83
CA ASP B 1154 -42.79 36.51 9.65
C ASP B 1154 -42.43 35.61 8.48
N LYS B 1155 -43.38 35.44 7.56
CA LYS B 1155 -43.23 34.50 6.46
C LYS B 1155 -42.33 35.08 5.36
N VAL B 1156 -41.59 34.18 4.71
CA VAL B 1156 -40.69 34.52 3.61
C VAL B 1156 -40.96 33.55 2.47
N ASP B 1157 -40.98 34.07 1.24
CA ASP B 1157 -41.37 33.30 0.07
C ASP B 1157 -40.16 32.74 -0.70
N LEU B 1158 -39.24 33.61 -1.13
CA LEU B 1158 -37.98 33.26 -1.79
C LEU B 1158 -38.14 32.91 -3.28
N LYS B 1159 -39.35 32.90 -3.83
CA LYS B 1159 -39.51 32.65 -5.25
C LYS B 1159 -39.26 33.91 -6.07
N PRO B 1160 -38.92 33.76 -7.34
CA PRO B 1160 -38.68 34.93 -8.19
C PRO B 1160 -39.99 35.51 -8.72
N SER B 1161 -39.86 36.68 -9.36
CA SER B 1161 -41.01 37.42 -9.87
C SER B 1161 -41.19 37.09 -11.36
N PHE B 1162 -41.99 36.08 -11.64
CA PHE B 1162 -42.32 35.70 -13.00
C PHE B 1162 -43.82 35.49 -13.15
N GLN C 2 -16.97 -57.76 -30.91
CA GLN C 2 -17.50 -56.50 -30.41
C GLN C 2 -17.06 -56.27 -28.97
N HIS C 3 -17.51 -55.17 -28.38
CA HIS C 3 -17.07 -54.76 -27.06
C HIS C 3 -18.19 -54.91 -26.04
N PRO C 4 -17.86 -55.01 -24.75
CA PRO C 4 -18.90 -55.03 -23.72
C PRO C 4 -19.77 -53.78 -23.72
N ARG C 5 -19.22 -52.63 -24.12
CA ARG C 5 -19.93 -51.37 -24.11
C ARG C 5 -19.74 -50.69 -25.46
N GLU C 6 -20.83 -50.22 -26.06
CA GLU C 6 -20.77 -49.53 -27.35
C GLU C 6 -21.56 -48.24 -27.29
N GLU C 7 -20.97 -47.16 -27.81
CA GLU C 7 -21.63 -45.86 -27.85
C GLU C 7 -22.48 -45.75 -29.11
N ASN C 8 -23.72 -45.29 -28.96
CA ASN C 8 -24.65 -45.22 -30.09
C ASN C 8 -25.48 -43.94 -30.02
N SER C 9 -26.08 -43.61 -31.16
CA SER C 9 -26.91 -42.42 -31.30
C SER C 9 -28.23 -42.79 -31.95
N ILE C 10 -29.30 -42.14 -31.49
CA ILE C 10 -30.64 -42.27 -32.08
C ILE C 10 -31.09 -40.87 -32.46
N VAL C 11 -31.44 -40.67 -33.73
CA VAL C 11 -31.72 -39.35 -34.28
C VAL C 11 -33.10 -39.35 -34.93
N VAL C 12 -33.87 -38.28 -34.66
CA VAL C 12 -35.20 -38.11 -35.22
C VAL C 12 -35.39 -36.64 -35.59
N GLU C 13 -36.18 -36.40 -36.63
CA GLU C 13 -36.51 -35.05 -37.08
C GLU C 13 -37.94 -34.72 -36.72
N LEU C 14 -38.15 -33.57 -36.07
CA LEU C 14 -39.46 -33.16 -35.60
C LEU C 14 -39.60 -31.64 -35.74
N GLU C 15 -40.79 -31.13 -35.43
CA GLU C 15 -40.96 -29.69 -35.35
C GLU C 15 -40.09 -29.14 -34.23
N PRO C 16 -39.39 -28.02 -34.45
CA PRO C 16 -38.42 -27.58 -33.44
C PRO C 16 -39.01 -27.39 -32.06
N SER C 17 -40.20 -26.80 -31.95
CA SER C 17 -40.80 -26.56 -30.64
C SER C 17 -41.13 -27.88 -29.95
N LEU C 18 -41.66 -28.84 -30.70
CA LEU C 18 -41.98 -30.15 -30.11
C LEU C 18 -40.71 -30.87 -29.65
N ALA C 19 -39.64 -30.79 -30.44
CA ALA C 19 -38.39 -31.41 -30.03
C ALA C 19 -37.85 -30.79 -28.75
N THR C 20 -37.89 -29.45 -28.66
CA THR C 20 -37.46 -28.79 -27.43
C THR C 20 -38.32 -29.21 -26.26
N PHE C 21 -39.64 -29.32 -26.47
CA PHE C 21 -40.54 -29.73 -25.40
C PHE C 21 -40.17 -31.12 -24.89
N ILE C 22 -39.93 -32.06 -25.80
CA ILE C 22 -39.59 -33.42 -25.40
C ILE C 22 -38.26 -33.45 -24.66
N LYS C 23 -37.26 -32.70 -25.16
CA LYS C 23 -35.95 -32.72 -24.51
C LYS C 23 -36.04 -32.17 -23.09
N GLN C 24 -36.71 -31.03 -22.91
CA GLN C 24 -36.80 -30.44 -21.59
C GLN C 24 -37.63 -31.31 -20.65
N GLY C 25 -38.69 -31.94 -21.17
CA GLY C 25 -39.44 -32.87 -20.35
C GLY C 25 -38.61 -34.04 -19.90
N PHE C 26 -37.81 -34.62 -20.80
CA PHE C 26 -36.95 -35.73 -20.41
C PHE C 26 -35.99 -35.31 -19.31
N ASN C 27 -35.36 -34.14 -19.48
CA ASN C 27 -34.39 -33.72 -18.48
C ASN C 27 -35.04 -33.40 -17.14
N ASN C 28 -36.31 -32.98 -17.14
CA ASN C 28 -36.98 -32.63 -15.89
C ASN C 28 -37.68 -33.80 -15.20
N LEU C 29 -38.01 -34.87 -15.92
CA LEU C 29 -38.89 -35.90 -15.37
C LEU C 29 -38.22 -37.27 -15.19
N VAL C 30 -37.19 -37.59 -15.94
CA VAL C 30 -36.54 -38.90 -15.88
C VAL C 30 -35.32 -38.75 -14.96
N LYS C 31 -35.44 -39.26 -13.74
CA LYS C 31 -34.41 -39.08 -12.71
C LYS C 31 -33.99 -40.44 -12.16
N TRP C 32 -32.73 -40.81 -12.39
CA TRP C 32 -32.18 -42.04 -11.86
C TRP C 32 -31.43 -41.73 -10.56
N PRO C 33 -31.78 -42.34 -9.43
CA PRO C 33 -31.14 -41.96 -8.17
C PRO C 33 -29.69 -42.41 -8.08
N LEU C 34 -28.90 -41.63 -7.35
CA LEU C 34 -27.50 -41.95 -7.08
C LEU C 34 -27.36 -42.63 -5.73
N LEU C 35 -26.20 -43.24 -5.51
CA LEU C 35 -25.91 -43.97 -4.27
C LEU C 35 -25.20 -43.05 -3.28
N ASN C 36 -25.91 -42.03 -2.83
CA ASN C 36 -25.30 -40.99 -2.02
C ASN C 36 -25.45 -41.23 -0.52
N ILE C 37 -26.19 -42.25 -0.08
CA ILE C 37 -26.32 -42.53 1.35
C ILE C 37 -25.30 -43.62 1.67
N GLY C 38 -24.08 -43.22 1.98
CA GLY C 38 -22.96 -44.15 2.09
C GLY C 38 -22.37 -44.20 3.48
N ILE C 39 -22.06 -45.42 3.94
CA ILE C 39 -21.48 -45.65 5.25
C ILE C 39 -20.28 -46.58 5.09
N VAL C 40 -19.12 -46.14 5.55
CA VAL C 40 -17.92 -46.96 5.59
C VAL C 40 -17.87 -47.65 6.95
N LEU C 41 -17.83 -48.98 6.94
CA LEU C 41 -17.85 -49.75 8.18
C LEU C 41 -16.46 -50.10 8.68
N SER C 42 -15.50 -50.30 7.77
CA SER C 42 -14.14 -50.61 8.14
C SER C 42 -13.23 -50.21 6.99
N ASN C 43 -12.08 -49.63 7.31
CA ASN C 43 -11.17 -49.11 6.28
C ASN C 43 -9.75 -49.12 6.82
N THR C 44 -8.95 -50.10 6.41
CA THR C 44 -7.51 -50.09 6.65
C THR C 44 -6.72 -50.05 5.34
N SER C 45 -7.34 -49.58 4.26
CA SER C 45 -6.68 -49.47 2.97
C SER C 45 -5.88 -48.17 2.91
N THR C 46 -5.30 -47.87 1.76
CA THR C 46 -4.48 -46.68 1.57
C THR C 46 -5.28 -45.47 1.11
N ALA C 47 -6.60 -45.56 1.02
CA ALA C 47 -7.45 -44.46 0.60
C ALA C 47 -8.38 -44.06 1.74
N VAL C 48 -8.64 -42.76 1.86
CA VAL C 48 -9.48 -42.24 2.93
C VAL C 48 -10.95 -42.49 2.61
N ASN C 49 -11.81 -42.31 3.62
CA ASN C 49 -13.23 -42.62 3.46
C ASN C 49 -13.85 -41.81 2.32
N GLU C 50 -13.49 -40.53 2.22
CA GLU C 50 -14.14 -39.65 1.26
C GLU C 50 -13.90 -40.10 -0.18
N GLU C 51 -12.70 -40.57 -0.49
CA GLU C 51 -12.42 -41.06 -1.83
C GLU C 51 -13.33 -42.23 -2.18
N TRP C 52 -13.42 -43.22 -1.28
CA TRP C 52 -14.31 -44.36 -1.50
C TRP C 52 -15.73 -43.90 -1.73
N LEU C 53 -16.24 -43.02 -0.86
CA LEU C 53 -17.66 -42.69 -0.91
C LEU C 53 -18.00 -41.88 -2.16
N THR C 54 -17.17 -40.90 -2.51
CA THR C 54 -17.44 -40.13 -3.72
C THR C 54 -17.35 -41.00 -4.96
N ALA C 55 -16.39 -41.94 -5.01
CA ALA C 55 -16.33 -42.83 -6.16
C ALA C 55 -17.56 -43.74 -6.25
N VAL C 56 -17.97 -44.32 -5.12
CA VAL C 56 -19.08 -45.28 -5.13
C VAL C 56 -20.39 -44.57 -5.43
N GLU C 57 -20.51 -43.28 -5.11
CA GLU C 57 -21.76 -42.58 -5.34
C GLU C 57 -22.20 -42.64 -6.80
N HIS C 58 -21.26 -42.79 -7.74
CA HIS C 58 -21.56 -42.71 -9.16
C HIS C 58 -21.31 -44.04 -9.87
N ILE C 59 -21.57 -45.16 -9.21
CA ILE C 59 -21.53 -46.44 -9.90
C ILE C 59 -22.64 -46.47 -10.95
N PRO C 60 -22.37 -46.88 -12.19
CA PRO C 60 -23.44 -46.94 -13.20
C PRO C 60 -24.36 -48.13 -12.99
N THR C 61 -25.40 -47.95 -12.17
CA THR C 61 -26.22 -49.06 -11.70
C THR C 61 -27.34 -49.46 -12.65
N MET C 62 -27.64 -48.67 -13.68
CA MET C 62 -28.76 -49.06 -14.54
C MET C 62 -28.44 -50.32 -15.34
N LYS C 63 -27.16 -50.58 -15.62
CA LYS C 63 -26.80 -51.80 -16.33
C LYS C 63 -26.93 -53.04 -15.47
N ILE C 64 -27.33 -52.91 -14.20
CA ILE C 64 -27.54 -54.03 -13.31
C ILE C 64 -29.01 -54.18 -12.94
N PHE C 65 -29.70 -53.07 -12.67
CA PHE C 65 -31.10 -53.08 -12.27
C PHE C 65 -32.05 -52.82 -13.44
N TYR C 66 -31.69 -53.26 -14.64
CA TYR C 66 -32.45 -52.92 -15.84
C TYR C 66 -33.82 -53.57 -15.88
N LYS C 67 -34.10 -54.57 -15.05
CA LYS C 67 -35.40 -55.22 -15.04
C LYS C 67 -36.43 -54.49 -14.18
N HIS C 68 -36.02 -53.46 -13.44
CA HIS C 68 -36.90 -52.75 -12.53
C HIS C 68 -36.96 -51.26 -12.84
N ILE C 69 -36.80 -50.90 -14.12
CA ILE C 69 -36.69 -49.49 -14.47
C ILE C 69 -37.93 -48.73 -14.04
N HIS C 70 -39.11 -49.22 -14.45
CA HIS C 70 -40.33 -48.44 -14.25
C HIS C 70 -40.52 -48.10 -12.78
N LYS C 71 -40.49 -49.10 -11.90
CA LYS C 71 -40.72 -48.85 -10.50
C LYS C 71 -39.63 -47.98 -9.90
N ILE C 72 -38.41 -48.07 -10.43
CA ILE C 72 -37.36 -47.18 -9.93
C ILE C 72 -37.64 -45.75 -10.34
N LEU C 73 -38.18 -45.54 -11.54
CA LEU C 73 -38.43 -44.18 -12.01
C LEU C 73 -39.61 -43.54 -11.28
N THR C 74 -40.58 -44.35 -10.84
CA THR C 74 -41.69 -43.84 -10.05
C THR C 74 -41.37 -43.76 -8.56
N ARG C 75 -40.18 -44.19 -8.15
CA ARG C 75 -39.75 -44.15 -6.76
C ARG C 75 -40.61 -45.04 -5.87
N GLU C 76 -41.12 -46.13 -6.43
CA GLU C 76 -41.77 -47.18 -5.65
C GLU C 76 -40.81 -48.28 -5.25
N MET C 77 -39.54 -48.17 -5.60
CA MET C 77 -38.57 -49.24 -5.37
C MET C 77 -37.18 -48.61 -5.29
N GLY C 78 -36.37 -49.12 -4.37
CA GLY C 78 -35.02 -48.60 -4.19
C GLY C 78 -33.97 -49.68 -4.35
N PHE C 79 -32.71 -49.38 -4.07
CA PHE C 79 -31.67 -50.39 -4.16
C PHE C 79 -30.50 -50.00 -3.28
N LEU C 80 -29.60 -50.96 -3.07
CA LEU C 80 -28.40 -50.74 -2.27
C LEU C 80 -27.29 -51.66 -2.75
N VAL C 81 -26.05 -51.29 -2.39
CA VAL C 81 -24.87 -52.09 -2.70
C VAL C 81 -24.05 -52.29 -1.43
N TYR C 82 -23.37 -53.43 -1.37
CA TYR C 82 -22.55 -53.80 -0.22
C TYR C 82 -21.22 -54.37 -0.69
N LEU C 83 -20.12 -53.89 -0.09
CA LEU C 83 -18.78 -54.32 -0.46
C LEU C 83 -18.00 -54.74 0.76
N LYS C 84 -17.24 -55.83 0.63
CA LYS C 84 -16.35 -56.31 1.69
C LYS C 84 -15.22 -57.08 1.03
N ARG C 85 -14.00 -56.54 1.05
CA ARG C 85 -12.91 -57.12 0.28
C ARG C 85 -11.57 -56.82 0.96
N SER C 86 -10.65 -57.78 0.87
CA SER C 86 -9.33 -57.66 1.48
C SER C 86 -8.25 -58.03 0.47
N GLN C 87 -7.02 -57.64 0.79
CA GLN C 87 -5.87 -57.96 -0.05
C GLN C 87 -5.79 -59.46 -0.28
N SER C 88 -5.15 -59.85 -1.38
CA SER C 88 -5.01 -61.25 -1.73
C SER C 88 -3.70 -61.46 -2.49
N GLU C 89 -3.25 -62.71 -2.52
CA GLU C 89 -2.02 -63.03 -3.24
C GLU C 89 -2.21 -62.95 -4.75
N ARG C 90 -3.38 -63.35 -5.24
CA ARG C 90 -3.70 -63.29 -6.66
C ARG C 90 -4.95 -62.45 -6.87
N ASP C 91 -4.96 -61.72 -7.99
CA ASP C 91 -6.04 -60.78 -8.28
C ASP C 91 -6.22 -59.78 -7.15
N ASN C 92 -5.15 -59.02 -6.91
CA ASN C 92 -5.08 -58.10 -5.79
C ASN C 92 -5.69 -56.74 -6.16
N TYR C 93 -6.97 -56.79 -6.51
CA TYR C 93 -7.69 -55.58 -6.93
C TYR C 93 -9.19 -55.82 -6.76
N ILE C 94 -9.96 -54.76 -6.95
CA ILE C 94 -11.40 -54.76 -6.74
C ILE C 94 -12.09 -54.43 -8.04
N THR C 95 -13.07 -55.24 -8.41
CA THR C 95 -13.90 -55.01 -9.59
C THR C 95 -15.34 -54.78 -9.16
N LEU C 96 -16.19 -54.41 -10.12
CA LEU C 96 -17.60 -54.24 -9.81
C LEU C 96 -18.29 -55.56 -9.51
N TYR C 97 -17.69 -56.68 -9.87
CA TYR C 97 -18.26 -57.99 -9.55
C TYR C 97 -18.11 -58.32 -8.07
N ASP C 98 -17.25 -57.61 -7.34
CA ASP C 98 -17.04 -57.88 -5.93
C ASP C 98 -18.12 -57.30 -5.04
N PHE C 99 -19.01 -56.47 -5.58
CA PHE C 99 -20.13 -55.94 -4.82
C PHE C 99 -21.27 -56.95 -4.77
N ASP C 100 -22.21 -56.70 -3.87
CA ASP C 100 -23.50 -57.38 -3.84
C ASP C 100 -24.59 -56.33 -4.00
N TYR C 101 -25.56 -56.61 -4.86
CA TYR C 101 -26.60 -55.66 -5.24
C TYR C 101 -27.96 -56.16 -4.75
N TYR C 102 -28.71 -55.29 -4.08
CA TYR C 102 -30.01 -55.64 -3.53
C TYR C 102 -31.07 -54.64 -3.96
N ILE C 103 -32.28 -55.14 -4.19
CA ILE C 103 -33.44 -54.33 -4.54
C ILE C 103 -34.35 -54.24 -3.32
N ILE C 104 -34.95 -53.08 -3.12
CA ILE C 104 -35.76 -52.77 -1.95
C ILE C 104 -37.19 -52.50 -2.42
N ASP C 105 -38.14 -53.29 -1.89
CA ASP C 105 -39.51 -53.22 -2.39
C ASP C 105 -40.15 -51.86 -2.11
N LYS C 106 -39.89 -51.28 -0.95
CA LYS C 106 -40.35 -49.97 -0.51
C LYS C 106 -41.80 -50.00 -0.06
N ASP C 107 -42.52 -51.11 -0.20
CA ASP C 107 -43.84 -51.29 0.40
C ASP C 107 -43.78 -52.17 1.63
N THR C 108 -43.21 -53.36 1.51
CA THR C 108 -42.97 -54.26 2.63
C THR C 108 -41.56 -54.11 3.19
N ASN C 109 -40.75 -53.23 2.62
CA ASN C 109 -39.35 -53.09 3.01
C ASN C 109 -38.58 -54.39 2.84
N SER C 110 -38.94 -55.19 1.85
CA SER C 110 -38.17 -56.38 1.53
C SER C 110 -36.86 -55.99 0.86
N VAL C 111 -35.83 -56.80 1.11
CA VAL C 111 -34.51 -56.61 0.53
C VAL C 111 -34.10 -57.92 -0.13
N THR C 112 -33.95 -57.90 -1.45
CA THR C 112 -33.75 -59.13 -2.21
C THR C 112 -32.54 -59.00 -3.12
N MET C 113 -31.74 -60.06 -3.20
CA MET C 113 -30.54 -60.04 -4.03
C MET C 113 -30.87 -60.17 -5.50
N VAL C 114 -30.02 -59.59 -6.34
CA VAL C 114 -30.21 -59.56 -7.79
C VAL C 114 -29.02 -60.25 -8.45
N ASP C 115 -29.24 -60.75 -9.65
CA ASP C 115 -28.21 -61.46 -10.39
C ASP C 115 -27.10 -60.51 -10.85
N LYS C 116 -25.90 -61.07 -10.99
CA LYS C 116 -24.72 -60.31 -11.40
C LYS C 116 -24.22 -60.81 -12.75
N PRO C 117 -24.11 -59.97 -13.77
CA PRO C 117 -23.47 -60.42 -15.01
C PRO C 117 -21.99 -60.70 -14.79
N THR C 118 -21.47 -61.69 -15.52
CA THR C 118 -20.06 -62.04 -15.38
C THR C 118 -19.14 -61.03 -16.05
N GLU C 119 -19.64 -60.24 -16.99
CA GLU C 119 -18.81 -59.21 -17.61
C GLU C 119 -18.29 -58.22 -16.58
N LEU C 120 -18.99 -58.07 -15.46
CA LEU C 120 -18.54 -57.17 -14.41
C LEU C 120 -17.18 -57.58 -13.85
N LYS C 121 -16.76 -58.82 -14.09
CA LYS C 121 -15.42 -59.24 -13.65
C LYS C 121 -14.31 -58.46 -14.33
N GLU C 122 -14.61 -57.76 -15.43
CA GLU C 122 -13.58 -57.05 -16.17
C GLU C 122 -13.77 -55.54 -16.08
N THR C 123 -14.02 -55.04 -14.88
CA THR C 123 -14.03 -53.63 -14.56
C THR C 123 -13.06 -53.38 -13.41
N LEU C 124 -12.66 -52.13 -13.20
CA LEU C 124 -11.66 -51.80 -12.21
C LEU C 124 -12.09 -50.61 -11.36
N LEU C 125 -11.96 -50.75 -10.05
CA LEU C 125 -12.21 -49.68 -9.10
C LEU C 125 -11.00 -49.30 -8.27
N HIS C 126 -10.22 -50.28 -7.80
CA HIS C 126 -9.11 -50.01 -6.89
C HIS C 126 -8.09 -51.13 -6.97
N VAL C 127 -6.81 -50.76 -6.94
CA VAL C 127 -5.70 -51.70 -6.95
C VAL C 127 -5.01 -51.63 -5.59
N PHE C 128 -4.92 -52.78 -4.91
CA PHE C 128 -4.27 -52.84 -3.61
C PHE C 128 -2.76 -52.70 -3.74
N GLN C 129 -2.12 -52.34 -2.64
CA GLN C 129 -0.67 -52.31 -2.56
C GLN C 129 -0.12 -53.72 -2.33
N GLU C 130 1.19 -53.81 -2.15
CA GLU C 130 1.84 -55.11 -2.01
C GLU C 130 1.24 -55.90 -0.87
N TYR C 131 1.02 -57.19 -1.10
CA TYR C 131 0.37 -58.07 -0.14
C TYR C 131 1.33 -58.42 0.99
N ARG C 132 0.94 -58.11 2.23
CA ARG C 132 1.70 -58.47 3.42
C ARG C 132 0.80 -59.24 4.36
N LEU C 133 1.19 -60.47 4.68
CA LEU C 133 0.37 -61.30 5.55
C LEU C 133 0.27 -60.72 6.95
N LYS C 134 1.37 -60.13 7.46
CA LYS C 134 1.38 -59.66 8.83
C LYS C 134 0.34 -58.57 9.07
N SER C 135 0.25 -57.61 8.15
CA SER C 135 -0.65 -56.47 8.29
C SER C 135 -1.97 -56.73 7.57
N SER C 136 -2.95 -55.90 7.86
CA SER C 136 -4.27 -56.01 7.28
C SER C 136 -4.52 -54.86 6.31
N GLN C 137 -5.26 -55.16 5.24
CA GLN C 137 -5.59 -54.16 4.22
C GLN C 137 -6.95 -54.55 3.66
N THR C 138 -8.01 -53.94 4.19
CA THR C 138 -9.38 -54.35 3.89
C THR C 138 -10.29 -53.13 3.81
N ILE C 139 -11.40 -53.30 3.11
CA ILE C 139 -12.43 -52.28 2.99
C ILE C 139 -13.80 -52.93 3.10
N GLU C 140 -14.70 -52.26 3.82
CA GLU C 140 -16.08 -52.70 3.95
C GLU C 140 -16.99 -51.47 3.98
N LEU C 141 -18.03 -51.48 3.15
CA LEU C 141 -18.91 -50.31 3.08
C LEU C 141 -20.26 -50.71 2.50
N ILE C 142 -21.24 -49.84 2.71
CA ILE C 142 -22.59 -50.05 2.20
C ILE C 142 -23.15 -48.71 1.73
N ALA C 143 -24.01 -48.76 0.70
CA ALA C 143 -24.56 -47.53 0.15
C ALA C 143 -26.01 -47.74 -0.30
N PHE C 144 -26.86 -46.76 0.02
CA PHE C 144 -28.26 -46.72 -0.36
C PHE C 144 -28.52 -45.57 -1.33
N SER C 145 -29.52 -45.78 -2.19
CA SER C 145 -29.96 -44.81 -3.17
C SER C 145 -30.68 -43.64 -2.48
N SER C 146 -30.84 -42.55 -3.24
CA SER C 146 -31.03 -41.24 -2.64
C SER C 146 -32.30 -41.14 -1.79
N GLY C 147 -33.39 -41.72 -2.25
CA GLY C 147 -34.63 -41.52 -1.55
C GLY C 147 -34.89 -42.40 -0.34
N THR C 148 -33.95 -43.27 0.02
CA THR C 148 -34.21 -44.26 1.06
C THR C 148 -34.25 -43.62 2.44
N VAL C 149 -35.10 -44.18 3.31
CA VAL C 149 -35.24 -43.74 4.69
C VAL C 149 -34.65 -44.82 5.59
N ILE C 150 -33.68 -44.44 6.40
CA ILE C 150 -32.95 -45.39 7.25
C ILE C 150 -33.61 -45.41 8.61
N ASN C 151 -34.31 -46.50 8.92
CA ASN C 151 -34.95 -46.70 10.21
C ASN C 151 -34.74 -48.15 10.64
N GLU C 152 -35.25 -48.49 11.82
CA GLU C 152 -35.00 -49.82 12.36
C GLU C 152 -35.63 -50.90 11.49
N ASP C 153 -36.72 -50.59 10.79
CA ASP C 153 -37.38 -51.59 9.96
C ASP C 153 -36.45 -52.11 8.87
N ILE C 154 -35.85 -51.19 8.10
CA ILE C 154 -34.95 -51.61 7.04
C ILE C 154 -33.68 -52.21 7.63
N VAL C 155 -33.20 -51.66 8.73
CA VAL C 155 -31.95 -52.16 9.33
C VAL C 155 -32.11 -53.61 9.77
N SER C 156 -33.29 -53.98 10.25
CA SER C 156 -33.50 -55.35 10.71
C SER C 156 -33.38 -56.37 9.58
N LYS C 157 -33.48 -55.94 8.32
CA LYS C 157 -33.40 -56.86 7.19
C LYS C 157 -31.97 -57.07 6.69
N LEU C 158 -31.00 -56.34 7.21
CA LEU C 158 -29.62 -56.44 6.73
C LEU C 158 -28.91 -57.58 7.45
N THR C 159 -29.32 -58.80 7.10
CA THR C 159 -28.81 -60.00 7.76
C THR C 159 -27.37 -60.32 7.37
N PHE C 160 -26.83 -59.67 6.35
CA PHE C 160 -25.46 -59.89 5.92
C PHE C 160 -24.46 -58.97 6.62
N LEU C 161 -24.92 -58.14 7.55
CA LEU C 161 -24.10 -57.16 8.23
C LEU C 161 -24.01 -57.47 9.71
N ASP C 162 -23.19 -56.68 10.41
CA ASP C 162 -23.17 -56.63 11.87
C ASP C 162 -23.90 -55.35 12.28
N VAL C 163 -25.05 -55.51 12.94
CA VAL C 163 -25.95 -54.37 13.13
C VAL C 163 -25.32 -53.34 14.06
N GLU C 164 -24.56 -53.78 15.07
CA GLU C 164 -23.96 -52.83 16.01
C GLU C 164 -22.99 -51.88 15.30
N VAL C 165 -22.12 -52.44 14.46
CA VAL C 165 -21.16 -51.62 13.72
C VAL C 165 -21.90 -50.66 12.81
N PHE C 166 -22.95 -51.14 12.13
CA PHE C 166 -23.71 -50.26 11.25
C PHE C 166 -24.32 -49.11 12.02
N ASN C 167 -24.94 -49.40 13.17
CA ASN C 167 -25.56 -48.34 13.95
C ASN C 167 -24.53 -47.30 14.37
N ARG C 168 -23.37 -47.76 14.85
CA ARG C 168 -22.34 -46.82 15.29
C ARG C 168 -21.88 -45.93 14.14
N GLU C 169 -21.54 -46.54 13.00
CA GLU C 169 -20.97 -45.74 11.92
C GLU C 169 -22.02 -44.84 11.27
N TYR C 170 -23.26 -45.31 11.15
CA TYR C 170 -24.31 -44.46 10.63
C TYR C 170 -24.55 -43.26 11.53
N ASN C 171 -24.55 -43.47 12.85
CA ASN C 171 -24.65 -42.34 13.77
C ASN C 171 -23.48 -41.39 13.57
N ASN C 172 -22.30 -41.93 13.28
CA ASN C 172 -21.15 -41.06 13.03
C ASN C 172 -21.37 -40.17 11.81
N VAL C 173 -21.87 -40.74 10.70
CA VAL C 173 -21.85 -40.00 9.43
C VAL C 173 -23.16 -39.30 9.09
N LYS C 174 -24.25 -39.58 9.80
CA LYS C 174 -25.57 -39.15 9.31
C LYS C 174 -25.66 -37.64 9.12
N THR C 175 -24.86 -36.86 9.85
CA THR C 175 -25.04 -35.41 9.84
C THR C 175 -24.53 -34.76 8.57
N ILE C 176 -23.61 -35.39 7.83
CA ILE C 176 -23.08 -34.78 6.61
C ILE C 176 -23.79 -35.23 5.35
N ILE C 177 -24.65 -36.25 5.44
CA ILE C 177 -25.42 -36.69 4.28
C ILE C 177 -26.46 -35.63 3.95
N ASP C 178 -26.45 -35.16 2.70
CA ASP C 178 -27.34 -34.07 2.34
C ASP C 178 -28.78 -34.56 2.25
N PRO C 179 -29.75 -33.71 2.60
CA PRO C 179 -31.13 -34.19 2.78
C PRO C 179 -31.95 -34.27 1.50
N ASP C 180 -31.54 -33.60 0.43
CA ASP C 180 -32.36 -33.52 -0.77
C ASP C 180 -32.04 -34.65 -1.75
N PHE C 181 -32.96 -34.86 -2.68
CA PHE C 181 -32.86 -35.97 -3.63
C PHE C 181 -31.76 -35.70 -4.65
N VAL C 182 -30.93 -36.71 -4.90
CA VAL C 182 -29.79 -36.61 -5.81
C VAL C 182 -29.94 -37.67 -6.89
N PHE C 183 -29.66 -37.29 -8.13
CA PHE C 183 -30.00 -38.12 -9.27
C PHE C 183 -29.10 -37.81 -10.45
N ARG C 184 -29.24 -38.60 -11.51
CA ARG C 184 -28.57 -38.36 -12.78
C ARG C 184 -29.54 -38.61 -13.91
N SER C 185 -29.18 -38.14 -15.09
CA SER C 185 -29.91 -38.43 -16.32
C SER C 185 -29.35 -39.71 -16.96
N PRO C 186 -30.18 -40.68 -17.32
CA PRO C 186 -29.64 -41.95 -17.82
C PRO C 186 -28.74 -41.82 -19.05
N PHE C 187 -29.08 -40.99 -20.03
CA PHE C 187 -28.21 -40.75 -21.18
C PHE C 187 -28.31 -39.29 -21.58
N ILE C 188 -27.64 -38.91 -22.68
CA ILE C 188 -27.54 -37.50 -23.07
C ILE C 188 -28.54 -37.22 -24.17
N VAL C 189 -29.31 -36.15 -24.04
CA VAL C 189 -30.37 -35.81 -24.97
C VAL C 189 -30.23 -34.35 -25.39
N ILE C 190 -30.24 -34.09 -26.70
CA ILE C 190 -30.22 -32.73 -27.23
C ILE C 190 -31.19 -32.63 -28.40
N SER C 191 -31.37 -31.41 -28.88
CA SER C 191 -32.25 -31.17 -30.04
C SER C 191 -31.89 -29.84 -30.70
N PRO C 192 -30.78 -29.77 -31.42
CA PRO C 192 -30.28 -28.46 -31.90
C PRO C 192 -31.29 -27.62 -32.68
N MET C 193 -31.81 -28.11 -33.80
CA MET C 193 -32.72 -27.32 -34.63
C MET C 193 -33.90 -28.19 -35.07
N GLY C 194 -34.52 -28.87 -34.12
CA GLY C 194 -35.52 -29.87 -34.42
C GLY C 194 -34.97 -31.25 -34.64
N LYS C 195 -33.67 -31.45 -34.45
CA LYS C 195 -33.02 -32.74 -34.64
C LYS C 195 -32.81 -33.36 -33.27
N LEU C 196 -33.79 -34.13 -32.81
CA LEU C 196 -33.73 -34.74 -31.49
C LEU C 196 -32.76 -35.92 -31.50
N THR C 197 -31.78 -35.89 -30.60
CA THR C 197 -30.70 -36.87 -30.58
C THR C 197 -30.52 -37.43 -29.17
N PHE C 198 -30.45 -38.76 -29.08
CA PHE C 198 -30.11 -39.48 -27.85
C PHE C 198 -28.74 -40.11 -28.04
N PHE C 199 -27.80 -39.78 -27.16
CA PHE C 199 -26.52 -40.46 -27.06
C PHE C 199 -26.61 -41.46 -25.91
N VAL C 200 -26.43 -42.74 -26.23
CA VAL C 200 -26.71 -43.85 -25.32
C VAL C 200 -25.55 -44.85 -25.36
N GLU C 201 -25.57 -45.76 -24.39
CA GLU C 201 -24.58 -46.82 -24.26
C GLU C 201 -25.28 -48.18 -24.24
N VAL C 202 -24.79 -49.11 -25.06
CA VAL C 202 -25.39 -50.42 -25.24
C VAL C 202 -24.44 -51.47 -24.69
N TYR C 203 -24.96 -52.34 -23.83
CA TYR C 203 -24.16 -53.38 -23.19
C TYR C 203 -24.53 -54.75 -23.77
N SER C 204 -23.58 -55.68 -23.64
CA SER C 204 -23.70 -56.97 -24.33
C SER C 204 -24.72 -57.89 -23.69
N TRP C 205 -24.96 -57.77 -22.38
CA TRP C 205 -25.68 -58.81 -21.65
C TRP C 205 -27.17 -58.54 -21.49
N PHE C 206 -27.72 -57.46 -22.05
CA PHE C 206 -29.16 -57.27 -22.01
C PHE C 206 -29.60 -56.42 -23.19
N ASP C 207 -30.89 -56.54 -23.50
CA ASP C 207 -31.47 -55.91 -24.68
C ASP C 207 -31.82 -54.46 -24.38
N PHE C 208 -31.20 -53.53 -25.10
CA PHE C 208 -31.36 -52.11 -24.81
C PHE C 208 -32.72 -51.58 -25.27
N LYS C 209 -33.32 -52.19 -26.28
CA LYS C 209 -34.57 -51.68 -26.83
C LYS C 209 -35.70 -51.70 -25.82
N SER C 210 -35.80 -52.77 -25.03
CA SER C 210 -36.85 -52.85 -24.03
C SER C 210 -36.69 -51.78 -22.95
N CYS C 211 -35.46 -51.57 -22.48
CA CYS C 211 -35.21 -50.53 -21.49
C CYS C 211 -35.56 -49.16 -22.05
N PHE C 212 -35.15 -48.90 -23.30
CA PHE C 212 -35.47 -47.62 -23.92
C PHE C 212 -36.98 -47.43 -24.03
N LYS C 213 -37.70 -48.50 -24.41
CA LYS C 213 -39.15 -48.41 -24.53
C LYS C 213 -39.79 -48.10 -23.19
N ASP C 214 -39.33 -48.75 -22.11
CA ASP C 214 -39.88 -48.46 -20.78
C ASP C 214 -39.70 -47.00 -20.43
N ILE C 215 -38.48 -46.48 -20.65
CA ILE C 215 -38.22 -45.08 -20.31
C ILE C 215 -39.12 -44.15 -21.13
N ILE C 216 -39.26 -44.42 -22.43
CA ILE C 216 -40.05 -43.53 -23.28
C ILE C 216 -41.52 -43.58 -22.90
N ASP C 217 -42.04 -44.77 -22.57
CA ASP C 217 -43.44 -44.85 -22.15
C ASP C 217 -43.68 -44.06 -20.87
N PHE C 218 -42.80 -44.21 -19.89
CA PHE C 218 -42.92 -43.41 -18.67
C PHE C 218 -42.96 -41.92 -18.99
N LEU C 219 -42.02 -41.48 -19.84
CA LEU C 219 -41.95 -40.06 -20.17
C LEU C 219 -43.23 -39.58 -20.85
N GLU C 220 -43.74 -40.36 -21.81
CA GLU C 220 -44.94 -39.94 -22.53
C GLU C 220 -46.13 -39.81 -21.59
N GLY C 221 -46.32 -40.78 -20.71
CA GLY C 221 -47.43 -40.69 -19.77
C GLY C 221 -47.32 -39.46 -18.90
N ALA C 222 -46.14 -39.22 -18.35
CA ALA C 222 -45.96 -38.05 -17.48
C ALA C 222 -46.21 -36.76 -18.23
N LEU C 223 -45.72 -36.65 -19.46
CA LEU C 223 -45.88 -35.43 -20.22
C LEU C 223 -47.34 -35.16 -20.55
N ILE C 224 -48.09 -36.18 -20.96
CA ILE C 224 -49.50 -35.96 -21.26
C ILE C 224 -50.24 -35.53 -19.99
N ALA C 225 -49.95 -36.18 -18.87
CA ALA C 225 -50.60 -35.77 -17.63
C ALA C 225 -50.30 -34.32 -17.31
N ASN C 226 -49.04 -33.89 -17.45
CA ASN C 226 -48.70 -32.50 -17.16
C ASN C 226 -49.41 -31.54 -18.10
N ILE C 227 -49.51 -31.89 -19.39
CA ILE C 227 -50.17 -31.01 -20.34
C ILE C 227 -51.63 -30.82 -19.94
N HIS C 228 -52.30 -31.90 -19.54
CA HIS C 228 -53.72 -31.78 -19.20
C HIS C 228 -53.97 -30.85 -18.02
N ASN C 229 -52.98 -30.65 -17.14
CA ASN C 229 -53.15 -29.86 -15.93
C ASN C 229 -52.50 -28.48 -16.03
N HIS C 230 -52.35 -27.95 -17.24
CA HIS C 230 -51.70 -26.66 -17.45
C HIS C 230 -52.74 -25.57 -17.60
N MET C 231 -52.58 -24.50 -16.84
CA MET C 231 -53.53 -23.39 -16.82
C MET C 231 -52.77 -22.07 -16.92
N ILE C 232 -53.33 -21.13 -17.67
CA ILE C 232 -52.76 -19.80 -17.85
C ILE C 232 -53.70 -18.79 -17.23
N LYS C 233 -53.20 -18.03 -16.26
CA LYS C 233 -54.02 -17.03 -15.59
C LYS C 233 -54.49 -15.97 -16.58
N VAL C 234 -55.76 -15.58 -16.47
CA VAL C 234 -56.39 -14.68 -17.42
C VAL C 234 -56.79 -13.39 -16.71
N GLY C 235 -56.02 -12.99 -15.71
CA GLY C 235 -56.27 -11.74 -15.01
C GLY C 235 -55.27 -10.67 -15.38
N ASN C 236 -54.67 -10.04 -14.36
CA ASN C 236 -53.60 -9.08 -14.55
C ASN C 236 -52.25 -9.75 -14.34
N CYS C 237 -51.21 -9.11 -14.88
CA CYS C 237 -49.87 -9.67 -14.84
C CYS C 237 -49.18 -9.29 -13.52
N ASP C 238 -48.70 -10.29 -12.80
CA ASP C 238 -47.96 -10.09 -11.57
C ASP C 238 -46.45 -10.26 -11.76
N GLU C 239 -46.00 -10.43 -12.99
CA GLU C 239 -44.57 -10.56 -13.31
C GLU C 239 -43.94 -11.79 -12.67
N THR C 240 -44.75 -12.77 -12.28
CA THR C 240 -44.22 -13.97 -11.63
C THR C 240 -44.63 -15.26 -12.34
N VAL C 241 -45.84 -15.32 -12.89
CA VAL C 241 -46.31 -16.47 -13.64
C VAL C 241 -46.84 -15.99 -14.98
N SER C 242 -46.82 -16.89 -15.96
CA SER C 242 -47.32 -16.54 -17.29
C SER C 242 -48.80 -16.21 -17.21
N SER C 243 -49.22 -15.22 -17.99
CA SER C 243 -50.61 -14.75 -17.89
C SER C 243 -51.01 -14.11 -19.19
N TYR C 244 -52.33 -13.88 -19.34
CA TYR C 244 -52.88 -13.30 -20.55
C TYR C 244 -53.82 -12.16 -20.19
N ASN C 245 -53.64 -11.02 -20.83
CA ASN C 245 -54.47 -9.85 -20.63
C ASN C 245 -55.36 -9.65 -21.85
N PRO C 246 -56.66 -9.93 -21.77
CA PRO C 246 -57.52 -9.72 -22.95
C PRO C 246 -57.80 -8.26 -23.22
N GLU C 247 -57.77 -7.41 -22.20
CA GLU C 247 -57.97 -5.99 -22.42
C GLU C 247 -56.93 -5.45 -23.40
N SER C 248 -55.67 -5.81 -23.19
CA SER C 248 -54.60 -5.46 -24.12
C SER C 248 -54.33 -6.57 -25.12
N GLY C 249 -54.83 -7.78 -24.88
CA GLY C 249 -54.52 -8.90 -25.76
C GLY C 249 -53.05 -9.26 -25.78
N MET C 250 -52.40 -9.24 -24.62
CA MET C 250 -50.97 -9.50 -24.52
C MET C 250 -50.71 -10.68 -23.61
N LEU C 251 -49.79 -11.56 -24.03
CA LEU C 251 -49.40 -12.73 -23.28
C LEU C 251 -48.03 -12.49 -22.67
N PHE C 252 -47.91 -12.72 -21.36
CA PHE C 252 -46.63 -12.71 -20.67
C PHE C 252 -46.18 -14.16 -20.50
N VAL C 253 -45.10 -14.52 -21.18
CA VAL C 253 -44.54 -15.86 -21.16
C VAL C 253 -43.44 -15.91 -20.12
N ASN C 254 -43.63 -16.79 -19.12
CA ASN C 254 -42.68 -16.93 -18.03
C ASN C 254 -42.51 -18.38 -17.55
N ASP C 255 -42.81 -19.37 -18.39
CA ASP C 255 -42.49 -20.75 -18.07
C ASP C 255 -42.33 -21.54 -19.36
N LEU C 256 -41.58 -22.65 -19.27
CA LEU C 256 -41.12 -23.33 -20.47
C LEU C 256 -42.26 -23.99 -21.23
N MET C 257 -43.20 -24.61 -20.53
CA MET C 257 -44.30 -25.30 -21.21
C MET C 257 -45.12 -24.32 -22.04
N THR C 258 -45.46 -23.17 -21.45
CA THR C 258 -46.20 -22.16 -22.20
C THR C 258 -45.40 -21.68 -23.40
N MET C 259 -44.10 -21.46 -23.21
CA MET C 259 -43.25 -21.02 -24.31
C MET C 259 -43.31 -21.99 -25.47
N ASN C 260 -43.09 -23.27 -25.19
CA ASN C 260 -43.06 -24.26 -26.27
C ASN C 260 -44.42 -24.39 -26.93
N ILE C 261 -45.51 -24.38 -26.14
CA ILE C 261 -46.83 -24.55 -26.72
C ILE C 261 -47.15 -23.39 -27.66
N VAL C 262 -46.92 -22.15 -27.20
CA VAL C 262 -47.28 -21.02 -28.05
C VAL C 262 -46.36 -20.95 -29.26
N ASN C 263 -45.08 -21.27 -29.10
CA ASN C 263 -44.19 -21.29 -30.25
C ASN C 263 -44.60 -22.34 -31.27
N PHE C 264 -45.18 -23.45 -30.80
CA PHE C 264 -45.66 -24.47 -31.72
C PHE C 264 -46.74 -23.92 -32.64
N PHE C 265 -47.50 -22.92 -32.19
CA PHE C 265 -48.61 -22.37 -32.94
C PHE C 265 -48.29 -21.02 -33.57
N GLY C 266 -47.02 -20.68 -33.75
CA GLY C 266 -46.62 -19.54 -34.54
C GLY C 266 -45.94 -18.41 -33.80
N CYS C 267 -45.85 -18.47 -32.47
CA CYS C 267 -45.17 -17.42 -31.73
C CYS C 267 -43.66 -17.62 -31.78
N ASN C 268 -42.92 -16.60 -31.33
CA ASN C 268 -41.47 -16.58 -31.32
C ASN C 268 -40.95 -16.04 -29.98
N SER C 269 -41.41 -16.62 -28.89
CA SER C 269 -41.20 -16.05 -27.57
C SER C 269 -39.96 -16.62 -26.86
N ARG C 270 -39.47 -15.86 -25.88
CA ARG C 270 -38.47 -16.26 -24.90
C ARG C 270 -39.13 -16.41 -23.54
N LEU C 271 -38.32 -16.64 -22.51
CA LEU C 271 -38.83 -17.12 -21.24
C LEU C 271 -39.29 -16.04 -20.27
N GLU C 272 -39.08 -14.76 -20.55
CA GLU C 272 -39.58 -13.71 -19.65
C GLU C 272 -40.12 -12.52 -20.45
N SER C 273 -40.98 -12.77 -21.44
CA SER C 273 -41.26 -11.74 -22.43
C SER C 273 -42.75 -11.58 -22.70
N TYR C 274 -43.11 -10.40 -23.20
CA TYR C 274 -44.48 -10.07 -23.62
C TYR C 274 -44.62 -10.24 -25.13
N HIS C 275 -45.79 -10.70 -25.56
CA HIS C 275 -46.04 -10.90 -26.98
C HIS C 275 -47.52 -10.67 -27.28
N ARG C 276 -47.80 -10.32 -28.53
CA ARG C 276 -49.16 -10.11 -29.01
C ARG C 276 -49.60 -11.39 -29.70
N PHE C 277 -50.33 -12.23 -28.97
CA PHE C 277 -50.68 -13.56 -29.44
C PHE C 277 -52.16 -13.82 -29.20
N ASP C 278 -52.81 -14.46 -30.17
CA ASP C 278 -54.23 -14.78 -30.10
C ASP C 278 -54.39 -16.16 -29.47
N MET C 279 -54.96 -16.20 -28.27
CA MET C 279 -55.03 -17.45 -27.51
C MET C 279 -56.02 -18.46 -28.09
N THR C 280 -56.88 -18.03 -29.02
CA THR C 280 -57.81 -18.99 -29.62
C THR C 280 -57.12 -19.96 -30.55
N LYS C 281 -55.86 -19.70 -30.93
CA LYS C 281 -55.14 -20.58 -31.84
C LYS C 281 -54.57 -21.81 -31.15
N VAL C 282 -54.55 -21.84 -29.83
CA VAL C 282 -53.99 -22.98 -29.10
C VAL C 282 -55.02 -24.10 -29.08
N ASP C 283 -54.59 -25.29 -29.51
CA ASP C 283 -55.43 -26.49 -29.53
C ASP C 283 -54.66 -27.61 -28.85
N VAL C 284 -55.01 -27.90 -27.60
CA VAL C 284 -54.24 -28.85 -26.80
C VAL C 284 -54.26 -30.23 -27.42
N GLU C 285 -55.41 -30.65 -27.95
CA GLU C 285 -55.52 -32.00 -28.50
C GLU C 285 -54.59 -32.21 -29.68
N LEU C 286 -54.45 -31.19 -30.54
CA LEU C 286 -53.52 -31.30 -31.66
C LEU C 286 -52.10 -31.49 -31.16
N PHE C 287 -51.71 -30.73 -30.13
CA PHE C 287 -50.37 -30.86 -29.57
C PHE C 287 -50.15 -32.25 -29.00
N ILE C 288 -51.15 -32.79 -28.30
CA ILE C 288 -51.01 -34.13 -27.71
C ILE C 288 -50.89 -35.18 -28.81
N LYS C 289 -51.67 -35.03 -29.89
CA LYS C 289 -51.55 -35.98 -31.00
C LYS C 289 -50.16 -35.92 -31.62
N ALA C 290 -49.62 -34.71 -31.80
CA ALA C 290 -48.27 -34.58 -32.33
C ALA C 290 -47.26 -35.26 -31.41
N LEU C 291 -47.43 -35.09 -30.10
CA LEU C 291 -46.51 -35.73 -29.15
C LEU C 291 -46.57 -37.25 -29.26
N SER C 292 -47.78 -37.81 -29.37
CA SER C 292 -47.90 -39.26 -29.50
C SER C 292 -47.25 -39.77 -30.77
N ASP C 293 -47.47 -39.06 -31.89
CA ASP C 293 -46.81 -39.46 -33.13
C ASP C 293 -45.30 -39.40 -33.00
N ALA C 294 -44.79 -38.35 -32.35
CA ALA C 294 -43.35 -38.23 -32.18
C ALA C 294 -42.80 -39.39 -31.36
N CYS C 295 -43.52 -39.80 -30.31
CA CYS C 295 -43.04 -40.92 -29.50
C CYS C 295 -43.01 -42.21 -30.31
N LYS C 296 -44.03 -42.44 -31.13
CA LYS C 296 -44.00 -43.61 -32.01
C LYS C 296 -42.80 -43.57 -32.94
N LYS C 297 -42.52 -42.40 -33.52
CA LYS C 297 -41.38 -42.26 -34.42
C LYS C 297 -40.07 -42.52 -33.68
N ILE C 298 -39.97 -42.04 -32.44
CA ILE C 298 -38.75 -42.26 -31.65
C ILE C 298 -38.52 -43.76 -31.42
N LEU C 299 -39.59 -44.47 -31.05
CA LEU C 299 -39.43 -45.91 -30.84
C LEU C 299 -39.04 -46.61 -32.12
N SER C 300 -39.64 -46.21 -33.25
CA SER C 300 -39.27 -46.82 -34.53
C SER C 300 -37.79 -46.59 -34.83
N ALA C 301 -37.30 -45.38 -34.59
CA ALA C 301 -35.89 -45.10 -34.81
C ALA C 301 -35.01 -45.96 -33.92
N SER C 302 -35.41 -46.15 -32.66
CA SER C 302 -34.62 -46.98 -31.76
C SER C 302 -34.56 -48.42 -32.25
N ASN C 303 -35.67 -48.91 -32.82
CA ASN C 303 -35.71 -50.32 -33.22
C ASN C 303 -34.66 -50.67 -34.26
N ARG C 304 -34.28 -49.71 -35.12
CA ARG C 304 -33.34 -50.00 -36.19
C ARG C 304 -31.89 -49.73 -35.79
N LEU C 305 -31.49 -50.29 -34.65
CA LEU C 305 -30.09 -50.25 -34.24
C LEU C 305 -29.42 -51.58 -34.54
N MET D 2 21.67 52.13 -5.49
CA MET D 2 21.11 52.62 -6.74
C MET D 2 22.08 52.45 -7.90
N ASN D 3 21.59 51.98 -9.04
CA ASN D 3 22.40 51.88 -10.25
C ASN D 3 21.59 52.25 -11.48
N GLN D 4 22.23 52.19 -12.65
CA GLN D 4 21.60 52.68 -13.87
C GLN D 4 20.43 51.83 -14.34
N TYR D 5 20.23 50.64 -13.77
CA TYR D 5 19.17 49.75 -14.23
C TYR D 5 17.95 49.75 -13.31
N ASN D 6 18.15 49.62 -12.00
CA ASN D 6 17.01 49.52 -11.11
C ASN D 6 16.21 50.81 -11.04
N VAL D 7 16.79 51.95 -11.43
CA VAL D 7 16.01 53.17 -11.49
C VAL D 7 14.93 53.07 -12.56
N LYS D 8 15.21 52.37 -13.66
CA LYS D 8 14.20 52.17 -14.69
C LYS D 8 13.04 51.33 -14.16
N TYR D 9 13.33 50.36 -13.29
CA TYR D 9 12.27 49.59 -12.67
C TYR D 9 11.48 50.44 -11.68
N LEU D 10 12.17 51.26 -10.89
CA LEU D 10 11.50 52.10 -9.90
C LEU D 10 10.63 53.15 -10.55
N ALA D 11 10.98 53.60 -11.76
CA ALA D 11 10.19 54.62 -12.43
C ALA D 11 8.76 54.16 -12.64
N LYS D 12 8.54 52.86 -12.82
CA LYS D 12 7.19 52.37 -13.05
C LYS D 12 6.37 52.34 -11.77
N ILE D 13 7.00 52.02 -10.63
CA ILE D 13 6.33 52.13 -9.35
C ILE D 13 5.96 53.59 -9.08
N LEU D 14 6.86 54.52 -9.45
CA LEU D 14 6.56 55.94 -9.32
C LEU D 14 5.76 56.45 -10.52
N CYS D 15 4.79 55.70 -10.95
CA CYS D 15 3.67 56.10 -11.77
C CYS D 15 2.37 55.63 -11.13
N LEU D 16 2.39 54.44 -10.55
CA LEU D 16 1.29 54.00 -9.71
C LEU D 16 1.15 54.91 -8.50
N LYS D 17 2.27 55.32 -7.91
CA LYS D 17 2.18 56.25 -6.79
C LYS D 17 1.59 57.58 -7.22
N THR D 18 1.96 58.06 -8.42
CA THR D 18 1.37 59.28 -8.93
C THR D 18 -0.13 59.12 -9.15
N GLU D 19 -0.55 57.99 -9.72
CA GLU D 19 -1.96 57.74 -9.91
C GLU D 19 -2.72 57.76 -8.59
N ILE D 20 -2.15 57.12 -7.56
CA ILE D 20 -2.81 57.11 -6.26
C ILE D 20 -2.86 58.51 -5.67
N ALA D 21 -1.83 59.32 -5.94
CA ALA D 21 -1.87 60.71 -5.50
C ALA D 21 -3.01 61.47 -6.16
N ARG D 22 -3.25 61.19 -7.44
CA ARG D 22 -4.34 61.86 -8.14
C ARG D 22 -5.71 61.39 -7.64
N ASP D 23 -5.87 60.08 -7.44
CA ASP D 23 -7.16 59.50 -7.04
C ASP D 23 -6.95 58.32 -6.09
N PRO D 24 -7.27 58.46 -4.81
CA PRO D 24 -6.91 57.41 -3.84
C PRO D 24 -7.71 56.12 -3.96
N TYR D 25 -8.77 56.08 -4.78
CA TYR D 25 -9.60 54.89 -4.90
C TYR D 25 -9.50 54.25 -6.28
N ALA D 26 -8.43 54.54 -7.02
CA ALA D 26 -8.26 53.97 -8.35
C ALA D 26 -7.78 52.53 -8.26
N VAL D 27 -8.10 51.76 -9.29
CA VAL D 27 -7.63 50.37 -9.41
C VAL D 27 -6.22 50.38 -9.99
N ILE D 28 -5.32 49.62 -9.38
CA ILE D 28 -3.91 49.63 -9.72
C ILE D 28 -3.54 48.31 -10.37
N ASN D 29 -2.89 48.38 -11.52
CA ASN D 29 -2.38 47.20 -12.23
C ASN D 29 -1.49 47.70 -13.37
N ARG D 30 -1.03 46.76 -14.21
CA ARG D 30 -0.10 47.12 -15.29
C ARG D 30 -0.69 48.18 -16.21
N ASN D 31 -1.97 48.04 -16.55
CA ASN D 31 -2.56 48.89 -17.58
C ASN D 31 -2.47 50.38 -17.25
N VAL D 32 -2.35 50.73 -15.98
CA VAL D 32 -2.23 52.14 -15.61
C VAL D 32 -1.06 52.78 -16.33
N LEU D 33 0.02 52.02 -16.55
CA LEU D 33 1.20 52.59 -17.19
C LEU D 33 0.91 53.14 -18.57
N LEU D 34 -0.18 52.71 -19.21
CA LEU D 34 -0.49 53.21 -20.54
C LEU D 34 -0.88 54.68 -20.54
N ARG D 35 -1.10 55.29 -19.37
CA ARG D 35 -1.54 56.68 -19.31
C ARG D 35 -0.43 57.64 -18.88
N TYR D 36 0.83 57.20 -18.86
CA TYR D 36 1.91 58.02 -18.35
C TYR D 36 3.15 57.86 -19.22
N THR D 37 4.03 58.86 -19.13
CA THR D 37 5.37 58.79 -19.70
C THR D 37 6.38 59.19 -18.63
N THR D 38 7.62 58.71 -18.79
CA THR D 38 8.66 58.93 -17.80
C THR D 38 9.95 59.39 -18.47
N ASP D 39 10.69 60.24 -17.77
CA ASP D 39 12.03 60.66 -18.17
C ASP D 39 12.97 60.47 -16.99
N ILE D 40 14.17 59.95 -17.26
CA ILE D 40 15.11 59.58 -16.22
C ILE D 40 16.43 60.29 -16.49
N GLU D 41 17.02 60.85 -15.43
CA GLU D 41 18.37 61.42 -15.47
C GLU D 41 19.14 60.83 -14.31
N TYR D 42 20.11 59.98 -14.61
CA TYR D 42 20.80 59.19 -13.61
C TYR D 42 22.07 59.89 -13.13
N ASN D 43 22.38 59.71 -11.85
CA ASN D 43 23.60 60.21 -11.26
C ASN D 43 23.84 59.44 -9.96
N ASP D 44 25.12 59.23 -9.64
CA ASP D 44 25.46 58.38 -8.50
C ASP D 44 25.01 58.98 -7.17
N LEU D 45 24.73 60.27 -7.13
CA LEU D 45 24.32 60.94 -5.90
C LEU D 45 22.82 61.16 -5.82
N VAL D 46 22.20 61.63 -6.90
CA VAL D 46 20.78 61.92 -6.94
C VAL D 46 20.25 61.64 -8.34
N THR D 47 19.22 60.80 -8.43
CA THR D 47 18.58 60.53 -9.71
C THR D 47 17.27 61.30 -9.80
N LEU D 48 16.96 61.81 -10.99
CA LEU D 48 15.75 62.60 -11.21
C LEU D 48 14.81 61.84 -12.13
N ILE D 49 13.57 61.65 -11.68
CA ILE D 49 12.56 60.95 -12.48
C ILE D 49 11.36 61.87 -12.64
N THR D 50 10.99 62.14 -13.89
CA THR D 50 9.87 63.02 -14.22
C THR D 50 8.75 62.17 -14.78
N VAL D 51 7.58 62.23 -14.15
CA VAL D 51 6.39 61.49 -14.55
C VAL D 51 5.40 62.47 -15.14
N ARG D 52 4.87 62.15 -16.31
CA ARG D 52 4.00 63.07 -17.04
C ARG D 52 2.72 62.35 -17.44
N HIS D 53 1.58 62.97 -17.12
CA HIS D 53 0.26 62.45 -17.47
C HIS D 53 -0.09 62.88 -18.89
N LYS D 54 -0.44 61.91 -19.74
CA LYS D 54 -0.58 62.18 -21.16
C LYS D 54 -1.69 63.20 -21.43
N ILE D 55 -2.89 62.95 -20.91
CA ILE D 55 -4.03 63.80 -21.26
C ILE D 55 -3.89 65.17 -20.61
N ASP D 56 -3.48 65.23 -19.34
CA ASP D 56 -3.40 66.49 -18.63
C ASP D 56 -2.07 67.23 -18.85
N SER D 57 -1.01 66.50 -19.18
CA SER D 57 0.33 67.08 -19.32
C SER D 57 0.87 67.61 -18.00
N MET D 58 0.39 67.07 -16.87
CA MET D 58 0.87 67.49 -15.57
C MET D 58 2.12 66.71 -15.19
N LYS D 59 3.06 67.39 -14.54
CA LYS D 59 4.36 66.84 -14.21
C LYS D 59 4.48 66.54 -12.72
N THR D 60 5.25 65.51 -12.41
CA THR D 60 5.66 65.23 -11.03
C THR D 60 7.12 64.82 -11.06
N VAL D 61 7.91 65.36 -10.14
CA VAL D 61 9.35 65.15 -10.11
C VAL D 61 9.71 64.41 -8.83
N PHE D 62 10.42 63.29 -8.97
CA PHE D 62 10.91 62.51 -7.85
C PHE D 62 12.44 62.56 -7.83
N GLN D 63 12.99 62.73 -6.63
CA GLN D 63 14.42 62.68 -6.40
C GLN D 63 14.76 61.42 -5.63
N VAL D 64 15.70 60.64 -6.16
CA VAL D 64 16.04 59.33 -5.62
C VAL D 64 17.46 59.37 -5.09
N PHE D 65 17.64 58.94 -3.85
CA PHE D 65 18.92 58.95 -3.16
C PHE D 65 19.22 57.56 -2.62
N ASN D 66 20.51 57.30 -2.39
CA ASN D 66 20.89 56.14 -1.59
C ASN D 66 20.63 56.42 -0.12
N GLU D 67 20.52 55.35 0.66
CA GLU D 67 20.24 55.49 2.08
C GLU D 67 21.37 56.22 2.80
N SER D 68 22.62 55.93 2.43
CA SER D 68 23.76 56.47 3.15
C SER D 68 23.80 57.99 3.08
N SER D 69 23.68 58.55 1.88
CA SER D 69 23.83 59.99 1.66
C SER D 69 22.52 60.56 1.15
N ILE D 70 21.85 61.35 1.98
CA ILE D 70 20.59 61.98 1.63
C ILE D 70 20.77 63.49 1.74
N ASN D 71 20.57 64.20 0.62
CA ASN D 71 20.68 65.65 0.57
C ASN D 71 19.48 66.15 -0.24
N TYR D 72 18.37 66.39 0.44
CA TYR D 72 17.09 66.65 -0.20
C TYR D 72 16.69 68.11 -0.05
N THR D 73 16.37 68.75 -1.18
CA THR D 73 15.82 70.10 -1.19
C THR D 73 14.72 70.11 -2.25
N PRO D 74 13.51 70.53 -1.92
CA PRO D 74 12.42 70.49 -2.90
C PRO D 74 12.71 71.36 -4.11
N VAL D 75 12.19 70.91 -5.26
CA VAL D 75 12.31 71.64 -6.52
C VAL D 75 10.91 71.89 -7.07
N ASP D 76 10.82 72.49 -8.25
CA ASP D 76 9.53 72.75 -8.86
C ASP D 76 8.78 71.45 -9.12
N ASP D 77 7.48 71.46 -8.80
CA ASP D 77 6.60 70.32 -9.04
C ASP D 77 7.11 69.07 -8.33
N ASP D 78 7.70 69.25 -7.16
CA ASP D 78 8.24 68.12 -6.44
C ASP D 78 7.12 67.26 -5.85
N TYR D 79 7.38 65.96 -5.74
CA TYR D 79 6.44 65.07 -5.08
C TYR D 79 6.26 65.44 -3.60
N GLY D 80 7.23 66.15 -3.03
CA GLY D 80 7.14 66.57 -1.65
C GLY D 80 7.83 65.67 -0.65
N GLU D 81 8.54 64.64 -1.11
CA GLU D 81 9.18 63.72 -0.19
C GLU D 81 10.24 62.94 -0.95
N PRO D 82 11.41 62.68 -0.37
CA PRO D 82 12.44 61.94 -1.09
C PRO D 82 12.11 60.46 -1.22
N ILE D 83 12.69 59.84 -2.24
CA ILE D 83 12.58 58.41 -2.47
C ILE D 83 13.93 57.79 -2.12
N ILE D 84 13.90 56.77 -1.26
CA ILE D 84 15.10 56.21 -0.66
C ILE D 84 15.20 54.74 -1.02
N ILE D 85 16.39 54.32 -1.45
CA ILE D 85 16.69 52.91 -1.71
C ILE D 85 17.53 52.39 -0.56
N THR D 86 17.03 51.37 0.13
CA THR D 86 17.63 50.84 1.34
C THR D 86 18.25 49.48 1.07
N SER D 87 19.14 49.07 1.98
CA SER D 87 19.77 47.76 1.88
C SER D 87 18.84 46.64 2.33
N TYR D 88 17.99 46.90 3.32
CA TYR D 88 17.08 45.89 3.85
C TYR D 88 15.69 46.48 3.96
N LEU D 89 14.70 45.59 4.03
CA LEU D 89 13.30 46.02 4.10
C LEU D 89 13.06 46.81 5.38
N GLN D 90 12.40 47.96 5.24
CA GLN D 90 12.10 48.83 6.36
C GLN D 90 10.70 49.42 6.19
N LYS D 91 10.14 49.87 7.31
CA LYS D 91 8.85 50.55 7.27
C LYS D 91 9.00 51.92 6.62
N GLY D 92 7.95 52.34 5.92
CA GLY D 92 7.95 53.62 5.25
C GLY D 92 7.54 53.51 3.80
N HIS D 93 6.57 54.32 3.39
CA HIS D 93 6.03 54.23 2.04
C HIS D 93 6.99 54.74 0.97
N ASN D 94 8.06 55.45 1.36
CA ASN D 94 9.01 56.00 0.41
C ASN D 94 10.34 55.28 0.44
N LYS D 95 10.45 54.16 1.14
CA LYS D 95 11.69 53.40 1.26
C LYS D 95 11.51 52.06 0.57
N PHE D 96 12.40 51.77 -0.39
CA PHE D 96 12.33 50.54 -1.16
C PHE D 96 13.64 49.77 -1.06
N PRO D 97 13.62 48.50 -0.69
CA PRO D 97 14.87 47.73 -0.62
C PRO D 97 15.35 47.32 -2.00
N VAL D 98 16.65 47.03 -2.09
CA VAL D 98 17.22 46.54 -3.34
C VAL D 98 16.58 45.22 -3.73
N ASN D 99 16.12 44.46 -2.76
CA ASN D 99 15.48 43.18 -3.04
C ASN D 99 14.27 43.34 -3.95
N PHE D 100 13.55 44.45 -3.84
CA PHE D 100 12.39 44.69 -4.69
C PHE D 100 12.77 45.05 -6.12
N LEU D 101 14.04 45.38 -6.39
CA LEU D 101 14.42 45.98 -7.66
C LEU D 101 15.44 45.16 -8.44
N TYR D 102 15.53 43.85 -8.18
CA TYR D 102 16.41 43.01 -8.99
C TYR D 102 15.84 42.81 -10.39
N ILE D 103 14.52 42.86 -10.53
CA ILE D 103 13.85 42.64 -11.81
C ILE D 103 12.79 43.72 -12.01
N ASP D 104 12.24 43.77 -13.22
CA ASP D 104 11.19 44.73 -13.56
C ASP D 104 9.88 44.22 -12.97
N VAL D 105 9.57 44.69 -11.76
CA VAL D 105 8.52 44.05 -10.96
C VAL D 105 7.14 44.33 -11.53
N VAL D 106 6.88 45.56 -11.97
CA VAL D 106 5.50 45.97 -12.22
C VAL D 106 4.89 45.20 -13.39
N ILE D 107 5.70 44.86 -14.40
CA ILE D 107 5.16 44.25 -15.61
C ILE D 107 5.18 42.73 -15.57
N SER D 108 5.59 42.12 -14.47
CA SER D 108 5.55 40.68 -14.35
C SER D 108 4.10 40.18 -14.28
N ASP D 109 3.86 38.98 -14.80
CA ASP D 109 2.54 38.39 -14.70
C ASP D 109 2.11 38.15 -13.27
N LEU D 110 3.06 38.12 -12.34
CA LEU D 110 2.75 37.87 -10.94
C LEU D 110 2.40 39.15 -10.17
N PHE D 111 2.49 40.31 -10.80
CA PHE D 111 2.13 41.54 -10.11
C PHE D 111 0.61 41.58 -9.89
N PRO D 112 0.15 41.95 -8.70
CA PRO D 112 -1.28 41.85 -8.40
C PRO D 112 -2.08 42.97 -9.04
N SER D 113 -3.41 42.87 -8.87
CA SER D 113 -4.35 43.92 -9.21
C SER D 113 -5.20 44.17 -7.98
N PHE D 114 -5.21 45.42 -7.50
CA PHE D 114 -5.69 45.70 -6.15
C PHE D 114 -6.26 47.11 -6.09
N VAL D 115 -7.00 47.39 -5.01
CA VAL D 115 -7.66 48.68 -4.83
C VAL D 115 -7.94 48.89 -3.35
N ARG D 116 -8.16 50.15 -2.97
CA ARG D 116 -8.55 50.53 -1.63
C ARG D 116 -10.07 50.70 -1.56
N LEU D 117 -10.68 50.17 -0.50
CA LEU D 117 -12.12 50.28 -0.33
C LEU D 117 -12.50 51.62 0.29
N ASP D 118 -13.61 52.19 -0.15
CA ASP D 118 -14.14 53.40 0.45
C ASP D 118 -15.03 53.05 1.64
N THR D 119 -15.64 54.08 2.24
CA THR D 119 -16.38 53.86 3.48
C THR D 119 -17.59 52.97 3.28
N THR D 120 -18.33 53.18 2.18
CA THR D 120 -19.51 52.36 1.92
C THR D 120 -19.15 50.90 1.75
N GLU D 121 -18.13 50.62 0.93
CA GLU D 121 -17.71 49.25 0.71
C GLU D 121 -17.19 48.62 1.99
N THR D 122 -16.47 49.41 2.80
CA THR D 122 -15.99 48.89 4.09
C THR D 122 -17.15 48.52 5.00
N ASN D 123 -18.20 49.35 5.05
CA ASN D 123 -19.36 49.03 5.86
C ASN D 123 -20.02 47.76 5.36
N ILE D 124 -20.16 47.61 4.04
CA ILE D 124 -20.77 46.40 3.49
C ILE D 124 -19.96 45.18 3.90
N VAL D 125 -18.63 45.25 3.77
CA VAL D 125 -17.79 44.11 4.11
C VAL D 125 -17.92 43.77 5.59
N ASN D 126 -17.90 44.77 6.46
CA ASN D 126 -18.04 44.50 7.88
C ASN D 126 -19.39 43.86 8.19
N SER D 127 -20.43 44.31 7.50
CA SER D 127 -21.76 43.72 7.71
C SER D 127 -21.80 42.27 7.24
N VAL D 128 -21.15 41.96 6.13
CA VAL D 128 -21.18 40.59 5.61
C VAL D 128 -20.46 39.63 6.54
N LEU D 129 -19.46 40.10 7.28
CA LEU D 129 -18.66 39.21 8.12
C LEU D 129 -19.36 38.80 9.41
N GLN D 130 -20.38 39.53 9.85
CA GLN D 130 -21.06 39.17 11.09
C GLN D 130 -21.77 37.84 10.96
N THR D 131 -21.75 37.06 12.04
CA THR D 131 -22.34 35.72 12.03
C THR D 131 -23.83 35.72 12.32
N GLY D 132 -24.42 36.86 12.69
CA GLY D 132 -25.82 36.92 13.01
C GLY D 132 -26.16 36.53 14.44
N ASP D 133 -25.19 36.06 15.22
CA ASP D 133 -25.39 35.68 16.61
C ASP D 133 -24.74 36.75 17.48
N GLY D 134 -25.50 37.78 17.82
CA GLY D 134 -24.98 38.86 18.63
C GLY D 134 -24.03 39.75 17.88
N LYS D 135 -22.78 39.84 18.34
CA LYS D 135 -21.76 40.66 17.70
C LYS D 135 -20.55 39.86 17.24
N LYS D 136 -20.63 38.53 17.25
CA LYS D 136 -19.52 37.72 16.76
C LYS D 136 -19.34 37.95 15.27
N THR D 137 -18.11 37.75 14.80
CA THR D 137 -17.78 38.05 13.42
C THR D 137 -16.64 37.16 12.94
N LEU D 138 -16.56 36.99 11.62
CA LEU D 138 -15.44 36.31 11.00
C LEU D 138 -14.30 37.29 10.77
N ARG D 139 -13.13 36.76 10.43
CA ARG D 139 -11.93 37.55 10.20
C ARG D 139 -11.36 37.25 8.82
N LEU D 140 -10.87 38.28 8.15
CA LEU D 140 -10.23 38.13 6.87
C LEU D 140 -8.81 37.57 7.04
N PRO D 141 -8.27 36.96 5.98
CA PRO D 141 -6.84 36.60 6.02
C PRO D 141 -5.97 37.85 6.09
N LYS D 142 -4.73 37.66 6.54
CA LYS D 142 -3.85 38.75 6.91
C LYS D 142 -2.75 38.97 5.87
N MET D 143 -2.21 40.19 5.87
CA MET D 143 -1.03 40.54 5.09
C MET D 143 -0.23 41.58 5.87
N LEU D 144 1.08 41.58 5.66
CA LEU D 144 1.96 42.47 6.40
C LEU D 144 1.94 43.89 5.84
N GLU D 145 2.22 44.84 6.72
CA GLU D 145 2.23 46.26 6.35
C GLU D 145 3.40 46.63 5.45
N THR D 146 4.43 45.79 5.36
CA THR D 146 5.64 46.11 4.62
C THR D 146 5.61 45.62 3.18
N GLU D 147 4.52 45.04 2.71
CA GLU D 147 4.43 44.62 1.31
C GLU D 147 4.42 45.83 0.38
N ILE D 148 4.88 45.61 -0.85
CA ILE D 148 4.95 46.70 -1.81
C ILE D 148 3.56 47.24 -2.15
N VAL D 149 2.54 46.39 -2.05
CA VAL D 149 1.17 46.83 -2.28
C VAL D 149 0.81 47.95 -1.31
N VAL D 150 1.14 47.77 -0.03
CA VAL D 150 0.82 48.78 0.97
C VAL D 150 1.61 50.05 0.73
N LYS D 151 2.87 49.93 0.32
CA LYS D 151 3.66 51.12 0.02
C LYS D 151 3.03 51.92 -1.11
N ILE D 152 2.54 51.24 -2.14
CA ILE D 152 1.93 51.94 -3.27
C ILE D 152 0.64 52.62 -2.83
N LEU D 153 -0.19 51.94 -2.04
CA LEU D 153 -1.44 52.51 -1.53
C LEU D 153 -1.16 53.17 -0.19
N TYR D 154 -0.68 54.41 -0.23
CA TYR D 154 -0.46 55.16 0.99
C TYR D 154 -0.96 56.58 0.82
N ARG D 155 -1.70 57.06 1.80
CA ARG D 155 -2.10 58.45 1.88
C ARG D 155 -1.93 58.91 3.32
N PRO D 156 -1.42 60.12 3.55
CA PRO D 156 -1.13 60.53 4.93
C PRO D 156 -2.35 60.56 5.84
N ASN D 157 -3.53 60.88 5.34
CA ASN D 157 -4.70 61.11 6.17
C ASN D 157 -5.81 60.11 5.92
N ILE D 158 -5.47 58.91 5.44
CA ILE D 158 -6.46 57.86 5.22
C ILE D 158 -5.87 56.53 5.66
N PRO D 159 -6.11 56.09 6.89
CA PRO D 159 -5.57 54.79 7.31
C PRO D 159 -6.06 53.65 6.43
N LEU D 160 -5.19 52.67 6.21
CA LEU D 160 -5.46 51.54 5.34
C LEU D 160 -5.65 50.29 6.20
N LYS D 161 -6.84 49.73 6.17
CA LYS D 161 -7.17 48.54 6.96
C LYS D 161 -7.52 47.32 6.12
N ILE D 162 -8.11 47.51 4.94
CA ILE D 162 -8.52 46.40 4.09
C ILE D 162 -8.04 46.68 2.68
N VAL D 163 -7.57 45.63 2.00
CA VAL D 163 -7.17 45.71 0.59
C VAL D 163 -7.95 44.65 -0.19
N ARG D 164 -8.52 45.04 -1.31
CA ARG D 164 -9.27 44.14 -2.17
C ARG D 164 -8.42 43.73 -3.37
N PHE D 165 -8.40 42.43 -3.66
CA PHE D 165 -7.64 41.87 -4.77
C PHE D 165 -8.58 41.27 -5.81
N PHE D 166 -8.25 41.52 -7.08
CA PHE D 166 -8.93 40.91 -8.23
C PHE D 166 -8.04 39.79 -8.75
N ARG D 167 -8.26 38.59 -8.23
CA ARG D 167 -7.46 37.43 -8.63
C ARG D 167 -7.80 36.98 -10.03
N ASN D 168 -6.77 36.58 -10.77
CA ASN D 168 -6.97 35.80 -11.98
C ASN D 168 -7.59 34.45 -11.63
N ASN D 169 -8.62 34.06 -12.36
CA ASN D 169 -9.28 32.77 -12.13
C ASN D 169 -9.48 32.09 -13.46
N MET D 170 -9.07 30.82 -13.55
CA MET D 170 -9.05 30.13 -14.83
C MET D 170 -10.44 29.79 -15.34
N VAL D 171 -11.43 29.65 -14.46
CA VAL D 171 -12.77 29.23 -14.86
C VAL D 171 -13.76 30.39 -14.90
N THR D 172 -13.62 31.39 -14.03
CA THR D 172 -14.54 32.52 -14.01
C THR D 172 -13.92 33.81 -14.52
N GLY D 173 -12.64 33.82 -14.88
CA GLY D 173 -11.99 35.03 -15.32
C GLY D 173 -11.39 35.83 -14.18
N VAL D 174 -12.22 36.46 -13.37
CA VAL D 174 -11.78 37.28 -12.24
C VAL D 174 -12.54 36.87 -11.00
N GLU D 175 -11.86 36.89 -9.85
CA GLU D 175 -12.50 36.59 -8.56
C GLU D 175 -12.08 37.64 -7.54
N ILE D 176 -13.01 38.00 -6.66
CA ILE D 176 -12.79 39.05 -5.67
C ILE D 176 -12.39 38.43 -4.33
N ALA D 177 -11.34 38.96 -3.72
CA ALA D 177 -10.93 38.54 -2.39
C ALA D 177 -10.48 39.77 -1.59
N ASP D 178 -10.42 39.63 -0.27
CA ASP D 178 -10.06 40.74 0.61
C ASP D 178 -9.04 40.28 1.65
N ARG D 179 -8.17 41.21 2.05
CA ARG D 179 -7.19 40.96 3.10
C ARG D 179 -7.17 42.13 4.07
N SER D 180 -6.79 41.85 5.31
CA SER D 180 -6.62 42.86 6.34
C SER D 180 -5.13 43.10 6.59
N VAL D 181 -4.77 44.35 6.87
CA VAL D 181 -3.38 44.76 7.05
C VAL D 181 -3.06 44.77 8.54
N ILE D 182 -1.97 44.11 8.92
CA ILE D 182 -1.52 44.05 10.30
C ILE D 182 -0.17 44.74 10.43
N SER D 183 0.01 45.47 11.52
CA SER D 183 1.19 46.28 11.71
C SER D 183 2.42 45.42 11.99
N VAL D 184 3.59 46.02 11.75
CA VAL D 184 4.87 45.39 12.00
C VAL D 184 5.64 46.24 13.01
N ALA D 185 6.17 45.60 14.05
CA ALA D 185 6.93 46.30 15.07
C ALA D 185 8.41 46.37 14.69
N ILE E 62 -26.66 51.31 5.40
CA ILE E 62 -26.37 50.28 4.41
C ILE E 62 -26.20 48.94 5.11
N GLY E 63 -25.81 48.98 6.38
CA GLY E 63 -25.68 47.75 7.15
C GLY E 63 -27.01 47.06 7.38
N ASN E 64 -28.07 47.84 7.61
CA ASN E 64 -29.38 47.25 7.83
C ASN E 64 -29.88 46.52 6.59
N HIS E 65 -29.62 47.06 5.40
CA HIS E 65 -30.05 46.39 4.18
C HIS E 65 -29.36 45.03 4.03
N ILE E 66 -28.05 44.99 4.29
CA ILE E 66 -27.33 43.72 4.21
C ILE E 66 -27.85 42.74 5.27
N SER E 67 -28.15 43.25 6.47
CA SER E 67 -28.68 42.38 7.51
C SER E 67 -30.02 41.78 7.11
N ALA E 68 -30.89 42.59 6.51
CA ALA E 68 -32.18 42.08 6.04
C ALA E 68 -31.99 41.03 4.96
N LEU E 69 -31.09 41.28 4.01
CA LEU E 69 -30.82 40.28 2.98
C LEU E 69 -30.35 38.97 3.59
N LYS E 70 -29.46 39.05 4.58
CA LYS E 70 -28.95 37.82 5.20
C LYS E 70 -30.04 37.09 5.99
N ARG E 71 -30.92 37.84 6.66
CA ARG E 71 -32.03 37.20 7.35
C ARG E 71 -32.93 36.46 6.38
N ARG E 72 -33.20 37.06 5.22
CA ARG E 72 -33.97 36.34 4.20
C ARG E 72 -33.22 35.10 3.72
N TYR E 73 -31.91 35.22 3.49
CA TYR E 73 -31.13 34.08 3.05
C TYR E 73 -31.18 32.94 4.06
N THR E 74 -31.37 33.25 5.34
CA THR E 74 -31.42 32.21 6.37
C THR E 74 -32.55 31.21 6.16
N ARG E 75 -33.60 31.57 5.41
CA ARG E 75 -34.80 30.74 5.36
C ARG E 75 -34.75 29.60 4.36
N ARG E 76 -33.69 29.47 3.56
CA ARG E 76 -33.60 28.36 2.62
C ARG E 76 -33.21 27.08 3.34
N ILE E 77 -33.61 25.95 2.76
CA ILE E 77 -33.58 24.65 3.43
C ILE E 77 -32.84 23.65 2.54
N SER E 78 -32.04 22.79 3.16
CA SER E 78 -31.28 21.77 2.46
C SER E 78 -31.54 20.40 3.09
N LEU E 79 -30.89 19.37 2.55
CA LEU E 79 -31.12 18.02 3.03
C LEU E 79 -30.64 17.84 4.47
N PHE E 80 -29.52 18.45 4.85
CA PHE E 80 -28.96 18.25 6.18
C PHE E 80 -29.96 18.65 7.25
N GLU E 81 -30.60 19.81 7.09
CA GLU E 81 -31.48 20.33 8.14
C GLU E 81 -32.73 19.47 8.29
N ILE E 82 -33.39 19.12 7.18
CA ILE E 82 -34.60 18.32 7.27
C ILE E 82 -34.27 16.92 7.79
N ALA E 83 -33.14 16.36 7.38
CA ALA E 83 -32.72 15.06 7.88
C ALA E 83 -32.48 15.11 9.39
N GLY E 84 -31.83 16.16 9.88
CA GLY E 84 -31.62 16.29 11.31
C GLY E 84 -32.92 16.42 12.09
N ILE E 85 -33.85 17.23 11.57
CA ILE E 85 -35.13 17.40 12.25
C ILE E 85 -35.87 16.06 12.33
N ILE E 86 -35.91 15.34 11.21
CA ILE E 86 -36.59 14.05 11.20
C ILE E 86 -35.91 13.08 12.15
N ALA E 87 -34.58 13.08 12.19
CA ALA E 87 -33.87 12.17 13.07
C ALA E 87 -34.21 12.43 14.53
N GLU E 88 -34.20 13.70 14.95
CA GLU E 88 -34.52 14.01 16.33
C GLU E 88 -35.94 13.60 16.68
N SER E 89 -36.91 13.97 15.82
CA SER E 89 -38.30 13.63 16.10
C SER E 89 -38.50 12.13 16.15
N TYR E 90 -37.89 11.39 15.23
CA TYR E 90 -38.02 9.94 15.18
C TYR E 90 -37.42 9.28 16.40
N ASN E 91 -36.25 9.74 16.84
CA ASN E 91 -35.65 9.17 18.05
C ASN E 91 -36.57 9.37 19.25
N LEU E 92 -37.09 10.58 19.41
CA LEU E 92 -37.99 10.83 20.54
C LEU E 92 -39.23 9.96 20.46
N LEU E 93 -39.83 9.84 19.28
CA LEU E 93 -41.05 9.03 19.15
C LEU E 93 -40.76 7.56 19.41
N GLN E 94 -39.63 7.05 18.91
CA GLN E 94 -39.29 5.64 19.14
C GLN E 94 -39.10 5.37 20.62
N ARG E 95 -38.50 6.31 21.35
CA ARG E 95 -38.25 6.08 22.77
C ARG E 95 -39.44 6.41 23.66
N GLY E 96 -40.55 6.88 23.09
CA GLY E 96 -41.81 6.87 23.80
C GLY E 96 -42.47 8.20 24.13
N ARG E 97 -42.30 9.22 23.30
CA ARG E 97 -43.05 10.45 23.53
C ARG E 97 -44.45 10.33 22.94
N LEU E 98 -45.30 11.29 23.28
CA LEU E 98 -46.69 11.29 22.82
C LEU E 98 -46.79 11.95 21.46
N PRO E 99 -47.39 11.29 20.46
CA PRO E 99 -47.60 11.97 19.18
C PRO E 99 -48.57 13.13 19.31
N LEU E 100 -48.37 14.13 18.46
CA LEU E 100 -49.12 15.38 18.51
C LEU E 100 -49.98 15.58 17.26
N VAL E 101 -50.59 14.52 16.78
CA VAL E 101 -51.43 14.58 15.58
C VAL E 101 -52.87 14.87 15.98
N SER E 102 -53.60 15.49 15.08
CA SER E 102 -55.02 15.74 15.31
C SER E 102 -55.81 14.44 15.19
N GLU E 103 -56.97 14.42 15.84
CA GLU E 103 -57.82 13.24 15.88
C GLU E 103 -57.10 12.05 16.50
N PHE E 104 -56.25 12.32 17.49
CA PHE E 104 -55.51 11.26 18.15
C PHE E 104 -56.47 10.28 18.81
N SER E 105 -56.23 8.99 18.59
CA SER E 105 -57.09 7.94 19.12
C SER E 105 -56.33 6.62 19.08
N ASP E 106 -56.99 5.55 19.47
CA ASP E 106 -56.37 4.23 19.47
C ASP E 106 -56.03 3.76 18.06
N GLU E 107 -56.68 4.31 17.04
CA GLU E 107 -56.34 3.96 15.67
C GLU E 107 -55.04 4.59 15.22
N THR E 108 -54.54 5.59 15.94
CA THR E 108 -53.27 6.20 15.58
C THR E 108 -52.10 5.27 15.83
N MET E 109 -52.21 4.41 16.84
CA MET E 109 -51.12 3.49 17.19
C MET E 109 -51.02 2.31 16.24
N LYS E 110 -51.95 2.16 15.30
CA LYS E 110 -51.89 1.11 14.29
C LYS E 110 -51.25 1.59 12.99
N GLN E 111 -50.77 2.82 12.94
CA GLN E 111 -50.17 3.36 11.72
C GLN E 111 -48.65 3.17 11.74
N ASN E 112 -48.01 3.62 10.68
CA ASN E 112 -46.57 3.63 10.57
C ASN E 112 -46.01 4.90 11.19
N MET E 113 -44.91 4.76 11.94
CA MET E 113 -44.39 5.91 12.69
C MET E 113 -43.90 7.01 11.76
N LEU E 114 -43.30 6.65 10.63
CA LEU E 114 -42.85 7.66 9.69
C LEU E 114 -44.02 8.43 9.09
N HIS E 115 -45.14 7.75 8.87
CA HIS E 115 -46.35 8.45 8.44
C HIS E 115 -46.76 9.49 9.48
N VAL E 116 -46.69 9.12 10.75
CA VAL E 116 -47.05 10.06 11.83
C VAL E 116 -46.12 11.25 11.83
N ILE E 117 -44.81 11.02 11.65
CA ILE E 117 -43.85 12.12 11.67
C ILE E 117 -44.13 13.08 10.51
N ILE E 118 -44.37 12.53 9.31
CA ILE E 118 -44.65 13.38 8.16
C ILE E 118 -45.94 14.17 8.39
N GLN E 119 -46.97 13.53 8.96
CA GLN E 119 -48.22 14.23 9.21
C GLN E 119 -48.01 15.38 10.20
N GLU E 120 -47.26 15.13 11.28
CA GLU E 120 -46.98 16.20 12.22
C GLU E 120 -46.28 17.35 11.54
N ILE E 121 -45.29 17.06 10.70
CA ILE E 121 -44.59 18.15 10.00
C ILE E 121 -45.57 18.93 9.12
N GLU E 122 -46.42 18.22 8.38
CA GLU E 122 -47.24 18.89 7.39
C GLU E 122 -48.34 19.74 8.03
N GLU E 123 -48.90 19.28 9.14
CA GLU E 123 -49.99 20.02 9.77
C GLU E 123 -49.50 21.05 10.79
N GLY E 124 -48.19 21.24 10.92
CA GLY E 124 -47.67 22.33 11.72
C GLY E 124 -47.55 22.07 13.19
N SER E 125 -47.46 20.82 13.63
CA SER E 125 -47.34 20.49 15.04
C SER E 125 -46.04 19.75 15.35
N CYS E 126 -45.01 19.92 14.54
CA CYS E 126 -43.72 19.32 14.84
C CYS E 126 -43.05 20.07 15.97
N PRO E 127 -42.65 19.41 17.06
CA PRO E 127 -42.12 20.13 18.23
C PRO E 127 -40.65 20.51 18.15
N ILE E 128 -39.92 20.10 17.11
CA ILE E 128 -38.49 20.33 17.05
C ILE E 128 -38.21 21.77 16.63
N VAL E 129 -37.20 22.38 17.24
CA VAL E 129 -36.75 23.73 16.91
C VAL E 129 -35.26 23.69 16.64
N ILE E 130 -34.82 24.42 15.61
CA ILE E 130 -33.45 24.38 15.14
C ILE E 130 -32.86 25.79 15.18
N GLU E 131 -31.60 25.90 15.58
CA GLU E 131 -30.88 27.16 15.62
C GLU E 131 -29.88 27.19 14.47
N LYS E 132 -30.01 28.18 13.57
CA LYS E 132 -29.25 28.18 12.34
C LYS E 132 -28.25 29.33 12.23
N ASN E 133 -28.70 30.58 12.28
CA ASN E 133 -27.83 31.74 12.11
C ASN E 133 -28.09 32.74 13.21
N GLY E 134 -28.12 32.26 14.45
CA GLY E 134 -28.49 33.08 15.57
C GLY E 134 -29.97 33.20 15.81
N GLU E 135 -30.79 32.47 15.07
CA GLU E 135 -32.24 32.47 15.22
C GLU E 135 -32.73 31.08 15.53
N LEU E 136 -33.96 31.00 16.06
CA LEU E 136 -34.60 29.74 16.40
C LEU E 136 -35.80 29.55 15.47
N LEU E 137 -35.74 28.52 14.63
CA LEU E 137 -36.76 28.28 13.61
C LEU E 137 -37.46 26.95 13.85
N SER E 138 -38.77 26.96 13.67
CA SER E 138 -39.53 25.72 13.55
C SER E 138 -39.54 25.28 12.09
N VAL E 139 -39.96 24.03 11.86
CA VAL E 139 -39.87 23.47 10.52
C VAL E 139 -40.69 24.29 9.53
N ASN E 140 -41.73 24.97 9.99
CA ASN E 140 -42.61 25.73 9.11
C ASN E 140 -42.12 27.15 8.84
N ASP E 141 -41.02 27.58 9.46
CA ASP E 141 -40.46 28.89 9.17
C ASP E 141 -39.56 28.88 7.94
N PHE E 142 -39.18 27.70 7.44
CA PHE E 142 -38.40 27.62 6.22
C PHE E 142 -39.29 27.85 5.00
N ASP E 143 -38.65 28.09 3.87
CA ASP E 143 -39.40 28.27 2.62
C ASP E 143 -40.22 27.02 2.32
N LYS E 144 -41.49 27.24 1.97
CA LYS E 144 -42.43 26.13 1.82
C LYS E 144 -42.06 25.23 0.64
N ASP E 145 -41.69 25.82 -0.50
CA ASP E 145 -41.40 25.04 -1.69
C ASP E 145 -40.19 24.15 -1.50
N GLY E 146 -39.15 24.65 -0.81
CA GLY E 146 -38.00 23.82 -0.54
C GLY E 146 -38.32 22.63 0.34
N LEU E 147 -39.16 22.85 1.34
CA LEU E 147 -39.59 21.74 2.19
C LEU E 147 -40.32 20.69 1.37
N LYS E 148 -41.22 21.13 0.48
CA LYS E 148 -41.93 20.18 -0.37
C LYS E 148 -40.96 19.43 -1.28
N PHE E 149 -40.01 20.14 -1.87
CA PHE E 149 -39.02 19.53 -2.75
C PHE E 149 -38.26 18.39 -2.06
N HIS E 150 -37.70 18.70 -0.89
CA HIS E 150 -36.91 17.69 -0.19
C HIS E 150 -37.79 16.55 0.33
N LEU E 151 -38.99 16.85 0.81
CA LEU E 151 -39.86 15.80 1.32
C LEU E 151 -40.29 14.85 0.20
N ASP E 152 -40.58 15.39 -0.98
CA ASP E 152 -40.91 14.52 -2.11
C ASP E 152 -39.78 13.56 -2.42
N TYR E 153 -38.55 14.08 -2.50
CA TYR E 153 -37.43 13.19 -2.78
C TYR E 153 -37.30 12.12 -1.70
N ILE E 154 -37.39 12.52 -0.43
CA ILE E 154 -37.19 11.58 0.67
C ILE E 154 -38.26 10.50 0.65
N ILE E 155 -39.51 10.87 0.39
CA ILE E 155 -40.59 9.89 0.36
C ILE E 155 -40.37 8.90 -0.77
N LYS E 156 -39.93 9.37 -1.94
CA LYS E 156 -39.64 8.44 -3.02
C LYS E 156 -38.61 7.40 -2.60
N ILE E 157 -37.46 7.84 -2.07
CA ILE E 157 -36.43 6.86 -1.77
C ILE E 157 -36.85 5.97 -0.60
N TRP E 158 -37.65 6.49 0.34
CA TRP E 158 -38.16 5.65 1.42
C TRP E 158 -39.08 4.56 0.87
N LYS E 159 -39.90 4.90 -0.12
CA LYS E 159 -40.74 3.88 -0.73
C LYS E 159 -39.91 2.81 -1.42
N LEU E 160 -38.80 3.21 -2.05
CA LEU E 160 -37.92 2.20 -2.63
C LEU E 160 -37.38 1.25 -1.59
N GLN E 161 -37.22 1.70 -0.34
CA GLN E 161 -36.63 0.90 0.72
C GLN E 161 -37.66 0.11 1.52
N LYS E 162 -38.94 0.21 1.19
CA LYS E 162 -40.02 -0.46 1.90
C LYS E 162 -40.19 0.09 3.32
N ARG E 163 -39.89 1.36 3.53
CA ARG E 163 -40.10 2.00 4.83
C ARG E 163 -41.42 2.73 4.94
N TYR E 164 -41.94 3.23 3.84
CA TYR E 164 -43.06 4.16 3.86
C TYR E 164 -44.26 3.60 3.11
N SER F 2 -31.66 34.08 58.82
CA SER F 2 -31.15 32.72 58.65
C SER F 2 -31.72 32.07 57.40
N SER F 3 -32.29 32.88 56.52
CA SER F 3 -32.86 32.39 55.28
C SER F 3 -33.17 33.58 54.38
N PHE F 4 -33.45 33.29 53.12
CA PHE F 4 -33.85 34.31 52.16
C PHE F 4 -34.66 33.65 51.05
N VAL F 5 -35.19 34.48 50.16
CA VAL F 5 -36.06 34.03 49.08
C VAL F 5 -35.57 34.64 47.77
N THR F 6 -35.50 33.81 46.72
CA THR F 6 -35.00 34.26 45.43
C THR F 6 -35.87 33.66 44.32
N ASN F 7 -35.72 34.22 43.13
CA ASN F 7 -36.35 33.69 41.92
C ASN F 7 -35.24 33.22 40.97
N GLY F 8 -35.36 32.00 40.47
CA GLY F 8 -34.33 31.47 39.60
C GLY F 8 -34.77 30.20 38.92
N TYR F 9 -33.90 29.72 38.02
CA TYR F 9 -34.17 28.52 37.26
C TYR F 9 -33.43 27.34 37.87
N LEU F 10 -34.10 26.18 37.87
CA LEU F 10 -33.49 24.92 38.27
C LEU F 10 -33.45 24.00 37.06
N SER F 11 -32.31 23.37 36.82
CA SER F 11 -32.11 22.55 35.63
C SER F 11 -32.40 21.09 35.96
N VAL F 12 -33.19 20.43 35.11
CA VAL F 12 -33.60 19.05 35.33
C VAL F 12 -33.51 18.29 34.00
N THR F 13 -33.42 16.97 34.11
CA THR F 13 -33.26 16.08 32.97
C THR F 13 -34.42 15.10 32.90
N LEU F 14 -35.05 15.01 31.73
CA LEU F 14 -36.17 14.10 31.49
C LEU F 14 -35.84 13.12 30.38
N GLU F 15 -36.44 11.94 30.46
CA GLU F 15 -36.36 10.91 29.43
C GLU F 15 -37.55 11.02 28.49
N PRO F 16 -37.43 10.48 27.28
CA PRO F 16 -38.53 10.64 26.31
C PRO F 16 -39.86 10.06 26.75
N HIS F 17 -39.86 8.99 27.54
CA HIS F 17 -41.14 8.39 27.92
C HIS F 17 -41.90 9.25 28.92
N GLU F 18 -41.29 10.30 29.46
CA GLU F 18 -41.96 11.21 30.36
C GLU F 18 -42.52 12.44 29.67
N LEU F 19 -42.38 12.54 28.35
CA LEU F 19 -42.95 13.66 27.60
C LEU F 19 -44.37 13.31 27.14
N THR F 20 -45.23 13.07 28.13
CA THR F 20 -46.60 12.65 27.91
C THR F 20 -47.55 13.64 28.60
N LEU F 21 -48.83 13.26 28.69
CA LEU F 21 -49.80 14.13 29.34
C LEU F 21 -49.46 14.38 30.80
N ASP F 22 -48.71 13.50 31.45
CA ASP F 22 -48.25 13.73 32.81
C ASP F 22 -46.90 14.43 32.83
N ILE F 23 -46.79 15.53 32.09
CA ILE F 23 -45.51 16.23 31.98
C ILE F 23 -45.25 17.07 33.23
N LYS F 24 -46.27 17.80 33.70
CA LYS F 24 -46.08 18.66 34.87
C LYS F 24 -45.76 17.85 36.12
N THR F 25 -46.44 16.72 36.30
CA THR F 25 -46.16 15.87 37.45
C THR F 25 -44.72 15.37 37.43
N ASN F 26 -44.24 14.93 36.26
CA ASN F 26 -42.88 14.44 36.16
C ASN F 26 -41.87 15.56 36.41
N ILE F 27 -42.14 16.77 35.89
CA ILE F 27 -41.24 17.88 36.15
C ILE F 27 -41.16 18.17 37.64
N ARG F 28 -42.32 18.21 38.31
CA ARG F 28 -42.33 18.50 39.74
C ARG F 28 -41.58 17.42 40.52
N ASN F 29 -41.83 16.15 40.20
CA ASN F 29 -41.17 15.07 40.89
C ASN F 29 -39.65 15.16 40.72
N ALA F 30 -39.20 15.42 39.50
CA ALA F 30 -37.77 15.50 39.27
C ALA F 30 -37.14 16.68 40.01
N VAL F 31 -37.81 17.84 40.00
CA VAL F 31 -37.28 19.00 40.70
C VAL F 31 -37.16 18.72 42.18
N TYR F 32 -38.19 18.14 42.79
CA TYR F 32 -38.14 17.83 44.20
C TYR F 32 -37.06 16.80 44.50
N LYS F 33 -36.94 15.78 43.65
CA LYS F 33 -35.94 14.74 43.90
C LYS F 33 -34.53 15.31 43.86
N THR F 34 -34.26 16.24 42.95
CA THR F 34 -32.90 16.72 42.77
C THR F 34 -32.56 17.98 43.56
N TYR F 35 -33.54 18.66 44.18
CA TYR F 35 -33.23 19.89 44.89
C TYR F 35 -33.93 20.07 46.23
N LEU F 36 -34.79 19.15 46.67
CA LEU F 36 -35.69 19.46 47.78
C LEU F 36 -34.92 19.70 49.08
N HIS F 37 -34.20 18.69 49.56
CA HIS F 37 -33.53 18.76 50.86
C HIS F 37 -32.02 18.57 50.73
N ARG F 38 -31.45 18.95 49.59
CA ARG F 38 -30.03 18.75 49.33
C ARG F 38 -29.26 20.04 49.55
N GLU F 39 -28.09 19.92 50.17
CA GLU F 39 -27.22 21.05 50.42
C GLU F 39 -26.24 21.18 49.26
N ILE F 40 -26.29 22.32 48.57
CA ILE F 40 -25.44 22.59 47.41
C ILE F 40 -24.82 23.97 47.59
N SER F 41 -23.50 24.04 47.44
CA SER F 41 -22.77 25.30 47.58
C SER F 41 -23.01 25.94 48.94
N GLY F 42 -23.09 25.11 49.98
CA GLY F 42 -23.21 25.60 51.33
C GLY F 42 -24.58 26.07 51.74
N LYS F 43 -25.61 25.87 50.91
CA LYS F 43 -26.95 26.30 51.23
C LYS F 43 -27.95 25.20 50.87
N MET F 44 -29.11 25.24 51.52
CA MET F 44 -30.19 24.31 51.26
C MET F 44 -31.41 25.08 50.77
N ALA F 45 -32.27 24.40 50.02
CA ALA F 45 -33.50 24.98 49.52
C ALA F 45 -34.66 24.31 50.25
N LYS F 46 -35.16 24.97 51.29
CA LYS F 46 -36.16 24.35 52.15
C LYS F 46 -37.56 24.35 51.52
N LYS F 47 -37.82 25.22 50.56
CA LYS F 47 -39.12 25.28 49.91
C LYS F 47 -38.94 25.71 48.46
N ILE F 48 -39.63 25.02 47.55
CA ILE F 48 -39.54 25.30 46.12
C ILE F 48 -40.95 25.46 45.57
N GLU F 49 -41.19 26.57 44.88
CA GLU F 49 -42.47 26.86 44.26
C GLU F 49 -42.29 26.94 42.76
N ILE F 50 -43.11 26.21 42.02
CA ILE F 50 -43.07 26.21 40.56
C ILE F 50 -44.04 27.27 40.06
N ARG F 51 -43.54 28.16 39.20
CA ARG F 51 -44.27 29.39 38.90
C ARG F 51 -45.65 29.10 38.32
N GLU F 52 -45.71 28.27 37.28
CA GLU F 52 -46.95 27.91 36.60
C GLU F 52 -47.64 29.11 35.95
N ASP F 53 -47.00 30.27 35.88
CA ASP F 53 -47.59 31.46 35.30
C ASP F 53 -46.66 32.17 34.33
N VAL F 54 -45.53 31.57 33.96
CA VAL F 54 -44.58 32.15 33.03
C VAL F 54 -44.28 31.15 31.93
N GLU F 55 -43.76 31.65 30.83
CA GLU F 55 -43.45 30.81 29.68
C GLU F 55 -42.29 29.87 30.03
N LEU F 56 -42.48 28.59 29.75
CA LEU F 56 -41.41 27.60 29.95
C LEU F 56 -40.40 27.70 28.81
N PRO F 57 -39.10 27.77 29.10
CA PRO F 57 -38.12 27.86 28.02
C PRO F 57 -38.02 26.55 27.24
N LEU F 58 -37.39 26.65 26.07
CA LEU F 58 -37.19 25.48 25.23
C LEU F 58 -36.28 24.48 25.92
N GLY F 59 -36.55 23.19 25.72
CA GLY F 59 -35.71 22.14 26.24
C GLY F 59 -34.59 21.78 25.27
N GLU F 60 -33.42 21.48 25.82
CA GLU F 60 -32.24 21.16 25.03
C GLU F 60 -32.08 19.65 24.91
N ILE F 61 -31.91 19.16 23.69
CA ILE F 61 -31.78 17.74 23.43
C ILE F 61 -30.30 17.37 23.54
N VAL F 62 -29.99 16.41 24.41
CA VAL F 62 -28.63 15.93 24.61
C VAL F 62 -28.66 14.41 24.53
N ASN F 63 -28.03 13.86 23.50
CA ASN F 63 -28.07 12.42 23.25
C ASN F 63 -29.52 11.93 23.24
N ASN F 64 -29.92 11.14 24.24
CA ASN F 64 -31.25 10.56 24.30
C ASN F 64 -32.11 11.18 25.40
N SER F 65 -31.78 12.38 25.87
CA SER F 65 -32.49 13.00 26.98
C SER F 65 -32.76 14.46 26.67
N VAL F 66 -33.60 15.09 27.51
CA VAL F 66 -33.96 16.49 27.38
C VAL F 66 -33.60 17.20 28.67
N VAL F 67 -33.12 18.43 28.56
CA VAL F 67 -32.75 19.27 29.69
C VAL F 67 -33.66 20.48 29.70
N ILE F 68 -34.27 20.76 30.86
CA ILE F 68 -35.29 21.80 31.00
C ILE F 68 -34.91 22.71 32.16
N ASN F 69 -35.08 24.01 31.95
CA ASN F 69 -34.89 25.02 33.01
C ASN F 69 -36.26 25.42 33.54
N VAL F 70 -36.57 25.00 34.77
CA VAL F 70 -37.86 25.27 35.39
C VAL F 70 -37.74 26.55 36.20
N PRO F 71 -38.54 27.58 35.94
CA PRO F 71 -38.51 28.76 36.81
C PRO F 71 -39.22 28.50 38.13
N CYS F 72 -38.63 29.01 39.21
CA CYS F 72 -39.14 28.72 40.55
C CYS F 72 -38.78 29.86 41.49
N VAL F 73 -39.49 29.88 42.62
CA VAL F 73 -39.18 30.75 43.75
C VAL F 73 -38.65 29.85 44.87
N ILE F 74 -37.42 30.08 45.28
CA ILE F 74 -36.69 29.18 46.17
C ILE F 74 -36.49 29.89 47.50
N THR F 75 -36.82 29.18 48.59
CA THR F 75 -36.59 29.66 49.95
C THR F 75 -35.32 28.99 50.46
N TYR F 76 -34.20 29.70 50.37
CA TYR F 76 -32.93 29.16 50.79
C TYR F 76 -32.73 29.35 52.29
N ALA F 77 -32.26 28.29 52.94
CA ALA F 77 -31.92 28.30 54.35
C ALA F 77 -30.50 27.77 54.53
N TYR F 78 -29.83 28.26 55.56
CA TYR F 78 -28.45 27.88 55.82
C TYR F 78 -28.13 28.17 57.28
N TYR F 79 -27.00 27.64 57.73
CA TYR F 79 -26.52 27.83 59.09
C TYR F 79 -25.04 28.17 59.05
N HIS F 80 -24.57 28.82 60.12
CA HIS F 80 -23.19 29.22 60.28
C HIS F 80 -22.70 28.83 61.67
N VAL F 81 -21.45 29.21 61.97
CA VAL F 81 -20.88 28.89 63.26
C VAL F 81 -21.49 29.78 64.34
N GLY F 82 -21.69 29.23 65.53
CA GLY F 82 -22.19 29.95 66.67
C GLY F 82 -23.67 29.75 66.95
N ASP F 83 -24.43 29.27 65.98
CA ASP F 83 -25.86 29.06 66.20
C ASP F 83 -26.10 27.95 67.21
N ILE F 84 -27.17 28.09 67.97
CA ILE F 84 -27.56 27.13 69.01
C ILE F 84 -28.74 26.33 68.48
N VAL F 85 -28.64 25.00 68.55
CA VAL F 85 -29.69 24.11 68.10
C VAL F 85 -29.93 23.06 69.17
N ARG F 86 -31.06 22.36 69.06
CA ARG F 86 -31.43 21.31 69.99
C ARG F 86 -31.97 20.12 69.20
N GLY F 87 -31.58 18.91 69.62
CA GLY F 87 -31.96 17.74 68.86
C GLY F 87 -31.81 16.46 69.67
N THR F 88 -32.29 15.38 69.08
CA THR F 88 -32.30 14.08 69.74
C THR F 88 -30.96 13.39 69.60
N LEU F 89 -30.40 12.93 70.71
CA LEU F 89 -29.14 12.20 70.68
C LEU F 89 -29.34 10.81 70.09
N ASN F 90 -28.31 10.32 69.39
CA ASN F 90 -28.35 9.01 68.76
C ASN F 90 -26.96 8.41 68.79
N ILE F 91 -26.84 7.22 69.38
CA ILE F 91 -25.57 6.51 69.47
C ILE F 91 -25.71 5.20 68.72
N GLU F 92 -24.80 4.95 67.78
CA GLU F 92 -24.79 3.71 67.01
C GLU F 92 -23.66 2.77 67.40
N ASP F 93 -22.51 3.31 67.81
CA ASP F 93 -21.37 2.49 68.20
C ASP F 93 -20.57 3.26 69.24
N GLU F 94 -19.36 2.78 69.54
CA GLU F 94 -18.52 3.44 70.53
C GLU F 94 -17.83 4.69 70.00
N SER F 95 -17.88 4.93 68.69
CA SER F 95 -17.21 6.07 68.08
C SER F 95 -18.15 7.06 67.41
N ASN F 96 -19.33 6.62 66.95
CA ASN F 96 -20.25 7.46 66.21
C ASN F 96 -21.40 7.86 67.13
N VAL F 97 -21.42 9.14 67.53
CA VAL F 97 -22.51 9.72 68.31
C VAL F 97 -22.93 11.00 67.62
N THR F 98 -24.22 11.15 67.35
CA THR F 98 -24.73 12.28 66.59
C THR F 98 -25.97 12.85 67.27
N ILE F 99 -26.36 14.03 66.81
CA ILE F 99 -27.60 14.68 67.23
C ILE F 99 -28.42 14.94 65.98
N GLN F 100 -29.63 14.39 65.95
CA GLN F 100 -30.55 14.52 64.83
C GLN F 100 -31.53 15.65 65.12
N CYS F 101 -31.67 16.56 64.17
CA CYS F 101 -32.61 17.67 64.28
C CYS F 101 -33.62 17.58 63.13
N GLY F 102 -34.46 18.60 63.01
CA GLY F 102 -35.44 18.61 61.93
C GLY F 102 -34.79 18.54 60.56
N ASP F 103 -33.74 19.36 60.36
CA ASP F 103 -33.01 19.34 59.10
C ASP F 103 -31.51 19.50 59.31
N LEU F 104 -31.01 19.24 60.52
CA LEU F 104 -29.60 19.43 60.85
C LEU F 104 -29.06 18.22 61.58
N ILE F 105 -27.81 17.89 61.30
CA ILE F 105 -27.10 16.81 61.98
C ILE F 105 -25.86 17.40 62.64
N CYS F 106 -25.69 17.11 63.93
CA CYS F 106 -24.54 17.59 64.68
C CYS F 106 -23.65 16.42 65.07
N LYS F 107 -22.37 16.51 64.75
CA LYS F 107 -21.40 15.47 65.07
C LYS F 107 -20.56 15.89 66.26
N LEU F 108 -20.40 15.00 67.22
CA LEU F 108 -19.65 15.27 68.45
C LEU F 108 -18.26 14.70 68.34
N SER F 109 -17.26 15.49 68.74
CA SER F 109 -15.88 15.04 68.71
C SER F 109 -15.65 13.94 69.73
N ARG F 110 -14.64 13.09 69.45
CA ARG F 110 -14.33 11.98 70.34
C ARG F 110 -13.91 12.49 71.72
N ASP F 111 -13.08 13.54 71.76
CA ASP F 111 -12.59 14.05 73.03
C ASP F 111 -13.60 14.99 73.68
N SER F 112 -14.84 14.54 73.80
CA SER F 112 -15.91 15.31 74.42
C SER F 112 -16.61 14.55 75.53
N GLY F 113 -16.77 13.23 75.37
CA GLY F 113 -17.42 12.42 76.39
C GLY F 113 -17.04 10.97 76.28
N THR F 114 -18.01 10.08 76.54
CA THR F 114 -17.77 8.64 76.47
C THR F 114 -19.09 7.94 76.21
N VAL F 115 -18.99 6.70 75.74
CA VAL F 115 -20.16 5.86 75.44
C VAL F 115 -20.05 4.58 76.25
N SER F 116 -21.11 4.28 76.99
CA SER F 116 -21.14 3.07 77.82
C SER F 116 -22.58 2.60 77.96
N PHE F 117 -22.72 1.33 78.31
CA PHE F 117 -24.04 0.73 78.50
C PHE F 117 -23.95 -0.55 79.32
N CYS F 123 -27.63 2.89 74.34
CA CYS F 123 -26.37 3.40 74.87
C CYS F 123 -26.59 4.66 75.69
N PHE F 124 -25.53 5.17 76.31
CA PHE F 124 -25.60 6.37 77.13
C PHE F 124 -24.37 7.21 76.88
N PHE F 125 -24.51 8.52 77.08
CA PHE F 125 -23.44 9.49 76.87
C PHE F 125 -23.18 10.24 78.17
N ARG F 126 -21.90 10.45 78.48
CA ARG F 126 -21.47 11.09 79.72
C ARG F 126 -20.56 12.27 79.37
N ASN F 127 -21.17 13.43 79.16
CA ASN F 127 -20.45 14.69 78.93
C ASN F 127 -20.48 15.57 80.16
N GLY F 128 -20.37 14.96 81.33
CA GLY F 128 -20.64 15.63 82.59
C GLY F 128 -22.05 15.41 83.10
N ASN F 129 -22.97 15.01 82.23
CA ASN F 129 -24.33 14.65 82.61
C ASN F 129 -24.71 13.39 81.85
N ALA F 130 -25.63 12.62 82.43
CA ALA F 130 -26.07 11.37 81.83
C ALA F 130 -27.14 11.65 80.78
N TYR F 131 -26.89 11.22 79.54
CA TYR F 131 -27.84 11.38 78.44
C TYR F 131 -28.18 9.99 77.90
N ASP F 132 -29.47 9.68 77.89
CA ASP F 132 -29.93 8.40 77.36
C ASP F 132 -30.04 8.46 75.84
N ASN F 133 -29.77 7.32 75.20
CA ASN F 133 -29.91 7.23 73.75
C ASN F 133 -31.30 7.66 73.34
N GLY F 134 -31.37 8.73 72.55
CA GLY F 134 -32.63 9.34 72.19
C GLY F 134 -33.00 10.57 73.00
N SER F 135 -32.19 10.94 74.00
CA SER F 135 -32.46 12.11 74.80
C SER F 135 -32.24 13.38 73.97
N GLU F 136 -32.89 14.46 74.40
CA GLU F 136 -32.81 15.74 73.71
C GLU F 136 -31.74 16.61 74.36
N VAL F 137 -30.80 17.09 73.55
CA VAL F 137 -29.65 17.84 74.02
C VAL F 137 -29.47 19.07 73.15
N THR F 138 -28.83 20.09 73.73
CA THR F 138 -28.55 21.34 73.04
C THR F 138 -27.08 21.41 72.66
N ALA F 139 -26.81 21.87 71.44
CA ALA F 139 -25.45 21.96 70.91
C ALA F 139 -25.29 23.29 70.19
N VAL F 140 -24.02 23.64 69.93
CA VAL F 140 -23.66 24.85 69.20
C VAL F 140 -22.70 24.46 68.08
N LEU F 141 -23.03 24.87 66.85
CA LEU F 141 -22.22 24.51 65.70
C LEU F 141 -20.85 25.16 65.78
N MET F 142 -19.82 24.40 65.43
CA MET F 142 -18.43 24.87 65.49
C MET F 142 -17.76 24.87 64.12
N GLU F 143 -17.88 23.79 63.35
CA GLU F 143 -17.22 23.70 62.06
C GLU F 143 -18.15 23.04 61.05
N ALA F 144 -17.93 23.37 59.78
CA ALA F 144 -18.77 22.89 58.69
C ALA F 144 -18.09 21.74 57.95
N GLN F 145 -18.91 20.94 57.27
CA GLN F 145 -18.44 19.81 56.47
C GLN F 145 -19.41 19.61 55.31
N GLN F 146 -19.33 18.44 54.67
CA GLN F 146 -20.20 18.11 53.55
C GLN F 146 -21.42 17.37 54.06
N GLY F 147 -22.60 17.80 53.59
CA GLY F 147 -23.83 17.17 54.03
C GLY F 147 -24.00 15.77 53.48
N ILE F 148 -24.82 14.98 54.16
CA ILE F 148 -25.07 13.60 53.80
C ILE F 148 -26.55 13.31 53.94
N GLU F 149 -27.08 12.50 53.02
CA GLU F 149 -28.49 12.11 52.96
C GLU F 149 -29.41 13.29 53.29
N SER F 150 -29.28 14.34 52.48
CA SER F 150 -30.17 15.49 52.51
C SER F 150 -30.30 16.03 53.95
N SER F 151 -29.18 16.50 54.48
CA SER F 151 -29.17 17.05 55.83
C SER F 151 -27.83 17.74 56.07
N PHE F 152 -27.87 18.87 56.78
CA PHE F 152 -26.65 19.57 57.14
C PHE F 152 -25.81 18.73 58.09
N VAL F 153 -24.49 18.90 58.00
CA VAL F 153 -23.55 18.24 58.89
C VAL F 153 -22.61 19.31 59.45
N PHE F 154 -22.44 19.31 60.77
CA PHE F 154 -21.59 20.29 61.43
C PHE F 154 -20.96 19.67 62.66
N LEU F 155 -19.65 19.83 62.80
CA LEU F 155 -18.98 19.48 64.05
C LEU F 155 -19.39 20.49 65.12
N ALA F 156 -19.99 20.00 66.20
CA ALA F 156 -20.55 20.85 67.24
C ALA F 156 -20.23 20.28 68.60
N ASN F 157 -20.32 21.13 69.61
CA ASN F 157 -20.11 20.75 71.00
C ASN F 157 -21.37 21.00 71.80
N ILE F 158 -21.63 20.14 72.79
CA ILE F 158 -22.83 20.24 73.60
C ILE F 158 -22.76 21.49 74.46
N VAL F 159 -23.84 22.26 74.47
CA VAL F 159 -23.92 23.47 75.29
C VAL F 159 -24.08 23.08 76.76
N VAL G 2 -7.65 -43.61 -11.95
CA VAL G 2 -7.83 -45.05 -12.04
C VAL G 2 -8.93 -45.48 -11.07
N PHE G 3 -9.66 -44.51 -10.54
CA PHE G 3 -10.53 -44.71 -9.39
C PHE G 3 -11.98 -44.32 -9.66
N GLN G 4 -12.21 -43.18 -10.32
CA GLN G 4 -13.57 -42.84 -10.73
C GLN G 4 -14.09 -43.82 -11.77
N LEU G 5 -15.40 -44.02 -11.79
CA LEU G 5 -16.03 -44.97 -12.70
C LEU G 5 -16.71 -44.29 -13.89
N VAL G 6 -16.84 -42.96 -13.88
CA VAL G 6 -17.44 -42.22 -14.97
C VAL G 6 -16.56 -41.04 -15.32
N CYS G 7 -16.75 -40.52 -16.53
CA CYS G 7 -16.08 -39.29 -16.94
C CYS G 7 -16.69 -38.09 -16.21
N SER G 8 -15.84 -37.25 -15.65
CA SER G 8 -16.34 -36.10 -14.89
C SER G 8 -17.01 -35.07 -15.78
N THR G 9 -16.62 -34.99 -17.05
CA THR G 9 -17.16 -33.96 -17.93
C THR G 9 -18.53 -34.35 -18.48
N CYS G 10 -18.67 -35.56 -19.02
CA CYS G 10 -19.90 -35.96 -19.69
C CYS G 10 -20.66 -37.07 -18.98
N GLY G 11 -20.06 -37.76 -18.02
CA GLY G 11 -20.76 -38.78 -17.26
C GLY G 11 -20.81 -40.16 -17.87
N LYS G 12 -20.05 -40.43 -18.94
CA LYS G 12 -20.06 -41.75 -19.56
C LYS G 12 -19.27 -42.76 -18.72
N ASP G 13 -19.61 -44.02 -18.92
CA ASP G 13 -19.00 -45.13 -18.18
C ASP G 13 -17.67 -45.53 -18.81
N ILE G 14 -16.61 -45.56 -18.01
CA ILE G 14 -15.26 -45.86 -18.51
C ILE G 14 -14.58 -46.94 -17.70
N SER G 15 -15.36 -47.73 -16.94
CA SER G 15 -14.74 -48.73 -16.07
C SER G 15 -14.21 -49.92 -16.86
N HIS G 16 -14.89 -50.32 -17.93
CA HIS G 16 -14.43 -51.45 -18.73
C HIS G 16 -13.09 -51.14 -19.41
N GLU G 17 -12.99 -49.97 -20.04
CA GLU G 17 -11.74 -49.59 -20.67
C GLU G 17 -10.63 -49.46 -19.63
N ARG G 18 -10.96 -48.99 -18.44
CA ARG G 18 -9.94 -48.86 -17.40
C ARG G 18 -9.40 -50.22 -16.99
N TYR G 19 -10.27 -51.23 -16.86
CA TYR G 19 -9.78 -52.57 -16.60
C TYR G 19 -8.91 -53.05 -17.75
N LYS G 20 -9.35 -52.80 -18.99
CA LYS G 20 -8.59 -53.27 -20.15
C LYS G 20 -7.20 -52.64 -20.20
N LEU G 21 -7.06 -51.42 -19.70
CA LEU G 21 -5.79 -50.71 -19.74
C LEU G 21 -4.88 -51.04 -18.57
N ILE G 22 -5.41 -51.04 -17.35
CA ILE G 22 -4.55 -51.14 -16.16
C ILE G 22 -4.22 -52.59 -15.83
N ILE G 23 -5.20 -53.50 -15.97
CA ILE G 23 -5.00 -54.88 -15.57
C ILE G 23 -4.46 -55.73 -16.72
N ARG G 24 -5.10 -55.67 -17.88
CA ARG G 24 -4.64 -56.44 -19.02
C ARG G 24 -3.48 -55.80 -19.76
N LYS G 25 -3.18 -54.53 -19.48
CA LYS G 25 -2.01 -53.86 -20.04
C LYS G 25 -2.01 -53.89 -21.56
N LYS G 26 -3.17 -53.64 -22.16
CA LYS G 26 -3.26 -53.47 -23.61
C LYS G 26 -2.75 -52.09 -24.01
N SER G 27 -2.48 -51.95 -25.30
CA SER G 27 -1.98 -50.69 -25.82
C SER G 27 -3.04 -49.60 -25.72
N LEU G 28 -2.57 -48.36 -25.59
CA LEU G 28 -3.50 -47.23 -25.47
C LEU G 28 -4.35 -47.09 -26.73
N LYS G 29 -3.76 -47.34 -27.90
CA LYS G 29 -4.52 -47.29 -29.15
C LYS G 29 -5.66 -48.32 -29.14
N ASP G 30 -5.34 -49.56 -28.78
CA ASP G 30 -6.37 -50.60 -28.73
C ASP G 30 -7.45 -50.25 -27.74
N VAL G 31 -7.08 -49.72 -26.57
CA VAL G 31 -8.07 -49.36 -25.56
C VAL G 31 -8.99 -48.28 -26.08
N LEU G 32 -8.42 -47.23 -26.69
CA LEU G 32 -9.21 -46.08 -27.12
C LEU G 32 -10.00 -46.35 -28.39
N VAL G 33 -9.79 -47.47 -29.07
CA VAL G 33 -10.56 -47.76 -30.27
C VAL G 33 -12.06 -47.53 -30.07
N SER G 34 -12.57 -47.69 -28.85
CA SER G 34 -14.00 -47.63 -28.59
C SER G 34 -14.43 -46.40 -27.79
N VAL G 35 -13.57 -45.40 -27.69
CA VAL G 35 -13.87 -44.17 -26.94
C VAL G 35 -13.77 -43.00 -27.90
N LYS G 36 -14.85 -42.24 -28.02
CA LYS G 36 -14.96 -41.20 -29.03
C LYS G 36 -14.80 -39.79 -28.50
N ASN G 37 -15.34 -39.47 -27.32
CA ASN G 37 -15.31 -38.10 -26.84
C ASN G 37 -13.92 -37.68 -26.39
N GLU G 38 -13.61 -36.41 -26.63
CA GLU G 38 -12.32 -35.85 -26.26
C GLU G 38 -12.06 -35.97 -24.75
N CYS G 39 -13.06 -35.62 -23.95
CA CYS G 39 -12.90 -35.64 -22.50
C CYS G 39 -12.59 -37.05 -21.99
N CYS G 40 -13.31 -38.05 -22.48
CA CYS G 40 -13.10 -39.41 -22.00
C CYS G 40 -11.72 -39.92 -22.38
N ARG G 41 -11.26 -39.61 -23.59
CA ARG G 41 -9.91 -40.03 -24.00
C ARG G 41 -8.86 -39.40 -23.10
N LEU G 42 -9.02 -38.11 -22.77
CA LEU G 42 -8.07 -37.49 -21.85
C LEU G 42 -8.11 -38.15 -20.47
N LYS G 43 -9.30 -38.44 -19.97
CA LYS G 43 -9.40 -39.06 -18.65
C LYS G 43 -8.70 -40.40 -18.62
N LEU G 44 -8.92 -41.23 -19.64
CA LEU G 44 -8.28 -42.54 -19.66
C LEU G 44 -6.76 -42.42 -19.86
N SER G 45 -6.30 -41.39 -20.56
CA SER G 45 -4.87 -41.28 -20.83
C SER G 45 -4.08 -40.65 -19.69
N THR G 46 -4.69 -39.85 -18.83
CA THR G 46 -3.93 -39.06 -17.86
C THR G 46 -4.21 -39.35 -16.39
N GLN G 47 -5.28 -40.06 -16.05
CA GLN G 47 -5.61 -40.30 -14.65
C GLN G 47 -4.71 -41.38 -14.06
N ILE G 48 -4.34 -41.20 -12.79
CA ILE G 48 -3.46 -42.12 -12.07
C ILE G 48 -4.05 -42.41 -10.71
N GLU G 49 -3.53 -43.46 -10.08
CA GLU G 49 -3.77 -43.71 -8.66
C GLU G 49 -2.54 -43.27 -7.88
N PRO G 50 -2.67 -42.40 -6.88
CA PRO G 50 -1.48 -41.84 -6.25
C PRO G 50 -0.66 -42.88 -5.50
N GLN G 51 0.64 -42.62 -5.42
CA GLN G 51 1.55 -43.46 -4.64
C GLN G 51 1.33 -43.25 -3.15
N ARG G 52 1.19 -44.34 -2.40
CA ARG G 52 0.94 -44.22 -0.97
C ARG G 52 1.53 -45.41 -0.23
N ASN G 53 1.87 -45.17 1.04
CA ASN G 53 2.37 -46.20 1.93
C ASN G 53 1.21 -46.89 2.65
N LEU G 54 1.51 -48.03 3.26
CA LEU G 54 0.52 -48.72 4.08
C LEU G 54 0.18 -47.90 5.32
N THR G 55 -1.04 -48.06 5.81
CA THR G 55 -1.50 -47.30 6.97
C THR G 55 -0.94 -47.91 8.25
N VAL G 56 -0.37 -47.05 9.10
CA VAL G 56 0.19 -47.50 10.37
C VAL G 56 -0.96 -47.73 11.35
N GLN G 57 -0.98 -48.89 11.98
CA GLN G 57 -2.04 -49.27 12.90
C GLN G 57 -1.49 -49.57 14.28
N PRO G 58 -2.29 -49.39 15.34
CA PRO G 58 -3.69 -48.95 15.37
C PRO G 58 -3.88 -47.47 15.09
N LEU G 59 -5.09 -47.07 14.72
CA LEU G 59 -5.37 -45.65 14.49
C LEU G 59 -5.54 -44.88 15.80
N LEU G 60 -5.99 -45.54 16.86
CA LEU G 60 -6.05 -44.96 18.20
C LEU G 60 -5.02 -45.69 19.06
N ASP G 61 -3.99 -44.98 19.48
CA ASP G 61 -2.86 -45.56 20.19
C ASP G 61 -2.59 -44.78 21.47
N ILE G 62 -2.49 -45.49 22.58
CA ILE G 62 -2.21 -44.88 23.88
C ILE G 62 -0.97 -45.52 24.49
N ASN H 36 40.29 45.24 -44.94
CA ASN H 36 39.12 46.03 -44.62
C ASN H 36 39.04 46.32 -43.13
N LEU H 37 39.55 47.49 -42.73
CA LEU H 37 39.55 47.85 -41.31
C LEU H 37 38.13 48.05 -40.79
N GLU H 38 37.22 48.51 -41.63
CA GLU H 38 35.87 48.83 -41.16
C GLU H 38 35.14 47.56 -40.71
N ASP H 39 35.18 46.51 -41.52
CA ASP H 39 34.53 45.26 -41.14
C ASP H 39 35.13 44.70 -39.86
N LEU H 40 36.46 44.73 -39.75
CA LEU H 40 37.12 44.23 -38.55
C LEU H 40 36.69 45.02 -37.33
N ILE H 41 36.65 46.35 -37.44
CA ILE H 41 36.26 47.18 -36.31
C ILE H 41 34.83 46.87 -35.89
N GLU H 42 33.93 46.77 -36.87
CA GLU H 42 32.53 46.52 -36.55
C GLU H 42 32.37 45.17 -35.86
N TRP H 43 33.00 44.13 -36.41
CA TRP H 43 32.91 42.80 -35.82
C TRP H 43 33.45 42.80 -34.40
N ALA H 44 34.62 43.42 -34.20
CA ALA H 44 35.21 43.45 -32.87
C ALA H 44 34.29 44.15 -31.88
N MET H 45 33.76 45.31 -32.28
CA MET H 45 32.88 46.05 -31.37
C MET H 45 31.68 45.21 -30.98
N GLU H 46 30.96 44.68 -31.98
CA GLU H 46 29.73 43.94 -31.67
C GLU H 46 30.01 42.71 -30.83
N LYS H 47 31.03 41.93 -31.19
CA LYS H 47 31.29 40.70 -30.46
C LYS H 47 31.81 40.96 -29.05
N SER H 48 32.73 41.90 -28.90
CA SER H 48 33.22 42.22 -27.56
C SER H 48 32.11 42.76 -26.68
N SER H 49 31.11 43.42 -27.27
CA SER H 49 29.95 43.82 -26.47
C SER H 49 29.08 42.64 -26.10
N LYS H 50 28.83 41.74 -27.06
CA LYS H 50 27.86 40.66 -26.85
C LYS H 50 28.36 39.63 -25.84
N TYR H 51 29.61 39.19 -25.99
CA TYR H 51 30.14 38.06 -25.24
C TYR H 51 30.96 38.49 -24.03
N TYR H 52 30.61 39.61 -23.41
CA TYR H 52 31.35 40.08 -22.25
C TYR H 52 31.09 39.17 -21.06
N ILE H 53 32.17 38.74 -20.40
CA ILE H 53 32.09 37.85 -19.24
C ILE H 53 32.44 38.66 -18.00
N LYS H 54 31.59 38.59 -16.99
CA LYS H 54 31.84 39.22 -15.71
C LYS H 54 31.96 38.15 -14.64
N ASN H 55 32.45 38.55 -13.47
CA ASN H 55 32.86 37.62 -12.44
C ASN H 55 31.63 36.99 -11.79
N ILE H 56 31.25 35.81 -12.26
CA ILE H 56 30.21 34.99 -11.64
C ILE H 56 30.89 33.76 -11.06
N GLY H 57 30.73 33.55 -9.75
CA GLY H 57 31.44 32.50 -9.05
C GLY H 57 30.52 31.38 -8.57
N ASN H 58 31.13 30.44 -7.86
CA ASN H 58 30.45 29.29 -7.30
C ASN H 58 30.90 29.08 -5.87
N THR H 59 30.02 28.46 -5.08
CA THR H 59 30.31 28.12 -3.70
C THR H 59 29.73 26.74 -3.40
N LYS H 60 30.13 26.18 -2.27
CA LYS H 60 29.67 24.86 -1.86
C LYS H 60 28.23 24.97 -1.34
N SER H 61 27.31 25.21 -2.26
CA SER H 61 25.90 25.36 -1.93
C SER H 61 25.13 24.09 -2.26
N GLU H 64 21.28 20.77 -7.05
CA GLU H 64 21.01 19.40 -7.47
C GLU H 64 22.30 18.67 -7.82
N GLU H 65 22.27 17.34 -7.75
CA GLU H 65 23.46 16.55 -8.01
C GLU H 65 23.87 16.65 -9.49
N THR H 66 25.17 16.56 -9.72
CA THR H 66 25.74 16.62 -11.05
C THR H 66 26.48 15.31 -11.34
N LYS H 67 26.66 15.01 -12.62
CA LYS H 67 27.35 13.81 -13.07
C LYS H 67 28.32 14.19 -14.19
N PHE H 68 29.54 14.55 -13.82
CA PHE H 68 30.59 14.87 -14.79
C PHE H 68 31.50 13.66 -14.98
N GLU H 69 32.38 13.78 -15.98
CA GLU H 69 33.12 12.63 -16.49
C GLU H 69 34.18 12.10 -15.53
N SER H 70 34.42 12.78 -14.41
CA SER H 70 35.34 12.41 -13.33
C SER H 70 36.80 12.67 -13.66
N LYS H 71 37.15 12.94 -14.91
CA LYS H 71 38.44 13.53 -15.21
C LYS H 71 38.36 15.04 -15.18
N ASN H 72 37.17 15.60 -15.37
CA ASN H 72 36.90 17.01 -15.16
C ASN H 72 36.35 17.30 -13.78
N ASN H 73 35.67 16.33 -13.16
CA ASN H 73 35.04 16.57 -11.87
C ASN H 73 36.07 16.90 -10.79
N ILE H 74 37.27 16.34 -10.88
CA ILE H 74 38.30 16.65 -9.89
C ILE H 74 38.61 18.14 -9.90
N GLY H 75 38.88 18.69 -11.07
CA GLY H 75 39.16 20.12 -11.17
C GLY H 75 37.94 20.98 -10.88
N ILE H 76 36.76 20.51 -11.30
CA ILE H 76 35.54 21.28 -11.05
C ILE H 76 35.32 21.45 -9.56
N GLU H 77 35.48 20.36 -8.80
CA GLU H 77 35.29 20.44 -7.36
C GLU H 77 36.45 21.13 -6.66
N TYR H 78 37.65 21.07 -7.25
CA TYR H 78 38.76 21.85 -6.71
C TYR H 78 38.48 23.34 -6.82
N SER H 79 37.86 23.78 -7.92
CA SER H 79 37.61 25.19 -8.14
C SER H 79 36.52 25.76 -7.23
N LYS H 80 35.80 24.92 -6.49
CA LYS H 80 34.74 25.42 -5.62
C LYS H 80 35.25 25.88 -4.26
N ASP H 81 36.52 25.71 -3.96
CA ASP H 81 37.08 26.08 -2.67
C ASP H 81 37.77 27.43 -2.78
N SER H 82 37.27 28.41 -2.03
CA SER H 82 37.84 29.75 -2.06
C SER H 82 39.26 29.79 -1.51
N ARG H 83 39.68 28.75 -0.78
CA ARG H 83 41.01 28.71 -0.19
C ARG H 83 42.10 28.48 -1.22
N ASN H 84 41.75 28.13 -2.46
CA ASN H 84 42.72 27.84 -3.50
C ASN H 84 42.99 29.03 -4.41
N LYS H 85 42.44 30.19 -4.10
CA LYS H 85 42.59 31.38 -4.94
C LYS H 85 43.32 32.47 -4.17
N LEU H 86 44.24 33.15 -4.87
CA LEU H 86 44.91 34.30 -4.29
C LEU H 86 43.92 35.45 -4.08
N SER H 87 44.22 36.30 -3.10
CA SER H 87 43.34 37.43 -2.82
C SER H 87 43.48 38.53 -3.86
N TYR H 88 44.64 38.63 -4.52
CA TYR H 88 44.87 39.64 -5.54
C TYR H 88 45.49 38.99 -6.77
N ARG H 89 45.17 39.57 -7.92
CA ARG H 89 45.63 39.00 -9.19
C ARG H 89 47.15 39.00 -9.26
N ASN H 90 47.70 37.95 -9.86
CA ASN H 90 49.14 37.80 -10.04
C ASN H 90 49.45 38.14 -11.50
N LYS H 91 50.14 39.26 -11.72
CA LYS H 91 50.34 39.76 -13.07
C LYS H 91 51.36 38.89 -13.83
N PRO H 92 51.30 38.91 -15.16
CA PRO H 92 52.27 38.15 -15.94
C PRO H 92 53.68 38.68 -15.76
N SER H 93 54.66 37.80 -15.95
CA SER H 93 56.07 38.18 -15.83
C SER H 93 56.95 37.64 -16.95
N ILE H 94 56.47 36.74 -17.78
CA ILE H 94 57.26 36.17 -18.87
C ILE H 94 56.85 36.86 -20.16
N ALA H 95 57.80 37.50 -20.82
CA ALA H 95 57.51 38.28 -22.01
C ALA H 95 57.05 37.38 -23.15
N THR H 96 56.10 37.88 -23.93
CA THR H 96 55.59 37.16 -25.09
C THR H 96 54.85 38.15 -25.97
N ASN H 97 54.52 37.71 -27.19
CA ASN H 97 53.86 38.57 -28.18
C ASN H 97 54.72 39.80 -28.47
N LEU H 98 55.99 39.56 -28.79
CA LEU H 98 56.93 40.66 -28.99
C LEU H 98 56.63 41.47 -30.24
N GLU H 99 55.84 40.93 -31.17
CA GLU H 99 55.57 41.59 -32.44
C GLU H 99 54.31 42.47 -32.38
N TYR H 100 53.94 42.97 -31.21
CA TYR H 100 52.75 43.79 -31.09
C TYR H 100 52.94 44.82 -29.99
N LYS H 101 52.41 46.02 -30.22
CA LYS H 101 52.37 47.08 -29.23
C LYS H 101 50.98 47.32 -28.66
N THR H 102 49.95 46.72 -29.26
CA THR H 102 48.60 46.83 -28.71
C THR H 102 48.51 46.27 -27.30
N LEU H 103 49.39 45.33 -26.94
CA LEU H 103 49.37 44.78 -25.59
C LEU H 103 49.62 45.87 -24.56
N CYS H 104 50.61 46.72 -24.80
CA CYS H 104 50.88 47.81 -23.87
C CYS H 104 49.61 48.66 -23.67
N ASP H 105 48.84 48.85 -24.74
CA ASP H 105 47.57 49.56 -24.60
C ASP H 105 46.59 48.76 -23.73
N MET H 106 46.50 47.45 -23.98
CA MET H 106 45.57 46.61 -23.23
C MET H 106 46.08 46.29 -21.83
N ILE H 107 47.39 46.08 -21.68
CA ILE H 107 47.94 45.56 -20.44
C ILE H 107 47.69 46.53 -19.28
N LYS H 108 47.43 47.80 -19.57
CA LYS H 108 47.25 48.78 -18.52
C LYS H 108 46.30 49.86 -19.00
N GLY H 109 45.67 50.54 -18.04
CA GLY H 109 44.76 51.62 -18.35
C GLY H 109 43.41 51.14 -18.81
N THR H 110 43.36 50.57 -20.01
CA THR H 110 42.11 50.06 -20.56
C THR H 110 41.63 48.88 -19.73
N SER H 111 40.54 49.07 -18.98
CA SER H 111 40.01 48.06 -18.10
C SER H 111 38.49 48.03 -18.16
N GLY H 112 37.94 48.11 -19.37
CA GLY H 112 36.50 48.07 -19.57
C GLY H 112 36.17 47.44 -20.90
N THR H 113 35.09 47.92 -21.52
CA THR H 113 34.72 47.42 -22.84
C THR H 113 35.82 47.70 -23.87
N GLU H 114 36.61 48.75 -23.66
CA GLU H 114 37.71 49.04 -24.57
C GLU H 114 38.73 47.92 -24.56
N LYS H 115 39.02 47.35 -23.40
CA LYS H 115 39.95 46.24 -23.32
C LYS H 115 39.45 45.04 -24.13
N GLU H 116 38.16 44.72 -23.99
CA GLU H 116 37.59 43.61 -24.75
C GLU H 116 37.66 43.88 -26.25
N PHE H 117 37.33 45.11 -26.65
CA PHE H 117 37.41 45.48 -28.06
C PHE H 117 38.84 45.33 -28.58
N LEU H 118 39.82 45.78 -27.80
CA LEU H 118 41.21 45.69 -28.24
C LEU H 118 41.67 44.24 -28.37
N ARG H 119 41.29 43.38 -27.43
CA ARG H 119 41.74 41.99 -27.54
C ARG H 119 41.04 41.27 -28.69
N TYR H 120 39.77 41.59 -28.95
CA TYR H 120 39.13 41.05 -30.14
C TYR H 120 39.83 41.53 -31.41
N LEU H 121 40.25 42.79 -31.42
CA LEU H 121 41.02 43.29 -32.56
C LEU H 121 42.32 42.53 -32.73
N LEU H 122 43.02 42.25 -31.62
CA LEU H 122 44.27 41.50 -31.72
C LEU H 122 44.04 40.11 -32.29
N PHE H 123 43.00 39.43 -31.81
CA PHE H 123 42.70 38.11 -32.36
C PHE H 123 42.38 38.19 -33.84
N GLY H 124 41.59 39.19 -34.25
CA GLY H 124 41.27 39.34 -35.66
C GLY H 124 42.50 39.62 -36.50
N ILE H 125 43.42 40.42 -35.97
CA ILE H 125 44.65 40.72 -36.71
C ILE H 125 45.46 39.45 -36.90
N LYS H 126 45.60 38.64 -35.84
CA LYS H 126 46.31 37.38 -35.98
C LYS H 126 45.67 36.51 -37.04
N CYS H 127 44.34 36.41 -37.02
CA CYS H 127 43.65 35.58 -38.01
C CYS H 127 43.86 36.10 -39.42
N ILE H 128 43.80 37.42 -39.61
CA ILE H 128 43.99 38.01 -40.93
C ILE H 128 45.39 37.71 -41.44
N LYS H 129 46.40 37.89 -40.58
CA LYS H 129 47.76 37.58 -40.99
C LYS H 129 47.88 36.10 -41.38
N LYS H 130 47.28 35.21 -40.60
CA LYS H 130 47.33 33.79 -40.95
C LYS H 130 46.52 33.52 -42.21
N GLY H 131 45.40 34.22 -42.39
CA GLY H 131 44.56 34.03 -43.56
C GLY H 131 43.40 33.10 -43.30
N VAL H 132 42.66 33.33 -42.22
CA VAL H 132 41.51 32.51 -41.84
C VAL H 132 40.31 33.42 -41.63
N GLU H 133 39.14 32.79 -41.48
CA GLU H 133 37.89 33.54 -41.50
C GLU H 133 37.78 34.52 -40.35
N TYR H 134 38.25 34.13 -39.16
CA TYR H 134 38.29 34.94 -37.95
C TYR H 134 36.91 35.26 -37.39
N ASN H 135 35.83 34.87 -38.07
CA ASN H 135 34.47 35.01 -37.55
C ASN H 135 33.89 33.60 -37.44
N ILE H 136 33.76 33.11 -36.21
CA ILE H 136 33.34 31.73 -36.02
C ILE H 136 31.96 31.49 -36.60
N ASP H 137 31.13 32.54 -36.67
CA ASP H 137 29.79 32.38 -37.22
C ASP H 137 29.83 32.07 -38.72
N LYS H 138 30.87 32.51 -39.42
CA LYS H 138 30.98 32.30 -40.85
C LYS H 138 31.70 31.00 -41.21
N ILE H 139 32.06 30.19 -40.23
CA ILE H 139 32.65 28.89 -40.48
C ILE H 139 31.55 27.85 -40.60
N LYS H 140 31.72 26.91 -41.53
CA LYS H 140 30.69 25.92 -41.82
C LYS H 140 30.87 24.70 -40.93
N ASP H 141 29.79 24.29 -40.27
CA ASP H 141 29.79 23.11 -39.42
C ASP H 141 29.28 21.92 -40.22
N VAL H 142 29.97 20.79 -40.09
CA VAL H 142 29.60 19.61 -40.84
C VAL H 142 28.22 19.13 -40.39
N SER H 143 27.37 18.81 -41.35
CA SER H 143 26.03 18.31 -41.06
C SER H 143 26.07 16.79 -41.00
N TYR H 144 25.55 16.22 -39.92
CA TYR H 144 25.54 14.78 -39.72
C TYR H 144 24.25 14.12 -40.16
N ASN H 145 23.23 14.89 -40.55
CA ASN H 145 21.99 14.30 -41.03
C ASN H 145 22.21 13.42 -42.24
N ASP H 146 23.31 13.61 -42.96
CA ASP H 146 23.62 12.74 -44.09
C ASP H 146 23.86 11.30 -43.63
N TYR H 147 24.27 11.12 -42.37
CA TYR H 147 24.53 9.79 -41.84
C TYR H 147 23.28 9.12 -41.29
N PHE H 148 22.39 9.90 -40.67
CA PHE H 148 21.26 9.35 -39.93
C PHE H 148 19.92 9.66 -40.58
N ASN H 149 19.91 9.92 -41.89
CA ASN H 149 18.67 10.18 -42.61
C ASN H 149 18.00 8.90 -43.11
N VAL H 150 18.65 7.75 -42.95
CA VAL H 150 18.03 6.50 -43.38
C VAL H 150 16.73 6.29 -42.61
N LEU H 151 15.72 5.80 -43.33
CA LEU H 151 14.43 5.53 -42.71
C LEU H 151 13.84 6.80 -42.08
N VAL H 207 -10.63 4.05 -37.30
CA VAL H 207 -10.80 2.74 -36.68
C VAL H 207 -10.71 2.88 -35.17
N THR H 208 -11.11 4.04 -34.67
CA THR H 208 -11.08 4.33 -33.24
C THR H 208 -12.41 4.91 -32.79
N THR H 209 -12.48 5.41 -31.56
CA THR H 209 -13.71 5.98 -31.05
C THR H 209 -13.90 7.41 -31.56
N GLN H 210 -15.14 7.88 -31.48
CA GLN H 210 -15.51 9.20 -31.97
C GLN H 210 -15.18 10.27 -30.94
N SER H 211 -15.17 11.52 -31.40
CA SER H 211 -14.95 12.68 -30.56
C SER H 211 -16.17 13.59 -30.62
N ILE H 212 -16.72 13.93 -29.46
CA ILE H 212 -17.91 14.79 -29.40
C ILE H 212 -17.59 16.05 -28.60
N HIS H 213 -17.20 15.88 -27.34
CA HIS H 213 -16.88 16.98 -26.44
C HIS H 213 -15.51 16.77 -25.83
N GLU H 214 -14.51 16.51 -26.70
CA GLU H 214 -13.20 16.07 -26.24
C GLU H 214 -12.61 16.99 -25.19
N ASN H 215 -12.87 18.30 -25.28
CA ASN H 215 -12.27 19.24 -24.34
C ASN H 215 -12.79 19.04 -22.91
N LYS H 216 -13.87 18.29 -22.71
CA LYS H 216 -14.40 18.02 -21.39
C LYS H 216 -14.27 16.55 -20.98
N GLU H 217 -13.41 15.81 -21.67
CA GLU H 217 -13.25 14.39 -21.38
C GLU H 217 -12.63 14.18 -20.01
N ILE H 218 -12.93 13.03 -19.39
CA ILE H 218 -12.42 12.65 -18.09
C ILE H 218 -11.63 11.36 -18.25
N THR H 219 -10.40 11.36 -17.74
CA THR H 219 -9.47 10.25 -17.94
C THR H 219 -9.53 9.28 -16.76
N GLU H 220 -9.71 7.99 -17.07
CA GLU H 220 -9.87 6.97 -16.05
C GLU H 220 -8.52 6.49 -15.53
N ILE H 221 -8.41 6.37 -14.21
CA ILE H 221 -7.19 5.91 -13.55
C ILE H 221 -7.61 4.83 -12.56
N LEU H 222 -7.49 3.55 -12.97
CA LEU H 222 -7.88 2.45 -12.10
C LEU H 222 -6.97 1.25 -12.29
N PRO H 223 -6.23 0.84 -11.27
CA PRO H 223 -5.37 -0.34 -11.40
C PRO H 223 -6.17 -1.58 -11.74
N ASP H 224 -5.57 -2.43 -12.59
CA ASP H 224 -6.24 -3.66 -13.00
C ASP H 224 -6.04 -4.78 -11.99
N ASN H 225 -4.84 -4.87 -11.42
CA ASN H 225 -4.50 -5.91 -10.44
C ASN H 225 -4.21 -5.25 -9.11
N ASN H 226 -4.76 -5.82 -8.04
CA ASN H 226 -4.53 -5.34 -6.69
C ASN H 226 -4.11 -6.50 -5.79
N PRO H 227 -3.37 -6.21 -4.71
CA PRO H 227 -2.89 -7.28 -3.83
C PRO H 227 -4.00 -7.97 -3.06
N PRO H 229 -6.12 -9.76 -0.10
CA PRO H 229 -6.22 -9.34 1.31
C PRO H 229 -5.26 -10.10 2.23
N PRO H 230 -4.91 -9.51 3.37
CA PRO H 230 -3.96 -10.18 4.28
C PRO H 230 -4.59 -11.39 4.96
N GLU H 231 -3.72 -12.25 5.47
CA GLU H 231 -4.14 -13.37 6.30
C GLU H 231 -3.53 -13.24 7.69
N PRO H 233 -1.42 -13.82 10.98
CA PRO H 233 -0.04 -14.33 11.11
C PRO H 233 0.04 -15.82 11.42
N GLU H 234 -0.71 -16.26 12.42
CA GLU H 234 -0.68 -17.66 12.85
C GLU H 234 0.74 -18.10 13.20
N ASP H 249 33.81 -13.02 20.40
CA ASP H 249 33.83 -12.46 19.07
C ASP H 249 35.11 -12.88 18.34
N ARG H 250 34.94 -13.40 17.13
CA ARG H 250 36.06 -13.80 16.29
C ARG H 250 36.49 -12.70 15.32
N ASN H 251 35.84 -11.55 15.34
CA ASN H 251 36.15 -10.45 14.42
C ASN H 251 36.08 -10.93 12.97
N ASP H 252 35.02 -11.67 12.66
CA ASP H 252 34.86 -12.29 11.35
C ASP H 252 33.88 -11.55 10.45
N GLU H 253 33.56 -10.30 10.77
CA GLU H 253 32.69 -9.48 9.95
C GLU H 253 33.33 -8.13 9.68
N PRO H 254 33.16 -7.57 8.49
CA PRO H 254 33.74 -6.25 8.23
C PRO H 254 33.12 -5.21 9.12
N PRO H 255 33.88 -4.17 9.49
CA PRO H 255 33.31 -3.14 10.36
C PRO H 255 32.11 -2.43 9.76
N GLU H 256 32.03 -2.32 8.44
CA GLU H 256 30.93 -1.64 7.75
C GLU H 256 30.84 -0.18 8.20
N ASP H 257 31.89 0.57 7.89
CA ASP H 257 31.92 2.00 8.19
C ASP H 257 31.00 2.77 7.26
#